data_7K0C
#
_entry.id   7K0C
#
_cell.length_a   1.00
_cell.length_b   1.00
_cell.length_c   1.00
_cell.angle_alpha   90.00
_cell.angle_beta   90.00
_cell.angle_gamma   90.00
#
_symmetry.space_group_name_H-M   'P 1'
#
loop_
_entity.id
_entity.type
_entity.pdbx_description
1 polymer 'Polymeric immunoglobulin receptor'
2 polymer 'Immunoglobulin heavy constant mu'
3 polymer 'Immunoglobulin J chain'
4 branched 2-acetamido-2-deoxy-beta-D-glucopyranose-(1-4)-2-acetamido-2-deoxy-beta-D-glucopyranose
#
loop_
_entity_poly.entity_id
_entity_poly.type
_entity_poly.pdbx_seq_one_letter_code
_entity_poly.pdbx_strand_id
1 'polypeptide(L)'
;KSPIFGPEEVNSVEGNSVSITCYYPPTSVNRHTRKYWCRQGARGGCITLISSEGYVSSKYAGRANLTNFPENGTFVVNIA
QLSQDDSGRYKCGLGINSRGLSFDVSLEVSQGPGLLNDTKVYTVDLGRTVTINCPFKTENAQKRKSLYKQIGLYPVLVID
SSGYVNPNYTGRIRLDIQGTGQLLFSVVINQLRLSDAGQYLCQAGDDSNSNKKNADLQVLKPEPELVYEDLRGSVTFHCA
LGPEVANVAKFLCRQSSGENCDVVVNTLGKRAPAFEGRILLNPQDKDGSFSVVITGLRKEDAGRYLCGAHSDGQLQEGSP
IQAWQLFVNEESTIPRSPTVVKGVAGGSVAVLCPYNRKESKSIKYWCLWEGAQNGRCPLLVDSEGWVKAQYEGRLSLLEE
PGNGTFTVILNQLTSRDAGFYWCLTNGDTLWRTTVEIKIIEGEPNLKVPGNVTAVLGETLKVPCHFPCKFSSYEKYWCKW
NNTGCQALPSQDEGPSKAFVNCDENSRLVSLTLNLVTRADEGWYWCGVKQGHFYGETAAVYVAVEERKAAGSRDVSLAKA
DAAPDEKVLDSGFREIENKAIQDPRHHHHHH
;
C
2 'polypeptide(L)'
;DYKDDDDKLEVLFQGPGSLPVIAELPPKVSVFVPPRDGFFGNPRKSKLICQATGFSPRQIQVSWLREGKQVGSGVTTDQV
QAEAKESGPTTYKVTSTLTIKESDWLGQSMFTCRVDHRGLTFQQNASSMCVPDQDTAIRVFAIPPSFASIFLTKSTKLTC
LVTDLTTYDSVTISWTRQNGEAVKTHTNISESHPNATFSAVGEASICEDDWNSGERFTCTVTHTDLPSPLKQTISRPKGV
ALHRPDVYLLPPAREQLNLRESATITCLVTGFSPADVFVQWMQRGQPLSPEKYVTSAPMPEPQAPGRYFAHSILTVSEEE
WNTGETYTCVVAHEALPNRVTERTVDKSTGKPTLYNVSLVMSDTAGTCY
;
A,B,K,L,I,J,E,H,G,F
3 'polypeptide(L)'
;QEDERIVLVDNKCKCARITSRIIRSSEDPNEDIVERNIRIIVPLNNRENISDPTSPLRTRFVYHLSDLCKKCDPTEVELD
NQIVTATQSNICDEDSATETCYTYDRNKCYTAVVPLVYGGETKMVETALTPDACYPD
;
D
#
# COMPACT_ATOMS: atom_id res chain seq x y z
N SER A 2 -22.45 14.12 -5.23
CA SER A 2 -22.88 14.45 -6.59
C SER A 2 -24.36 14.85 -6.69
N PRO A 3 -25.27 14.14 -6.03
CA PRO A 3 -26.68 14.55 -6.06
C PRO A 3 -27.03 15.74 -5.20
N ILE A 4 -26.05 16.40 -4.60
CA ILE A 4 -26.30 17.64 -3.88
C ILE A 4 -25.92 18.78 -4.80
N PHE A 5 -26.58 19.91 -4.64
CA PHE A 5 -26.40 21.01 -5.57
C PHE A 5 -26.50 22.34 -4.85
N GLY A 6 -25.57 23.24 -5.15
CA GLY A 6 -25.56 24.56 -4.56
C GLY A 6 -24.71 25.55 -5.33
N PRO A 7 -24.57 26.75 -4.80
CA PRO A 7 -23.82 27.79 -5.50
C PRO A 7 -22.33 27.59 -5.31
N GLU A 8 -21.57 27.79 -6.38
CA GLU A 8 -20.14 27.50 -6.32
C GLU A 8 -19.41 28.47 -5.43
N GLU A 9 -19.41 29.75 -5.80
CA GLU A 9 -18.74 30.76 -4.99
C GLU A 9 -19.72 31.87 -4.70
N VAL A 10 -19.66 32.37 -3.47
CA VAL A 10 -20.48 33.48 -3.01
C VAL A 10 -19.58 34.50 -2.33
N ASN A 11 -19.71 35.76 -2.72
CA ASN A 11 -18.93 36.87 -2.19
C ASN A 11 -19.83 37.89 -1.51
N SER A 12 -19.28 38.47 -0.45
CA SER A 12 -19.93 39.52 0.30
C SER A 12 -18.83 40.25 1.04
N VAL A 13 -19.18 41.33 1.72
CA VAL A 13 -18.19 42.04 2.51
C VAL A 13 -18.64 42.10 3.96
N GLU A 14 -17.68 42.46 4.82
CA GLU A 14 -17.83 42.27 6.25
C GLU A 14 -19.01 43.08 6.77
N GLY A 15 -19.60 42.59 7.86
CA GLY A 15 -20.73 43.27 8.45
C GLY A 15 -22.05 42.92 7.82
N ASN A 16 -22.04 42.28 6.66
CA ASN A 16 -23.28 41.98 5.97
C ASN A 16 -23.77 40.60 6.36
N SER A 17 -24.99 40.31 5.96
CA SER A 17 -25.52 38.97 6.08
C SER A 17 -25.29 38.23 4.77
N VAL A 18 -25.51 36.91 4.81
CA VAL A 18 -25.48 36.10 3.60
C VAL A 18 -26.39 34.91 3.85
N SER A 19 -26.92 34.37 2.77
CA SER A 19 -27.86 33.27 2.86
C SER A 19 -27.58 32.33 1.71
N ILE A 20 -27.34 31.07 2.02
CA ILE A 20 -26.92 30.08 1.04
C ILE A 20 -27.93 28.96 1.01
N THR A 21 -28.26 28.49 -0.19
CA THR A 21 -29.20 27.41 -0.37
C THR A 21 -28.52 26.26 -1.07
N CYS A 22 -28.73 25.05 -0.56
CA CYS A 22 -28.19 23.83 -1.15
C CYS A 22 -29.35 22.85 -1.31
N TYR A 23 -29.27 22.04 -2.37
CA TYR A 23 -30.38 21.24 -2.84
C TYR A 23 -30.08 19.76 -2.72
N TYR A 24 -31.12 18.98 -2.45
CA TYR A 24 -31.01 17.53 -2.42
C TYR A 24 -32.25 16.93 -3.04
N PRO A 25 -32.16 15.71 -3.57
CA PRO A 25 -33.35 15.05 -4.08
C PRO A 25 -34.37 14.85 -2.97
N PRO A 26 -35.65 14.98 -3.28
CA PRO A 26 -36.65 15.08 -2.23
C PRO A 26 -37.06 13.76 -1.61
N THR A 27 -36.22 12.74 -1.71
CA THR A 27 -36.58 11.44 -1.14
C THR A 27 -36.83 11.48 0.35
N SER A 28 -37.21 10.33 0.91
CA SER A 28 -37.61 10.28 2.31
C SER A 28 -36.46 10.63 3.24
N VAL A 29 -35.30 9.99 3.05
CA VAL A 29 -34.19 10.22 3.96
C VAL A 29 -33.67 11.64 3.85
N ASN A 30 -33.58 12.18 2.64
CA ASN A 30 -33.03 13.51 2.52
C ASN A 30 -33.99 14.55 3.06
N ARG A 31 -35.26 14.22 3.16
CA ARG A 31 -36.18 15.08 3.89
C ARG A 31 -36.10 14.85 5.39
N HIS A 32 -35.45 13.80 5.84
CA HIS A 32 -35.46 13.47 7.26
C HIS A 32 -34.10 13.06 7.75
N THR A 33 -33.05 13.78 7.38
CA THR A 33 -31.75 13.43 7.92
C THR A 33 -30.83 14.63 7.90
N ARG A 34 -29.68 14.45 8.53
CA ARG A 34 -28.74 15.52 8.81
C ARG A 34 -28.42 16.36 7.58
N LYS A 35 -28.31 17.66 7.78
CA LYS A 35 -27.64 18.55 6.84
C LYS A 35 -26.55 19.27 7.60
N TYR A 36 -25.44 19.57 6.92
CA TYR A 36 -24.33 20.22 7.61
C TYR A 36 -23.62 21.21 6.72
N TRP A 37 -22.88 22.08 7.37
CA TRP A 37 -22.00 23.07 6.77
C TRP A 37 -20.66 22.93 7.45
N CYS A 38 -19.64 22.51 6.71
CA CYS A 38 -18.35 22.20 7.32
C CYS A 38 -17.27 23.01 6.65
N ARG A 39 -16.13 23.10 7.31
CA ARG A 39 -15.02 23.86 6.81
C ARG A 39 -13.77 23.01 6.85
N GLN A 40 -13.07 22.94 5.74
CA GLN A 40 -11.91 22.10 5.64
C GLN A 40 -10.69 23.02 5.66
N GLY A 41 -9.53 22.43 5.44
CA GLY A 41 -8.31 23.22 5.34
C GLY A 41 -7.17 22.35 4.86
N ALA A 42 -5.95 22.71 5.25
CA ALA A 42 -4.79 21.92 4.90
C ALA A 42 -4.47 20.87 5.96
N ARG A 43 -5.45 20.50 6.77
CA ARG A 43 -5.22 19.60 7.88
C ARG A 43 -6.00 18.29 7.78
N GLY A 44 -6.80 18.11 6.73
CA GLY A 44 -7.47 16.84 6.52
C GLY A 44 -8.73 16.58 7.32
N GLY A 45 -9.80 17.31 7.04
CA GLY A 45 -11.08 17.00 7.65
C GLY A 45 -12.02 18.17 7.76
N CYS A 46 -13.31 17.96 7.49
CA CYS A 46 -14.28 18.99 7.82
C CYS A 46 -14.38 19.09 9.33
N ILE A 47 -14.32 20.31 9.83
CA ILE A 47 -14.75 20.64 11.18
C ILE A 47 -16.16 21.19 11.07
N THR A 48 -17.11 20.59 11.78
CA THR A 48 -18.50 21.01 11.65
C THR A 48 -18.73 22.37 12.29
N LEU A 49 -19.50 23.21 11.61
CA LEU A 49 -19.74 24.56 12.09
C LEU A 49 -21.18 24.81 12.48
N ILE A 50 -22.13 24.19 11.78
CA ILE A 50 -23.54 24.23 12.13
C ILE A 50 -24.17 22.98 11.58
N SER A 51 -25.20 22.50 12.26
CA SER A 51 -25.79 21.21 11.95
C SER A 51 -27.30 21.39 11.94
N SER A 52 -27.99 20.45 11.31
CA SER A 52 -29.44 20.53 11.33
C SER A 52 -30.02 19.96 12.59
N GLU A 53 -29.21 19.26 13.38
CA GLU A 53 -29.65 18.64 14.61
C GLU A 53 -29.62 19.60 15.78
N GLY A 54 -29.15 20.82 15.56
CA GLY A 54 -29.16 21.82 16.60
C GLY A 54 -27.80 22.36 16.92
N TYR A 55 -26.79 21.49 17.00
CA TYR A 55 -25.47 21.94 17.39
C TYR A 55 -24.97 23.05 16.49
N VAL A 56 -24.48 24.10 17.12
CA VAL A 56 -23.81 25.21 16.46
C VAL A 56 -22.40 25.29 17.01
N SER A 57 -21.44 25.53 16.13
CA SER A 57 -20.07 25.61 16.61
C SER A 57 -19.94 26.71 17.63
N SER A 58 -18.94 26.55 18.50
CA SER A 58 -18.73 27.55 19.54
C SER A 58 -18.37 28.89 18.94
N LYS A 59 -17.69 28.90 17.81
CA LYS A 59 -17.32 30.14 17.18
C LYS A 59 -18.47 30.73 16.36
N TYR A 60 -19.56 30.00 16.19
CA TYR A 60 -20.70 30.47 15.38
C TYR A 60 -21.96 30.68 16.19
N ALA A 61 -21.87 30.84 17.50
CA ALA A 61 -23.08 31.02 18.27
C ALA A 61 -23.63 32.42 18.06
N GLY A 62 -24.87 32.50 17.58
CA GLY A 62 -25.48 33.78 17.31
C GLY A 62 -25.18 34.25 15.91
N ARG A 63 -24.04 33.79 15.37
CA ARG A 63 -23.63 34.22 14.04
C ARG A 63 -24.53 33.67 12.96
N ALA A 64 -24.88 32.39 13.05
CA ALA A 64 -25.49 31.71 11.92
C ALA A 64 -26.41 30.60 12.40
N ASN A 65 -27.28 30.13 11.51
CA ASN A 65 -28.14 29.00 11.77
C ASN A 65 -28.46 28.30 10.46
N LEU A 66 -29.16 27.17 10.57
CA LEU A 66 -29.41 26.33 9.40
C LEU A 66 -30.82 25.77 9.49
N THR A 67 -31.56 25.86 8.40
CA THR A 67 -32.97 25.46 8.32
C THR A 67 -33.20 24.58 7.10
N ASN A 68 -34.14 23.65 7.20
CA ASN A 68 -34.41 22.68 6.15
C ASN A 68 -35.86 22.79 5.71
N PHE A 69 -36.08 22.85 4.40
CA PHE A 69 -37.41 22.92 3.81
C PHE A 69 -37.60 21.67 2.96
N PRO A 70 -38.00 20.58 3.58
CA PRO A 70 -38.12 19.31 2.86
C PRO A 70 -39.08 19.42 1.69
N GLU A 71 -40.00 20.37 1.77
CA GLU A 71 -40.97 20.55 0.71
C GLU A 71 -40.30 21.15 -0.53
N ASN A 72 -39.38 22.08 -0.34
CA ASN A 72 -38.59 22.56 -1.46
C ASN A 72 -37.48 21.60 -1.82
N GLY A 73 -37.28 20.54 -1.03
CA GLY A 73 -36.09 19.73 -1.22
C GLY A 73 -34.82 20.55 -1.00
N THR A 74 -34.82 21.38 0.04
CA THR A 74 -33.77 22.35 0.26
C THR A 74 -33.45 22.45 1.74
N PHE A 75 -32.26 22.96 2.02
CA PHE A 75 -31.91 23.45 3.35
C PHE A 75 -31.11 24.72 3.16
N VAL A 76 -31.30 25.68 4.06
CA VAL A 76 -30.77 27.03 3.90
C VAL A 76 -29.79 27.33 5.01
N VAL A 77 -28.71 28.04 4.67
CA VAL A 77 -27.70 28.43 5.63
C VAL A 77 -27.59 29.95 5.58
N ASN A 78 -27.81 30.59 6.72
CA ASN A 78 -27.73 32.04 6.85
C ASN A 78 -26.52 32.40 7.69
N ILE A 79 -25.63 33.22 7.14
CA ILE A 79 -24.48 33.69 7.88
C ILE A 79 -24.56 35.21 7.93
N ALA A 80 -24.33 35.76 9.11
CA ALA A 80 -24.30 37.20 9.30
C ALA A 80 -23.01 37.55 10.02
N GLN A 81 -22.66 38.83 9.97
CA GLN A 81 -21.47 39.33 10.65
C GLN A 81 -20.23 38.61 10.12
N LEU A 82 -20.01 38.74 8.83
CA LEU A 82 -18.86 38.11 8.21
C LEU A 82 -17.58 38.84 8.60
N SER A 83 -16.46 38.19 8.35
CA SER A 83 -15.15 38.79 8.59
C SER A 83 -14.18 38.21 7.59
N GLN A 84 -12.98 38.78 7.56
CA GLN A 84 -11.98 38.25 6.64
C GLN A 84 -11.42 36.92 7.10
N ASP A 85 -11.70 36.52 8.34
CA ASP A 85 -11.27 35.24 8.85
C ASP A 85 -12.21 34.13 8.44
N ASP A 86 -13.22 34.44 7.63
CA ASP A 86 -14.16 33.41 7.22
C ASP A 86 -13.95 32.96 5.78
N SER A 87 -13.00 33.58 5.07
CA SER A 87 -12.79 33.25 3.68
C SER A 87 -11.97 31.97 3.55
N GLY A 88 -12.56 30.97 2.90
CA GLY A 88 -11.89 29.70 2.73
C GLY A 88 -12.78 28.74 1.98
N ARG A 89 -12.49 27.45 2.09
CA ARG A 89 -13.23 26.47 1.32
C ARG A 89 -14.18 25.76 2.27
N TYR A 90 -15.41 25.55 1.81
CA TYR A 90 -16.45 24.98 2.63
C TYR A 90 -17.21 23.93 1.85
N LYS A 91 -18.11 23.25 2.54
CA LYS A 91 -18.94 22.26 1.86
C LYS A 91 -20.31 22.23 2.49
N CYS A 92 -21.38 22.24 1.67
CA CYS A 92 -22.68 21.80 2.16
C CYS A 92 -22.75 20.29 1.98
N GLY A 93 -23.59 19.65 2.76
CA GLY A 93 -23.74 18.22 2.58
C GLY A 93 -24.69 17.63 3.59
N LEU A 94 -24.98 16.35 3.40
CA LEU A 94 -25.89 15.63 4.26
C LEU A 94 -25.21 14.40 4.82
N GLY A 95 -25.91 13.75 5.73
CA GLY A 95 -25.43 12.54 6.29
C GLY A 95 -24.07 12.70 6.94
N ILE A 96 -23.43 11.55 7.20
CA ILE A 96 -22.14 11.54 7.84
C ILE A 96 -21.17 12.41 7.07
N ASN A 97 -20.41 13.22 7.78
CA ASN A 97 -19.47 14.12 7.13
C ASN A 97 -18.39 13.36 6.39
N SER A 98 -18.10 12.13 6.81
CA SER A 98 -16.93 11.44 6.28
C SER A 98 -17.12 11.07 4.83
N ARG A 99 -18.33 10.70 4.43
CA ARG A 99 -18.59 10.43 3.03
C ARG A 99 -18.71 11.76 2.31
N GLY A 100 -19.16 11.69 1.07
CA GLY A 100 -19.21 12.89 0.28
C GLY A 100 -20.58 13.19 -0.24
N LEU A 101 -21.64 12.72 0.41
CA LEU A 101 -22.95 13.14 -0.07
C LEU A 101 -22.97 14.60 0.33
N SER A 102 -22.39 15.41 -0.53
CA SER A 102 -22.04 16.75 -0.16
C SER A 102 -21.84 17.57 -1.41
N PHE A 103 -21.53 18.84 -1.21
CA PHE A 103 -21.24 19.74 -2.31
C PHE A 103 -20.29 20.80 -1.80
N ASP A 104 -19.28 21.11 -2.59
CA ASP A 104 -18.24 22.00 -2.15
C ASP A 104 -18.60 23.44 -2.48
N VAL A 105 -18.31 24.32 -1.54
CA VAL A 105 -18.61 25.74 -1.65
C VAL A 105 -17.35 26.51 -1.35
N SER A 106 -17.12 27.58 -2.09
CA SER A 106 -16.04 28.51 -1.81
C SER A 106 -16.61 29.83 -1.33
N LEU A 107 -15.89 30.45 -0.39
CA LEU A 107 -16.31 31.68 0.25
C LEU A 107 -15.16 32.64 0.38
N GLU A 108 -15.41 33.88 -0.03
CA GLU A 108 -14.41 34.93 -0.04
C GLU A 108 -15.08 36.13 0.59
N VAL A 109 -14.50 36.62 1.68
CA VAL A 109 -14.99 37.78 2.39
C VAL A 109 -13.94 38.86 2.29
N SER A 110 -14.38 40.09 2.08
CA SER A 110 -13.47 41.21 1.93
C SER A 110 -14.01 42.39 2.73
N GLN A 111 -13.11 43.27 3.11
CA GLN A 111 -13.49 44.40 3.95
C GLN A 111 -14.30 45.40 3.16
N GLY A 112 -15.10 46.18 3.86
CA GLY A 112 -15.91 47.19 3.22
C GLY A 112 -15.08 48.43 2.95
N PRO A 113 -14.77 48.67 1.67
CA PRO A 113 -13.87 49.78 1.34
C PRO A 113 -14.56 51.13 1.41
N GLY A 114 -13.84 52.18 1.03
CA GLY A 114 -14.43 53.51 1.01
C GLY A 114 -13.52 54.55 1.60
N LEU A 115 -14.04 55.32 2.56
CA LEU A 115 -13.27 56.27 3.34
C LEU A 115 -12.85 57.46 2.47
N LEU A 116 -13.15 57.37 1.20
CA LEU A 116 -12.79 58.38 0.21
C LEU A 116 -14.05 59.18 -0.11
N ASN A 117 -14.20 60.34 0.53
CA ASN A 117 -15.34 61.18 0.19
C ASN A 117 -15.26 61.75 -1.21
N ASP A 118 -14.08 61.72 -1.83
CA ASP A 118 -13.90 62.24 -3.18
C ASP A 118 -14.28 61.24 -4.27
N THR A 119 -14.72 60.04 -3.89
CA THR A 119 -15.15 59.05 -4.86
C THR A 119 -16.22 58.17 -4.24
N LYS A 120 -17.37 58.11 -4.89
CA LYS A 120 -18.48 57.28 -4.45
C LYS A 120 -18.51 55.97 -5.23
N VAL A 121 -19.35 55.05 -4.78
CA VAL A 121 -19.47 53.75 -5.41
C VAL A 121 -20.35 53.88 -6.64
N TYR A 122 -20.10 53.05 -7.65
CA TYR A 122 -20.93 53.03 -8.84
C TYR A 122 -20.93 51.59 -9.37
N THR A 123 -21.91 50.82 -8.92
CA THR A 123 -22.09 49.47 -9.40
C THR A 123 -23.29 49.47 -10.32
N VAL A 124 -23.10 49.05 -11.56
CA VAL A 124 -24.19 48.90 -12.51
C VAL A 124 -24.05 47.56 -13.21
N ASP A 125 -25.02 47.25 -14.06
CA ASP A 125 -25.01 46.01 -14.82
C ASP A 125 -24.25 46.13 -16.14
N LEU A 126 -23.82 44.97 -16.63
CA LEU A 126 -23.05 44.89 -17.86
C LEU A 126 -23.91 45.18 -19.07
N GLY A 127 -23.33 45.88 -20.05
CA GLY A 127 -24.06 46.23 -21.24
C GLY A 127 -25.15 47.26 -21.05
N ARG A 128 -25.26 47.83 -19.86
CA ARG A 128 -26.33 48.76 -19.53
C ARG A 128 -25.88 50.18 -19.88
N THR A 129 -26.66 51.17 -19.45
CA THR A 129 -26.27 52.57 -19.53
C THR A 129 -26.10 53.11 -18.12
N VAL A 130 -25.07 53.92 -17.92
CA VAL A 130 -24.84 54.63 -16.67
C VAL A 130 -24.38 56.03 -17.03
N THR A 131 -24.57 56.96 -16.11
CA THR A 131 -24.02 58.29 -16.28
C THR A 131 -23.47 58.84 -14.98
N ILE A 132 -22.40 59.61 -15.10
CA ILE A 132 -21.70 60.23 -13.98
C ILE A 132 -21.93 61.74 -14.05
N ASN A 133 -22.37 62.30 -12.94
CA ASN A 133 -22.63 63.72 -12.78
C ASN A 133 -21.46 64.33 -12.02
N CYS A 134 -20.93 65.45 -12.52
CA CYS A 134 -19.73 66.03 -11.97
C CYS A 134 -19.86 67.55 -11.98
N PRO A 135 -19.63 68.19 -10.83
CA PRO A 135 -19.69 69.65 -10.76
C PRO A 135 -18.43 70.35 -11.20
N PHE A 136 -18.62 71.62 -11.57
CA PHE A 136 -17.55 72.56 -11.87
C PHE A 136 -17.87 73.89 -11.20
N LYS A 137 -16.82 74.61 -10.83
CA LYS A 137 -16.98 75.91 -10.20
C LYS A 137 -17.45 76.95 -11.22
N THR A 138 -17.84 78.13 -10.71
CA THR A 138 -18.51 79.13 -11.54
C THR A 138 -17.62 79.66 -12.65
N GLU A 139 -16.31 79.66 -12.46
CA GLU A 139 -15.42 80.13 -13.52
C GLU A 139 -15.27 79.13 -14.65
N ASN A 140 -15.74 77.90 -14.47
CA ASN A 140 -15.75 76.89 -15.54
C ASN A 140 -16.94 77.16 -16.47
N ALA A 141 -16.80 78.21 -17.27
CA ALA A 141 -17.82 78.53 -18.27
C ALA A 141 -17.48 77.92 -19.62
N GLN A 142 -16.36 78.32 -20.22
CA GLN A 142 -15.84 77.69 -21.43
C GLN A 142 -14.45 77.14 -21.09
N LYS A 143 -14.44 75.96 -20.49
CA LYS A 143 -13.18 75.33 -20.11
C LYS A 143 -13.32 73.82 -20.27
N ARG A 144 -12.18 73.17 -20.56
CA ARG A 144 -12.16 71.78 -20.98
C ARG A 144 -12.93 70.89 -20.03
N LYS A 145 -13.91 70.18 -20.58
CA LYS A 145 -14.70 69.20 -19.85
C LYS A 145 -14.37 67.82 -20.41
N SER A 146 -13.76 66.98 -19.58
CA SER A 146 -13.25 65.71 -20.05
C SER A 146 -13.07 64.78 -18.86
N LEU A 147 -13.04 63.49 -19.17
CA LEU A 147 -12.80 62.45 -18.18
C LEU A 147 -11.53 61.72 -18.55
N TYR A 148 -10.92 61.10 -17.54
CA TYR A 148 -9.64 60.43 -17.68
C TYR A 148 -9.59 59.17 -16.83
N LYS A 149 -9.27 58.07 -17.48
CA LYS A 149 -9.18 56.76 -16.86
C LYS A 149 -7.72 56.52 -16.53
N GLN A 150 -7.42 56.37 -15.25
CA GLN A 150 -6.05 56.20 -14.81
C GLN A 150 -5.80 54.70 -14.85
N ILE A 151 -5.22 54.23 -15.94
CA ILE A 151 -4.95 52.82 -16.12
C ILE A 151 -3.47 52.60 -15.83
N GLY A 152 -3.20 52.05 -14.66
CA GLY A 152 -1.84 51.76 -14.24
C GLY A 152 -0.97 52.99 -14.11
N LEU A 153 -0.03 53.16 -15.03
CA LEU A 153 0.90 54.29 -14.96
C LEU A 153 0.21 55.62 -15.23
N TYR A 154 -0.65 55.68 -16.24
CA TYR A 154 -1.03 56.93 -16.87
C TYR A 154 -2.54 57.09 -16.96
N PRO A 155 -3.02 58.33 -17.02
CA PRO A 155 -4.41 58.61 -17.37
C PRO A 155 -4.56 58.83 -18.87
N VAL A 156 -5.63 58.26 -19.42
CA VAL A 156 -5.95 58.43 -20.82
C VAL A 156 -7.31 59.12 -20.88
N LEU A 157 -7.79 59.43 -22.07
CA LEU A 157 -9.00 60.21 -22.25
C LEU A 157 -10.09 59.38 -22.92
N VAL A 158 -11.32 59.60 -22.45
CA VAL A 158 -12.47 58.86 -22.93
C VAL A 158 -13.46 59.76 -23.68
N ILE A 159 -13.62 61.01 -23.27
CA ILE A 159 -14.44 61.97 -24.00
C ILE A 159 -13.93 63.38 -23.69
N ASP A 160 -13.68 64.16 -24.73
CA ASP A 160 -13.23 65.54 -24.61
C ASP A 160 -14.41 66.51 -24.75
N SER A 161 -14.09 67.80 -24.84
CA SER A 161 -15.04 68.84 -25.17
C SER A 161 -14.90 69.30 -26.62
N SER A 162 -14.33 68.46 -27.49
CA SER A 162 -14.11 68.83 -28.87
C SER A 162 -14.46 67.73 -29.86
N GLY A 163 -15.07 66.63 -29.41
CA GLY A 163 -15.56 65.61 -30.30
C GLY A 163 -14.72 64.36 -30.37
N TYR A 164 -13.53 64.36 -29.76
CA TYR A 164 -12.74 63.14 -29.75
C TYR A 164 -13.27 62.18 -28.69
N VAL A 165 -12.93 60.90 -28.86
CA VAL A 165 -13.43 59.85 -28.00
C VAL A 165 -12.51 58.64 -28.15
N ASN A 166 -12.32 57.92 -27.05
CA ASN A 166 -11.44 56.75 -27.06
C ASN A 166 -11.92 55.77 -28.12
N PRO A 167 -11.05 55.33 -29.03
CA PRO A 167 -11.50 54.35 -30.02
C PRO A 167 -11.88 53.03 -29.38
N ASN A 168 -11.49 52.79 -28.14
CA ASN A 168 -12.00 51.61 -27.45
C ASN A 168 -13.45 51.84 -27.05
N TYR A 169 -13.81 53.13 -26.88
CA TYR A 169 -15.09 53.55 -26.34
C TYR A 169 -15.89 54.39 -27.33
N THR A 170 -15.40 54.55 -28.56
CA THR A 170 -15.99 55.49 -29.49
C THR A 170 -17.43 55.12 -29.84
N GLY A 171 -18.31 56.11 -29.79
CA GLY A 171 -19.68 55.92 -30.19
C GLY A 171 -20.61 55.50 -29.08
N ARG A 172 -20.11 55.34 -27.87
CA ARG A 172 -20.93 54.89 -26.74
C ARG A 172 -21.09 55.97 -25.69
N ILE A 173 -20.82 57.23 -26.06
CA ILE A 173 -20.53 58.26 -25.07
C ILE A 173 -21.07 59.60 -25.53
N ARG A 174 -21.40 60.45 -24.55
CA ARG A 174 -21.91 61.80 -24.75
C ARG A 174 -21.55 62.60 -23.51
N LEU A 175 -21.34 63.90 -23.74
CA LEU A 175 -21.09 64.88 -22.69
C LEU A 175 -22.24 65.88 -22.65
N ASP A 176 -22.80 66.09 -21.46
CA ASP A 176 -23.91 67.02 -21.29
C ASP A 176 -23.56 68.04 -20.23
N ILE A 177 -23.60 69.32 -20.60
CA ILE A 177 -23.61 70.44 -19.67
C ILE A 177 -24.99 71.07 -19.73
N GLN A 178 -25.75 70.92 -18.66
CA GLN A 178 -27.13 71.36 -18.63
C GLN A 178 -27.23 72.86 -18.40
N GLY A 179 -28.27 73.45 -18.98
CA GLY A 179 -28.50 74.88 -18.84
C GLY A 179 -29.12 75.24 -17.52
N THR A 180 -29.96 76.28 -17.55
CA THR A 180 -30.71 76.75 -16.38
C THR A 180 -29.74 77.15 -15.25
N GLY A 181 -28.56 77.64 -15.64
CA GLY A 181 -27.55 78.02 -14.66
C GLY A 181 -27.02 76.89 -13.82
N GLN A 182 -27.23 75.65 -14.25
CA GLN A 182 -26.76 74.50 -13.49
C GLN A 182 -25.28 74.31 -13.71
N LEU A 183 -24.54 74.11 -12.63
CA LEU A 183 -23.08 74.10 -12.66
C LEU A 183 -22.51 72.68 -12.56
N LEU A 184 -23.15 71.71 -13.20
CA LEU A 184 -22.61 70.37 -13.25
C LEU A 184 -22.42 69.95 -14.71
N PHE A 185 -22.00 68.70 -14.91
CA PHE A 185 -22.04 68.09 -16.22
C PHE A 185 -22.16 66.58 -16.05
N SER A 186 -22.53 65.90 -17.14
CA SER A 186 -22.76 64.47 -17.10
C SER A 186 -22.08 63.80 -18.29
N VAL A 187 -21.68 62.54 -18.07
CA VAL A 187 -21.07 61.70 -19.10
C VAL A 187 -21.83 60.38 -19.18
N VAL A 188 -22.35 60.07 -20.36
CA VAL A 188 -23.20 58.91 -20.57
C VAL A 188 -22.40 57.89 -21.35
N ILE A 189 -22.44 56.64 -20.92
CA ILE A 189 -21.72 55.54 -21.57
C ILE A 189 -22.67 54.41 -21.93
N ASN A 190 -22.53 53.91 -23.14
CA ASN A 190 -23.26 52.76 -23.62
C ASN A 190 -22.35 51.54 -23.70
N GLN A 191 -22.98 50.37 -23.78
CA GLN A 191 -22.27 49.11 -24.01
C GLN A 191 -21.24 48.88 -22.91
N LEU A 192 -21.77 48.66 -21.71
CA LEU A 192 -20.92 48.45 -20.55
C LEU A 192 -20.27 47.07 -20.62
N ARG A 193 -18.93 47.06 -20.49
CA ARG A 193 -18.14 45.86 -20.68
C ARG A 193 -17.27 45.58 -19.45
N LEU A 194 -16.86 44.31 -19.32
CA LEU A 194 -15.91 43.96 -18.28
C LEU A 194 -14.58 44.66 -18.49
N SER A 195 -14.33 45.13 -19.72
CA SER A 195 -13.11 45.85 -20.03
C SER A 195 -13.27 47.34 -19.80
N ASP A 196 -14.20 47.72 -18.94
CA ASP A 196 -14.44 49.11 -18.61
C ASP A 196 -14.27 49.40 -17.13
N ALA A 197 -14.15 48.37 -16.30
CA ALA A 197 -14.09 48.55 -14.85
C ALA A 197 -12.75 49.16 -14.46
N GLY A 198 -12.80 50.30 -13.80
CA GLY A 198 -11.58 50.99 -13.44
C GLY A 198 -11.85 52.26 -12.67
N GLN A 199 -10.83 53.11 -12.61
CA GLN A 199 -10.88 54.35 -11.85
C GLN A 199 -10.80 55.52 -12.82
N TYR A 200 -11.86 56.34 -12.85
CA TYR A 200 -11.89 57.53 -13.69
C TYR A 200 -11.36 58.76 -12.97
N LEU A 201 -11.42 59.89 -13.66
CA LEU A 201 -11.19 61.20 -13.06
C LEU A 201 -11.87 62.27 -13.90
N CYS A 202 -12.67 63.10 -13.25
CA CYS A 202 -13.23 64.28 -13.90
C CYS A 202 -12.13 65.28 -14.24
N GLN A 203 -12.52 66.32 -14.96
CA GLN A 203 -11.74 67.56 -15.05
C GLN A 203 -12.69 68.69 -15.43
N ALA A 204 -12.42 69.87 -14.89
CA ALA A 204 -13.11 71.11 -15.27
C ALA A 204 -12.06 72.14 -15.71
N GLY A 205 -11.70 72.09 -16.99
CA GLY A 205 -10.83 73.08 -17.58
C GLY A 205 -9.36 72.70 -17.52
N ASP A 206 -8.57 73.38 -18.35
CA ASP A 206 -7.13 73.20 -18.39
C ASP A 206 -6.41 73.94 -17.27
N ASP A 207 -7.04 74.94 -16.67
CA ASP A 207 -6.34 75.89 -15.83
C ASP A 207 -5.92 75.22 -14.51
N SER A 208 -5.30 76.03 -13.64
CA SER A 208 -4.96 75.57 -12.30
C SER A 208 -6.20 75.20 -11.48
N ASN A 209 -7.36 75.74 -11.81
CA ASN A 209 -8.58 75.41 -11.09
C ASN A 209 -8.84 73.92 -11.20
N SER A 210 -9.13 73.45 -12.41
CA SER A 210 -9.11 72.02 -12.74
C SER A 210 -9.90 71.21 -11.71
N ASN A 211 -11.20 71.45 -11.67
CA ASN A 211 -12.06 70.84 -10.66
C ASN A 211 -12.19 69.36 -10.99
N LYS A 212 -11.18 68.61 -10.58
CA LYS A 212 -11.14 67.18 -10.84
C LYS A 212 -12.00 66.45 -9.81
N LYS A 213 -12.46 65.27 -10.19
CA LYS A 213 -13.20 64.41 -9.27
C LYS A 213 -12.83 62.98 -9.61
N ASN A 214 -12.08 62.33 -8.72
CA ASN A 214 -11.66 60.96 -8.99
C ASN A 214 -12.86 60.03 -8.86
N ALA A 215 -12.94 59.05 -9.75
CA ALA A 215 -14.12 58.20 -9.77
C ALA A 215 -13.73 56.75 -9.99
N ASP A 216 -14.65 55.87 -9.61
CA ASP A 216 -14.56 54.43 -9.74
C ASP A 216 -15.57 53.98 -10.78
N LEU A 217 -15.33 52.83 -11.39
CA LEU A 217 -16.34 52.26 -12.29
C LEU A 217 -16.37 50.75 -12.11
N GLN A 218 -17.41 50.28 -11.41
CA GLN A 218 -17.66 48.85 -11.26
C GLN A 218 -18.79 48.44 -12.20
N VAL A 219 -18.76 47.18 -12.63
CA VAL A 219 -19.76 46.60 -13.53
C VAL A 219 -20.28 45.31 -12.92
N LEU A 220 -21.60 45.16 -12.88
CA LEU A 220 -22.22 44.06 -12.13
C LEU A 220 -22.56 42.96 -13.13
N LYS A 221 -21.73 41.92 -13.14
CA LYS A 221 -22.09 40.70 -13.82
C LYS A 221 -23.21 40.03 -13.05
N PRO A 222 -24.14 39.37 -13.72
CA PRO A 222 -25.28 38.79 -13.00
C PRO A 222 -24.85 37.64 -12.12
N GLU A 223 -25.41 37.62 -10.92
CA GLU A 223 -25.18 36.49 -10.02
C GLU A 223 -25.94 35.29 -10.56
N PRO A 224 -25.28 34.16 -10.75
CA PRO A 224 -25.98 33.01 -11.35
C PRO A 224 -27.08 32.51 -10.42
N GLU A 225 -28.11 31.94 -11.04
CA GLU A 225 -29.23 31.30 -10.35
C GLU A 225 -29.21 29.80 -10.57
N LEU A 226 -29.40 29.07 -9.48
CA LEU A 226 -29.28 27.63 -9.46
C LEU A 226 -30.60 26.98 -9.82
N VAL A 227 -30.57 26.06 -10.78
CA VAL A 227 -31.75 25.35 -11.24
C VAL A 227 -31.53 23.86 -11.07
N TYR A 228 -32.48 23.19 -10.46
CA TYR A 228 -32.38 21.78 -10.13
C TYR A 228 -33.50 21.00 -10.78
N GLU A 229 -33.15 20.20 -11.78
CA GLU A 229 -34.10 19.40 -12.53
C GLU A 229 -33.55 17.99 -12.62
N ASP A 230 -34.44 17.02 -12.76
CA ASP A 230 -33.93 15.67 -12.84
C ASP A 230 -33.59 15.31 -14.29
N LEU A 231 -32.97 14.15 -14.44
CA LEU A 231 -32.77 13.57 -15.76
C LEU A 231 -34.12 13.30 -16.40
N ARG A 232 -34.13 13.29 -17.73
CA ARG A 232 -35.33 13.08 -18.54
C ARG A 232 -36.53 13.86 -18.00
N GLY A 233 -36.27 15.08 -17.51
CA GLY A 233 -37.31 15.95 -17.05
C GLY A 233 -37.45 17.18 -17.92
N SER A 234 -37.96 18.23 -17.32
CA SER A 234 -38.17 19.46 -18.07
C SER A 234 -37.90 20.65 -17.18
N VAL A 235 -37.62 21.77 -17.81
CA VAL A 235 -37.25 23.00 -17.13
C VAL A 235 -37.89 24.20 -17.81
N THR A 236 -38.19 25.22 -17.02
CA THR A 236 -38.74 26.47 -17.55
C THR A 236 -37.85 27.58 -17.02
N PHE A 237 -37.24 28.33 -17.92
CA PHE A 237 -36.45 29.49 -17.58
C PHE A 237 -37.25 30.77 -17.76
N HIS A 238 -37.06 31.73 -16.87
CA HIS A 238 -37.71 33.02 -17.00
C HIS A 238 -36.62 34.04 -17.19
N CYS A 239 -36.48 34.52 -18.42
CA CYS A 239 -35.57 35.60 -18.76
C CYS A 239 -36.29 36.92 -18.57
N ALA A 240 -35.60 37.90 -18.00
CA ALA A 240 -36.26 39.09 -17.49
C ALA A 240 -35.57 40.37 -17.94
N LEU A 241 -35.32 40.51 -19.24
CA LEU A 241 -34.77 41.76 -19.73
C LEU A 241 -35.82 42.87 -19.69
N GLY A 242 -35.37 44.09 -19.94
CA GLY A 242 -36.22 45.26 -19.87
C GLY A 242 -36.90 45.62 -21.17
N PRO A 243 -37.75 46.65 -21.12
CA PRO A 243 -38.41 47.13 -22.35
C PRO A 243 -37.48 47.83 -23.29
N GLU A 244 -36.27 48.16 -22.86
CA GLU A 244 -35.33 48.93 -23.67
C GLU A 244 -34.66 48.11 -24.76
N VAL A 245 -34.92 46.81 -24.84
CA VAL A 245 -34.37 46.02 -25.94
C VAL A 245 -35.49 45.26 -26.62
N ALA A 246 -36.71 45.81 -26.58
CA ALA A 246 -37.86 45.11 -27.15
C ALA A 246 -37.72 44.96 -28.66
N ASN A 247 -37.28 46.02 -29.34
CA ASN A 247 -37.07 45.93 -30.78
C ASN A 247 -35.93 44.96 -31.09
N VAL A 248 -34.90 44.97 -30.26
CA VAL A 248 -33.76 44.08 -30.47
C VAL A 248 -34.20 42.64 -30.30
N ALA A 249 -33.55 41.75 -31.04
CA ALA A 249 -33.83 40.33 -30.93
C ALA A 249 -33.38 39.80 -29.57
N LYS A 250 -33.67 38.52 -29.34
CA LYS A 250 -33.28 37.83 -28.14
C LYS A 250 -32.49 36.59 -28.50
N PHE A 251 -31.83 36.00 -27.51
CA PHE A 251 -31.06 34.79 -27.73
C PHE A 251 -30.95 34.02 -26.42
N LEU A 252 -30.41 32.82 -26.52
CA LEU A 252 -30.07 32.01 -25.35
C LEU A 252 -28.84 31.17 -25.63
N CYS A 253 -27.78 31.40 -24.88
CA CYS A 253 -26.57 30.61 -25.04
C CYS A 253 -26.28 29.84 -23.74
N ARG A 254 -25.26 28.99 -23.80
CA ARG A 254 -24.86 28.18 -22.67
C ARG A 254 -23.35 28.30 -22.55
N GLN A 255 -22.88 28.50 -21.33
CA GLN A 255 -21.46 28.72 -21.13
C GLN A 255 -20.68 27.49 -21.54
N SER A 256 -19.44 27.72 -21.97
CA SER A 256 -18.52 26.66 -22.36
C SER A 256 -17.16 26.97 -21.75
N SER A 257 -16.13 26.27 -22.24
CA SER A 257 -14.82 26.36 -21.61
C SER A 257 -14.17 27.73 -21.84
N GLY A 258 -13.94 28.08 -23.11
CA GLY A 258 -13.16 29.26 -23.40
C GLY A 258 -13.97 30.54 -23.59
N GLU A 259 -14.83 30.85 -22.62
CA GLU A 259 -15.59 32.09 -22.63
C GLU A 259 -16.37 32.23 -23.94
N ASN A 260 -17.06 31.16 -24.30
CA ASN A 260 -17.70 31.03 -25.61
C ASN A 260 -19.07 30.39 -25.42
N CYS A 261 -20.12 31.19 -25.43
CA CYS A 261 -21.46 30.63 -25.53
C CYS A 261 -21.64 29.90 -26.84
N ASP A 262 -22.27 28.74 -26.78
CA ASP A 262 -22.85 28.13 -27.95
C ASP A 262 -24.35 28.34 -27.88
N VAL A 263 -24.91 28.79 -28.98
CA VAL A 263 -26.29 29.22 -29.01
C VAL A 263 -27.20 27.99 -29.11
N VAL A 264 -28.37 28.09 -28.51
CA VAL A 264 -29.32 26.99 -28.48
C VAL A 264 -30.57 27.33 -29.29
N VAL A 265 -30.99 28.59 -29.28
CA VAL A 265 -32.14 29.02 -30.07
C VAL A 265 -31.99 30.51 -30.25
N ASN A 266 -32.54 31.02 -31.35
CA ASN A 266 -32.47 32.44 -31.62
C ASN A 266 -33.83 33.02 -31.94
N THR A 267 -33.96 34.32 -31.69
CA THR A 267 -35.07 35.07 -32.27
C THR A 267 -34.95 35.09 -33.79
N LEU A 268 -33.78 34.76 -34.32
CA LEU A 268 -33.57 34.60 -35.73
C LEU A 268 -33.82 33.17 -36.18
N GLY A 269 -34.63 32.43 -35.44
CA GLY A 269 -34.96 31.05 -35.78
C GLY A 269 -33.83 30.06 -35.66
N LYS A 270 -32.59 30.52 -35.42
CA LYS A 270 -31.49 29.58 -35.25
C LYS A 270 -31.76 28.68 -34.06
N ARG A 271 -31.22 27.47 -34.11
CA ARG A 271 -31.51 26.47 -33.10
C ARG A 271 -30.43 25.40 -33.13
N ALA A 272 -30.01 24.95 -31.96
CA ALA A 272 -28.97 23.96 -31.89
C ALA A 272 -29.50 22.59 -32.32
N PRO A 273 -28.76 21.87 -33.17
CA PRO A 273 -29.28 20.60 -33.68
C PRO A 273 -29.48 19.55 -32.59
N ALA A 274 -28.73 19.61 -31.50
CA ALA A 274 -28.94 18.63 -30.45
C ALA A 274 -30.24 18.90 -29.72
N PHE A 275 -30.66 20.15 -29.68
CA PHE A 275 -31.88 20.54 -28.99
C PHE A 275 -33.05 20.71 -29.93
N GLU A 276 -33.01 20.06 -31.07
CA GLU A 276 -34.10 20.20 -32.03
C GLU A 276 -35.34 19.49 -31.49
N GLY A 277 -36.47 20.19 -31.56
CA GLY A 277 -37.73 19.62 -31.11
C GLY A 277 -38.12 19.98 -29.70
N ARG A 278 -37.25 19.70 -28.74
CA ARG A 278 -37.59 19.80 -27.33
C ARG A 278 -37.40 21.19 -26.78
N ILE A 279 -37.48 22.22 -27.60
CA ILE A 279 -37.32 23.61 -27.13
C ILE A 279 -38.52 24.42 -27.56
N LEU A 280 -39.00 25.26 -26.67
CA LEU A 280 -40.10 26.17 -26.98
C LEU A 280 -39.63 27.57 -26.67
N LEU A 281 -40.41 28.56 -27.11
CA LEU A 281 -40.08 29.98 -26.91
C LEU A 281 -41.39 30.74 -26.98
N ASN A 282 -41.77 31.35 -25.87
CA ASN A 282 -43.00 32.09 -25.83
C ASN A 282 -42.78 33.49 -26.38
N PRO A 283 -43.83 34.13 -26.88
CA PRO A 283 -43.70 35.52 -27.30
C PRO A 283 -43.39 36.44 -26.12
N GLN A 284 -42.88 37.61 -26.43
CA GLN A 284 -42.41 38.49 -25.38
C GLN A 284 -43.54 39.36 -24.86
N ASP A 285 -43.38 39.83 -23.62
CA ASP A 285 -44.47 40.43 -22.87
C ASP A 285 -44.47 41.94 -23.09
N LYS A 286 -45.25 42.66 -22.27
CA LYS A 286 -45.23 44.12 -22.32
C LYS A 286 -43.84 44.66 -22.03
N ASP A 287 -43.16 44.12 -21.01
CA ASP A 287 -41.80 44.48 -20.69
C ASP A 287 -40.80 43.74 -21.56
N GLY A 288 -41.28 42.93 -22.51
CA GLY A 288 -40.43 42.02 -23.22
C GLY A 288 -40.11 40.77 -22.46
N SER A 289 -40.70 40.60 -21.27
CA SER A 289 -40.44 39.41 -20.48
C SER A 289 -40.93 38.19 -21.24
N PHE A 290 -40.21 37.09 -21.09
CA PHE A 290 -40.58 35.87 -21.76
C PHE A 290 -39.96 34.70 -21.02
N SER A 291 -40.22 33.51 -21.54
CA SER A 291 -39.82 32.28 -20.90
C SER A 291 -39.42 31.29 -21.98
N VAL A 292 -38.56 30.37 -21.62
CA VAL A 292 -38.06 29.35 -22.52
C VAL A 292 -38.28 28.01 -21.83
N VAL A 293 -38.92 27.08 -22.54
CA VAL A 293 -39.25 25.78 -22.01
C VAL A 293 -38.36 24.76 -22.71
N ILE A 294 -37.67 23.97 -21.91
CA ILE A 294 -36.80 22.91 -22.40
C ILE A 294 -37.23 21.61 -21.73
N THR A 295 -37.42 20.58 -22.53
CA THR A 295 -37.94 19.33 -22.04
C THR A 295 -36.93 18.22 -22.31
N GLY A 296 -36.99 17.17 -21.51
CA GLY A 296 -36.10 16.04 -21.69
C GLY A 296 -34.63 16.40 -21.57
N LEU A 297 -34.21 16.88 -20.40
CA LEU A 297 -32.82 17.31 -20.25
C LEU A 297 -31.91 16.11 -20.07
N ARG A 298 -30.68 16.25 -20.55
CA ARG A 298 -29.72 15.16 -20.52
C ARG A 298 -28.51 15.54 -19.67
N LYS A 299 -27.63 14.56 -19.47
CA LYS A 299 -26.59 14.68 -18.46
C LYS A 299 -25.62 15.81 -18.75
N GLU A 300 -25.40 16.12 -20.03
CA GLU A 300 -24.50 17.19 -20.40
C GLU A 300 -25.21 18.53 -20.52
N ASP A 301 -26.49 18.59 -20.17
CA ASP A 301 -27.23 19.83 -20.30
C ASP A 301 -27.09 20.72 -19.07
N ALA A 302 -26.60 20.17 -17.96
CA ALA A 302 -26.35 20.97 -16.78
C ALA A 302 -25.21 21.94 -17.04
N GLY A 303 -25.31 23.12 -16.46
CA GLY A 303 -24.28 24.12 -16.61
C GLY A 303 -24.89 25.50 -16.52
N ARG A 304 -24.08 26.49 -16.89
CA ARG A 304 -24.52 27.88 -16.85
C ARG A 304 -25.23 28.24 -18.14
N TYR A 305 -26.30 29.02 -18.00
CA TYR A 305 -27.10 29.48 -19.13
C TYR A 305 -27.27 31.00 -19.09
N LEU A 306 -27.25 31.60 -20.27
CA LEU A 306 -27.38 33.04 -20.45
C LEU A 306 -28.45 33.30 -21.50
N CYS A 307 -29.28 34.29 -21.23
CA CYS A 307 -30.23 34.81 -22.20
C CYS A 307 -30.02 36.30 -22.38
N GLY A 308 -30.03 36.74 -23.62
CA GLY A 308 -29.70 38.12 -23.87
C GLY A 308 -30.50 38.73 -24.99
N ALA A 309 -30.03 39.86 -25.48
CA ALA A 309 -30.70 40.60 -26.53
C ALA A 309 -29.61 41.24 -27.36
N HIS A 310 -29.58 40.93 -28.65
CA HIS A 310 -28.56 41.50 -29.50
C HIS A 310 -29.06 41.57 -30.93
N SER A 311 -28.43 42.44 -31.70
CA SER A 311 -28.81 42.58 -33.10
C SER A 311 -28.54 41.29 -33.85
N ASP A 312 -27.43 40.63 -33.56
CA ASP A 312 -27.12 39.36 -34.18
C ASP A 312 -27.66 38.19 -33.40
N GLY A 313 -28.24 38.43 -32.22
CA GLY A 313 -28.80 37.33 -31.44
C GLY A 313 -27.76 36.36 -30.97
N GLN A 314 -26.56 36.84 -30.66
CA GLN A 314 -25.48 35.98 -30.20
C GLN A 314 -24.66 36.74 -29.16
N LEU A 315 -23.53 36.16 -28.76
CA LEU A 315 -22.68 36.77 -27.76
C LEU A 315 -21.85 37.88 -28.37
N GLN A 316 -21.69 38.96 -27.61
CA GLN A 316 -20.75 40.03 -27.95
C GLN A 316 -20.35 40.72 -26.65
N GLU A 317 -19.30 41.51 -26.73
CA GLU A 317 -18.87 42.27 -25.57
C GLU A 317 -19.78 43.47 -25.37
N GLY A 318 -20.31 43.62 -24.16
CA GLY A 318 -21.07 44.80 -23.82
C GLY A 318 -22.56 44.72 -24.06
N SER A 319 -23.13 43.54 -24.12
CA SER A 319 -24.56 43.43 -24.36
C SER A 319 -25.26 42.91 -23.11
N PRO A 320 -26.53 43.30 -22.89
CA PRO A 320 -27.22 42.87 -21.66
C PRO A 320 -27.43 41.37 -21.66
N ILE A 321 -27.29 40.76 -20.49
CA ILE A 321 -27.37 39.32 -20.33
C ILE A 321 -28.12 39.01 -19.05
N GLN A 322 -28.29 37.72 -18.81
CA GLN A 322 -28.96 37.21 -17.63
C GLN A 322 -28.51 35.77 -17.49
N ALA A 323 -28.22 35.33 -16.27
CA ALA A 323 -27.51 34.07 -16.12
C ALA A 323 -28.39 33.09 -15.37
N TRP A 324 -28.08 31.82 -15.59
CA TRP A 324 -28.68 30.72 -14.87
C TRP A 324 -27.62 29.67 -14.64
N GLN A 325 -27.74 28.93 -13.55
CA GLN A 325 -26.88 27.79 -13.31
C GLN A 325 -27.79 26.58 -13.22
N LEU A 326 -27.48 25.56 -14.02
CA LEU A 326 -28.33 24.38 -14.13
C LEU A 326 -27.65 23.14 -13.59
N PHE A 327 -28.45 22.29 -12.97
CA PHE A 327 -28.04 21.00 -12.42
C PHE A 327 -29.01 19.90 -12.76
N VAL A 328 -28.48 18.80 -13.23
CA VAL A 328 -29.28 17.63 -13.54
C VAL A 328 -29.04 16.61 -12.44
N ASN A 329 -30.12 15.99 -11.98
CA ASN A 329 -30.09 15.21 -10.76
C ASN A 329 -29.27 13.94 -10.91
N GLU A 330 -29.72 13.05 -11.78
CA GLU A 330 -29.18 11.72 -11.99
C GLU A 330 -29.50 10.80 -10.82
N GLU A 331 -29.97 11.34 -9.72
CA GLU A 331 -30.71 10.54 -8.73
C GLU A 331 -32.20 10.85 -8.85
N SER A 332 -32.72 10.55 -10.04
CA SER A 332 -34.02 11.05 -10.45
C SER A 332 -35.13 10.06 -10.14
N THR A 333 -36.34 10.60 -10.07
CA THR A 333 -37.54 9.79 -9.90
C THR A 333 -38.43 9.79 -11.14
N ILE A 334 -38.00 10.45 -12.20
CA ILE A 334 -38.81 10.49 -13.41
C ILE A 334 -38.73 9.12 -14.07
N PRO A 335 -39.85 8.45 -14.28
CA PRO A 335 -39.80 7.10 -14.84
C PRO A 335 -39.24 7.13 -16.25
N ARG A 336 -38.42 6.14 -16.58
CA ARG A 336 -37.82 6.07 -17.90
C ARG A 336 -38.88 5.57 -18.87
N SER A 337 -39.35 6.43 -19.67
CA SER A 337 -40.34 5.99 -20.64
C SER A 337 -39.69 5.87 -22.01
N PRO A 338 -40.25 5.07 -22.91
CA PRO A 338 -39.71 5.02 -24.27
C PRO A 338 -39.83 6.40 -24.90
N THR A 339 -38.78 6.77 -25.63
CA THR A 339 -38.73 8.07 -26.28
C THR A 339 -39.05 8.00 -27.75
N VAL A 340 -38.64 6.96 -28.42
CA VAL A 340 -38.93 6.80 -29.84
C VAL A 340 -39.99 5.72 -29.98
N VAL A 341 -40.95 5.98 -30.86
CA VAL A 341 -42.07 5.08 -31.12
C VAL A 341 -42.18 4.92 -32.63
N LYS A 342 -42.14 3.68 -33.09
CA LYS A 342 -42.08 3.40 -34.51
C LYS A 342 -43.46 2.99 -35.00
N GLY A 343 -43.83 3.48 -36.18
CA GLY A 343 -45.08 3.11 -36.81
C GLY A 343 -44.92 3.00 -38.30
N VAL A 344 -45.96 2.46 -38.94
CA VAL A 344 -45.99 2.33 -40.38
C VAL A 344 -47.14 3.16 -40.95
N ALA A 345 -47.06 3.44 -42.24
CA ALA A 345 -48.10 4.21 -42.90
C ALA A 345 -49.38 3.38 -42.93
N GLY A 346 -50.48 3.98 -42.48
CA GLY A 346 -51.71 3.25 -42.34
C GLY A 346 -51.83 2.50 -41.04
N GLY A 347 -50.78 2.47 -40.24
CA GLY A 347 -50.77 1.71 -39.01
C GLY A 347 -51.34 2.51 -37.86
N SER A 348 -51.08 2.01 -36.66
CA SER A 348 -51.45 2.72 -35.45
C SER A 348 -50.20 2.97 -34.61
N VAL A 349 -50.34 3.83 -33.63
CA VAL A 349 -49.35 4.02 -32.59
C VAL A 349 -50.07 4.07 -31.25
N ALA A 350 -49.39 3.57 -30.21
CA ALA A 350 -49.86 3.68 -28.84
C ALA A 350 -48.77 4.27 -27.98
N VAL A 351 -49.09 5.27 -27.18
CA VAL A 351 -48.07 6.01 -26.43
C VAL A 351 -48.46 6.03 -24.97
N LEU A 352 -47.55 5.60 -24.10
CA LEU A 352 -47.73 5.69 -22.66
C LEU A 352 -47.13 7.00 -22.17
N CYS A 353 -47.93 7.79 -21.46
CA CYS A 353 -47.46 9.08 -21.00
C CYS A 353 -47.50 9.16 -19.48
N PRO A 354 -46.37 9.34 -18.81
CA PRO A 354 -46.37 9.36 -17.35
C PRO A 354 -46.56 10.77 -16.82
N TYR A 355 -46.95 10.85 -15.56
CA TYR A 355 -47.00 12.12 -14.85
C TYR A 355 -46.92 11.82 -13.36
N ASN A 356 -46.73 12.88 -12.57
CA ASN A 356 -46.66 12.70 -11.13
C ASN A 356 -47.98 12.16 -10.60
N ARG A 357 -47.90 11.14 -9.74
CA ARG A 357 -49.08 10.39 -9.35
C ARG A 357 -50.07 11.22 -8.54
N LYS A 358 -49.62 12.33 -7.96
CA LYS A 358 -50.48 13.01 -7.00
C LYS A 358 -51.52 13.90 -7.67
N GLU A 359 -51.27 14.38 -8.89
CA GLU A 359 -52.20 15.32 -9.54
C GLU A 359 -53.00 14.63 -10.63
N SER A 360 -53.44 13.39 -10.38
CA SER A 360 -54.12 12.61 -11.41
C SER A 360 -55.42 13.22 -11.88
N LYS A 361 -55.98 14.17 -11.13
CA LYS A 361 -57.24 14.80 -11.49
C LYS A 361 -57.05 16.11 -12.24
N SER A 362 -55.97 16.24 -13.00
CA SER A 362 -55.74 17.45 -13.78
C SER A 362 -56.31 17.24 -15.18
N ILE A 363 -56.01 18.15 -16.09
CA ILE A 363 -56.51 18.09 -17.45
C ILE A 363 -55.32 17.89 -18.37
N LYS A 364 -55.12 16.65 -18.81
CA LYS A 364 -54.01 16.35 -19.68
C LYS A 364 -54.16 17.08 -21.00
N TYR A 365 -53.06 17.35 -21.66
CA TYR A 365 -53.09 18.05 -22.93
C TYR A 365 -52.16 17.35 -23.89
N TRP A 366 -52.18 17.79 -25.14
CA TRP A 366 -51.25 17.24 -26.11
C TRP A 366 -51.03 18.25 -27.23
N CYS A 367 -49.76 18.46 -27.59
CA CYS A 367 -49.35 19.56 -28.43
C CYS A 367 -48.39 19.01 -29.46
N LEU A 368 -48.30 19.70 -30.59
CA LEU A 368 -47.38 19.36 -31.67
C LEU A 368 -46.33 20.40 -31.88
N TRP A 369 -45.09 19.96 -31.95
CA TRP A 369 -43.98 20.88 -32.07
C TRP A 369 -43.86 21.32 -33.53
N GLU A 370 -43.55 22.60 -33.71
CA GLU A 370 -43.40 23.20 -35.02
C GLU A 370 -42.06 23.92 -35.11
N GLY A 371 -41.29 23.61 -36.14
CA GLY A 371 -40.03 24.29 -36.41
C GLY A 371 -40.19 25.34 -37.49
N ALA A 372 -39.08 25.65 -38.17
CA ALA A 372 -39.10 26.58 -39.30
C ALA A 372 -39.72 27.92 -38.90
N GLN A 373 -39.51 28.31 -37.65
CA GLN A 373 -40.21 29.43 -37.04
C GLN A 373 -39.33 29.92 -35.90
N ASN A 374 -39.88 30.77 -35.03
CA ASN A 374 -39.28 30.94 -33.71
C ASN A 374 -39.66 29.78 -32.79
N GLY A 375 -40.20 28.71 -33.36
CA GLY A 375 -40.60 27.55 -32.61
C GLY A 375 -41.99 27.72 -32.06
N ARG A 376 -42.89 26.79 -32.35
CA ARG A 376 -44.24 26.87 -31.83
C ARG A 376 -44.74 25.47 -31.53
N CYS A 377 -45.82 25.41 -30.78
CA CYS A 377 -46.31 24.11 -30.34
C CYS A 377 -47.78 24.23 -29.92
N PRO A 378 -48.73 24.14 -30.85
CA PRO A 378 -50.14 24.30 -30.47
C PRO A 378 -50.71 22.99 -29.95
N LEU A 379 -51.84 23.12 -29.27
CA LEU A 379 -52.49 21.95 -28.68
C LEU A 379 -53.10 21.09 -29.79
N LEU A 380 -53.30 19.81 -29.48
CA LEU A 380 -54.02 18.88 -30.33
C LEU A 380 -55.18 18.18 -29.65
N VAL A 381 -55.06 17.84 -28.36
CA VAL A 381 -56.15 17.18 -27.67
C VAL A 381 -55.96 17.41 -26.18
N ASP A 382 -57.07 17.38 -25.45
CA ASP A 382 -57.04 17.46 -23.99
C ASP A 382 -57.83 16.32 -23.39
N SER A 383 -58.07 16.37 -22.08
CA SER A 383 -58.71 15.26 -21.39
C SER A 383 -60.20 15.47 -21.19
N GLU A 384 -60.69 16.70 -21.27
CA GLU A 384 -62.13 16.88 -21.26
C GLU A 384 -62.75 16.33 -22.53
N GLY A 385 -61.99 16.30 -23.62
CA GLY A 385 -62.44 15.74 -24.86
C GLY A 385 -62.30 16.68 -26.05
N TRP A 386 -61.79 17.89 -25.84
CA TRP A 386 -61.56 18.76 -26.98
C TRP A 386 -60.50 18.13 -27.87
N VAL A 387 -60.70 18.25 -29.17
CA VAL A 387 -59.77 17.69 -30.15
C VAL A 387 -59.64 18.68 -31.28
N LYS A 388 -58.47 18.71 -31.92
CA LYS A 388 -58.30 19.62 -33.02
C LYS A 388 -59.25 19.24 -34.14
N ALA A 389 -59.72 20.26 -34.87
CA ALA A 389 -60.81 20.08 -35.81
C ALA A 389 -60.41 19.21 -36.99
N GLN A 390 -59.13 19.15 -37.33
CA GLN A 390 -58.67 18.32 -38.44
C GLN A 390 -58.57 16.84 -38.11
N TYR A 391 -58.66 16.42 -36.86
CA TYR A 391 -58.45 15.00 -36.66
C TYR A 391 -59.65 14.23 -36.14
N GLU A 392 -60.84 14.50 -36.66
CA GLU A 392 -62.03 13.83 -36.14
C GLU A 392 -62.02 12.37 -36.53
N GLY A 393 -62.03 11.49 -35.54
CA GLY A 393 -62.16 10.06 -35.78
C GLY A 393 -60.94 9.22 -35.48
N ARG A 394 -59.75 9.68 -35.88
CA ARG A 394 -58.57 8.85 -35.76
C ARG A 394 -57.73 9.12 -34.52
N LEU A 395 -58.24 9.84 -33.52
CA LEU A 395 -57.35 10.10 -32.40
C LEU A 395 -58.12 10.16 -31.10
N SER A 396 -57.62 9.45 -30.09
CA SER A 396 -58.20 9.51 -28.76
C SER A 396 -57.12 9.20 -27.73
N LEU A 397 -57.33 9.73 -26.53
CA LEU A 397 -56.45 9.53 -25.38
C LEU A 397 -57.32 8.89 -24.31
N LEU A 398 -56.70 8.34 -23.26
CA LEU A 398 -57.54 7.64 -22.32
C LEU A 398 -56.77 7.28 -21.06
N GLU A 399 -57.49 7.28 -19.95
CA GLU A 399 -56.92 7.01 -18.63
C GLU A 399 -57.15 5.57 -18.20
N GLU A 400 -56.60 4.63 -18.95
CA GLU A 400 -56.77 3.24 -18.53
C GLU A 400 -55.83 2.88 -17.38
N PRO A 401 -54.51 3.14 -17.48
CA PRO A 401 -53.63 2.73 -16.39
C PRO A 401 -53.87 3.51 -15.11
N GLY A 402 -53.90 4.83 -15.20
CA GLY A 402 -54.48 5.62 -14.12
C GLY A 402 -53.65 5.72 -12.85
N ASN A 403 -52.40 5.28 -12.86
CA ASN A 403 -51.57 5.40 -11.68
C ASN A 403 -50.44 6.37 -11.95
N GLY A 404 -50.77 7.51 -12.53
CA GLY A 404 -49.77 8.43 -13.02
C GLY A 404 -49.37 8.17 -14.44
N THR A 405 -49.90 7.10 -15.03
CA THR A 405 -49.66 6.72 -16.41
C THR A 405 -51.02 6.56 -17.08
N PHE A 406 -51.15 7.12 -18.27
CA PHE A 406 -52.28 6.91 -19.15
C PHE A 406 -51.79 6.57 -20.53
N THR A 407 -52.69 6.04 -21.35
CA THR A 407 -52.34 5.57 -22.68
C THR A 407 -53.01 6.48 -23.70
N VAL A 408 -52.35 6.64 -24.84
CA VAL A 408 -52.91 7.34 -25.99
C VAL A 408 -52.84 6.41 -27.19
N ILE A 409 -53.94 6.33 -27.93
CA ILE A 409 -54.03 5.49 -29.12
C ILE A 409 -54.24 6.40 -30.33
N LEU A 410 -53.37 6.23 -31.33
CA LEU A 410 -53.46 6.97 -32.58
C LEU A 410 -53.25 5.98 -33.72
N ASN A 411 -54.26 5.78 -34.54
CA ASN A 411 -54.18 4.88 -35.68
C ASN A 411 -54.30 5.63 -37.00
N GLN A 412 -54.34 4.87 -38.09
CA GLN A 412 -54.32 5.41 -39.45
C GLN A 412 -53.09 6.27 -39.67
N LEU A 413 -51.94 5.72 -39.35
CA LEU A 413 -50.71 6.52 -39.39
C LEU A 413 -50.30 6.79 -40.83
N THR A 414 -49.54 7.87 -41.00
CA THR A 414 -49.05 8.23 -42.32
C THR A 414 -47.64 8.78 -42.16
N SER A 415 -46.88 8.76 -43.26
CA SER A 415 -45.52 9.25 -43.20
C SER A 415 -45.44 10.77 -43.14
N ARG A 416 -46.53 11.47 -43.42
CA ARG A 416 -46.48 12.92 -43.32
C ARG A 416 -46.56 13.40 -41.90
N ASP A 417 -47.04 12.57 -40.99
CA ASP A 417 -47.31 12.96 -39.62
C ASP A 417 -46.06 12.97 -38.74
N ALA A 418 -44.92 12.51 -39.26
CA ALA A 418 -43.75 12.29 -38.42
C ALA A 418 -43.31 13.57 -37.74
N GLY A 419 -42.73 13.43 -36.55
CA GLY A 419 -42.34 14.58 -35.78
C GLY A 419 -42.25 14.26 -34.30
N PHE A 420 -42.32 15.32 -33.50
CA PHE A 420 -42.14 15.27 -32.05
C PHE A 420 -43.39 15.73 -31.33
N TYR A 421 -43.73 15.03 -30.27
CA TYR A 421 -44.97 15.24 -29.54
C TYR A 421 -44.65 15.39 -28.07
N TRP A 422 -45.41 16.27 -27.43
CA TRP A 422 -45.22 16.70 -26.06
C TRP A 422 -46.46 16.32 -25.26
N CYS A 423 -46.27 16.04 -23.98
CA CYS A 423 -47.39 15.79 -23.09
C CYS A 423 -47.41 16.79 -21.96
N LEU A 424 -48.60 17.29 -21.65
CA LEU A 424 -48.76 18.38 -20.71
C LEU A 424 -49.79 18.02 -19.66
N THR A 425 -49.85 18.85 -18.62
CA THR A 425 -50.73 18.63 -17.48
C THR A 425 -51.10 20.00 -16.94
N ASN A 426 -52.17 20.05 -16.15
CA ASN A 426 -52.52 21.28 -15.47
C ASN A 426 -51.93 21.39 -14.07
N GLY A 427 -51.12 20.41 -13.65
CA GLY A 427 -50.54 20.47 -12.33
C GLY A 427 -49.43 21.51 -12.24
N ASP A 428 -49.10 21.90 -11.00
CA ASP A 428 -48.07 22.90 -10.79
C ASP A 428 -46.70 22.37 -11.18
N THR A 429 -46.34 21.20 -10.66
CA THR A 429 -45.21 20.49 -11.24
C THR A 429 -45.57 20.11 -12.67
N LEU A 430 -44.58 20.18 -13.56
CA LEU A 430 -44.90 20.14 -14.98
C LEU A 430 -43.83 19.35 -15.71
N TRP A 431 -44.08 18.06 -15.90
CA TRP A 431 -43.26 17.26 -16.79
C TRP A 431 -43.76 17.50 -18.20
N ARG A 432 -42.83 17.62 -19.14
CA ARG A 432 -43.22 17.59 -20.54
C ARG A 432 -42.44 16.48 -21.22
N THR A 433 -42.93 15.26 -21.08
CA THR A 433 -42.29 14.14 -21.76
C THR A 433 -42.53 14.26 -23.26
N THR A 434 -41.49 13.97 -24.03
CA THR A 434 -41.53 14.13 -25.47
C THR A 434 -41.26 12.79 -26.12
N VAL A 435 -42.05 12.46 -27.13
CA VAL A 435 -41.89 11.21 -27.87
C VAL A 435 -41.86 11.54 -29.35
N GLU A 436 -41.00 10.84 -30.08
CA GLU A 436 -40.85 10.97 -31.52
C GLU A 436 -41.54 9.80 -32.22
N ILE A 437 -42.18 10.11 -33.33
CA ILE A 437 -42.87 9.10 -34.15
C ILE A 437 -42.06 8.97 -35.43
N LYS A 438 -41.60 7.76 -35.71
CA LYS A 438 -40.98 7.47 -36.98
C LYS A 438 -41.92 6.61 -37.81
N ILE A 439 -41.85 6.78 -39.12
CA ILE A 439 -42.66 6.02 -40.07
C ILE A 439 -41.74 5.13 -40.89
N ILE A 440 -42.12 3.86 -40.99
CA ILE A 440 -41.32 2.88 -41.71
C ILE A 440 -42.20 2.21 -42.75
N GLU A 441 -41.66 1.22 -43.44
CA GLU A 441 -42.34 0.61 -44.57
C GLU A 441 -43.09 -0.65 -44.13
N GLY A 442 -44.22 -0.87 -44.78
CA GLY A 442 -45.05 -2.02 -44.51
C GLY A 442 -46.51 -1.64 -44.51
N GLU A 443 -47.34 -2.62 -44.15
CA GLU A 443 -48.77 -2.43 -43.97
C GLU A 443 -49.15 -2.77 -42.54
N PRO A 444 -50.10 -2.06 -41.94
CA PRO A 444 -50.45 -2.35 -40.56
C PRO A 444 -50.94 -3.77 -40.38
N ASN A 445 -50.83 -4.24 -39.14
CA ASN A 445 -51.17 -5.62 -38.87
C ASN A 445 -52.66 -5.86 -39.00
N LEU A 446 -53.46 -4.89 -38.58
CA LEU A 446 -54.90 -5.01 -38.68
C LEU A 446 -55.35 -4.88 -40.13
N LYS A 447 -56.41 -5.61 -40.47
CA LYS A 447 -57.01 -5.56 -41.79
C LYS A 447 -58.49 -5.27 -41.63
N VAL A 448 -58.93 -4.16 -42.21
CA VAL A 448 -60.34 -3.78 -42.24
C VAL A 448 -60.66 -3.20 -43.61
N PRO A 449 -61.87 -3.42 -44.12
CA PRO A 449 -62.23 -2.84 -45.41
C PRO A 449 -62.23 -1.31 -45.35
N GLY A 450 -62.22 -0.71 -46.53
CA GLY A 450 -62.06 0.72 -46.66
C GLY A 450 -63.31 1.50 -46.30
N ASN A 451 -63.33 2.76 -46.72
CA ASN A 451 -64.46 3.62 -46.44
C ASN A 451 -65.66 3.19 -47.28
N VAL A 452 -66.79 2.96 -46.62
CA VAL A 452 -67.95 2.31 -47.21
C VAL A 452 -69.19 3.14 -46.96
N THR A 453 -70.09 3.18 -47.94
CA THR A 453 -71.41 3.77 -47.78
C THR A 453 -72.43 2.68 -47.46
N ALA A 454 -73.58 3.10 -46.95
CA ALA A 454 -74.57 2.13 -46.48
C ALA A 454 -75.97 2.73 -46.55
N VAL A 455 -76.97 1.84 -46.60
CA VAL A 455 -78.38 2.21 -46.68
C VAL A 455 -78.94 2.32 -45.27
N LEU A 456 -79.97 3.16 -45.11
CA LEU A 456 -80.57 3.40 -43.81
C LEU A 456 -81.49 2.26 -43.38
N GLY A 457 -81.31 1.80 -42.14
CA GLY A 457 -82.32 1.00 -41.48
C GLY A 457 -82.21 -0.51 -41.59
N GLU A 458 -81.00 -1.05 -41.70
CA GLU A 458 -80.87 -2.49 -41.88
C GLU A 458 -79.85 -3.10 -40.92
N THR A 459 -79.48 -4.36 -41.19
CA THR A 459 -78.41 -5.04 -40.49
C THR A 459 -77.19 -5.12 -41.40
N LEU A 460 -76.04 -4.66 -40.89
CA LEU A 460 -74.80 -4.67 -41.67
C LEU A 460 -73.64 -5.09 -40.77
N LYS A 461 -72.74 -5.89 -41.34
CA LYS A 461 -71.57 -6.40 -40.64
C LYS A 461 -70.30 -6.04 -41.39
N VAL A 462 -69.28 -5.63 -40.63
CA VAL A 462 -67.99 -5.21 -41.16
C VAL A 462 -66.91 -5.97 -40.40
N PRO A 463 -65.92 -6.56 -41.07
CA PRO A 463 -64.97 -7.44 -40.41
C PRO A 463 -63.68 -6.77 -39.95
N CYS A 464 -62.94 -7.51 -39.11
CA CYS A 464 -61.61 -7.08 -38.67
C CYS A 464 -60.85 -8.35 -38.29
N HIS A 465 -59.95 -8.79 -39.17
CA HIS A 465 -59.04 -9.90 -38.87
C HIS A 465 -57.77 -9.35 -38.25
N PHE A 466 -57.11 -10.18 -37.46
CA PHE A 466 -55.88 -9.81 -36.78
C PHE A 466 -54.84 -10.91 -36.91
N PRO A 467 -53.56 -10.54 -36.90
CA PRO A 467 -52.51 -11.55 -37.07
C PRO A 467 -52.29 -12.36 -35.80
N CYS A 468 -51.39 -13.35 -35.93
CA CYS A 468 -51.20 -14.32 -34.86
C CYS A 468 -50.54 -13.71 -33.64
N LYS A 469 -49.90 -12.55 -33.81
CA LYS A 469 -49.22 -11.95 -32.68
C LYS A 469 -50.20 -11.20 -31.79
N PHE A 470 -51.37 -10.87 -32.33
CA PHE A 470 -52.44 -10.30 -31.54
C PHE A 470 -53.41 -11.36 -31.05
N SER A 471 -53.02 -12.63 -31.14
CA SER A 471 -53.92 -13.74 -30.83
C SER A 471 -54.06 -14.00 -29.34
N SER A 472 -53.20 -13.44 -28.50
CA SER A 472 -53.22 -13.73 -27.07
C SER A 472 -54.02 -12.71 -26.28
N TYR A 473 -54.74 -11.83 -26.94
CA TYR A 473 -55.43 -10.75 -26.28
C TYR A 473 -56.93 -10.99 -26.26
N GLU A 474 -57.65 -10.00 -25.77
CA GLU A 474 -59.08 -9.83 -25.96
C GLU A 474 -59.25 -8.87 -27.11
N LYS A 475 -60.35 -9.02 -27.84
CA LYS A 475 -60.58 -8.22 -29.03
C LYS A 475 -61.87 -7.44 -28.84
N TYR A 476 -61.94 -6.29 -29.52
CA TYR A 476 -63.08 -5.41 -29.35
C TYR A 476 -63.27 -4.50 -30.54
N TRP A 477 -64.50 -4.01 -30.66
CA TRP A 477 -64.89 -2.86 -31.45
C TRP A 477 -65.39 -1.75 -30.54
N CYS A 478 -65.19 -0.51 -30.98
CA CYS A 478 -65.63 0.66 -30.24
C CYS A 478 -66.10 1.71 -31.23
N LYS A 479 -66.79 2.72 -30.70
CA LYS A 479 -67.32 3.82 -31.48
C LYS A 479 -66.61 5.09 -31.05
N TRP A 480 -65.94 5.75 -32.00
CA TRP A 480 -65.07 6.87 -31.68
C TRP A 480 -65.90 8.12 -31.42
N ASN A 481 -65.56 8.83 -30.36
CA ASN A 481 -66.14 10.13 -30.04
C ASN A 481 -65.27 10.76 -28.97
N ASN A 482 -65.71 11.92 -28.48
CA ASN A 482 -64.97 12.59 -27.42
C ASN A 482 -64.88 11.73 -26.19
N THR A 483 -65.87 10.85 -25.96
CA THR A 483 -65.80 9.90 -24.87
C THR A 483 -64.85 8.75 -25.17
N GLY A 484 -64.53 8.50 -26.43
CA GLY A 484 -63.59 7.46 -26.79
C GLY A 484 -64.26 6.12 -27.00
N CYS A 485 -63.64 5.07 -26.47
CA CYS A 485 -64.09 3.69 -26.64
C CYS A 485 -65.02 3.21 -25.54
N GLN A 486 -65.98 2.40 -25.98
CA GLN A 486 -66.66 1.43 -25.14
C GLN A 486 -66.94 0.22 -26.01
N ALA A 487 -66.61 -0.97 -25.50
CA ALA A 487 -66.77 -2.17 -26.29
C ALA A 487 -68.24 -2.61 -26.29
N LEU A 488 -68.56 -3.52 -27.20
CA LEU A 488 -69.92 -4.05 -27.32
C LEU A 488 -69.90 -5.56 -27.13
N PRO A 489 -70.24 -6.06 -25.93
CA PRO A 489 -70.17 -7.51 -25.68
C PRO A 489 -71.28 -8.28 -26.37
N SER A 490 -71.36 -9.58 -26.10
CA SER A 490 -72.41 -10.40 -26.66
C SER A 490 -73.69 -10.26 -25.85
N CYS A 502 -69.32 -12.59 -33.49
CA CYS A 502 -68.35 -11.50 -33.46
C CYS A 502 -66.94 -12.03 -33.22
N ASP A 503 -66.70 -13.30 -33.51
CA ASP A 503 -65.40 -13.88 -33.24
C ASP A 503 -65.23 -15.16 -34.06
N GLU A 504 -64.01 -15.69 -34.03
CA GLU A 504 -63.56 -16.81 -34.85
C GLU A 504 -62.45 -17.50 -34.07
N ASN A 505 -61.60 -18.24 -34.79
CA ASN A 505 -60.28 -18.56 -34.28
C ASN A 505 -59.42 -17.30 -34.42
N SER A 506 -58.10 -17.42 -34.37
CA SER A 506 -57.26 -16.24 -34.24
C SER A 506 -57.31 -15.35 -35.48
N ARG A 507 -58.48 -14.77 -35.74
CA ARG A 507 -58.76 -13.83 -36.82
C ARG A 507 -60.22 -13.43 -36.70
N LEU A 508 -60.59 -12.35 -37.39
CA LEU A 508 -61.99 -12.06 -37.70
C LEU A 508 -62.84 -11.86 -36.44
N VAL A 509 -62.57 -10.76 -35.75
CA VAL A 509 -63.55 -10.17 -34.86
C VAL A 509 -64.39 -9.20 -35.68
N SER A 510 -65.69 -9.46 -35.77
CA SER A 510 -66.55 -8.79 -36.73
C SER A 510 -67.65 -8.01 -36.01
N LEU A 511 -67.83 -6.76 -36.41
CA LEU A 511 -68.88 -5.92 -35.87
C LEU A 511 -70.20 -6.28 -36.51
N THR A 512 -71.27 -6.21 -35.73
CA THR A 512 -72.59 -6.44 -36.28
C THR A 512 -73.53 -5.40 -35.70
N LEU A 513 -74.38 -4.88 -36.58
CA LEU A 513 -75.34 -3.83 -36.22
C LEU A 513 -76.74 -4.36 -36.55
N ASN A 514 -77.52 -4.69 -35.52
CA ASN A 514 -78.80 -5.33 -35.73
C ASN A 514 -79.70 -4.40 -36.54
N LEU A 515 -80.02 -3.25 -35.97
CA LEU A 515 -80.72 -2.20 -36.69
C LEU A 515 -79.87 -0.95 -36.65
N VAL A 516 -80.05 -0.08 -37.63
CA VAL A 516 -79.20 1.08 -37.77
C VAL A 516 -80.06 2.31 -38.04
N THR A 517 -79.69 3.42 -37.39
CA THR A 517 -80.19 4.74 -37.71
C THR A 517 -79.01 5.59 -38.16
N ARG A 518 -79.28 6.82 -38.63
CA ARG A 518 -78.15 7.67 -38.93
C ARG A 518 -77.49 8.23 -37.66
N ALA A 519 -78.05 7.94 -36.50
CA ALA A 519 -77.42 8.33 -35.25
C ALA A 519 -76.17 7.49 -34.99
N ASP A 520 -76.02 6.39 -35.70
CA ASP A 520 -74.86 5.51 -35.59
C ASP A 520 -73.78 5.90 -36.59
N GLU A 521 -73.94 7.04 -37.25
CA GLU A 521 -72.95 7.57 -38.18
C GLU A 521 -71.63 7.83 -37.45
N GLY A 522 -70.52 7.63 -38.16
CA GLY A 522 -69.23 8.01 -37.64
C GLY A 522 -68.17 6.97 -37.94
N TRP A 523 -67.11 7.03 -37.13
CA TRP A 523 -65.98 6.11 -37.17
C TRP A 523 -66.09 5.06 -36.08
N TYR A 524 -65.67 3.85 -36.42
CA TYR A 524 -65.62 2.74 -35.48
C TYR A 524 -64.21 2.19 -35.48
N TRP A 525 -63.79 1.64 -34.33
CA TRP A 525 -62.43 1.14 -34.18
C TRP A 525 -62.46 -0.33 -33.80
N CYS A 526 -61.48 -1.10 -34.29
CA CYS A 526 -61.28 -2.48 -33.91
C CYS A 526 -59.91 -2.55 -33.27
N GLY A 527 -59.82 -3.13 -32.06
CA GLY A 527 -58.56 -3.15 -31.34
C GLY A 527 -58.46 -4.27 -30.33
N VAL A 528 -57.26 -4.43 -29.79
CA VAL A 528 -56.95 -5.46 -28.81
C VAL A 528 -56.48 -4.81 -27.51
N LYS A 529 -56.58 -5.59 -26.43
CA LYS A 529 -56.17 -5.20 -25.08
C LYS A 529 -54.97 -6.01 -24.60
N GLN A 530 -54.07 -5.34 -23.88
CA GLN A 530 -52.98 -6.02 -23.17
C GLN A 530 -53.29 -6.15 -21.68
N GLY A 531 -54.36 -6.88 -21.37
CA GLY A 531 -54.68 -7.13 -19.98
C GLY A 531 -55.20 -5.86 -19.33
N HIS A 532 -54.30 -4.89 -19.15
CA HIS A 532 -54.67 -3.56 -18.69
C HIS A 532 -53.97 -2.48 -19.49
N PHE A 533 -53.39 -2.83 -20.64
CA PHE A 533 -52.76 -1.90 -21.58
C PHE A 533 -53.43 -2.05 -22.93
N TYR A 534 -53.21 -1.08 -23.80
CA TYR A 534 -53.86 -1.09 -25.11
C TYR A 534 -52.85 -1.41 -26.20
N GLY A 535 -53.37 -1.74 -27.37
CA GLY A 535 -52.53 -2.13 -28.49
C GLY A 535 -52.95 -1.49 -29.80
N GLU A 536 -52.85 -2.25 -30.88
CA GLU A 536 -53.17 -1.70 -32.20
C GLU A 536 -54.68 -1.65 -32.43
N THR A 537 -55.11 -0.59 -33.10
CA THR A 537 -56.49 -0.40 -33.50
C THR A 537 -56.52 0.01 -34.97
N ALA A 538 -57.72 0.01 -35.54
CA ALA A 538 -57.91 0.50 -36.90
C ALA A 538 -59.32 1.05 -37.03
N ALA A 539 -59.50 1.92 -38.02
CA ALA A 539 -60.71 2.72 -38.13
C ALA A 539 -61.31 2.66 -39.53
N VAL A 540 -62.62 2.87 -39.58
CA VAL A 540 -63.35 2.88 -40.85
C VAL A 540 -64.58 3.76 -40.68
N TYR A 541 -64.83 4.63 -41.66
CA TYR A 541 -65.98 5.51 -41.61
C TYR A 541 -67.13 4.91 -42.40
N VAL A 542 -68.33 5.11 -41.89
CA VAL A 542 -69.53 4.53 -42.48
C VAL A 542 -70.53 5.65 -42.77
N ALA A 543 -71.03 5.68 -43.99
CA ALA A 543 -72.06 6.64 -44.40
C ALA A 543 -73.44 5.98 -44.39
N VAL A 544 -74.46 6.80 -44.59
CA VAL A 544 -75.84 6.31 -44.67
C VAL A 544 -76.48 6.88 -45.94
N GLU A 545 -77.03 6.00 -46.77
CA GLU A 545 -77.75 6.36 -47.98
C GLU A 545 -79.18 5.88 -47.88
N GLU A 546 -79.94 6.11 -48.95
CA GLU A 546 -81.31 5.60 -49.05
C GLU A 546 -81.77 5.52 -50.50
N ILE B 138 -50.59 15.30 53.74
CA ILE B 138 -51.48 15.50 52.60
C ILE B 138 -50.72 16.20 51.47
N ARG B 139 -50.09 15.39 50.61
CA ARG B 139 -49.41 15.90 49.44
C ARG B 139 -49.85 15.09 48.24
N VAL B 140 -50.23 15.78 47.16
CA VAL B 140 -50.83 15.14 45.99
C VAL B 140 -49.86 15.18 44.82
N PHE B 141 -49.63 14.02 44.22
CA PHE B 141 -48.93 13.90 42.96
C PHE B 141 -49.98 13.73 41.85
N ALA B 142 -49.96 14.62 40.87
CA ALA B 142 -50.78 14.46 39.67
C ALA B 142 -49.96 13.74 38.61
N ILE B 143 -50.41 12.57 38.19
CA ILE B 143 -49.59 11.69 37.36
C ILE B 143 -50.14 11.63 35.95
N PRO B 144 -49.58 12.36 35.00
CA PRO B 144 -49.99 12.21 33.61
C PRO B 144 -49.33 10.99 33.00
N PRO B 145 -50.07 10.20 32.23
CA PRO B 145 -49.46 9.03 31.58
C PRO B 145 -48.39 9.43 30.61
N SER B 146 -47.39 8.57 30.48
CA SER B 146 -46.34 8.80 29.49
C SER B 146 -46.92 8.66 28.10
N PHE B 147 -46.33 9.42 27.17
CA PHE B 147 -46.59 9.12 25.77
C PHE B 147 -46.30 7.65 25.47
N ALA B 148 -45.30 7.10 26.13
CA ALA B 148 -45.02 5.68 25.94
C ALA B 148 -46.16 4.82 26.46
N SER B 149 -46.71 5.18 27.62
CA SER B 149 -47.81 4.39 28.18
C SER B 149 -49.00 4.39 27.24
N ILE B 150 -49.35 5.56 26.71
CA ILE B 150 -50.37 5.64 25.68
C ILE B 150 -50.04 4.69 24.55
N PHE B 151 -48.91 4.97 23.87
CA PHE B 151 -48.64 4.33 22.60
C PHE B 151 -48.47 2.83 22.74
N LEU B 152 -48.12 2.34 23.91
CA LEU B 152 -48.15 0.91 24.12
C LEU B 152 -49.46 0.42 24.71
N THR B 153 -50.39 1.31 25.00
CA THR B 153 -51.70 0.87 25.44
C THR B 153 -52.87 1.50 24.70
N LYS B 154 -52.68 2.68 24.10
CA LYS B 154 -53.77 3.41 23.47
C LYS B 154 -54.92 3.58 24.46
N SER B 155 -54.55 3.78 25.73
CA SER B 155 -55.45 3.66 26.86
C SER B 155 -55.21 4.82 27.84
N THR B 156 -55.28 6.05 27.35
CA THR B 156 -54.65 7.16 28.06
C THR B 156 -55.32 7.47 29.40
N LYS B 157 -55.24 6.50 30.31
CA LYS B 157 -55.59 6.72 31.70
C LYS B 157 -54.75 7.85 32.25
N LEU B 158 -55.37 8.80 32.94
CA LEU B 158 -54.63 9.81 33.68
C LEU B 158 -55.02 9.74 35.15
N THR B 159 -54.02 9.79 36.03
CA THR B 159 -54.24 9.59 37.46
C THR B 159 -53.62 10.72 38.26
N CYS B 160 -54.11 10.87 39.49
CA CYS B 160 -53.44 11.73 40.47
C CYS B 160 -53.44 11.04 41.83
N LEU B 161 -52.28 11.00 42.45
CA LEU B 161 -52.07 10.38 43.75
C LEU B 161 -51.79 11.44 44.80
N VAL B 162 -52.35 11.24 45.99
CA VAL B 162 -52.01 12.04 47.16
C VAL B 162 -51.23 11.15 48.12
N THR B 163 -50.14 11.66 48.66
CA THR B 163 -49.21 10.84 49.44
C THR B 163 -49.06 11.37 50.86
N ASP B 164 -49.05 10.45 51.81
CA ASP B 164 -48.88 10.74 53.24
C ASP B 164 -49.93 11.71 53.76
N LEU B 165 -51.16 11.57 53.29
CA LEU B 165 -52.29 12.24 53.89
C LEU B 165 -52.79 11.36 55.05
N THR B 166 -54.00 11.61 55.54
CA THR B 166 -54.64 10.72 56.49
C THR B 166 -55.70 9.89 55.75
N THR B 167 -55.59 8.57 55.84
CA THR B 167 -56.65 7.69 55.34
C THR B 167 -57.75 7.57 56.38
N TYR B 168 -58.65 8.54 56.36
CA TYR B 168 -59.98 8.31 56.89
C TYR B 168 -60.71 7.44 55.87
N ASP B 169 -62.00 7.23 56.08
CA ASP B 169 -62.84 6.87 54.95
C ASP B 169 -63.56 8.12 54.49
N SER B 170 -64.44 7.95 53.50
CA SER B 170 -65.08 9.08 52.83
C SER B 170 -64.03 10.04 52.29
N VAL B 171 -62.98 9.49 51.70
CA VAL B 171 -62.00 10.28 50.96
C VAL B 171 -62.56 10.48 49.56
N THR B 172 -62.63 11.75 49.14
CA THR B 172 -63.31 12.09 47.88
C THR B 172 -62.43 12.99 47.04
N ILE B 173 -62.20 12.57 45.78
CA ILE B 173 -61.49 13.37 44.79
C ILE B 173 -62.25 13.24 43.47
N SER B 174 -62.42 14.36 42.78
CA SER B 174 -63.23 14.39 41.55
C SER B 174 -62.40 14.88 40.38
N TRP B 175 -62.42 14.12 39.29
CA TRP B 175 -61.85 14.53 38.02
C TRP B 175 -62.82 15.39 37.23
N THR B 176 -62.36 16.57 36.83
CA THR B 176 -63.13 17.47 36.01
C THR B 176 -62.25 18.01 34.90
N ARG B 177 -62.87 18.42 33.81
CA ARG B 177 -62.15 19.04 32.71
C ARG B 177 -61.84 20.48 33.07
N GLN B 178 -61.38 21.25 32.08
CA GLN B 178 -61.23 22.68 32.26
C GLN B 178 -62.58 23.35 32.39
N ASN B 179 -63.60 22.79 31.74
CA ASN B 179 -64.94 23.37 31.72
C ASN B 179 -65.59 23.32 33.10
N GLY B 180 -65.01 22.58 34.03
CA GLY B 180 -65.63 22.26 35.29
C GLY B 180 -66.42 20.96 35.24
N GLU B 181 -66.92 20.60 34.07
CA GLU B 181 -67.67 19.36 33.90
C GLU B 181 -66.82 18.17 34.34
N ALA B 182 -67.43 17.30 35.13
CA ALA B 182 -66.71 16.12 35.58
C ALA B 182 -66.62 15.10 34.45
N VAL B 183 -65.85 14.06 34.68
CA VAL B 183 -65.60 13.01 33.72
C VAL B 183 -65.85 11.67 34.39
N LYS B 184 -65.47 10.59 33.69
CA LYS B 184 -65.65 9.24 34.19
C LYS B 184 -65.02 9.08 35.57
N THR B 185 -65.52 8.13 36.34
CA THR B 185 -65.17 7.97 37.75
C THR B 185 -63.81 7.32 37.93
N HIS B 186 -63.54 6.87 39.14
CA HIS B 186 -62.26 6.25 39.47
C HIS B 186 -62.47 5.16 40.50
N THR B 187 -62.11 3.94 40.14
CA THR B 187 -62.27 2.75 40.97
C THR B 187 -60.91 2.24 41.42
N ASN B 188 -60.93 1.18 42.23
CA ASN B 188 -59.71 0.55 42.74
C ASN B 188 -58.81 1.56 43.45
N ILE B 189 -59.42 2.39 44.29
CA ILE B 189 -58.71 3.49 44.93
C ILE B 189 -57.91 2.97 46.13
N SER B 190 -56.90 3.74 46.52
CA SER B 190 -55.91 3.29 47.48
C SER B 190 -56.52 3.08 48.86
N GLU B 191 -55.69 2.56 49.76
CA GLU B 191 -56.08 2.32 51.14
C GLU B 191 -54.98 2.82 52.08
N SER B 192 -55.07 2.49 53.37
CA SER B 192 -54.08 2.94 54.33
C SER B 192 -52.74 2.23 54.10
N HIS B 193 -51.68 3.01 54.00
CA HIS B 193 -50.35 2.47 53.83
C HIS B 193 -49.82 1.87 55.14
N PRO B 194 -48.88 0.93 55.03
CA PRO B 194 -48.30 0.35 56.26
C PRO B 194 -47.51 1.35 57.09
N ASN B 195 -46.84 2.31 56.45
CA ASN B 195 -45.94 3.21 57.15
C ASN B 195 -46.49 4.63 57.24
N ALA B 196 -47.82 4.76 57.34
CA ALA B 196 -48.52 6.02 57.56
C ALA B 196 -48.37 6.99 56.40
N THR B 197 -47.61 6.64 55.38
CA THR B 197 -47.51 7.46 54.17
C THR B 197 -48.74 7.22 53.29
N PHE B 198 -49.88 7.63 53.84
CA PHE B 198 -51.17 7.27 53.30
C PHE B 198 -51.38 7.83 51.89
N SER B 199 -52.26 7.18 51.13
CA SER B 199 -52.36 7.44 49.70
C SER B 199 -53.78 7.26 49.20
N ALA B 200 -54.01 7.83 48.01
CA ALA B 200 -55.29 7.71 47.30
C ALA B 200 -55.05 7.98 45.83
N VAL B 201 -55.33 7.00 44.97
CA VAL B 201 -55.13 7.12 43.54
C VAL B 201 -56.40 7.64 42.88
N GLY B 202 -56.29 8.73 42.14
CA GLY B 202 -57.41 9.19 41.35
C GLY B 202 -57.32 8.77 39.91
N GLU B 203 -58.06 7.74 39.50
CA GLU B 203 -58.00 7.28 38.12
C GLU B 203 -58.90 8.13 37.23
N ALA B 204 -58.56 8.20 35.95
CA ALA B 204 -59.41 8.88 34.98
C ALA B 204 -59.13 8.35 33.59
N SER B 205 -59.83 8.91 32.60
CA SER B 205 -59.61 8.60 31.20
C SER B 205 -60.03 9.78 30.35
N ILE B 206 -59.51 9.81 29.12
CA ILE B 206 -59.87 10.85 28.16
C ILE B 206 -59.70 10.27 26.76
N CYS B 207 -60.07 11.04 25.74
CA CYS B 207 -59.69 10.74 24.38
C CYS B 207 -58.32 11.33 24.08
N GLU B 208 -57.50 10.58 23.35
CA GLU B 208 -56.12 10.98 23.15
C GLU B 208 -56.01 12.32 22.45
N ASP B 209 -56.85 12.54 21.44
CA ASP B 209 -56.85 13.82 20.73
C ASP B 209 -57.13 14.98 21.68
N ASP B 210 -57.96 14.75 22.70
CA ASP B 210 -58.23 15.80 23.68
C ASP B 210 -56.92 16.26 24.33
N TRP B 211 -56.12 15.31 24.80
CA TRP B 211 -54.83 15.69 25.37
C TRP B 211 -53.95 16.32 24.32
N ASN B 212 -53.96 15.79 23.10
CA ASN B 212 -53.27 16.45 22.00
C ASN B 212 -53.77 17.87 21.82
N SER B 213 -55.07 18.10 22.02
CA SER B 213 -55.60 19.45 21.94
C SER B 213 -55.07 20.34 23.06
N GLY B 214 -54.68 19.77 24.19
CA GLY B 214 -54.05 20.53 25.25
C GLY B 214 -54.98 21.45 26.02
N GLU B 215 -55.91 20.89 26.78
CA GLU B 215 -56.78 21.64 27.67
C GLU B 215 -56.57 21.16 29.10
N ARG B 216 -56.72 22.08 30.04
CA ARG B 216 -56.38 21.81 31.44
C ARG B 216 -57.30 20.74 32.01
N PHE B 217 -56.73 19.85 32.82
CA PHE B 217 -57.49 18.80 33.50
C PHE B 217 -57.31 18.93 35.00
N THR B 218 -58.38 18.64 35.73
CA THR B 218 -58.47 19.00 37.15
C THR B 218 -59.05 17.84 37.96
N CYS B 219 -58.24 17.26 38.83
CA CYS B 219 -58.73 16.46 39.93
C CYS B 219 -58.55 17.30 41.20
N THR B 220 -59.61 17.40 41.99
CA THR B 220 -59.62 18.25 43.19
C THR B 220 -59.94 17.39 44.40
N VAL B 221 -59.17 17.58 45.47
CA VAL B 221 -59.32 16.78 46.68
C VAL B 221 -60.35 17.44 47.59
N THR B 222 -61.37 16.69 47.98
CA THR B 222 -62.39 17.15 48.92
C THR B 222 -62.48 16.10 50.02
N HIS B 223 -61.62 16.24 51.03
CA HIS B 223 -61.67 15.40 52.21
C HIS B 223 -61.70 16.30 53.44
N THR B 224 -62.25 15.76 54.52
CA THR B 224 -62.51 16.58 55.70
C THR B 224 -61.22 17.05 56.37
N ASP B 225 -60.08 16.44 56.02
CA ASP B 225 -58.82 16.86 56.63
C ASP B 225 -58.60 18.36 56.43
N LEU B 226 -58.67 18.81 55.18
CA LEU B 226 -58.86 20.22 54.84
C LEU B 226 -59.97 20.26 53.81
N PRO B 227 -61.22 20.36 54.25
CA PRO B 227 -62.34 20.39 53.30
C PRO B 227 -62.26 21.52 52.29
N SER B 228 -61.29 22.42 52.44
CA SER B 228 -60.96 23.35 51.39
C SER B 228 -60.54 22.58 50.14
N PRO B 229 -61.17 22.81 49.00
CA PRO B 229 -60.84 22.05 47.78
C PRO B 229 -59.53 22.53 47.16
N LEU B 230 -58.49 21.72 47.31
CA LEU B 230 -57.25 22.01 46.61
C LEU B 230 -57.42 21.77 45.11
N LYS B 231 -56.58 22.41 44.32
CA LYS B 231 -56.70 22.42 42.87
C LYS B 231 -55.46 21.81 42.24
N GLN B 232 -55.62 20.65 41.63
CA GLN B 232 -54.57 20.01 40.83
C GLN B 232 -54.99 20.15 39.37
N THR B 233 -54.36 21.10 38.68
CA THR B 233 -54.64 21.36 37.28
C THR B 233 -53.42 20.95 36.45
N ILE B 234 -53.64 20.11 35.44
CA ILE B 234 -52.57 19.65 34.58
C ILE B 234 -53.05 19.74 33.14
N SER B 235 -52.10 19.83 32.23
CA SER B 235 -52.39 20.05 30.82
C SER B 235 -51.33 19.35 29.99
N ARG B 236 -51.25 19.72 28.71
CA ARG B 236 -50.12 19.38 27.88
C ARG B 236 -49.50 20.69 27.42
N PRO B 237 -48.20 20.88 27.55
CA PRO B 237 -47.58 22.08 27.01
C PRO B 237 -47.81 22.16 25.51
N LYS B 238 -47.83 23.38 24.99
CA LYS B 238 -47.91 23.62 23.56
C LYS B 238 -46.72 24.43 23.10
N GLY B 239 -46.28 24.14 21.88
CA GLY B 239 -45.15 24.82 21.28
C GLY B 239 -43.86 24.02 21.30
N VAL B 240 -43.82 22.91 22.02
CA VAL B 240 -42.62 22.09 22.01
C VAL B 240 -42.46 21.46 20.63
N ALA B 241 -41.26 21.56 20.08
CA ALA B 241 -40.97 20.94 18.81
C ALA B 241 -40.57 19.48 19.00
N LEU B 242 -40.42 18.76 17.90
CA LEU B 242 -40.05 17.36 17.94
C LEU B 242 -38.58 17.20 17.58
N HIS B 243 -37.92 16.28 18.27
CA HIS B 243 -36.49 16.10 18.08
C HIS B 243 -36.12 14.67 18.48
N ARG B 244 -35.10 14.14 17.85
CA ARG B 244 -35.02 12.69 18.04
C ARG B 244 -33.95 12.33 19.05
N PRO B 245 -34.17 11.23 19.77
CA PRO B 245 -33.08 10.62 20.52
C PRO B 245 -31.97 10.18 19.59
N ASP B 246 -30.73 10.32 20.04
CA ASP B 246 -29.56 9.82 19.31
C ASP B 246 -28.91 8.81 20.23
N VAL B 247 -29.39 7.57 20.20
CA VAL B 247 -29.02 6.60 21.23
C VAL B 247 -27.65 6.01 20.90
N TYR B 248 -26.60 6.50 21.57
CA TYR B 248 -25.34 5.79 21.61
C TYR B 248 -25.38 4.77 22.73
N LEU B 249 -24.33 3.97 22.88
CA LEU B 249 -24.38 2.92 23.89
C LEU B 249 -22.94 2.57 24.27
N LEU B 250 -22.49 3.09 25.39
CA LEU B 250 -21.09 2.95 25.75
C LEU B 250 -20.85 1.65 26.49
N PRO B 251 -19.74 0.96 26.23
CA PRO B 251 -19.48 -0.31 26.88
C PRO B 251 -18.68 -0.12 28.15
N PRO B 252 -18.67 -1.11 29.04
CA PRO B 252 -18.01 -0.94 30.34
C PRO B 252 -16.53 -0.66 30.21
N ALA B 253 -16.02 0.18 31.10
CA ALA B 253 -14.61 0.55 31.07
C ALA B 253 -13.74 -0.63 31.46
N ARG B 254 -12.65 -0.81 30.72
CA ARG B 254 -11.79 -1.96 30.96
C ARG B 254 -11.35 -2.03 32.42
N GLU B 255 -11.20 -0.87 33.06
CA GLU B 255 -10.86 -0.85 34.47
C GLU B 255 -11.87 -1.64 35.29
N GLN B 256 -13.15 -1.34 35.11
CA GLN B 256 -14.16 -2.06 35.86
C GLN B 256 -14.10 -3.55 35.59
N LEU B 257 -13.57 -3.94 34.44
CA LEU B 257 -13.42 -5.36 34.17
C LEU B 257 -12.30 -5.97 34.98
N ASN B 258 -11.55 -5.17 35.71
CA ASN B 258 -10.45 -5.70 36.50
C ASN B 258 -10.78 -5.81 37.98
N LEU B 259 -11.81 -5.12 38.45
CA LEU B 259 -12.36 -5.45 39.76
C LEU B 259 -13.02 -6.81 39.75
N ARG B 260 -13.23 -7.38 38.56
CA ARG B 260 -13.41 -8.80 38.33
C ARG B 260 -14.77 -9.34 38.73
N GLU B 261 -15.74 -8.51 39.10
CA GLU B 261 -17.08 -9.02 39.34
C GLU B 261 -18.12 -8.43 38.40
N SER B 262 -18.28 -7.10 38.38
CA SER B 262 -19.48 -6.49 37.82
C SER B 262 -19.14 -5.57 36.67
N ALA B 263 -20.05 -5.51 35.70
CA ALA B 263 -19.88 -4.72 34.49
C ALA B 263 -21.06 -3.78 34.33
N THR B 264 -20.81 -2.60 33.78
CA THR B 264 -21.82 -1.56 33.64
C THR B 264 -21.85 -0.99 32.25
N ILE B 265 -23.06 -0.81 31.70
CA ILE B 265 -23.26 -0.33 30.35
C ILE B 265 -24.17 0.88 30.40
N THR B 266 -23.89 1.90 29.61
CA THR B 266 -24.57 3.19 29.73
C THR B 266 -25.35 3.52 28.48
N CYS B 267 -26.61 3.06 28.38
CA CYS B 267 -27.44 3.49 27.27
C CYS B 267 -27.72 4.97 27.42
N LEU B 268 -27.61 5.69 26.32
CA LEU B 268 -27.65 7.13 26.35
C LEU B 268 -28.65 7.61 25.31
N VAL B 269 -29.31 8.71 25.60
CA VAL B 269 -30.18 9.36 24.63
C VAL B 269 -29.83 10.83 24.68
N THR B 270 -30.05 11.55 23.59
CA THR B 270 -29.45 12.85 23.51
C THR B 270 -30.27 13.77 22.64
N GLY B 271 -30.15 15.06 22.90
CA GLY B 271 -30.57 16.08 21.95
C GLY B 271 -31.99 15.93 21.48
N PHE B 272 -32.92 15.61 22.37
CA PHE B 272 -34.27 15.30 21.94
C PHE B 272 -35.28 16.17 22.67
N SER B 273 -36.42 16.35 22.02
CA SER B 273 -37.57 17.10 22.50
C SER B 273 -38.82 16.37 22.07
N PRO B 274 -39.91 16.48 22.83
CA PRO B 274 -39.98 17.11 24.15
C PRO B 274 -39.41 16.17 25.17
N ALA B 275 -39.73 16.37 26.43
CA ALA B 275 -39.19 15.53 27.48
C ALA B 275 -39.88 14.16 27.45
N ASP B 276 -39.62 13.36 28.48
CA ASP B 276 -40.32 12.10 28.72
C ASP B 276 -40.05 11.10 27.59
N VAL B 277 -38.78 10.79 27.39
CA VAL B 277 -38.46 9.57 26.69
C VAL B 277 -38.76 8.38 27.60
N PHE B 278 -39.00 7.23 26.99
CA PHE B 278 -39.07 5.98 27.73
C PHE B 278 -38.01 5.03 27.18
N VAL B 279 -37.45 4.21 28.05
CA VAL B 279 -36.44 3.24 27.66
C VAL B 279 -36.63 1.96 28.46
N GLN B 280 -36.22 0.83 27.88
CA GLN B 280 -35.97 -0.36 28.67
C GLN B 280 -34.85 -1.12 27.99
N TRP B 281 -34.40 -2.18 28.65
CA TRP B 281 -33.29 -2.96 28.12
C TRP B 281 -33.76 -4.35 27.76
N MET B 282 -33.13 -4.91 26.73
CA MET B 282 -33.64 -6.09 26.07
C MET B 282 -32.42 -6.92 25.67
N GLN B 283 -32.44 -8.22 25.95
CA GLN B 283 -31.32 -9.03 25.48
C GLN B 283 -31.74 -10.49 25.33
N ARG B 284 -31.17 -11.15 24.32
CA ARG B 284 -31.51 -12.52 23.98
C ARG B 284 -33.01 -12.73 23.81
N GLY B 285 -33.71 -11.70 23.38
CA GLY B 285 -35.13 -11.85 23.17
C GLY B 285 -35.94 -11.98 24.43
N GLN B 286 -35.32 -11.89 25.59
CA GLN B 286 -36.08 -11.82 26.82
C GLN B 286 -35.93 -10.45 27.43
N PRO B 287 -37.02 -9.85 27.89
CA PRO B 287 -36.93 -8.53 28.52
C PRO B 287 -36.20 -8.62 29.85
N LEU B 288 -35.70 -7.48 30.29
CA LEU B 288 -34.92 -7.38 31.53
C LEU B 288 -35.75 -6.61 32.54
N SER B 289 -36.18 -7.29 33.60
CA SER B 289 -37.07 -6.67 34.57
C SER B 289 -36.37 -5.46 35.18
N PRO B 290 -37.07 -4.34 35.34
CA PRO B 290 -36.38 -3.05 35.50
C PRO B 290 -35.47 -2.98 36.69
N GLU B 291 -35.66 -3.80 37.72
CA GLU B 291 -34.75 -3.75 38.85
C GLU B 291 -33.30 -4.04 38.48
N LYS B 292 -33.01 -4.52 37.27
CA LYS B 292 -31.62 -4.52 36.84
C LYS B 292 -31.15 -3.12 36.47
N TYR B 293 -31.97 -2.37 35.74
CA TYR B 293 -31.48 -1.11 35.17
C TYR B 293 -32.10 0.08 35.89
N VAL B 294 -31.40 1.20 35.83
CA VAL B 294 -31.90 2.45 36.36
C VAL B 294 -31.79 3.48 35.26
N THR B 295 -32.77 4.36 35.18
CA THR B 295 -32.81 5.33 34.11
C THR B 295 -32.87 6.72 34.72
N SER B 296 -32.30 7.67 34.00
CA SER B 296 -32.41 9.05 34.42
C SER B 296 -33.80 9.58 34.07
N ALA B 297 -33.96 10.87 34.21
CA ALA B 297 -35.09 11.63 33.68
C ALA B 297 -34.48 12.70 32.80
N PRO B 298 -35.29 13.41 32.04
CA PRO B 298 -34.75 14.50 31.22
C PRO B 298 -34.09 15.57 32.08
N MET B 299 -33.29 16.43 31.54
CA MET B 299 -32.75 17.65 32.23
C MET B 299 -32.04 18.26 31.07
N PRO B 300 -32.17 19.67 30.62
CA PRO B 300 -31.72 20.35 29.42
C PRO B 300 -30.25 20.12 29.15
N GLU B 301 -29.89 20.13 27.89
CA GLU B 301 -28.49 20.12 27.52
C GLU B 301 -27.82 21.42 27.96
N PRO B 302 -26.55 21.36 28.33
CA PRO B 302 -25.78 22.61 28.47
C PRO B 302 -25.76 23.42 27.20
N GLN B 303 -25.65 22.77 26.04
CA GLN B 303 -25.49 23.50 24.80
C GLN B 303 -26.81 23.70 24.07
N ALA B 304 -27.62 22.66 23.96
CA ALA B 304 -28.89 22.76 23.25
C ALA B 304 -29.89 23.53 24.11
N PRO B 305 -30.43 24.64 23.62
CA PRO B 305 -31.39 25.40 24.44
C PRO B 305 -32.63 24.61 24.79
N GLY B 306 -33.05 23.68 23.95
CA GLY B 306 -34.31 23.02 24.19
C GLY B 306 -34.23 21.53 24.46
N ARG B 307 -33.22 20.88 23.89
CA ARG B 307 -33.22 19.43 23.86
C ARG B 307 -32.77 18.86 25.19
N TYR B 308 -33.53 17.91 25.71
CA TYR B 308 -33.18 17.24 26.93
C TYR B 308 -32.28 16.05 26.63
N PHE B 309 -31.92 15.29 27.66
CA PHE B 309 -31.30 13.99 27.46
C PHE B 309 -31.64 13.12 28.65
N ALA B 310 -31.13 11.91 28.64
CA ALA B 310 -31.35 11.00 29.75
C ALA B 310 -30.26 9.95 29.72
N HIS B 311 -30.34 9.00 30.63
CA HIS B 311 -29.39 7.92 30.69
C HIS B 311 -30.12 6.62 30.90
N SER B 312 -29.33 5.57 31.00
CA SER B 312 -29.74 4.35 31.65
C SER B 312 -28.47 3.62 32.01
N ILE B 313 -28.54 2.84 33.07
CA ILE B 313 -27.38 2.15 33.60
C ILE B 313 -27.78 0.71 33.81
N LEU B 314 -26.87 -0.21 33.54
CA LEU B 314 -27.16 -1.61 33.78
C LEU B 314 -25.94 -2.28 34.36
N THR B 315 -26.15 -3.15 35.34
CA THR B 315 -25.08 -3.83 36.05
C THR B 315 -25.17 -5.32 35.80
N VAL B 316 -24.05 -5.92 35.42
CA VAL B 316 -24.02 -7.32 35.01
C VAL B 316 -22.66 -7.89 35.37
N SER B 317 -22.65 -9.18 35.69
CA SER B 317 -21.40 -9.86 36.02
C SER B 317 -20.48 -9.86 34.82
N GLU B 318 -19.19 -9.64 35.06
CA GLU B 318 -18.27 -9.48 33.94
C GLU B 318 -18.22 -10.75 33.10
N GLU B 319 -18.18 -11.91 33.75
CA GLU B 319 -18.20 -13.16 33.01
C GLU B 319 -19.42 -13.21 32.10
N GLU B 320 -20.55 -12.69 32.58
CA GLU B 320 -21.72 -12.61 31.73
C GLU B 320 -21.45 -11.73 30.52
N TRP B 321 -20.78 -10.60 30.73
CA TRP B 321 -20.42 -9.79 29.59
C TRP B 321 -19.24 -10.40 28.85
N ASN B 322 -18.35 -11.06 29.59
CA ASN B 322 -17.29 -11.84 28.96
C ASN B 322 -17.83 -13.03 28.19
N THR B 323 -19.06 -13.44 28.46
CA THR B 323 -19.64 -14.58 27.77
C THR B 323 -19.93 -14.26 26.30
N GLY B 324 -19.84 -13.01 25.90
CA GLY B 324 -20.36 -12.57 24.63
C GLY B 324 -21.66 -11.84 24.89
N GLU B 325 -22.78 -12.49 24.62
CA GLU B 325 -24.05 -12.19 25.28
C GLU B 325 -24.41 -10.70 25.15
N THR B 326 -24.68 -10.31 23.91
CA THR B 326 -24.90 -8.91 23.61
C THR B 326 -26.10 -8.35 24.38
N TYR B 327 -26.28 -7.04 24.28
CA TYR B 327 -27.35 -6.35 24.96
C TYR B 327 -27.91 -5.28 24.05
N THR B 328 -29.21 -5.05 24.14
CA THR B 328 -29.92 -4.12 23.28
C THR B 328 -30.74 -3.18 24.15
N CYS B 329 -30.49 -1.89 24.05
CA CYS B 329 -31.32 -0.92 24.77
C CYS B 329 -32.22 -0.25 23.76
N VAL B 330 -33.51 -0.19 24.08
CA VAL B 330 -34.53 0.31 23.17
C VAL B 330 -35.05 1.63 23.73
N VAL B 331 -35.46 2.51 22.83
CA VAL B 331 -36.06 3.78 23.25
C VAL B 331 -37.31 4.03 22.43
N ALA B 332 -38.36 4.52 23.09
CA ALA B 332 -39.60 4.90 22.46
C ALA B 332 -39.86 6.37 22.75
N HIS B 333 -40.11 7.16 21.70
CA HIS B 333 -40.25 8.58 21.89
C HIS B 333 -40.91 9.23 20.68
N GLU B 334 -41.76 10.22 20.94
CA GLU B 334 -42.62 10.80 19.91
C GLU B 334 -41.92 11.89 19.10
N ALA B 335 -40.74 11.53 18.60
CA ALA B 335 -40.23 12.13 17.39
C ALA B 335 -39.55 11.09 16.53
N LEU B 336 -39.77 9.82 16.84
CA LEU B 336 -39.04 8.73 16.24
C LEU B 336 -39.96 8.06 15.22
N PRO B 337 -39.46 7.72 14.01
CA PRO B 337 -40.38 7.47 12.90
C PRO B 337 -41.44 6.43 13.20
N ASN B 338 -41.01 5.21 13.46
CA ASN B 338 -41.94 4.17 13.83
C ASN B 338 -42.11 4.12 15.35
N ARG B 339 -41.68 5.19 16.04
CA ARG B 339 -41.75 5.44 17.46
C ARG B 339 -40.67 4.69 18.25
N VAL B 340 -39.92 3.78 17.64
CA VAL B 340 -39.05 2.91 18.42
C VAL B 340 -37.77 2.61 17.65
N THR B 341 -36.63 3.08 18.18
CA THR B 341 -35.32 2.66 17.70
C THR B 341 -34.56 1.99 18.83
N GLU B 342 -33.44 1.38 18.47
CA GLU B 342 -32.67 0.67 19.46
C GLU B 342 -31.29 0.36 18.90
N ARG B 343 -30.37 0.05 19.80
CA ARG B 343 -29.01 -0.28 19.45
C ARG B 343 -28.55 -1.42 20.34
N THR B 344 -27.44 -2.05 19.94
CA THR B 344 -26.93 -3.17 20.72
C THR B 344 -25.42 -3.10 20.80
N VAL B 345 -24.89 -3.87 21.74
CA VAL B 345 -23.45 -4.00 21.95
C VAL B 345 -23.18 -5.31 22.68
N ASP B 346 -22.08 -5.96 22.31
CA ASP B 346 -21.52 -7.05 23.10
C ASP B 346 -20.06 -6.75 23.38
N LYS B 347 -19.33 -7.75 23.88
CA LYS B 347 -17.90 -7.59 24.08
C LYS B 347 -17.22 -7.15 22.79
N SER B 348 -17.58 -7.77 21.67
CA SER B 348 -16.84 -7.56 20.43
C SER B 348 -17.09 -6.18 19.85
N THR B 349 -18.35 -5.74 19.82
CA THR B 349 -18.63 -4.43 19.23
C THR B 349 -17.97 -3.32 20.03
N GLY B 350 -18.23 -3.29 21.33
CA GLY B 350 -17.82 -2.14 22.12
C GLY B 350 -16.32 -2.17 22.35
N LYS B 351 -15.65 -1.08 21.96
CA LYS B 351 -14.24 -0.83 22.21
C LYS B 351 -13.40 -2.10 22.17
N PRO B 352 -13.31 -2.78 21.04
CA PRO B 352 -12.44 -3.94 20.98
C PRO B 352 -11.00 -3.52 20.76
N THR B 353 -10.11 -4.22 21.42
CA THR B 353 -8.69 -4.04 21.13
C THR B 353 -8.30 -4.70 19.83
N LEU B 354 -9.17 -5.51 19.25
CA LEU B 354 -8.80 -6.46 18.22
C LEU B 354 -9.69 -6.26 17.00
N TYR B 355 -9.05 -6.09 15.86
CA TYR B 355 -9.75 -6.01 14.57
C TYR B 355 -9.26 -7.17 13.73
N ASN B 356 -10.16 -8.09 13.41
CA ASN B 356 -9.80 -9.30 12.67
C ASN B 356 -10.62 -9.37 11.41
N VAL B 357 -10.19 -8.70 10.38
CA VAL B 357 -10.84 -8.85 9.09
C VAL B 357 -10.14 -9.99 8.39
N SER B 358 -10.89 -10.74 7.59
CA SER B 358 -10.32 -11.88 6.88
C SER B 358 -10.88 -11.92 5.48
N LEU B 359 -10.92 -10.78 4.83
CA LEU B 359 -11.75 -10.64 3.65
C LEU B 359 -11.13 -11.26 2.41
N VAL B 360 -11.97 -11.92 1.62
CA VAL B 360 -11.58 -12.59 0.38
C VAL B 360 -12.26 -11.91 -0.79
N MET B 361 -11.49 -11.62 -1.83
CA MET B 361 -11.98 -10.95 -3.02
C MET B 361 -11.68 -11.84 -4.23
N SER B 362 -12.69 -12.54 -4.73
CA SER B 362 -12.51 -13.49 -5.82
C SER B 362 -12.85 -12.89 -7.17
N ASP B 363 -12.17 -13.39 -8.19
CA ASP B 363 -12.49 -13.13 -9.60
C ASP B 363 -12.55 -11.63 -9.88
N THR B 364 -11.38 -11.01 -9.75
CA THR B 364 -11.24 -9.61 -10.15
C THR B 364 -11.61 -9.41 -11.62
N ILE C 138 -44.03 29.16 63.92
CA ILE C 138 -42.75 29.51 64.52
C ILE C 138 -41.84 28.28 64.43
N ARG C 139 -41.15 28.14 63.32
CA ARG C 139 -40.23 27.03 63.11
C ARG C 139 -38.92 27.56 62.55
N VAL C 140 -37.81 27.08 63.11
CA VAL C 140 -36.48 27.54 62.76
C VAL C 140 -35.63 26.35 62.34
N PHE C 141 -34.97 26.48 61.19
CA PHE C 141 -34.02 25.47 60.73
C PHE C 141 -32.60 26.03 60.80
N ALA C 142 -31.64 25.14 61.02
CA ALA C 142 -30.22 25.46 60.97
C ALA C 142 -29.57 24.67 59.86
N ILE C 143 -28.91 25.35 58.94
CA ILE C 143 -28.37 24.68 57.76
C ILE C 143 -27.05 24.01 58.13
N PRO C 144 -26.89 22.73 57.83
CA PRO C 144 -25.64 22.06 58.12
C PRO C 144 -24.68 22.17 56.96
N PRO C 145 -23.40 22.43 57.23
CA PRO C 145 -22.39 22.34 56.16
C PRO C 145 -22.30 20.93 55.58
N SER C 146 -21.90 20.86 54.32
CA SER C 146 -21.83 19.62 53.57
C SER C 146 -20.49 19.54 52.84
N PHE C 147 -20.06 18.31 52.54
CA PHE C 147 -18.75 18.16 51.93
C PHE C 147 -18.67 18.96 50.63
N ALA C 148 -19.72 18.92 49.82
CA ALA C 148 -19.74 19.81 48.66
C ALA C 148 -19.50 21.25 49.09
N SER C 149 -20.28 21.72 50.06
CA SER C 149 -20.16 23.09 50.51
C SER C 149 -18.80 23.36 51.13
N ILE C 150 -18.41 22.52 52.10
CA ILE C 150 -17.19 22.83 52.84
C ILE C 150 -15.99 22.77 51.92
N PHE C 151 -15.98 21.80 51.00
CA PHE C 151 -14.88 21.69 50.05
C PHE C 151 -14.86 22.90 49.11
N LEU C 152 -16.02 23.38 48.70
CA LEU C 152 -16.07 24.61 47.93
C LEU C 152 -15.67 25.83 48.75
N THR C 153 -15.62 25.71 50.06
CA THR C 153 -15.25 26.85 50.90
C THR C 153 -14.04 26.62 51.78
N LYS C 154 -13.72 25.37 52.12
CA LYS C 154 -12.60 25.01 52.99
C LYS C 154 -12.84 25.53 54.40
N SER C 155 -13.99 26.16 54.63
CA SER C 155 -14.22 27.06 55.74
C SER C 155 -15.56 26.79 56.40
N THR C 156 -15.79 25.52 56.78
CA THR C 156 -17.11 25.06 57.21
C THR C 156 -17.82 26.11 58.05
N LYS C 157 -19.02 26.49 57.62
CA LYS C 157 -19.78 27.54 58.25
C LYS C 157 -21.20 27.06 58.45
N LEU C 158 -21.79 27.46 59.57
CA LEU C 158 -23.10 26.98 59.98
C LEU C 158 -24.00 28.17 60.25
N THR C 159 -25.22 28.12 59.69
CA THR C 159 -26.14 29.24 59.72
C THR C 159 -27.52 28.67 60.04
N CYS C 160 -28.52 29.55 60.16
CA CYS C 160 -29.81 29.18 60.71
C CYS C 160 -30.89 29.94 59.96
N LEU C 161 -32.08 29.32 59.83
CA LEU C 161 -33.18 29.96 59.10
C LEU C 161 -34.50 29.69 59.82
N VAL C 162 -35.43 30.64 59.68
CA VAL C 162 -36.68 30.68 60.42
C VAL C 162 -37.85 30.65 59.44
N THR C 163 -38.99 30.16 59.92
CA THR C 163 -40.24 30.22 59.19
C THR C 163 -41.30 30.91 60.03
N ASP C 164 -42.04 31.84 59.39
CA ASP C 164 -43.24 32.45 59.97
C ASP C 164 -42.90 33.33 61.19
N LEU C 165 -41.98 34.28 61.00
CA LEU C 165 -41.68 35.29 62.00
C LEU C 165 -41.65 36.66 61.33
N THR C 166 -41.70 37.71 62.14
CA THR C 166 -41.81 39.08 61.63
C THR C 166 -40.43 39.74 61.56
N THR C 167 -40.30 40.68 60.63
CA THR C 167 -39.00 41.19 60.18
C THR C 167 -38.68 42.52 60.84
N TYR C 168 -38.29 42.46 62.11
CA TYR C 168 -37.81 43.63 62.83
C TYR C 168 -36.44 43.41 63.45
N ASP C 169 -36.04 44.35 64.30
CA ASP C 169 -34.90 44.19 65.18
C ASP C 169 -35.33 43.33 66.35
N SER C 170 -34.55 43.32 67.44
CA SER C 170 -34.73 42.35 68.51
C SER C 170 -34.52 40.94 67.96
N VAL C 171 -33.40 40.76 67.27
CA VAL C 171 -33.02 39.50 66.65
C VAL C 171 -31.75 39.04 67.34
N THR C 172 -31.80 37.84 67.93
CA THR C 172 -30.69 37.31 68.71
C THR C 172 -30.21 36.03 68.05
N ILE C 173 -29.32 36.17 67.08
CA ILE C 173 -28.66 35.02 66.46
C ILE C 173 -27.47 34.65 67.32
N SER C 174 -27.52 33.48 67.93
CA SER C 174 -26.43 33.00 68.78
C SER C 174 -26.11 31.56 68.41
N TRP C 175 -24.92 31.35 67.87
CA TRP C 175 -24.41 30.01 67.61
C TRP C 175 -23.65 29.51 68.81
N THR C 176 -23.82 28.23 69.12
CA THR C 176 -23.31 27.67 70.35
C THR C 176 -22.37 26.51 70.08
N ARG C 177 -21.40 26.35 70.96
CA ARG C 177 -20.65 25.12 71.04
C ARG C 177 -21.54 24.08 71.72
N GLN C 178 -20.97 22.92 72.07
CA GLN C 178 -21.74 21.95 72.83
C GLN C 178 -22.31 22.57 74.09
N ASN C 179 -21.49 23.35 74.80
CA ASN C 179 -21.96 24.14 75.93
C ASN C 179 -22.08 25.63 75.60
N GLY C 180 -21.91 26.01 74.34
CA GLY C 180 -22.28 27.35 73.93
C GLY C 180 -21.22 28.42 73.95
N GLU C 181 -20.10 28.20 73.26
CA GLU C 181 -19.08 29.23 73.15
C GLU C 181 -19.42 30.22 72.05
N ALA C 182 -18.45 31.07 71.70
CA ALA C 182 -18.71 32.26 70.90
C ALA C 182 -19.17 31.93 69.48
N VAL C 183 -19.91 32.87 68.90
CA VAL C 183 -20.22 32.92 67.48
C VAL C 183 -19.39 34.03 66.85
N LYS C 184 -18.98 33.82 65.60
CA LYS C 184 -18.27 34.84 64.88
C LYS C 184 -19.20 36.04 64.63
N THR C 185 -18.60 37.12 64.15
CA THR C 185 -19.36 38.30 63.75
C THR C 185 -20.09 38.07 62.43
N HIS C 186 -21.20 37.35 62.49
CA HIS C 186 -22.00 37.06 61.31
C HIS C 186 -22.66 38.34 60.83
N THR C 187 -22.42 38.68 59.56
CA THR C 187 -22.99 39.87 58.94
C THR C 187 -23.81 39.45 57.71
N ASN C 188 -24.34 40.45 57.01
CA ASN C 188 -25.13 40.24 55.80
C ASN C 188 -26.32 39.30 56.07
N ILE C 189 -27.20 39.79 56.94
CA ILE C 189 -28.37 39.01 57.35
C ILE C 189 -29.46 39.13 56.30
N SER C 190 -30.49 38.29 56.42
CA SER C 190 -31.60 38.31 55.48
C SER C 190 -32.41 39.60 55.64
N GLU C 191 -33.26 39.86 54.65
CA GLU C 191 -34.17 40.99 54.65
C GLU C 191 -35.61 40.51 54.74
N SER C 192 -36.53 41.47 54.84
CA SER C 192 -37.95 41.13 54.93
C SER C 192 -38.39 40.37 53.70
N HIS C 193 -39.17 39.33 53.91
CA HIS C 193 -39.51 38.44 52.81
C HIS C 193 -40.87 38.84 52.24
N PRO C 194 -41.10 38.67 50.92
CA PRO C 194 -42.33 39.20 50.30
C PRO C 194 -43.64 38.82 50.97
N ASN C 195 -43.66 37.81 51.84
CA ASN C 195 -44.84 37.50 52.63
C ASN C 195 -44.71 37.98 54.08
N ALA C 196 -43.70 38.81 54.37
CA ALA C 196 -43.41 39.33 55.70
C ALA C 196 -43.00 38.25 56.69
N THR C 197 -42.62 37.07 56.21
CA THR C 197 -41.97 36.16 57.15
C THR C 197 -40.54 36.62 57.38
N PHE C 198 -39.98 36.23 58.51
CA PHE C 198 -38.61 36.59 58.83
C PHE C 198 -37.80 35.33 59.08
N SER C 199 -36.58 35.33 58.54
CA SER C 199 -35.60 34.27 58.78
C SER C 199 -34.30 34.96 59.18
N ALA C 200 -33.83 34.66 60.38
CA ALA C 200 -32.60 35.26 60.89
C ALA C 200 -31.43 34.32 60.61
N VAL C 201 -30.40 34.84 59.96
CA VAL C 201 -29.28 34.03 59.50
C VAL C 201 -28.00 34.54 60.16
N GLY C 202 -27.27 33.62 60.79
CA GLY C 202 -25.95 33.92 61.30
C GLY C 202 -24.95 32.84 61.00
N GLU C 203 -23.92 33.17 60.23
CA GLU C 203 -22.88 32.22 59.89
C GLU C 203 -21.74 32.29 60.89
N ALA C 204 -21.14 31.14 61.16
CA ALA C 204 -20.01 31.03 62.07
C ALA C 204 -18.93 30.19 61.39
N SER C 205 -18.06 30.86 60.66
CA SER C 205 -16.91 30.18 60.08
C SER C 205 -15.97 29.76 61.20
N ILE C 206 -15.66 28.47 61.26
CA ILE C 206 -14.86 27.90 62.32
C ILE C 206 -13.82 26.98 61.71
N CYS C 207 -13.07 26.30 62.56
CA CYS C 207 -12.19 25.25 62.10
C CYS C 207 -13.03 24.09 61.56
N GLU C 208 -12.37 23.10 60.98
CA GLU C 208 -13.04 22.11 60.16
C GLU C 208 -13.15 20.75 60.82
N ASP C 209 -12.08 20.28 61.47
CA ASP C 209 -12.12 18.97 62.11
C ASP C 209 -13.15 18.90 63.23
N ASP C 210 -13.43 20.03 63.88
CA ASP C 210 -14.28 20.02 65.06
C ASP C 210 -15.69 19.51 64.74
N TRP C 211 -16.28 19.99 63.65
CA TRP C 211 -17.54 19.42 63.21
C TRP C 211 -17.39 17.94 62.90
N ASN C 212 -16.29 17.58 62.23
CA ASN C 212 -15.98 16.17 62.09
C ASN C 212 -15.74 15.51 63.44
N SER C 213 -15.16 16.25 64.39
CA SER C 213 -14.91 15.68 65.71
C SER C 213 -16.19 15.31 66.45
N GLY C 214 -17.33 15.88 66.05
CA GLY C 214 -18.58 15.53 66.69
C GLY C 214 -18.97 16.44 67.84
N GLU C 215 -19.08 17.75 67.58
CA GLU C 215 -19.47 18.73 68.58
C GLU C 215 -20.87 19.27 68.26
N ARG C 216 -21.84 18.91 69.08
CA ARG C 216 -23.21 19.39 68.91
C ARG C 216 -23.28 20.90 69.03
N PHE C 217 -24.01 21.51 68.10
CA PHE C 217 -24.12 22.96 68.02
C PHE C 217 -25.60 23.33 68.00
N THR C 218 -25.95 24.46 68.61
CA THR C 218 -27.35 24.86 68.72
C THR C 218 -27.55 26.30 68.27
N CYS C 219 -28.77 26.56 67.78
CA CYS C 219 -29.18 27.85 67.23
C CYS C 219 -30.28 28.43 68.12
N THR C 220 -29.91 29.37 69.00
CA THR C 220 -30.84 29.97 69.94
C THR C 220 -31.21 31.37 69.48
N VAL C 221 -32.51 31.70 69.58
CA VAL C 221 -33.02 33.00 69.16
C VAL C 221 -33.92 33.59 70.23
N THR C 222 -34.02 34.93 70.22
CA THR C 222 -34.82 35.69 71.19
C THR C 222 -35.53 36.79 70.42
N HIS C 223 -36.76 36.53 69.99
CA HIS C 223 -37.50 37.43 69.13
C HIS C 223 -38.53 38.23 69.93
N THR C 224 -39.11 39.23 69.25
CA THR C 224 -40.22 39.99 69.82
C THR C 224 -41.53 39.21 69.82
N ASP C 225 -41.69 38.27 68.89
CA ASP C 225 -42.98 37.58 68.76
C ASP C 225 -43.17 36.57 69.89
N LEU C 226 -42.12 35.87 70.30
CA LEU C 226 -42.14 35.03 71.49
C LEU C 226 -40.94 35.31 72.37
N PRO C 227 -41.11 35.31 73.69
CA PRO C 227 -39.97 35.55 74.59
C PRO C 227 -39.21 34.26 74.90
N SER C 228 -39.88 33.12 74.80
CA SER C 228 -39.27 31.86 75.19
C SER C 228 -38.10 31.52 74.27
N PRO C 229 -36.96 31.12 74.83
CA PRO C 229 -35.81 30.78 73.98
C PRO C 229 -36.12 29.63 73.04
N LEU C 230 -35.56 29.69 71.83
CA LEU C 230 -35.80 28.70 70.79
C LEU C 230 -34.46 28.24 70.25
N LYS C 231 -34.11 26.98 70.53
CA LYS C 231 -32.77 26.46 70.29
C LYS C 231 -32.82 25.24 69.37
N GLN C 232 -31.97 25.22 68.35
CA GLN C 232 -31.95 24.18 67.33
C GLN C 232 -30.61 23.45 67.38
N THR C 233 -30.63 22.21 67.87
CA THR C 233 -29.41 21.40 67.88
C THR C 233 -28.98 21.04 66.46
N ILE C 234 -27.66 21.03 66.25
CA ILE C 234 -27.08 20.63 64.96
C ILE C 234 -25.71 20.04 65.22
N SER C 235 -25.32 19.07 64.40
CA SER C 235 -24.08 18.34 64.61
C SER C 235 -23.79 17.47 63.39
N ARG C 236 -22.67 16.75 63.44
CA ARG C 236 -22.31 15.82 62.38
C ARG C 236 -22.94 14.46 62.66
N PRO C 237 -23.85 13.98 61.81
CA PRO C 237 -24.62 12.78 62.14
C PRO C 237 -23.84 11.48 61.98
N LYS C 238 -23.11 11.08 63.00
CA LYS C 238 -22.49 9.76 63.00
C LYS C 238 -23.60 8.69 62.98
N GLY C 239 -23.20 7.45 62.69
CA GLY C 239 -24.17 6.42 62.37
C GLY C 239 -23.79 5.59 61.15
N VAL C 240 -24.57 5.74 60.07
CA VAL C 240 -24.45 4.88 58.90
C VAL C 240 -23.00 4.71 58.46
N ALA C 241 -22.68 3.52 57.96
CA ALA C 241 -21.33 3.14 57.59
C ALA C 241 -20.89 3.89 56.34
N LEU C 242 -19.69 3.56 55.86
CA LEU C 242 -19.01 4.33 54.85
C LEU C 242 -18.63 3.41 53.70
N HIS C 243 -18.68 3.93 52.49
CA HIS C 243 -18.23 3.16 51.33
C HIS C 243 -17.56 4.07 50.32
N ARG C 244 -16.33 3.70 49.97
CA ARG C 244 -15.56 4.47 49.02
C ARG C 244 -16.21 4.38 47.64
N PRO C 245 -16.07 5.40 46.83
CA PRO C 245 -16.48 5.28 45.44
C PRO C 245 -15.37 4.70 44.60
N ASP C 246 -15.60 4.60 43.29
CA ASP C 246 -14.51 4.42 42.34
C ASP C 246 -14.98 4.97 41.00
N VAL C 247 -14.51 6.16 40.67
CA VAL C 247 -14.90 6.83 39.44
C VAL C 247 -14.40 6.03 38.26
N TYR C 248 -15.29 5.76 37.31
CA TYR C 248 -14.90 5.22 36.02
C TYR C 248 -15.24 6.26 34.97
N LEU C 249 -14.26 6.68 34.22
CA LEU C 249 -14.49 7.64 33.16
C LEU C 249 -14.63 6.89 31.85
N LEU C 250 -15.58 7.33 31.02
CA LEU C 250 -15.85 6.65 29.77
C LEU C 250 -15.69 7.60 28.60
N PRO C 251 -14.99 7.18 27.55
CA PRO C 251 -14.71 8.06 26.44
C PRO C 251 -15.84 8.02 25.42
N PRO C 252 -16.00 9.07 24.64
CA PRO C 252 -17.20 9.20 23.82
C PRO C 252 -17.32 8.09 22.77
N ALA C 253 -18.56 7.75 22.46
CA ALA C 253 -18.84 6.68 21.52
C ALA C 253 -18.25 6.99 20.15
N ARG C 254 -17.78 5.95 19.49
CA ARG C 254 -17.30 6.12 18.12
C ARG C 254 -18.37 6.76 17.26
N GLU C 255 -19.61 6.28 17.41
CA GLU C 255 -20.75 6.80 16.65
C GLU C 255 -20.83 8.32 16.78
N GLN C 256 -20.72 8.81 18.00
CA GLN C 256 -20.79 10.25 18.20
C GLN C 256 -19.62 10.93 17.52
N LEU C 257 -18.43 10.36 17.65
CA LEU C 257 -17.31 10.90 16.90
C LEU C 257 -17.50 10.73 15.42
N ASN C 258 -18.24 9.70 15.01
CA ASN C 258 -18.59 9.59 13.60
C ASN C 258 -19.29 10.83 13.13
N LEU C 259 -20.34 11.23 13.84
CA LEU C 259 -21.00 12.47 13.50
C LEU C 259 -20.04 13.62 13.63
N ARG C 260 -18.99 13.44 14.42
CA ARG C 260 -17.97 14.45 14.68
C ARG C 260 -18.64 15.80 14.90
N GLU C 261 -19.47 15.81 15.94
CA GLU C 261 -20.45 16.85 16.15
C GLU C 261 -20.12 17.60 17.43
N SER C 262 -20.02 16.88 18.54
CA SER C 262 -19.59 17.34 19.83
C SER C 262 -19.39 16.11 20.69
N ALA C 263 -18.27 16.00 21.38
CA ALA C 263 -17.94 14.81 22.13
C ALA C 263 -18.39 14.97 23.57
N THR C 264 -19.10 13.97 24.07
CA THR C 264 -19.52 13.95 25.46
C THR C 264 -18.76 12.86 26.19
N ILE C 265 -18.15 13.22 27.31
CA ILE C 265 -17.44 12.29 28.17
C ILE C 265 -18.26 12.14 29.42
N THR C 266 -18.48 10.91 29.84
CA THR C 266 -19.32 10.62 31.00
C THR C 266 -18.51 10.11 32.16
N CYS C 267 -18.64 10.76 33.31
CA CYS C 267 -17.93 10.42 34.52
C CYS C 267 -18.94 9.76 35.45
N LEU C 268 -18.66 8.52 35.84
CA LEU C 268 -19.68 7.66 36.42
C LEU C 268 -19.21 7.16 37.78
N VAL C 269 -19.64 7.84 38.84
CA VAL C 269 -19.27 7.43 40.18
C VAL C 269 -20.14 6.27 40.59
N THR C 270 -19.68 5.47 41.54
CA THR C 270 -20.28 4.17 41.75
C THR C 270 -20.42 3.80 43.22
N GLY C 271 -21.53 3.15 43.54
CA GLY C 271 -21.67 2.30 44.70
C GLY C 271 -20.96 2.74 45.96
N PHE C 272 -21.26 3.93 46.44
CA PHE C 272 -20.56 4.47 47.58
C PHE C 272 -21.54 4.97 48.61
N SER C 273 -21.00 5.33 49.78
CA SER C 273 -21.80 5.83 50.89
C SER C 273 -20.91 6.71 51.74
N PRO C 274 -21.43 7.81 52.30
CA PRO C 274 -22.81 8.23 52.12
C PRO C 274 -22.95 9.08 50.89
N ALA C 275 -24.03 9.85 50.83
CA ALA C 275 -24.32 10.71 49.69
C ALA C 275 -23.46 11.96 49.77
N ASP C 276 -23.84 12.98 49.02
CA ASP C 276 -23.08 14.21 48.94
C ASP C 276 -21.69 13.93 48.35
N VAL C 277 -21.70 13.40 47.14
CA VAL C 277 -20.50 13.38 46.31
C VAL C 277 -20.45 14.72 45.61
N PHE C 278 -19.31 15.02 45.01
CA PHE C 278 -19.14 16.27 44.28
C PHE C 278 -18.15 16.00 43.16
N VAL C 279 -18.30 16.72 42.05
CA VAL C 279 -17.41 16.53 40.91
C VAL C 279 -17.22 17.87 40.22
N GLN C 280 -16.06 18.03 39.59
CA GLN C 280 -15.80 19.17 38.73
C GLN C 280 -14.67 18.77 37.79
N TRP C 281 -14.64 19.38 36.64
CA TRP C 281 -13.84 18.87 35.53
C TRP C 281 -12.59 19.69 35.38
N MET C 282 -11.47 18.99 35.22
CA MET C 282 -10.15 19.60 35.29
C MET C 282 -9.38 19.15 34.07
N GLN C 283 -8.70 20.10 33.41
CA GLN C 283 -7.82 19.74 32.32
C GLN C 283 -6.72 20.79 32.22
N ARG C 284 -5.48 20.33 32.06
CA ARG C 284 -4.30 21.19 32.20
C ARG C 284 -4.27 21.91 33.54
N GLY C 285 -4.95 21.35 34.54
CA GLY C 285 -4.93 21.93 35.86
C GLY C 285 -5.84 23.13 36.06
N GLN C 286 -6.28 23.76 35.02
CA GLN C 286 -7.29 24.69 35.48
C GLN C 286 -8.69 24.18 35.12
N PRO C 287 -9.66 24.44 35.99
CA PRO C 287 -10.97 23.79 35.86
C PRO C 287 -11.82 24.46 34.78
N LEU C 288 -13.00 23.87 34.59
CA LEU C 288 -13.96 24.34 33.61
C LEU C 288 -15.23 24.75 34.34
N SER C 289 -15.93 25.72 33.78
CA SER C 289 -17.10 26.26 34.46
C SER C 289 -18.12 25.16 34.69
N PRO C 290 -18.80 25.15 35.83
CA PRO C 290 -19.73 24.06 36.13
C PRO C 290 -20.92 24.03 35.19
N GLU C 291 -20.99 25.02 34.31
CA GLU C 291 -21.98 24.98 33.24
C GLU C 291 -21.59 24.03 32.13
N LYS C 292 -20.31 23.82 31.89
CA LYS C 292 -19.89 22.90 30.83
C LYS C 292 -20.20 21.50 31.12
N TYR C 293 -20.90 21.17 32.20
CA TYR C 293 -21.21 19.79 32.50
C TYR C 293 -22.36 19.80 33.48
N VAL C 294 -22.91 18.61 33.72
CA VAL C 294 -24.16 18.58 34.49
C VAL C 294 -24.22 17.31 35.31
N THR C 295 -24.18 17.37 36.63
CA THR C 295 -24.40 16.07 37.31
C THR C 295 -25.67 16.13 38.13
N SER C 296 -26.53 15.15 37.93
CA SER C 296 -27.71 15.06 38.80
C SER C 296 -27.17 14.57 40.12
N ALA C 297 -27.76 14.97 41.25
CA ALA C 297 -27.29 14.50 42.57
C ALA C 297 -27.52 13.00 42.78
N PRO C 298 -26.88 12.38 43.77
CA PRO C 298 -26.96 10.94 43.97
C PRO C 298 -28.29 10.20 43.87
N MET C 299 -28.27 9.07 43.18
CA MET C 299 -29.35 8.11 43.09
C MET C 299 -29.03 6.89 43.93
N PRO C 300 -30.04 6.21 44.46
CA PRO C 300 -29.78 4.93 45.11
C PRO C 300 -29.35 3.90 44.09
N GLU C 301 -28.63 2.92 44.55
CA GLU C 301 -28.31 1.85 43.63
C GLU C 301 -29.28 0.70 43.82
N PRO C 302 -29.80 0.13 42.75
CA PRO C 302 -30.79 -0.96 42.89
C PRO C 302 -30.23 -2.25 43.45
N GLN C 303 -29.15 -2.76 42.84
CA GLN C 303 -28.70 -4.11 43.15
C GLN C 303 -28.14 -4.18 44.56
N ALA C 304 -27.24 -3.28 44.90
CA ALA C 304 -26.71 -3.16 46.24
C ALA C 304 -27.68 -2.35 47.10
N PRO C 305 -27.57 -2.45 48.42
CA PRO C 305 -28.40 -1.59 49.27
C PRO C 305 -27.92 -0.15 49.17
N GLY C 306 -28.42 0.74 50.01
CA GLY C 306 -28.32 2.15 49.70
C GLY C 306 -26.91 2.71 49.70
N ARG C 307 -26.03 2.04 48.94
CA ARG C 307 -24.84 2.68 48.41
C ARG C 307 -25.24 3.41 47.15
N TYR C 308 -24.73 4.60 46.95
CA TYR C 308 -25.32 5.46 45.96
C TYR C 308 -24.45 5.49 44.71
N PHE C 309 -24.94 6.20 43.70
CA PHE C 309 -24.15 6.53 42.52
C PHE C 309 -24.64 7.86 42.01
N ALA C 310 -23.87 8.40 41.08
CA ALA C 310 -24.22 9.66 40.40
C ALA C 310 -23.47 9.71 39.07
N HIS C 311 -23.61 10.80 38.34
CA HIS C 311 -22.89 10.90 37.05
C HIS C 311 -22.99 12.32 36.53
N SER C 312 -21.89 12.82 36.02
CA SER C 312 -21.91 14.06 35.28
C SER C 312 -21.33 13.78 33.91
N ILE C 313 -21.68 14.62 32.97
CA ILE C 313 -21.25 14.43 31.60
C ILE C 313 -20.56 15.71 31.16
N LEU C 314 -19.34 15.58 30.69
CA LEU C 314 -18.65 16.68 30.06
C LEU C 314 -18.83 16.56 28.56
N THR C 315 -19.30 17.62 27.94
CA THR C 315 -19.49 17.67 26.50
C THR C 315 -18.56 18.70 25.91
N VAL C 316 -17.80 18.29 24.89
CA VAL C 316 -16.76 19.12 24.32
C VAL C 316 -16.77 18.98 22.81
N SER C 317 -16.26 20.01 22.15
CA SER C 317 -16.02 19.94 20.72
C SER C 317 -15.09 18.80 20.41
N GLU C 318 -15.58 17.77 19.69
CA GLU C 318 -14.71 16.69 19.29
C GLU C 318 -13.51 17.22 18.53
N GLU C 319 -13.72 18.29 17.78
CA GLU C 319 -12.66 18.98 17.07
C GLU C 319 -11.57 19.38 18.04
N GLU C 320 -11.86 19.29 19.33
CA GLU C 320 -10.82 19.40 20.34
C GLU C 320 -10.46 18.06 20.94
N TRP C 321 -11.43 17.16 21.12
CA TRP C 321 -11.09 15.87 21.69
C TRP C 321 -10.28 15.04 20.71
N ASN C 322 -10.17 15.50 19.47
CA ASN C 322 -9.27 14.92 18.48
C ASN C 322 -7.83 15.35 18.68
N THR C 323 -7.58 16.25 19.64
CA THR C 323 -6.29 16.92 19.75
C THR C 323 -5.49 16.47 20.97
N GLY C 324 -6.10 15.79 21.93
CA GLY C 324 -5.40 15.46 23.15
C GLY C 324 -6.22 15.87 24.36
N GLU C 325 -5.72 16.82 25.16
CA GLU C 325 -6.55 17.50 26.14
C GLU C 325 -7.17 16.51 27.14
N THR C 326 -6.31 16.03 28.02
CA THR C 326 -6.58 14.81 28.77
C THR C 326 -7.88 14.85 29.58
N TYR C 327 -8.36 16.02 30.00
CA TYR C 327 -9.75 16.16 30.47
C TYR C 327 -10.08 15.19 31.61
N THR C 328 -9.55 15.46 32.80
CA THR C 328 -9.87 14.59 33.93
C THR C 328 -11.01 15.13 34.79
N CYS C 329 -11.64 14.21 35.53
CA CYS C 329 -12.87 14.44 36.29
C CYS C 329 -12.61 14.16 37.76
N VAL C 330 -12.65 15.21 38.60
CA VAL C 330 -12.27 15.08 40.01
C VAL C 330 -13.52 14.75 40.82
N VAL C 331 -13.35 13.93 41.85
CA VAL C 331 -14.45 13.46 42.68
C VAL C 331 -14.11 13.70 44.14
N ALA C 332 -15.07 14.21 44.89
CA ALA C 332 -14.92 14.47 46.32
C ALA C 332 -15.91 13.61 47.08
N HIS C 333 -15.42 12.90 48.10
CA HIS C 333 -16.29 12.07 48.92
C HIS C 333 -15.61 11.82 50.26
N GLU C 334 -16.38 12.00 51.34
CA GLU C 334 -15.82 11.87 52.67
C GLU C 334 -15.20 10.51 52.92
N ALA C 335 -15.71 9.46 52.29
CA ALA C 335 -15.20 8.13 52.54
C ALA C 335 -13.88 7.85 51.83
N LEU C 336 -13.27 8.85 51.22
CA LEU C 336 -12.19 8.60 50.29
C LEU C 336 -10.85 8.79 50.98
N PRO C 337 -10.00 7.76 51.04
CA PRO C 337 -8.81 7.78 51.93
C PRO C 337 -7.92 8.99 51.77
N ASN C 338 -8.14 9.78 50.74
CA ASN C 338 -7.48 11.07 50.62
C ASN C 338 -8.52 12.11 50.23
N ARG C 339 -9.79 11.74 50.27
CA ARG C 339 -10.93 12.64 50.07
C ARG C 339 -11.10 13.08 48.63
N VAL C 340 -10.12 12.81 47.78
CA VAL C 340 -10.14 13.35 46.43
C VAL C 340 -9.45 12.35 45.50
N THR C 341 -10.16 11.89 44.48
CA THR C 341 -9.61 10.98 43.49
C THR C 341 -9.81 11.58 42.11
N GLU C 342 -8.89 11.26 41.21
CA GLU C 342 -9.09 11.52 39.80
C GLU C 342 -8.73 10.30 38.98
N ARG C 343 -9.46 10.14 37.91
CA ARG C 343 -9.06 9.35 36.77
C ARG C 343 -9.18 10.24 35.55
N THR C 344 -8.65 9.75 34.44
CA THR C 344 -8.74 10.51 33.21
C THR C 344 -8.62 9.57 32.03
N VAL C 345 -8.92 10.11 30.86
CA VAL C 345 -8.84 9.39 29.60
C VAL C 345 -8.56 10.40 28.50
N ASP C 346 -8.05 9.90 27.38
CA ASP C 346 -7.93 10.68 26.17
C ASP C 346 -8.26 9.75 25.02
N LYS C 347 -8.09 10.23 23.79
CA LYS C 347 -8.39 9.40 22.63
C LYS C 347 -7.70 8.07 22.75
N SER C 348 -6.41 8.08 23.06
CA SER C 348 -5.65 6.85 23.10
C SER C 348 -5.97 6.07 24.36
N THR C 349 -7.25 5.82 24.60
CA THR C 349 -7.66 5.02 25.74
C THR C 349 -8.59 3.90 25.39
N GLY C 350 -9.16 3.90 24.19
CA GLY C 350 -9.94 2.78 23.75
C GLY C 350 -9.43 2.32 22.41
N LYS C 351 -8.45 3.04 21.88
CA LYS C 351 -7.87 2.68 20.59
C LYS C 351 -7.56 1.19 20.58
N PRO C 352 -7.95 0.47 19.52
CA PRO C 352 -7.63 -0.94 19.45
C PRO C 352 -6.13 -1.12 19.28
N THR C 353 -5.58 -2.16 19.89
CA THR C 353 -4.16 -2.42 19.74
C THR C 353 -3.83 -2.84 18.32
N LEU C 354 -4.39 -3.96 17.87
CA LEU C 354 -3.92 -4.64 16.68
C LEU C 354 -5.00 -4.78 15.62
N TYR C 355 -4.58 -4.59 14.38
CA TYR C 355 -5.30 -5.02 13.20
C TYR C 355 -4.88 -6.44 12.86
N ASN C 356 -5.73 -7.16 12.16
CA ASN C 356 -5.40 -8.53 11.78
C ASN C 356 -5.84 -8.79 10.35
N VAL C 357 -5.52 -7.87 9.46
CA VAL C 357 -6.00 -7.96 8.09
C VAL C 357 -5.53 -9.26 7.45
N SER C 358 -6.41 -9.82 6.61
CA SER C 358 -6.09 -11.01 5.82
C SER C 358 -6.73 -10.81 4.44
N LEU C 359 -5.98 -10.21 3.54
CA LEU C 359 -6.45 -9.97 2.18
C LEU C 359 -6.00 -11.11 1.29
N VAL C 360 -6.94 -11.73 0.58
CA VAL C 360 -6.63 -12.86 -0.26
C VAL C 360 -7.14 -12.65 -1.69
N MET C 361 -6.99 -11.42 -2.18
CA MET C 361 -7.21 -11.12 -3.60
C MET C 361 -6.77 -12.27 -4.50
N SER C 362 -7.68 -12.69 -5.38
CA SER C 362 -7.42 -13.79 -6.30
C SER C 362 -8.39 -13.65 -7.48
N ASP C 363 -8.31 -14.60 -8.41
CA ASP C 363 -9.23 -14.65 -9.54
C ASP C 363 -9.64 -16.11 -9.77
N THR C 364 -9.94 -16.81 -8.69
CA THR C 364 -10.29 -18.22 -8.76
C THR C 364 -11.65 -18.50 -8.13
N ILE D 138 21.20 24.15 76.76
CA ILE D 138 20.17 25.17 76.93
C ILE D 138 19.98 25.86 75.57
N ARG D 139 19.31 25.17 74.66
CA ARG D 139 19.15 25.67 73.30
C ARG D 139 17.77 25.31 72.79
N VAL D 140 17.02 26.32 72.33
CA VAL D 140 15.61 26.18 72.00
C VAL D 140 15.46 26.00 70.50
N PHE D 141 14.85 24.89 70.10
CA PHE D 141 14.37 24.66 68.74
C PHE D 141 12.88 24.39 68.76
N ALA D 142 12.22 24.69 67.65
CA ALA D 142 10.79 24.43 67.49
C ALA D 142 10.55 24.00 66.05
N ILE D 143 10.10 22.76 65.86
CA ILE D 143 9.86 22.21 64.53
C ILE D 143 8.47 22.64 64.07
N PRO D 144 8.36 23.38 62.97
CA PRO D 144 7.03 23.80 62.49
C PRO D 144 6.28 22.61 61.93
N PRO D 145 4.94 22.68 61.90
CA PRO D 145 4.17 21.55 61.35
C PRO D 145 4.42 21.44 59.84
N SER D 146 4.93 20.28 59.43
CA SER D 146 5.34 20.10 58.04
C SER D 146 4.17 19.54 57.23
N PHE D 147 4.02 20.07 56.02
CA PHE D 147 2.86 19.73 55.20
C PHE D 147 2.79 18.23 54.96
N ALA D 148 3.94 17.58 54.78
CA ALA D 148 3.92 16.14 54.65
C ALA D 148 3.34 15.48 55.90
N SER D 149 3.78 15.92 57.08
CA SER D 149 3.29 15.34 58.31
C SER D 149 1.81 15.63 58.51
N ILE D 150 1.38 16.86 58.27
CA ILE D 150 -0.02 17.20 58.48
C ILE D 150 -0.89 16.41 57.52
N PHE D 151 -0.37 16.09 56.33
CA PHE D 151 -1.16 15.29 55.40
C PHE D 151 -1.36 13.89 55.92
N LEU D 152 -0.29 13.21 56.32
CA LEU D 152 -0.44 11.86 56.81
C LEU D 152 -1.26 11.81 58.09
N THR D 153 -1.47 12.95 58.72
CA THR D 153 -2.07 13.01 60.04
C THR D 153 -3.39 13.79 60.09
N LYS D 154 -3.48 14.92 59.40
CA LYS D 154 -4.62 15.85 59.53
C LYS D 154 -4.77 16.31 60.97
N SER D 155 -3.66 16.37 61.69
CA SER D 155 -3.64 16.69 63.11
C SER D 155 -2.50 17.67 63.40
N THR D 156 -2.47 18.78 62.66
CA THR D 156 -1.35 19.71 62.64
C THR D 156 -0.68 19.86 64.00
N LYS D 157 0.64 19.74 64.00
CA LYS D 157 1.39 19.58 65.23
C LYS D 157 2.75 20.22 65.06
N LEU D 158 3.09 21.14 65.96
CA LEU D 158 4.44 21.64 66.08
C LEU D 158 4.92 21.42 67.51
N THR D 159 6.22 21.18 67.64
CA THR D 159 6.82 20.87 68.93
C THR D 159 8.09 21.67 69.11
N CYS D 160 8.25 22.27 70.29
CA CYS D 160 9.45 23.03 70.62
C CYS D 160 10.41 22.11 71.36
N LEU D 161 11.57 21.88 70.76
CA LEU D 161 12.59 21.03 71.35
C LEU D 161 13.68 21.92 71.93
N VAL D 162 13.92 21.79 73.24
CA VAL D 162 15.01 22.51 73.91
C VAL D 162 16.16 21.54 74.11
N THR D 163 17.29 21.82 73.47
CA THR D 163 18.39 20.89 73.38
C THR D 163 19.51 21.24 74.35
N ASP D 164 20.20 20.20 74.82
CA ASP D 164 21.37 20.31 75.68
C ASP D 164 21.08 21.02 76.99
N LEU D 165 19.80 21.16 77.34
CA LEU D 165 19.45 21.56 78.69
C LEU D 165 19.97 20.52 79.67
N THR D 166 20.45 20.98 80.82
CA THR D 166 20.85 20.04 81.86
C THR D 166 19.63 19.49 82.58
N THR D 167 19.76 18.28 83.13
CA THR D 167 18.61 17.55 83.66
C THR D 167 18.12 18.13 84.98
N TYR D 168 17.59 19.35 84.94
CA TYR D 168 16.86 19.89 86.08
C TYR D 168 15.42 19.40 86.02
N ASP D 169 14.57 19.99 86.84
CA ASP D 169 13.14 19.76 86.79
C ASP D 169 12.48 21.05 87.25
N SER D 170 11.19 20.98 87.62
CA SER D 170 10.39 22.18 87.90
C SER D 170 10.42 23.10 86.69
N VAL D 171 10.31 22.51 85.51
CA VAL D 171 10.48 23.21 84.25
C VAL D 171 9.11 23.46 83.63
N THR D 172 8.85 24.70 83.25
CA THR D 172 7.55 25.12 82.72
C THR D 172 7.70 25.35 81.22
N ILE D 173 7.15 24.43 80.42
CA ILE D 173 7.21 24.50 78.98
C ILE D 173 5.79 24.54 78.44
N SER D 174 5.50 25.53 77.59
CA SER D 174 4.15 25.79 77.14
C SER D 174 4.13 26.13 75.66
N TRP D 175 2.93 26.21 75.11
CA TRP D 175 2.71 26.69 73.76
C TRP D 175 1.67 27.80 73.78
N THR D 176 1.96 28.91 73.11
CA THR D 176 1.11 30.07 73.17
C THR D 176 0.89 30.64 71.78
N ARG D 177 -0.30 31.19 71.58
CA ARG D 177 -0.66 31.83 70.33
C ARG D 177 -0.16 33.27 70.29
N GLN D 178 -0.61 34.03 69.29
CA GLN D 178 -0.21 35.42 69.18
C GLN D 178 -0.65 36.25 70.38
N ASN D 179 -1.71 35.82 71.06
CA ASN D 179 -2.15 36.44 72.31
C ASN D 179 -1.76 35.61 73.51
N GLY D 180 -0.75 34.75 73.38
CA GLY D 180 -0.31 33.93 74.50
C GLY D 180 -1.36 32.98 75.01
N GLU D 181 -2.30 32.58 74.15
CA GLU D 181 -3.47 31.84 74.61
C GLU D 181 -3.11 30.44 75.06
N ALA D 182 -3.91 29.91 75.98
CA ALA D 182 -3.60 28.65 76.65
C ALA D 182 -3.78 27.46 75.70
N VAL D 183 -2.80 26.58 75.69
CA VAL D 183 -2.84 25.38 74.87
C VAL D 183 -3.05 24.17 75.77
N LYS D 184 -3.33 23.02 75.17
CA LYS D 184 -3.25 21.78 75.91
C LYS D 184 -1.80 21.32 75.98
N THR D 185 -1.49 20.59 77.04
CA THR D 185 -0.11 20.20 77.29
C THR D 185 0.32 19.05 76.41
N HIS D 186 1.61 18.74 76.47
CA HIS D 186 2.21 17.65 75.73
C HIS D 186 2.00 16.33 76.48
N THR D 187 2.69 15.28 76.05
CA THR D 187 2.78 14.02 76.78
C THR D 187 4.05 13.31 76.33
N ASN D 188 4.49 12.36 77.17
CA ASN D 188 5.54 11.39 76.82
C ASN D 188 6.87 12.07 76.47
N ILE D 189 7.46 12.70 77.50
CA ILE D 189 8.84 13.13 77.40
C ILE D 189 9.73 11.89 77.26
N SER D 190 10.70 11.96 76.35
CA SER D 190 11.66 10.88 76.22
C SER D 190 12.54 10.81 77.46
N GLU D 191 13.31 9.73 77.56
CA GLU D 191 14.23 9.59 78.68
C GLU D 191 15.35 10.63 78.57
N SER D 192 16.11 10.77 79.66
CA SER D 192 17.18 11.74 79.68
C SER D 192 18.20 11.44 78.59
N HIS D 193 18.89 12.47 78.14
CA HIS D 193 19.75 12.37 76.98
C HIS D 193 20.89 11.38 77.23
N PRO D 194 21.41 10.75 76.17
CA PRO D 194 22.60 9.90 76.34
C PRO D 194 23.78 10.68 76.90
N ASN D 195 23.93 11.95 76.51
CA ASN D 195 24.94 12.80 77.11
C ASN D 195 24.45 13.45 78.41
N ALA D 196 23.45 12.83 79.04
CA ALA D 196 22.94 13.25 80.35
C ALA D 196 22.46 14.69 80.33
N THR D 197 21.81 15.08 79.25
CA THR D 197 21.17 16.39 79.16
C THR D 197 19.65 16.21 79.11
N PHE D 198 18.95 17.34 78.98
CA PHE D 198 17.51 17.40 79.21
C PHE D 198 16.85 17.90 77.94
N SER D 199 15.87 17.16 77.44
CA SER D 199 15.17 17.49 76.22
C SER D 199 13.74 17.89 76.55
N ALA D 200 13.39 19.14 76.28
CA ALA D 200 12.05 19.66 76.53
C ALA D 200 11.32 19.76 75.21
N VAL D 201 10.20 19.05 75.09
CA VAL D 201 9.39 19.02 73.87
C VAL D 201 7.95 19.36 74.23
N GLY D 202 7.39 20.35 73.54
CA GLY D 202 6.00 20.71 73.74
C GLY D 202 5.10 20.30 72.60
N GLU D 203 4.34 19.23 72.79
CA GLU D 203 3.46 18.67 71.77
C GLU D 203 2.08 19.29 71.92
N ALA D 204 1.67 20.08 70.93
CA ALA D 204 0.40 20.78 70.95
C ALA D 204 -0.35 20.53 69.65
N SER D 205 -1.63 20.16 69.75
CA SER D 205 -2.46 19.99 68.58
C SER D 205 -3.29 21.24 68.36
N ILE D 206 -3.48 21.61 67.10
CA ILE D 206 -4.03 22.91 66.71
C ILE D 206 -5.04 22.67 65.60
N CYS D 207 -5.65 23.74 65.12
CA CYS D 207 -6.34 23.75 63.85
C CYS D 207 -5.36 24.08 62.74
N GLU D 208 -5.52 23.40 61.59
CA GLU D 208 -4.56 23.55 60.50
C GLU D 208 -4.49 24.98 60.00
N ASP D 209 -5.64 25.67 59.95
CA ASP D 209 -5.63 27.04 59.44
C ASP D 209 -4.69 27.92 60.26
N ASP D 210 -4.62 27.69 61.57
CA ASP D 210 -3.90 28.58 62.46
C ASP D 210 -2.47 28.81 61.99
N TRP D 211 -1.78 27.75 61.55
CA TRP D 211 -0.43 27.91 61.05
C TRP D 211 -0.44 28.50 59.65
N ASN D 212 -1.40 28.12 58.82
CA ASN D 212 -1.47 28.71 57.50
C ASN D 212 -2.17 30.06 57.48
N SER D 213 -2.83 30.43 58.56
CA SER D 213 -3.44 31.75 58.63
C SER D 213 -2.42 32.87 58.79
N GLY D 214 -1.12 32.56 58.70
CA GLY D 214 -0.11 33.58 58.89
C GLY D 214 -0.07 34.11 60.31
N GLU D 215 -0.19 33.23 61.29
CA GLU D 215 -0.26 33.62 62.70
C GLU D 215 0.84 32.92 63.46
N ARG D 216 1.59 33.70 64.25
CA ARG D 216 2.79 33.18 64.90
C ARG D 216 2.45 32.38 66.15
N PHE D 217 3.38 31.50 66.52
CA PHE D 217 3.30 30.69 67.73
C PHE D 217 4.54 30.93 68.58
N THR D 218 4.38 30.75 69.89
CA THR D 218 5.47 30.90 70.83
C THR D 218 5.44 29.76 71.84
N CYS D 219 6.58 29.13 72.04
CA CYS D 219 6.76 28.15 73.10
C CYS D 219 7.73 28.70 74.12
N THR D 220 7.30 28.74 75.39
CA THR D 220 8.06 29.37 76.45
C THR D 220 8.58 28.33 77.43
N VAL D 221 9.81 28.53 77.89
CA VAL D 221 10.43 27.68 78.90
C VAL D 221 10.99 28.57 80.00
N THR D 222 10.63 28.25 81.24
CA THR D 222 11.19 28.91 82.42
C THR D 222 12.01 27.86 83.16
N HIS D 223 13.29 27.76 82.80
CA HIS D 223 14.16 26.75 83.36
C HIS D 223 14.75 27.24 84.68
N THR D 224 15.39 26.32 85.40
CA THR D 224 16.11 26.72 86.61
C THR D 224 17.22 27.70 86.29
N ASP D 225 18.08 27.33 85.33
CA ASP D 225 19.21 28.19 84.97
C ASP D 225 18.76 29.46 84.26
N LEU D 226 17.65 29.40 83.51
CA LEU D 226 17.14 30.56 82.81
C LEU D 226 16.20 31.31 83.73
N PRO D 227 16.59 32.46 84.29
CA PRO D 227 15.71 33.15 85.24
C PRO D 227 14.45 33.71 84.61
N SER D 228 14.33 33.70 83.29
CA SER D 228 13.19 34.28 82.61
C SER D 228 12.57 33.28 81.65
N PRO D 229 11.27 33.41 81.38
CA PRO D 229 10.66 32.60 80.32
C PRO D 229 11.28 32.93 78.96
N LEU D 230 11.45 31.91 78.13
CA LEU D 230 12.06 32.05 76.81
C LEU D 230 10.96 31.91 75.77
N LYS D 231 10.37 33.04 75.38
CA LYS D 231 9.30 33.08 74.41
C LYS D 231 9.90 33.33 73.03
N GLN D 232 9.90 32.30 72.19
CA GLN D 232 10.41 32.40 70.82
C GLN D 232 9.26 32.30 69.84
N THR D 233 9.29 33.12 68.80
CA THR D 233 8.21 33.27 67.84
C THR D 233 8.53 32.53 66.54
N ILE D 234 7.57 31.77 66.04
CA ILE D 234 7.69 31.07 64.77
C ILE D 234 6.63 31.59 63.81
N SER D 235 7.02 31.77 62.55
CA SER D 235 6.11 32.19 61.51
C SER D 235 6.44 31.44 60.23
N ARG D 236 5.40 31.07 59.49
CA ARG D 236 5.61 30.42 58.20
C ARG D 236 6.29 31.40 57.24
N PRO D 237 7.20 30.92 56.42
CA PRO D 237 7.89 31.83 55.48
C PRO D 237 6.96 32.34 54.40
N LYS D 238 6.04 33.23 54.77
CA LYS D 238 5.16 33.83 53.77
C LYS D 238 5.99 34.68 52.81
N GLY D 239 5.60 34.66 51.54
CA GLY D 239 6.34 35.31 50.48
C GLY D 239 7.00 34.35 49.51
N VAL D 240 7.14 33.08 49.88
CA VAL D 240 7.72 32.10 48.96
C VAL D 240 6.79 31.90 47.77
N ALA D 241 7.38 31.49 46.66
CA ALA D 241 6.63 31.36 45.41
C ALA D 241 5.68 30.17 45.49
N LEU D 242 4.72 30.15 44.57
CA LEU D 242 3.67 29.14 44.52
C LEU D 242 3.81 28.38 43.22
N HIS D 243 4.42 27.19 43.28
CA HIS D 243 4.63 26.37 42.09
C HIS D 243 4.14 24.96 42.37
N ARG D 244 3.07 24.58 41.69
CA ARG D 244 2.55 23.23 41.73
C ARG D 244 3.43 22.28 40.92
N PRO D 245 3.46 21.01 41.30
CA PRO D 245 4.25 20.03 40.55
C PRO D 245 3.61 19.72 39.21
N ASP D 246 4.37 18.99 38.40
CA ASP D 246 3.86 18.33 37.19
C ASP D 246 4.41 16.90 37.15
N VAL D 247 3.70 15.99 37.81
CA VAL D 247 4.16 14.63 37.93
C VAL D 247 4.14 13.97 36.56
N TYR D 248 5.22 13.29 36.21
CA TYR D 248 5.29 12.54 34.95
C TYR D 248 5.69 11.13 35.33
N LEU D 249 4.74 10.30 35.69
CA LEU D 249 5.08 8.96 36.10
C LEU D 249 5.64 8.19 34.92
N LEU D 250 7.00 8.03 34.89
CA LEU D 250 7.61 7.37 33.73
C LEU D 250 7.54 5.85 33.86
N PRO D 251 7.34 5.17 32.75
CA PRO D 251 7.20 3.72 32.78
C PRO D 251 8.54 3.05 32.53
N PRO D 252 8.70 1.79 32.94
CA PRO D 252 10.01 1.12 32.86
C PRO D 252 10.24 0.49 31.48
N ALA D 253 11.37 0.83 30.86
CA ALA D 253 11.72 0.28 29.55
C ALA D 253 12.03 -1.21 29.66
N ARG D 254 12.31 -1.84 28.53
CA ARG D 254 12.30 -3.30 28.49
C ARG D 254 13.54 -3.92 29.12
N GLU D 255 14.70 -3.30 28.93
CA GLU D 255 15.98 -3.91 29.29
C GLU D 255 15.93 -4.59 30.65
N GLN D 256 15.51 -3.84 31.66
CA GLN D 256 15.18 -4.44 32.94
C GLN D 256 14.01 -5.40 32.82
N LEU D 257 13.03 -5.11 31.98
CA LEU D 257 12.04 -6.16 31.71
C LEU D 257 12.58 -7.17 30.71
N ASN D 258 13.82 -7.59 30.91
CA ASN D 258 14.42 -8.67 30.15
C ASN D 258 15.13 -9.67 31.01
N LEU D 259 15.55 -9.31 32.22
CA LEU D 259 15.99 -10.31 33.17
C LEU D 259 14.79 -10.90 33.91
N ARG D 260 13.59 -10.40 33.63
CA ARG D 260 12.33 -10.96 34.13
C ARG D 260 12.28 -11.01 35.65
N GLU D 261 12.87 -10.03 36.32
CA GLU D 261 13.03 -10.10 37.78
C GLU D 261 12.15 -9.11 38.53
N SER D 262 12.22 -7.82 38.20
CA SER D 262 11.45 -6.81 38.92
C SER D 262 11.43 -5.54 38.09
N ALA D 263 10.25 -5.05 37.77
CA ALA D 263 10.14 -3.76 37.13
C ALA D 263 10.45 -2.66 38.14
N THR D 264 10.75 -1.47 37.62
CA THR D 264 11.17 -0.35 38.44
C THR D 264 10.49 0.90 37.91
N ILE D 265 9.73 1.57 38.77
CA ILE D 265 8.84 2.63 38.34
C ILE D 265 9.26 3.92 39.01
N THR D 266 9.46 4.96 38.22
CA THR D 266 9.97 6.24 38.69
C THR D 266 8.89 7.29 38.64
N CYS D 267 8.61 7.90 39.79
CA CYS D 267 7.55 8.89 39.89
C CYS D 267 8.16 10.29 39.87
N LEU D 268 8.75 10.63 38.73
CA LEU D 268 9.43 11.91 38.61
C LEU D 268 8.52 13.07 38.95
N VAL D 269 9.02 13.99 39.76
CA VAL D 269 8.32 15.19 40.18
C VAL D 269 9.24 16.37 39.94
N THR D 270 8.69 17.47 39.46
CA THR D 270 9.54 18.64 39.23
C THR D 270 8.68 19.88 39.03
N GLY D 271 9.34 20.99 38.73
CA GLY D 271 8.66 22.23 38.39
C GLY D 271 7.82 22.78 39.52
N PHE D 272 8.33 22.76 40.74
CA PHE D 272 7.50 23.15 41.86
C PHE D 272 8.33 23.71 43.00
N SER D 273 7.71 24.59 43.78
CA SER D 273 8.24 25.23 44.98
C SER D 273 7.08 25.91 45.68
N PRO D 274 7.07 25.98 47.02
CA PRO D 274 8.12 25.60 47.96
C PRO D 274 8.29 24.10 48.09
N ALA D 275 9.25 23.71 48.91
CA ALA D 275 9.56 22.31 49.11
C ALA D 275 8.51 21.67 50.02
N ASP D 276 8.82 20.49 50.53
CA ASP D 276 7.89 19.66 51.29
C ASP D 276 6.71 19.25 50.40
N VAL D 277 7.05 18.60 49.32
CA VAL D 277 6.08 17.76 48.64
C VAL D 277 6.09 16.40 49.32
N PHE D 278 4.93 15.79 49.46
CA PHE D 278 4.83 14.48 50.04
C PHE D 278 4.24 13.54 49.02
N VAL D 279 4.93 12.43 48.76
CA VAL D 279 4.53 11.51 47.71
C VAL D 279 4.39 10.11 48.28
N GLN D 280 3.32 9.44 47.89
CA GLN D 280 3.14 8.04 48.27
C GLN D 280 2.28 7.36 47.22
N TRP D 281 2.39 6.04 47.17
CA TRP D 281 1.72 5.23 46.17
C TRP D 281 0.55 4.53 46.80
N MET D 282 -0.61 4.65 46.16
CA MET D 282 -1.82 3.96 46.58
C MET D 282 -2.14 2.91 45.51
N GLN D 283 -2.72 1.80 45.93
CA GLN D 283 -2.98 0.69 45.04
C GLN D 283 -4.46 0.32 45.08
N ARG D 284 -5.13 0.50 43.94
CA ARG D 284 -6.49 0.04 43.69
C ARG D 284 -7.40 0.23 44.90
N GLY D 285 -7.20 1.32 45.64
CA GLY D 285 -7.93 1.56 46.86
C GLY D 285 -7.21 1.19 48.14
N GLN D 286 -5.94 0.82 48.07
CA GLN D 286 -5.20 0.47 49.27
C GLN D 286 -3.82 1.12 49.24
N PRO D 287 -3.34 1.60 50.38
CA PRO D 287 -2.05 2.27 50.42
C PRO D 287 -0.89 1.29 50.34
N LEU D 288 0.27 1.84 50.06
CA LEU D 288 1.53 1.11 50.03
C LEU D 288 2.41 1.63 51.16
N SER D 289 2.75 0.76 52.10
CA SER D 289 3.59 1.19 53.19
C SER D 289 4.99 1.50 52.67
N PRO D 290 5.70 2.42 53.33
CA PRO D 290 6.89 3.02 52.71
C PRO D 290 8.02 2.06 52.35
N GLU D 291 7.87 0.77 52.61
CA GLU D 291 8.90 -0.16 52.16
C GLU D 291 8.98 -0.18 50.64
N LYS D 292 7.81 -0.27 50.00
CA LYS D 292 7.72 -0.53 48.57
C LYS D 292 8.24 0.63 47.74
N TYR D 293 8.50 1.78 48.34
CA TYR D 293 8.88 2.94 47.57
C TYR D 293 9.87 3.77 48.36
N VAL D 294 10.56 4.65 47.64
CA VAL D 294 11.49 5.60 48.20
C VAL D 294 11.26 6.91 47.48
N THR D 295 11.63 8.00 48.11
CA THR D 295 11.69 9.27 47.40
C THR D 295 12.83 10.09 47.98
N SER D 296 13.33 11.00 47.17
CA SER D 296 14.43 11.85 47.58
C SER D 296 13.91 12.96 48.46
N ALA D 297 14.75 13.95 48.68
CA ALA D 297 14.32 15.22 49.22
C ALA D 297 14.39 16.26 48.13
N PRO D 298 13.62 17.32 48.25
CA PRO D 298 13.64 18.36 47.21
C PRO D 298 15.02 18.88 46.88
N MET D 299 15.47 18.59 45.70
CA MET D 299 16.71 19.10 45.16
C MET D 299 16.40 20.24 44.22
N PRO D 300 17.00 21.41 44.38
CA PRO D 300 16.64 22.54 43.51
C PRO D 300 16.96 22.23 42.06
N GLU D 301 16.13 22.75 41.18
CA GLU D 301 16.36 22.55 39.76
C GLU D 301 17.64 23.26 39.34
N PRO D 302 18.50 22.61 38.56
CA PRO D 302 19.76 23.25 38.16
C PRO D 302 19.60 24.50 37.33
N GLN D 303 18.94 24.37 36.17
CA GLN D 303 18.87 25.47 35.22
C GLN D 303 17.67 26.38 35.47
N ALA D 304 16.50 25.79 35.76
CA ALA D 304 15.36 26.60 36.15
C ALA D 304 15.70 27.34 37.43
N PRO D 305 15.16 28.57 37.63
CA PRO D 305 15.55 29.39 38.78
C PRO D 305 15.15 28.68 40.08
N GLY D 306 15.32 29.34 41.23
CA GLY D 306 15.01 28.67 42.51
C GLY D 306 13.61 28.08 42.47
N ARG D 307 13.60 26.79 42.74
CA ARG D 307 12.43 25.88 42.67
C ARG D 307 12.90 24.52 43.19
N TYR D 308 12.22 23.47 42.79
CA TYR D 308 12.68 22.17 43.27
C TYR D 308 12.17 21.08 42.34
N PHE D 309 12.75 19.91 42.52
CA PHE D 309 12.17 18.68 42.02
C PHE D 309 12.32 17.64 43.12
N ALA D 310 12.00 16.40 42.79
CA ALA D 310 12.21 15.30 43.71
C ALA D 310 12.14 14.02 42.89
N HIS D 311 12.63 12.96 43.49
CA HIS D 311 12.54 11.65 42.87
C HIS D 311 11.57 10.82 43.66
N SER D 312 11.19 9.69 43.07
CA SER D 312 10.71 8.58 43.85
C SER D 312 10.82 7.34 43.00
N ILE D 313 10.83 6.19 43.66
CA ILE D 313 11.09 4.93 42.99
C ILE D 313 10.14 3.90 43.58
N LEU D 314 9.82 2.89 42.79
CA LEU D 314 9.13 1.72 43.29
C LEU D 314 9.62 0.52 42.50
N THR D 315 9.61 -0.64 43.15
CA THR D 315 9.96 -1.88 42.49
C THR D 315 8.88 -2.93 42.68
N VAL D 316 8.58 -3.64 41.59
CA VAL D 316 7.69 -4.79 41.60
C VAL D 316 8.14 -5.75 40.53
N SER D 317 7.84 -7.04 40.73
CA SER D 317 8.28 -8.06 39.81
C SER D 317 7.44 -8.05 38.54
N GLU D 318 8.02 -8.59 37.47
CA GLU D 318 7.45 -8.42 36.15
C GLU D 318 6.07 -9.03 36.05
N GLU D 319 5.89 -10.22 36.62
CA GLU D 319 4.59 -10.90 36.61
C GLU D 319 3.52 -10.14 37.36
N GLU D 320 3.82 -8.97 37.91
CA GLU D 320 2.79 -8.03 38.34
C GLU D 320 2.52 -6.99 37.26
N TRP D 321 3.57 -6.31 36.80
CA TRP D 321 3.36 -5.15 35.96
C TRP D 321 2.84 -5.54 34.59
N ASN D 322 2.56 -6.83 34.41
CA ASN D 322 1.89 -7.36 33.23
C ASN D 322 0.64 -8.16 33.60
N THR D 323 -0.01 -7.82 34.70
CA THR D 323 -1.05 -8.66 35.26
C THR D 323 -2.32 -7.87 35.60
N GLY D 324 -2.30 -6.55 35.50
CA GLY D 324 -3.30 -5.69 36.13
C GLY D 324 -2.57 -4.53 36.76
N GLU D 325 -2.65 -4.38 38.08
CA GLU D 325 -1.67 -3.56 38.81
C GLU D 325 -1.71 -2.10 38.36
N THR D 326 -2.79 -1.44 38.75
CA THR D 326 -3.08 -0.06 38.34
C THR D 326 -1.90 0.89 38.60
N TYR D 327 -1.35 0.89 39.81
CA TYR D 327 -0.12 1.63 40.13
C TYR D 327 -0.26 3.14 39.89
N THR D 328 -1.08 3.77 40.74
CA THR D 328 -1.13 5.22 40.77
C THR D 328 -0.19 5.76 41.85
N CYS D 329 0.34 6.95 41.59
CA CYS D 329 1.38 7.56 42.41
C CYS D 329 0.89 8.93 42.83
N VAL D 330 0.64 9.11 44.11
CA VAL D 330 -0.08 10.28 44.61
C VAL D 330 0.90 11.32 45.10
N VAL D 331 0.66 12.57 44.71
CA VAL D 331 1.53 13.69 45.04
C VAL D 331 0.73 14.67 45.89
N ALA D 332 1.26 14.98 47.06
CA ALA D 332 0.67 15.94 47.97
C ALA D 332 1.55 17.17 48.01
N HIS D 333 0.99 18.31 47.57
CA HIS D 333 1.74 19.55 47.55
C HIS D 333 0.76 20.70 47.60
N GLU D 334 1.15 21.77 48.28
CA GLU D 334 0.22 22.81 48.68
C GLU D 334 -0.25 23.69 47.54
N ALA D 335 0.38 23.64 46.38
CA ALA D 335 -0.02 24.53 45.29
C ALA D 335 -0.95 23.86 44.29
N LEU D 336 -1.33 22.63 44.53
CA LEU D 336 -2.35 22.05 43.68
C LEU D 336 -3.71 22.63 44.02
N PRO D 337 -4.59 22.76 43.04
CA PRO D 337 -5.91 23.35 43.31
C PRO D 337 -6.63 22.59 44.40
N ASN D 338 -6.78 21.30 44.19
CA ASN D 338 -7.30 20.42 45.21
C ASN D 338 -6.22 19.99 46.19
N ARG D 339 -5.02 20.55 46.05
CA ARG D 339 -3.88 20.30 46.93
C ARG D 339 -3.33 18.89 46.76
N VAL D 340 -3.98 18.04 45.97
CA VAL D 340 -3.52 16.67 45.78
C VAL D 340 -3.82 16.22 44.36
N THR D 341 -2.79 15.86 43.61
CA THR D 341 -2.99 15.22 42.31
C THR D 341 -2.41 13.81 42.34
N GLU D 342 -2.61 13.11 41.25
CA GLU D 342 -2.07 11.76 41.12
C GLU D 342 -2.13 11.37 39.66
N ARG D 343 -1.28 10.43 39.28
CA ARG D 343 -1.35 9.82 37.97
C ARG D 343 -1.13 8.33 38.13
N THR D 344 -1.33 7.62 37.03
CA THR D 344 -1.10 6.19 37.00
C THR D 344 -0.74 5.79 35.59
N VAL D 345 -0.17 4.60 35.47
CA VAL D 345 0.11 3.98 34.19
C VAL D 345 -0.08 2.49 34.35
N ASP D 346 0.09 1.75 33.26
CA ASP D 346 -0.16 0.33 33.24
C ASP D 346 0.72 -0.29 32.17
N LYS D 347 0.88 -1.61 32.24
CA LYS D 347 1.61 -2.34 31.20
C LYS D 347 1.27 -1.79 29.84
N SER D 348 -0.02 -1.60 29.59
CA SER D 348 -0.49 -1.05 28.33
C SER D 348 -0.81 0.43 28.53
N THR D 349 0.24 1.24 28.60
CA THR D 349 0.06 2.68 28.67
C THR D 349 0.71 3.29 27.44
N GLY D 350 0.41 2.72 26.28
CA GLY D 350 1.20 2.96 25.10
C GLY D 350 1.04 1.80 24.14
N LYS D 351 2.16 1.17 23.77
CA LYS D 351 2.20 0.02 22.88
C LYS D 351 1.24 0.26 21.72
N PRO D 352 1.58 1.15 20.82
CA PRO D 352 0.56 1.73 19.94
C PRO D 352 0.05 0.75 18.91
N THR D 353 -0.76 1.25 17.99
CA THR D 353 -1.38 0.43 16.96
C THR D 353 -0.35 -0.41 16.22
N LEU D 354 -0.62 -1.71 16.13
CA LEU D 354 0.26 -2.67 15.48
C LEU D 354 -0.53 -3.54 14.51
N TYR D 355 0.10 -3.91 13.40
CA TYR D 355 -0.59 -4.49 12.25
C TYR D 355 -0.13 -5.91 12.03
N ASN D 356 -1.06 -6.81 11.83
CA ASN D 356 -0.73 -8.15 11.37
C ASN D 356 -1.20 -8.33 9.94
N VAL D 357 -0.98 -7.31 9.11
CA VAL D 357 -1.38 -7.32 7.71
C VAL D 357 -0.85 -8.57 7.02
N SER D 358 -1.75 -9.42 6.57
CA SER D 358 -1.40 -10.62 5.82
C SER D 358 -2.00 -10.51 4.44
N LEU D 359 -1.14 -10.56 3.42
CA LEU D 359 -1.49 -10.13 2.08
C LEU D 359 -1.15 -11.24 1.09
N VAL D 360 -2.06 -12.18 0.90
CA VAL D 360 -1.85 -13.30 0.01
C VAL D 360 -2.56 -13.04 -1.31
N MET D 361 -1.83 -13.19 -2.41
CA MET D 361 -2.29 -12.78 -3.72
C MET D 361 -1.88 -13.83 -4.75
N SER D 362 -2.63 -13.89 -5.83
CA SER D 362 -2.38 -14.89 -6.88
C SER D 362 -3.14 -14.53 -8.15
N ILE E 138 37.77 22.68 68.97
CA ILE E 138 39.02 22.30 68.33
C ILE E 138 38.88 20.91 67.74
N ARG E 139 38.65 20.79 66.44
CA ARG E 139 38.66 19.49 65.80
C ARG E 139 39.56 19.58 64.58
N VAL E 140 40.02 18.43 64.11
CA VAL E 140 40.79 18.35 62.88
C VAL E 140 40.13 17.33 61.98
N PHE E 141 39.81 17.72 60.76
CA PHE E 141 39.42 16.80 59.71
C PHE E 141 40.62 16.46 58.85
N ALA E 142 40.54 15.33 58.17
CA ALA E 142 41.46 14.97 57.10
C ALA E 142 40.59 14.45 55.96
N ILE E 143 40.08 15.37 55.16
CA ILE E 143 39.11 15.01 54.12
C ILE E 143 39.82 14.21 53.03
N PRO E 144 39.29 13.06 52.62
CA PRO E 144 39.94 12.26 51.61
C PRO E 144 39.45 12.62 50.22
N PRO E 145 40.18 12.26 49.18
CA PRO E 145 39.63 12.36 47.83
C PRO E 145 38.56 11.31 47.59
N SER E 146 38.01 11.26 46.38
CA SER E 146 36.90 10.40 46.07
C SER E 146 37.17 9.60 44.81
N PHE E 147 36.53 8.44 44.71
CA PHE E 147 36.53 7.69 43.47
C PHE E 147 36.12 8.59 42.31
N ALA E 148 35.13 9.45 42.55
CA ALA E 148 34.79 10.46 41.57
C ALA E 148 35.94 11.43 41.35
N SER E 149 36.61 11.83 42.43
CA SER E 149 37.76 12.72 42.30
C SER E 149 38.97 11.97 41.75
N ILE E 150 39.12 10.69 42.08
CA ILE E 150 40.16 9.89 41.46
C ILE E 150 40.04 9.94 39.94
N PHE E 151 38.81 9.79 39.45
CA PHE E 151 38.53 9.89 38.02
C PHE E 151 39.01 11.21 37.44
N LEU E 152 38.45 12.31 37.92
CA LEU E 152 38.78 13.61 37.35
C LEU E 152 40.25 13.93 37.55
N THR E 153 40.85 13.52 38.67
CA THR E 153 42.20 13.91 39.00
C THR E 153 43.23 12.84 38.70
N LYS E 154 43.04 11.61 39.18
CA LYS E 154 44.08 10.59 39.27
C LYS E 154 45.28 11.09 40.06
N SER E 155 45.06 12.11 40.87
CA SER E 155 46.08 12.78 41.64
C SER E 155 45.58 13.02 43.06
N THR E 156 45.10 11.96 43.71
CA THR E 156 44.35 12.07 44.95
C THR E 156 44.96 13.05 45.93
N LYS E 157 44.23 14.15 46.19
CA LYS E 157 44.74 15.26 46.98
C LYS E 157 44.14 15.16 48.39
N LEU E 158 44.75 14.33 49.22
CA LEU E 158 44.25 14.18 50.58
C LEU E 158 44.63 15.42 51.39
N THR E 159 43.63 16.06 51.98
CA THR E 159 43.78 17.35 52.62
C THR E 159 43.63 17.22 54.14
N CYS E 160 44.35 18.07 54.87
CA CYS E 160 44.38 18.03 56.33
C CYS E 160 43.66 19.27 56.83
N LEU E 161 42.45 19.08 57.38
CA LEU E 161 41.56 20.18 57.72
C LEU E 161 41.54 20.42 59.23
N VAL E 162 42.25 21.46 59.67
CA VAL E 162 42.25 21.86 61.07
C VAL E 162 41.26 22.99 61.26
N THR E 163 40.33 22.83 62.21
CA THR E 163 39.24 23.78 62.41
C THR E 163 38.86 23.95 63.87
N ASP E 164 37.79 24.74 64.12
CA ASP E 164 37.39 25.27 65.42
C ASP E 164 38.50 26.05 66.13
N LEU E 165 39.55 26.42 65.43
CA LEU E 165 40.54 27.32 66.01
C LEU E 165 40.12 28.76 65.66
N THR E 166 40.98 29.73 65.98
CA THR E 166 40.79 31.09 65.51
C THR E 166 41.64 31.30 64.27
N THR E 167 41.54 32.49 63.68
CA THR E 167 42.20 32.77 62.41
C THR E 167 43.70 32.85 62.64
N TYR E 168 44.31 31.68 62.80
CA TYR E 168 45.74 31.60 63.08
C TYR E 168 46.54 31.88 61.81
N ASP E 169 47.81 32.19 62.01
CA ASP E 169 48.76 32.39 60.93
C ASP E 169 49.96 31.50 61.15
N SER E 170 50.40 30.83 60.08
CA SER E 170 51.57 29.96 60.11
C SER E 170 51.40 28.80 61.10
N VAL E 171 50.39 27.98 60.84
CA VAL E 171 50.18 26.77 61.63
C VAL E 171 51.14 25.70 61.15
N THR E 172 51.29 24.62 61.92
CA THR E 172 52.22 23.54 61.61
C THR E 172 51.42 22.25 61.39
N ILE E 173 50.98 22.05 60.16
CA ILE E 173 50.25 20.86 59.75
C ILE E 173 51.19 19.99 58.91
N SER E 174 51.00 18.67 59.00
CA SER E 174 51.93 17.75 58.35
C SER E 174 51.21 16.47 57.97
N TRP E 175 50.86 16.36 56.69
CA TRP E 175 50.50 15.07 56.12
C TRP E 175 51.71 14.13 56.19
N THR E 176 51.44 12.86 56.38
CA THR E 176 52.53 11.89 56.40
C THR E 176 51.98 10.50 56.17
N ARG E 177 52.85 9.60 55.74
CA ARG E 177 52.46 8.23 55.48
C ARG E 177 52.40 7.45 56.79
N GLN E 178 52.06 6.16 56.69
CA GLN E 178 52.19 5.30 57.86
C GLN E 178 53.66 5.07 58.20
N ASN E 179 54.53 5.00 57.18
CA ASN E 179 55.96 4.98 57.45
C ASN E 179 56.43 6.29 58.07
N GLY E 180 55.70 7.38 57.84
CA GLY E 180 56.02 8.65 58.43
C GLY E 180 56.90 9.57 57.62
N GLU E 181 57.22 9.20 56.38
CA GLU E 181 58.18 9.98 55.61
C GLU E 181 57.48 11.17 54.96
N ALA E 182 58.21 11.88 54.09
CA ALA E 182 57.80 13.19 53.62
C ALA E 182 56.56 13.12 52.73
N VAL E 183 55.90 14.27 52.59
CA VAL E 183 54.82 14.46 51.66
C VAL E 183 55.08 15.76 50.89
N LYS E 184 54.16 16.09 49.99
CA LYS E 184 54.35 17.27 49.16
C LYS E 184 53.79 18.49 49.90
N THR E 185 54.04 19.67 49.34
CA THR E 185 53.66 20.91 50.02
C THR E 185 52.16 21.01 50.18
N HIS E 186 51.74 21.67 51.27
CA HIS E 186 50.34 21.93 51.54
C HIS E 186 50.05 23.40 51.19
N THR E 187 49.79 23.63 49.91
CA THR E 187 49.50 24.96 49.42
C THR E 187 47.99 25.17 49.35
N ASN E 188 47.57 26.29 48.75
CA ASN E 188 46.16 26.63 48.55
C ASN E 188 45.43 26.69 49.89
N ILE E 189 45.87 27.62 50.73
CA ILE E 189 45.26 27.90 52.03
C ILE E 189 44.28 29.05 51.84
N SER E 190 43.04 28.86 52.29
CA SER E 190 42.00 29.85 52.05
C SER E 190 42.19 31.05 52.96
N GLU E 191 41.34 32.06 52.75
CA GLU E 191 41.37 33.26 53.56
C GLU E 191 40.93 32.97 54.99
N SER E 192 41.49 33.72 55.94
CA SER E 192 41.12 33.57 57.34
C SER E 192 39.63 33.87 57.51
N HIS E 193 39.04 33.24 58.51
CA HIS E 193 37.60 33.34 58.71
C HIS E 193 37.20 34.76 59.10
N PRO E 194 36.27 35.38 58.38
CA PRO E 194 35.62 36.59 58.92
C PRO E 194 34.84 36.31 60.19
N ASN E 195 34.42 35.06 60.41
CA ASN E 195 33.67 34.66 61.59
C ASN E 195 34.56 34.13 62.72
N ALA E 196 35.81 34.58 62.79
CA ALA E 196 36.75 34.30 63.88
C ALA E 196 37.03 32.82 64.07
N THR E 197 36.56 31.97 63.18
CA THR E 197 36.83 30.54 63.27
C THR E 197 38.08 30.23 62.46
N PHE E 198 38.35 28.95 62.22
CA PHE E 198 39.55 28.56 61.48
C PHE E 198 39.23 27.45 60.51
N SER E 199 39.98 27.43 59.41
CA SER E 199 39.87 26.37 58.41
C SER E 199 41.23 26.26 57.72
N ALA E 200 42.04 25.32 58.17
CA ALA E 200 43.34 25.03 57.56
C ALA E 200 43.15 23.90 56.57
N VAL E 201 43.37 24.17 55.29
CA VAL E 201 43.11 23.21 54.22
C VAL E 201 44.46 22.89 53.58
N GLY E 202 45.14 21.87 54.10
CA GLY E 202 46.42 21.49 53.55
C GLY E 202 46.34 20.27 52.66
N GLU E 203 46.32 20.50 51.35
CA GLU E 203 46.19 19.43 50.38
C GLU E 203 47.53 18.72 50.17
N ALA E 204 47.47 17.53 49.57
CA ALA E 204 48.67 16.75 49.31
C ALA E 204 48.39 15.78 48.16
N SER E 205 48.95 16.06 46.99
CA SER E 205 48.91 15.11 45.88
C SER E 205 49.89 13.98 46.14
N ILE E 206 49.43 12.75 45.96
CA ILE E 206 50.27 11.58 46.24
C ILE E 206 50.13 10.56 45.11
N CYS E 207 50.76 9.40 45.28
CA CYS E 207 50.55 8.29 44.37
C CYS E 207 49.13 7.75 44.54
N GLU E 208 48.81 6.67 43.82
CA GLU E 208 47.43 6.23 43.72
C GLU E 208 47.16 4.87 44.36
N ASP E 209 47.98 3.86 44.07
CA ASP E 209 47.77 2.56 44.71
C ASP E 209 47.87 2.70 46.22
N ASP E 210 48.71 3.63 46.70
CA ASP E 210 48.89 3.84 48.12
C ASP E 210 47.56 4.05 48.84
N TRP E 211 46.60 4.73 48.19
CA TRP E 211 45.31 4.97 48.82
C TRP E 211 44.56 3.67 49.04
N ASN E 212 44.49 2.82 48.02
CA ASN E 212 43.78 1.56 48.13
C ASN E 212 44.72 0.39 48.43
N SER E 213 46.01 0.65 48.64
CA SER E 213 46.93 -0.40 49.04
C SER E 213 46.58 -0.98 50.40
N GLY E 214 46.08 -0.16 51.32
CA GLY E 214 45.70 -0.64 52.64
C GLY E 214 46.51 -0.02 53.77
N GLU E 215 46.91 1.24 53.61
CA GLU E 215 47.78 1.91 54.55
C GLU E 215 47.13 3.21 55.01
N ARG E 216 47.10 3.44 56.31
CA ARG E 216 46.54 4.66 56.87
C ARG E 216 47.54 5.80 56.79
N PHE E 217 47.09 6.95 56.31
CA PHE E 217 47.94 8.10 56.05
C PHE E 217 47.69 9.15 57.13
N THR E 218 48.68 9.34 57.99
CA THR E 218 48.52 10.18 59.17
C THR E 218 48.75 11.66 58.82
N CYS E 219 48.00 12.53 59.48
CA CYS E 219 48.31 13.95 59.52
C CYS E 219 48.54 14.34 60.97
N THR E 220 49.65 15.03 61.22
CA THR E 220 49.97 15.52 62.56
C THR E 220 49.68 17.01 62.63
N VAL E 221 49.04 17.43 63.71
CA VAL E 221 48.57 18.81 63.87
C VAL E 221 49.29 19.41 65.08
N THR E 222 49.93 20.56 64.86
CA THR E 222 50.61 21.31 65.91
C THR E 222 50.50 22.80 65.61
N HIS E 223 50.32 23.58 66.66
CA HIS E 223 50.32 25.04 66.57
C HIS E 223 50.28 25.59 67.99
N THR E 224 50.19 26.91 68.09
CA THR E 224 50.16 27.55 69.41
C THR E 224 48.94 27.14 70.22
N ASP E 225 47.87 26.72 69.56
CA ASP E 225 46.67 26.29 70.28
C ASP E 225 46.94 25.03 71.09
N LEU E 226 47.34 23.95 70.42
CA LEU E 226 47.88 22.76 71.07
C LEU E 226 49.26 22.45 70.51
N PRO E 227 50.34 22.83 71.20
CA PRO E 227 51.68 22.53 70.68
C PRO E 227 51.95 21.05 70.55
N SER E 228 51.26 20.22 71.30
CA SER E 228 51.43 18.79 71.20
C SER E 228 50.90 18.30 69.85
N PRO E 229 51.41 17.17 69.35
CA PRO E 229 50.86 16.60 68.12
C PRO E 229 49.40 16.21 68.28
N LEU E 230 48.64 16.35 67.20
CA LEU E 230 47.24 15.94 67.16
C LEU E 230 47.08 15.08 65.91
N LYS E 231 46.91 13.78 66.10
CA LYS E 231 46.89 12.85 64.99
C LYS E 231 45.61 13.00 64.17
N GLN E 232 45.70 12.60 62.90
CA GLN E 232 44.52 12.49 62.04
C GLN E 232 44.87 11.58 60.87
N THR E 233 44.21 10.43 60.78
CA THR E 233 44.49 9.44 59.76
C THR E 233 43.20 9.07 59.03
N ILE E 234 43.35 8.54 57.81
CA ILE E 234 42.21 8.13 56.99
C ILE E 234 42.73 7.20 55.90
N SER E 235 41.84 6.37 55.38
CA SER E 235 42.21 5.41 54.34
C SER E 235 40.95 4.94 53.62
N ARG E 236 41.16 4.24 52.51
CA ARG E 236 40.06 3.56 51.84
C ARG E 236 39.71 2.30 52.61
N PRO E 237 38.47 2.14 53.05
CA PRO E 237 38.14 1.01 53.92
C PRO E 237 38.05 -0.32 53.19
N LYS E 238 39.18 -0.97 52.97
CA LYS E 238 39.17 -2.30 52.38
C LYS E 238 38.47 -3.28 53.31
N GLY E 239 37.75 -4.23 52.73
CA GLY E 239 36.98 -5.17 53.53
C GLY E 239 35.49 -5.11 53.24
N VAL E 240 35.14 -4.76 52.01
CA VAL E 240 33.74 -4.66 51.60
C VAL E 240 33.53 -5.47 50.33
N ALA E 241 32.32 -6.01 50.20
CA ALA E 241 31.91 -6.66 48.97
C ALA E 241 31.53 -5.59 47.95
N LEU E 242 30.92 -6.00 46.84
CA LEU E 242 30.62 -5.06 45.78
C LEU E 242 29.73 -5.72 44.75
N HIS E 243 28.88 -4.90 44.13
CA HIS E 243 27.99 -5.34 43.07
C HIS E 243 28.04 -4.35 41.92
N ARG E 244 27.73 -4.85 40.74
CA ARG E 244 27.86 -4.16 39.47
C ARG E 244 26.57 -3.41 39.14
N PRO E 245 26.64 -2.12 38.85
CA PRO E 245 25.43 -1.37 38.53
C PRO E 245 24.83 -1.84 37.22
N ASP E 246 23.54 -2.13 37.24
CA ASP E 246 22.80 -2.46 36.02
C ASP E 246 22.12 -1.22 35.46
N VAL E 247 22.95 -0.22 35.15
CA VAL E 247 22.45 1.08 34.73
C VAL E 247 21.41 0.92 33.64
N TYR E 248 20.22 1.49 33.87
CA TYR E 248 19.13 1.51 32.92
C TYR E 248 18.82 2.96 32.64
N LEU E 249 18.70 3.33 31.39
CA LEU E 249 18.44 4.73 31.08
C LEU E 249 16.99 4.83 30.64
N LEU E 250 16.11 5.20 31.57
CA LEU E 250 14.68 5.29 31.25
C LEU E 250 14.42 6.47 30.33
N PRO E 251 13.66 6.30 29.26
CA PRO E 251 13.48 7.36 28.29
C PRO E 251 12.36 8.30 28.72
N PRO E 252 12.36 9.53 28.22
CA PRO E 252 11.36 10.52 28.66
C PRO E 252 9.98 10.20 28.11
N ALA E 253 9.04 9.91 29.01
CA ALA E 253 7.71 9.51 28.60
C ALA E 253 6.93 10.67 28.03
N ARG E 254 5.96 10.33 27.16
CA ARG E 254 5.30 11.35 26.35
C ARG E 254 4.63 12.40 27.21
N GLU E 255 4.22 12.03 28.42
CA GLU E 255 3.36 12.87 29.23
C GLU E 255 3.97 14.22 29.51
N GLN E 256 5.29 14.34 29.41
CA GLN E 256 5.92 15.64 29.31
C GLN E 256 6.25 16.01 27.88
N LEU E 257 6.55 15.03 27.05
CA LEU E 257 6.84 15.32 25.65
C LEU E 257 5.61 15.91 24.97
N ASN E 258 4.43 15.36 25.27
CA ASN E 258 3.18 15.85 24.73
C ASN E 258 3.11 17.37 24.69
N LEU E 259 3.49 18.02 25.79
CA LEU E 259 3.51 19.48 25.83
C LEU E 259 4.42 20.04 24.75
N ARG E 260 5.46 19.30 24.38
CA ARG E 260 6.43 19.74 23.40
C ARG E 260 7.12 21.03 23.86
N GLU E 261 7.57 21.04 25.11
CA GLU E 261 8.33 22.17 25.64
C GLU E 261 9.72 21.78 26.12
N SER E 262 9.84 20.73 26.92
CA SER E 262 11.14 20.34 27.47
C SER E 262 11.11 18.86 27.79
N ALA E 263 12.28 18.22 27.73
CA ALA E 263 12.38 16.79 27.89
C ALA E 263 13.42 16.45 28.94
N THR E 264 13.07 15.50 29.80
CA THR E 264 13.89 15.11 30.94
C THR E 264 14.31 13.66 30.79
N ILE E 265 15.60 13.40 30.94
CA ILE E 265 16.16 12.07 30.75
C ILE E 265 16.82 11.64 32.03
N THR E 266 16.61 10.37 32.41
CA THR E 266 16.83 9.89 33.77
C THR E 266 17.86 8.76 33.80
N CYS E 267 19.13 9.11 33.92
CA CYS E 267 20.15 8.06 33.95
C CYS E 267 20.07 7.35 35.30
N LEU E 268 19.30 6.27 35.37
CA LEU E 268 19.16 5.50 36.58
C LEU E 268 20.36 4.60 36.80
N VAL E 269 20.67 4.34 38.06
CA VAL E 269 21.70 3.41 38.47
C VAL E 269 21.07 2.48 39.50
N THR E 270 21.64 1.29 39.65
CA THR E 270 20.99 0.33 40.53
C THR E 270 21.96 -0.68 41.13
N GLY E 271 21.48 -1.34 42.17
CA GLY E 271 22.03 -2.59 42.67
C GLY E 271 23.43 -2.56 43.23
N PHE E 272 24.10 -1.44 43.13
CA PHE E 272 25.54 -1.48 43.37
C PHE E 272 25.89 -1.07 44.80
N SER E 273 27.15 -1.33 45.15
CA SER E 273 27.82 -0.96 46.38
C SER E 273 29.29 -1.29 46.19
N PRO E 274 30.22 -0.55 46.79
CA PRO E 274 30.09 0.63 47.63
C PRO E 274 29.56 1.85 46.88
N ALA E 275 29.43 2.93 47.63
CA ALA E 275 28.82 4.16 47.15
C ALA E 275 29.91 5.07 46.57
N ASP E 276 29.58 6.36 46.39
CA ASP E 276 30.49 7.37 45.91
C ASP E 276 31.03 7.01 44.52
N VAL E 277 30.11 7.04 43.57
CA VAL E 277 30.44 6.78 42.18
C VAL E 277 30.15 8.02 41.35
N PHE E 278 31.06 8.30 40.44
CA PHE E 278 30.93 9.44 39.55
C PHE E 278 30.03 9.08 38.37
N VAL E 279 29.20 10.03 37.96
CA VAL E 279 28.48 9.92 36.70
C VAL E 279 28.47 11.29 36.03
N GLN E 280 28.45 11.27 34.71
CA GLN E 280 28.14 12.44 33.90
C GLN E 280 27.67 11.94 32.55
N TRP E 281 27.35 12.86 31.67
CA TRP E 281 26.78 12.50 30.39
C TRP E 281 27.70 13.00 29.30
N MET E 282 27.79 12.23 28.22
CA MET E 282 28.55 12.62 27.04
C MET E 282 27.60 13.02 25.93
N GLN E 283 27.94 14.08 25.21
CA GLN E 283 27.19 14.49 24.02
C GLN E 283 28.12 14.32 22.83
N ARG E 284 27.84 13.29 22.02
CA ARG E 284 28.73 12.91 20.92
C ARG E 284 30.13 12.58 21.45
N GLY E 285 30.23 12.26 22.73
CA GLY E 285 31.50 12.16 23.40
C GLY E 285 31.94 13.44 24.10
N GLN E 286 31.36 14.57 23.73
CA GLN E 286 31.73 15.82 24.38
C GLN E 286 31.12 15.86 25.77
N PRO E 287 31.93 16.02 26.83
CA PRO E 287 31.38 16.06 28.18
C PRO E 287 30.42 17.22 28.36
N LEU E 288 29.35 16.97 29.10
CA LEU E 288 28.36 18.01 29.35
C LEU E 288 28.83 18.92 30.49
N SER E 289 28.28 20.12 30.50
CA SER E 289 28.71 21.11 31.46
C SER E 289 28.41 20.63 32.88
N PRO E 290 29.29 20.88 33.84
CA PRO E 290 28.97 20.53 35.23
C PRO E 290 27.68 21.17 35.70
N GLU E 291 27.42 22.41 35.27
CA GLU E 291 26.18 23.08 35.61
C GLU E 291 24.98 22.28 35.12
N LYS E 292 25.07 21.70 33.92
CA LYS E 292 23.90 21.11 33.30
C LYS E 292 23.33 19.98 34.15
N TYR E 293 24.17 19.02 34.52
CA TYR E 293 23.66 17.80 35.13
C TYR E 293 23.52 17.92 36.64
N VAL E 294 22.39 17.42 37.14
CA VAL E 294 22.22 17.11 38.55
C VAL E 294 22.30 15.60 38.70
N THR E 295 22.76 15.17 39.86
CA THR E 295 22.95 13.77 40.13
C THR E 295 22.60 13.53 41.59
N SER E 296 22.07 12.35 41.86
CA SER E 296 21.73 12.02 43.23
C SER E 296 23.00 11.78 44.05
N ALA E 297 22.79 11.56 45.31
CA ALA E 297 23.79 10.92 46.12
C ALA E 297 23.38 9.47 46.31
N PRO E 298 24.31 8.59 46.53
CA PRO E 298 23.96 7.17 46.58
C PRO E 298 22.97 6.88 47.71
N MET E 299 21.84 6.55 47.36
CA MET E 299 20.86 6.25 48.37
C MET E 299 20.82 4.75 48.62
N PRO E 300 20.54 4.33 49.85
CA PRO E 300 20.51 2.90 50.15
C PRO E 300 19.42 2.22 49.35
N GLU E 301 19.66 0.97 49.01
CA GLU E 301 18.65 0.20 48.29
C GLU E 301 17.56 -0.23 49.26
N PRO E 302 16.31 0.15 49.01
CA PRO E 302 15.22 -0.23 49.92
C PRO E 302 15.00 -1.73 50.07
N GLN E 303 14.70 -2.42 48.98
CA GLN E 303 14.21 -3.79 49.10
C GLN E 303 15.36 -4.79 49.21
N ALA E 304 16.29 -4.75 48.26
CA ALA E 304 17.48 -5.55 48.40
C ALA E 304 18.20 -5.17 49.69
N PRO E 305 18.82 -6.12 50.38
CA PRO E 305 19.30 -5.85 51.74
C PRO E 305 20.27 -4.68 51.86
N GLY E 306 21.40 -4.73 51.16
CA GLY E 306 22.46 -3.80 51.48
C GLY E 306 23.11 -3.07 50.33
N ARG E 307 22.34 -2.63 49.35
CA ARG E 307 22.91 -2.02 48.15
C ARG E 307 22.57 -0.54 48.09
N TYR E 308 23.07 0.10 47.05
CA TYR E 308 22.84 1.53 46.82
C TYR E 308 22.34 1.75 45.40
N PHE E 309 22.10 3.02 45.08
CA PHE E 309 21.73 3.46 43.74
C PHE E 309 21.70 4.98 43.78
N ALA E 310 21.51 5.57 42.60
CA ALA E 310 21.54 7.02 42.52
C ALA E 310 20.80 7.43 41.26
N HIS E 311 20.95 8.69 40.88
CA HIS E 311 20.18 9.25 39.80
C HIS E 311 21.01 10.30 39.12
N SER E 312 20.68 10.56 37.86
CA SER E 312 20.96 11.86 37.30
C SER E 312 19.86 12.17 36.32
N ILE E 313 19.48 13.43 36.26
CA ILE E 313 18.37 13.87 35.43
C ILE E 313 18.81 15.09 34.65
N LEU E 314 18.49 15.13 33.36
CA LEU E 314 18.79 16.27 32.52
C LEU E 314 17.60 16.71 31.69
N THR E 315 17.29 17.99 31.78
CA THR E 315 16.38 18.62 30.87
C THR E 315 17.02 18.79 29.51
N VAL E 316 16.17 18.92 28.49
CA VAL E 316 16.60 19.29 27.17
C VAL E 316 15.40 19.86 26.44
N SER E 317 15.64 20.85 25.59
CA SER E 317 14.60 21.31 24.68
C SER E 317 14.09 20.09 23.94
N GLU E 318 12.83 19.73 24.18
CA GLU E 318 12.30 18.48 23.64
C GLU E 318 12.43 18.41 22.13
N GLU E 319 12.52 19.55 21.46
CA GLU E 319 12.84 19.53 20.04
C GLU E 319 14.24 18.99 19.81
N GLU E 320 15.19 19.33 20.68
CA GLU E 320 16.53 18.77 20.55
C GLU E 320 16.49 17.26 20.70
N TRP E 321 15.63 16.76 21.60
CA TRP E 321 15.41 15.33 21.67
C TRP E 321 14.72 14.81 20.42
N ASN E 322 13.88 15.64 19.79
CA ASN E 322 13.33 15.28 18.48
C ASN E 322 14.41 15.13 17.45
N THR E 323 15.58 15.74 17.67
CA THR E 323 16.76 15.37 16.89
C THR E 323 17.32 14.05 17.38
N GLY E 324 17.30 13.83 18.69
CA GLY E 324 17.77 12.59 19.29
C GLY E 324 19.16 12.22 18.84
N GLU E 325 20.18 12.98 19.25
CA GLU E 325 21.51 12.75 18.70
C GLU E 325 22.27 11.64 19.44
N THR E 326 22.70 11.88 20.69
CA THR E 326 23.39 10.81 21.40
C THR E 326 22.79 10.48 22.76
N TYR E 327 22.87 11.43 23.69
CA TYR E 327 22.43 11.27 25.07
C TYR E 327 22.95 9.94 25.67
N THR E 328 24.26 9.88 25.85
CA THR E 328 24.89 8.78 26.57
C THR E 328 25.39 9.27 27.92
N CYS E 329 25.06 8.53 28.97
CA CYS E 329 25.40 8.88 30.33
C CYS E 329 26.48 7.92 30.83
N VAL E 330 27.54 8.45 31.40
CA VAL E 330 28.63 7.61 31.87
C VAL E 330 28.39 7.28 33.33
N VAL E 331 28.68 6.04 33.70
CA VAL E 331 28.67 5.63 35.09
C VAL E 331 30.08 5.16 35.43
N ALA E 332 30.70 5.80 36.42
CA ALA E 332 32.04 5.48 36.86
C ALA E 332 31.94 4.72 38.18
N HIS E 333 32.31 3.44 38.15
CA HIS E 333 32.16 2.56 39.30
C HIS E 333 33.43 1.69 39.36
N GLU E 334 33.37 0.63 40.16
CA GLU E 334 34.53 -0.23 40.32
C GLU E 334 34.23 -1.72 40.34
N ALA E 335 32.97 -2.14 40.20
CA ALA E 335 32.63 -3.55 40.06
C ALA E 335 32.58 -3.98 38.61
N LEU E 336 33.39 -3.35 37.76
CA LEU E 336 33.29 -3.47 36.33
C LEU E 336 34.65 -3.87 35.77
N PRO E 337 34.71 -4.86 34.89
CA PRO E 337 36.00 -5.25 34.32
C PRO E 337 36.71 -4.08 33.68
N ASN E 338 35.97 -3.20 33.03
CA ASN E 338 36.52 -1.98 32.48
C ASN E 338 36.35 -0.81 33.42
N ARG E 339 35.71 -1.03 34.57
CA ARG E 339 35.46 -0.02 35.60
C ARG E 339 34.48 1.04 35.11
N VAL E 340 34.10 0.99 33.83
CA VAL E 340 33.23 2.00 33.24
C VAL E 340 32.25 1.30 32.29
N THR E 341 30.97 1.64 32.38
CA THR E 341 29.95 1.19 31.45
C THR E 341 29.27 2.40 30.82
N GLU E 342 28.81 2.22 29.59
CA GLU E 342 28.04 3.25 28.92
C GLU E 342 26.67 2.72 28.54
N ARG E 343 25.72 3.65 28.47
CA ARG E 343 24.43 3.42 27.86
C ARG E 343 24.01 4.69 27.15
N THR E 344 23.14 4.55 26.15
CA THR E 344 22.56 5.69 25.50
C THR E 344 21.25 5.28 24.86
N VAL E 345 20.44 6.29 24.53
CA VAL E 345 19.16 6.10 23.89
C VAL E 345 18.90 7.33 23.04
N ASP E 346 17.94 7.21 22.14
CA ASP E 346 17.35 8.35 21.47
C ASP E 346 15.93 7.96 21.09
N LYS E 347 15.26 8.83 20.34
CA LYS E 347 13.89 8.57 19.95
C LYS E 347 13.72 7.14 19.46
N SER E 348 14.55 6.74 18.52
CA SER E 348 14.48 5.42 17.90
C SER E 348 15.12 4.38 18.81
N THR E 349 14.63 4.30 20.02
CA THR E 349 15.19 3.29 20.89
C THR E 349 14.15 2.32 21.41
N GLY E 350 12.98 2.82 21.80
CA GLY E 350 11.96 1.95 22.33
C GLY E 350 10.89 1.64 21.31
N LYS E 351 10.72 2.53 20.35
CA LYS E 351 9.68 2.44 19.34
C LYS E 351 9.71 1.06 18.70
N PRO E 352 8.71 0.23 18.95
CA PRO E 352 8.74 -1.14 18.42
C PRO E 352 8.43 -1.19 16.95
N THR E 353 8.29 -2.38 16.39
CA THR E 353 7.98 -2.56 14.98
C THR E 353 6.48 -2.79 14.85
N LEU E 354 5.82 -1.95 14.05
CA LEU E 354 4.37 -1.88 14.00
C LEU E 354 3.79 -2.65 12.83
N TYR E 355 4.41 -2.53 11.67
CA TYR E 355 3.81 -2.94 10.41
C TYR E 355 4.29 -4.34 10.04
N ASN E 356 3.83 -5.32 10.80
CA ASN E 356 4.26 -6.67 10.51
C ASN E 356 3.60 -7.14 9.21
N VAL E 357 4.04 -6.59 8.08
CA VAL E 357 3.56 -7.01 6.79
C VAL E 357 3.94 -8.45 6.55
N SER E 358 3.08 -9.20 5.87
CA SER E 358 3.41 -10.58 5.55
C SER E 358 2.63 -10.97 4.31
N LEU E 359 3.34 -11.18 3.21
CA LEU E 359 2.74 -11.53 1.94
C LEU E 359 3.26 -12.89 1.49
N VAL E 360 2.35 -13.74 1.04
CA VAL E 360 2.64 -15.15 0.80
C VAL E 360 2.06 -15.59 -0.53
N MET E 361 2.71 -16.58 -1.14
CA MET E 361 2.25 -17.20 -2.37
C MET E 361 2.06 -18.71 -2.18
N ILE F 138 77.40 -8.95 24.81
CA ILE F 138 76.60 -8.73 26.01
C ILE F 138 75.76 -7.48 25.77
N ARG F 139 74.66 -7.63 25.04
CA ARG F 139 73.81 -6.49 24.73
C ARG F 139 72.60 -6.45 25.66
N VAL F 140 71.91 -5.31 25.64
CA VAL F 140 70.84 -5.00 26.58
C VAL F 140 69.66 -4.37 25.85
N PHE F 141 68.46 -4.80 26.22
CA PHE F 141 67.21 -4.15 25.82
C PHE F 141 66.60 -3.50 27.05
N ALA F 142 66.42 -2.19 27.01
CA ALA F 142 65.79 -1.45 28.11
C ALA F 142 64.33 -1.25 27.75
N ILE F 143 63.47 -2.16 28.21
CA ILE F 143 62.07 -2.19 27.78
C ILE F 143 61.27 -1.16 28.57
N PRO F 144 60.45 -0.35 27.91
CA PRO F 144 59.56 0.55 28.62
C PRO F 144 58.21 -0.08 28.86
N PRO F 145 57.49 0.32 29.91
CA PRO F 145 56.11 -0.15 30.09
C PRO F 145 55.24 0.30 28.93
N SER F 146 54.23 -0.53 28.62
CA SER F 146 53.32 -0.27 27.52
C SER F 146 51.94 0.09 28.07
N PHE F 147 51.29 1.06 27.40
CA PHE F 147 49.99 1.52 27.86
C PHE F 147 48.97 0.39 27.85
N ALA F 148 49.03 -0.49 26.85
CA ALA F 148 48.12 -1.62 26.81
C ALA F 148 48.29 -2.49 28.05
N SER F 149 49.54 -2.79 28.43
CA SER F 149 49.78 -3.61 29.60
C SER F 149 49.31 -2.92 30.87
N ILE F 150 49.60 -1.63 31.00
CA ILE F 150 49.24 -0.94 32.23
C ILE F 150 47.73 -0.83 32.36
N PHE F 151 47.01 -0.76 31.24
CA PHE F 151 45.56 -0.82 31.34
C PHE F 151 45.06 -2.22 31.69
N LEU F 152 45.61 -3.24 31.03
CA LEU F 152 45.13 -4.58 31.33
C LEU F 152 45.62 -5.10 32.68
N THR F 153 46.46 -4.34 33.37
CA THR F 153 47.00 -4.71 34.66
C THR F 153 46.61 -3.76 35.79
N LYS F 154 46.66 -2.46 35.55
CA LYS F 154 46.54 -1.43 36.58
C LYS F 154 47.66 -1.48 37.60
N SER F 155 48.65 -2.36 37.39
CA SER F 155 49.75 -2.59 38.31
C SER F 155 51.07 -2.46 37.56
N THR F 156 51.21 -1.35 36.85
CA THR F 156 52.31 -1.10 35.93
C THR F 156 53.66 -1.63 36.41
N LYS F 157 54.33 -2.35 35.52
CA LYS F 157 55.62 -2.96 35.77
C LYS F 157 56.72 -2.25 34.99
N LEU F 158 57.95 -2.39 35.46
CA LEU F 158 59.14 -1.92 34.76
C LEU F 158 60.15 -3.06 34.68
N THR F 159 60.64 -3.32 33.47
CA THR F 159 61.62 -4.38 33.23
C THR F 159 62.57 -3.97 32.11
N CYS F 160 63.86 -4.22 32.32
CA CYS F 160 64.86 -4.17 31.27
C CYS F 160 65.53 -5.54 31.16
N LEU F 161 66.26 -5.75 30.07
CA LEU F 161 66.77 -7.08 29.74
C LEU F 161 68.18 -7.00 29.18
N VAL F 162 69.11 -7.71 29.83
CA VAL F 162 70.47 -7.87 29.34
C VAL F 162 70.63 -9.31 28.90
N THR F 163 71.23 -9.51 27.73
CA THR F 163 71.48 -10.86 27.22
C THR F 163 72.89 -10.92 26.64
N ASP F 164 73.23 -12.07 26.07
CA ASP F 164 74.55 -12.40 25.57
C ASP F 164 75.62 -12.36 26.67
N LEU F 165 75.20 -12.32 27.93
CA LEU F 165 76.11 -12.29 29.07
C LEU F 165 76.67 -13.67 29.34
N THR F 166 77.68 -13.72 30.20
CA THR F 166 78.20 -15.00 30.68
C THR F 166 77.16 -15.63 31.60
N THR F 167 76.72 -16.83 31.26
CA THR F 167 75.48 -17.40 31.81
C THR F 167 75.70 -17.74 33.28
N TYR F 168 75.51 -16.72 34.12
CA TYR F 168 75.81 -16.84 35.54
C TYR F 168 74.69 -16.20 36.35
N ASP F 169 74.64 -16.55 37.63
CA ASP F 169 73.66 -16.01 38.57
C ASP F 169 74.08 -14.63 39.05
N SER F 170 73.51 -14.19 40.17
CA SER F 170 73.80 -12.90 40.79
C SER F 170 73.35 -11.73 39.93
N VAL F 171 72.42 -11.97 39.02
CA VAL F 171 71.88 -10.93 38.16
C VAL F 171 70.72 -10.28 38.89
N THR F 172 70.92 -9.03 39.32
CA THR F 172 69.88 -8.23 39.94
C THR F 172 69.85 -6.90 39.21
N ILE F 173 68.70 -6.57 38.63
CA ILE F 173 68.58 -5.36 37.82
C ILE F 173 68.43 -4.17 38.76
N SER F 174 69.40 -3.27 38.74
CA SER F 174 69.42 -2.11 39.61
C SER F 174 68.55 -1.01 38.99
N TRP F 175 67.25 -1.32 38.89
CA TRP F 175 66.31 -0.31 38.47
C TRP F 175 66.40 0.88 39.41
N THR F 176 66.27 2.08 38.85
CA THR F 176 66.36 3.29 39.65
C THR F 176 65.84 4.45 38.81
N ARG F 177 65.65 5.59 39.48
CA ARG F 177 65.05 6.75 38.85
C ARG F 177 66.07 7.46 37.95
N GLN F 178 65.64 8.59 37.39
CA GLN F 178 66.59 9.44 36.68
C GLN F 178 67.59 10.06 37.65
N ASN F 179 67.10 10.63 38.75
CA ASN F 179 68.00 11.07 39.82
C ASN F 179 68.68 9.88 40.47
N GLY F 180 68.02 8.72 40.47
CA GLY F 180 68.68 7.48 40.83
C GLY F 180 68.70 7.06 42.28
N GLU F 181 67.54 6.84 42.88
CA GLU F 181 67.45 6.12 44.14
C GLU F 181 66.92 4.72 43.89
N ALA F 182 67.17 3.83 44.84
CA ALA F 182 66.96 2.41 44.63
C ALA F 182 65.47 2.09 44.47
N VAL F 183 65.18 0.84 44.13
CA VAL F 183 63.82 0.36 43.89
C VAL F 183 63.61 -0.93 44.68
N LYS F 184 62.45 -1.56 44.48
CA LYS F 184 62.21 -2.89 44.99
C LYS F 184 62.90 -3.93 44.12
N THR F 185 63.41 -4.98 44.76
CA THR F 185 64.09 -6.05 44.05
C THR F 185 63.06 -6.89 43.31
N HIS F 186 63.52 -7.99 42.72
CA HIS F 186 62.67 -8.77 41.82
C HIS F 186 62.83 -10.25 42.14
N THR F 187 62.29 -11.09 41.26
CA THR F 187 62.31 -12.54 41.45
C THR F 187 62.03 -13.20 40.11
N ASN F 188 61.91 -14.53 40.13
CA ASN F 188 61.51 -15.33 38.97
C ASN F 188 62.45 -15.10 37.78
N ILE F 189 63.70 -15.52 37.98
CA ILE F 189 64.71 -15.40 36.94
C ILE F 189 64.35 -16.28 35.76
N SER F 190 64.80 -15.87 34.58
CA SER F 190 64.71 -16.74 33.41
C SER F 190 65.83 -17.78 33.45
N GLU F 191 65.62 -18.87 32.71
CA GLU F 191 66.65 -19.90 32.60
C GLU F 191 67.75 -19.46 31.65
N SER F 192 68.88 -20.18 31.71
CA SER F 192 69.92 -20.02 30.70
C SER F 192 69.39 -20.50 29.36
N HIS F 193 69.59 -19.70 28.32
CA HIS F 193 69.12 -20.10 27.00
C HIS F 193 69.82 -21.39 26.59
N PRO F 194 69.07 -22.36 26.03
CA PRO F 194 69.73 -23.41 25.25
C PRO F 194 70.52 -22.86 24.07
N ASN F 195 70.44 -21.56 23.79
CA ASN F 195 71.25 -20.87 22.80
C ASN F 195 72.53 -20.29 23.40
N ALA F 196 73.02 -20.87 24.51
CA ALA F 196 74.28 -20.50 25.14
C ALA F 196 74.29 -19.09 25.69
N THR F 197 73.13 -18.51 25.97
CA THR F 197 73.05 -17.18 26.56
C THR F 197 72.04 -17.19 27.71
N PHE F 198 71.77 -16.01 28.25
CA PHE F 198 71.01 -15.87 29.48
C PHE F 198 70.43 -14.45 29.51
N SER F 199 69.17 -14.33 29.89
CA SER F 199 68.47 -13.06 29.90
C SER F 199 68.27 -12.57 31.32
N ALA F 200 68.40 -11.25 31.50
CA ALA F 200 68.32 -10.61 32.81
C ALA F 200 66.94 -9.99 33.01
N VAL F 201 66.19 -10.51 33.98
CA VAL F 201 64.85 -10.03 34.28
C VAL F 201 64.83 -9.39 35.66
N GLY F 202 64.42 -8.12 35.70
CA GLY F 202 64.16 -7.45 36.97
C GLY F 202 62.83 -6.72 36.93
N GLU F 203 61.88 -7.16 37.74
CA GLU F 203 60.53 -6.61 37.71
C GLU F 203 60.21 -5.91 39.03
N ALA F 204 59.52 -4.78 38.93
CA ALA F 204 59.07 -4.04 40.10
C ALA F 204 57.78 -3.32 39.71
N SER F 205 57.39 -2.34 40.52
CA SER F 205 56.14 -1.63 40.28
C SER F 205 56.32 -0.14 40.48
N ILE F 206 55.49 0.64 39.79
CA ILE F 206 55.39 2.08 39.98
C ILE F 206 53.92 2.46 39.98
N CYS F 207 53.64 3.76 40.02
CA CYS F 207 52.36 4.29 39.56
C CYS F 207 52.62 5.28 38.44
N GLU F 208 51.61 5.45 37.58
CA GLU F 208 51.85 6.00 36.25
C GLU F 208 52.16 7.49 36.27
N ASP F 209 52.01 8.15 37.42
CA ASP F 209 52.48 9.54 37.50
C ASP F 209 53.95 9.63 37.14
N ASP F 210 54.72 8.57 37.40
CA ASP F 210 56.13 8.54 37.03
C ASP F 210 56.31 8.67 35.53
N TRP F 211 55.77 7.71 34.78
CA TRP F 211 55.87 7.74 33.33
C TRP F 211 55.19 8.99 32.75
N ASN F 212 54.23 9.54 33.47
CA ASN F 212 53.54 10.76 33.07
C ASN F 212 54.31 12.01 33.43
N SER F 213 55.61 11.89 33.70
CA SER F 213 56.39 13.03 34.15
C SER F 213 57.78 13.14 33.50
N GLY F 214 58.14 12.23 32.59
CA GLY F 214 59.44 12.30 31.94
C GLY F 214 60.59 11.72 32.75
N GLU F 215 60.37 11.38 34.02
CA GLU F 215 61.40 10.72 34.81
C GLU F 215 61.80 9.41 34.14
N ARG F 216 63.05 9.34 33.70
CA ARG F 216 63.53 8.18 32.94
C ARG F 216 64.11 7.16 33.90
N PHE F 217 63.46 6.00 33.99
CA PHE F 217 63.93 4.94 34.89
C PHE F 217 65.25 4.38 34.40
N THR F 218 66.17 4.17 35.32
CA THR F 218 67.52 3.74 35.00
C THR F 218 67.78 2.38 35.64
N CYS F 219 68.36 1.45 34.88
CA CYS F 219 68.83 0.18 35.41
C CYS F 219 70.27 0.00 34.93
N THR F 220 71.22 0.56 35.66
CA THR F 220 72.62 0.40 35.33
C THR F 220 73.04 -1.05 35.52
N VAL F 221 73.75 -1.60 34.54
CA VAL F 221 74.09 -3.01 34.54
C VAL F 221 75.44 -3.19 35.22
N THR F 222 75.45 -3.82 36.38
CA THR F 222 76.66 -4.14 37.13
C THR F 222 76.69 -5.63 37.40
N HIS F 223 77.77 -6.29 36.99
CA HIS F 223 77.93 -7.72 37.20
C HIS F 223 79.42 -8.05 37.17
N THR F 224 79.76 -9.18 37.78
CA THR F 224 81.17 -9.56 37.87
C THR F 224 81.80 -9.74 36.49
N ASP F 225 81.07 -10.38 35.56
CA ASP F 225 81.61 -10.59 34.24
C ASP F 225 81.79 -9.28 33.50
N LEU F 226 80.86 -8.35 33.68
CA LEU F 226 81.00 -7.05 33.03
C LEU F 226 82.11 -6.25 33.70
N PRO F 227 83.11 -5.78 32.96
CA PRO F 227 84.07 -4.83 33.53
C PRO F 227 83.64 -3.38 33.35
N SER F 228 82.67 -3.14 32.45
CA SER F 228 82.19 -1.80 32.15
C SER F 228 80.67 -1.77 32.19
N PRO F 229 80.06 -0.97 33.07
CA PRO F 229 78.60 -0.90 33.14
C PRO F 229 78.02 -0.09 31.98
N LEU F 230 76.92 -0.59 31.41
CA LEU F 230 76.21 0.12 30.36
C LEU F 230 75.33 1.21 30.98
N LYS F 231 74.46 1.81 30.17
CA LYS F 231 73.53 2.83 30.65
C LYS F 231 72.40 2.96 29.66
N GLN F 232 71.17 2.64 30.10
CA GLN F 232 70.00 2.77 29.26
C GLN F 232 68.79 3.11 30.12
N THR F 233 67.92 3.96 29.59
CA THR F 233 66.73 4.42 30.28
C THR F 233 65.53 4.31 29.35
N ILE F 234 64.36 4.65 29.89
CA ILE F 234 63.11 4.61 29.14
C ILE F 234 62.32 5.87 29.46
N SER F 235 61.68 6.44 28.43
CA SER F 235 61.01 7.73 28.55
C SER F 235 59.61 7.65 27.94
N ARG F 236 58.90 8.78 28.00
CA ARG F 236 57.57 8.92 27.43
C ARG F 236 57.61 9.86 26.24
N PRO F 237 57.40 9.36 25.02
CA PRO F 237 57.52 10.22 23.84
C PRO F 237 56.46 11.30 23.76
N LYS F 238 56.69 12.42 24.43
CA LYS F 238 55.77 13.55 24.38
C LYS F 238 55.68 14.13 22.97
N GLY F 239 54.82 15.14 22.79
CA GLY F 239 54.78 15.89 21.55
C GLY F 239 54.19 15.13 20.39
N VAL F 240 52.89 14.83 20.45
CA VAL F 240 52.23 14.09 19.38
C VAL F 240 50.75 14.41 19.42
N ALA F 241 50.16 14.60 18.25
CA ALA F 241 48.76 14.98 18.14
C ALA F 241 47.87 13.79 18.45
N LEU F 242 47.05 13.92 19.48
CA LEU F 242 46.24 12.82 19.98
C LEU F 242 44.86 12.87 19.35
N HIS F 243 44.38 11.72 18.89
CA HIS F 243 43.19 11.65 18.06
C HIS F 243 42.25 10.55 18.54
N ARG F 244 40.96 10.85 18.46
CA ARG F 244 39.92 9.93 18.92
C ARG F 244 39.62 8.91 17.83
N PRO F 245 39.69 7.62 18.12
CA PRO F 245 39.20 6.63 17.16
C PRO F 245 37.69 6.60 17.14
N ASP F 246 37.15 5.77 16.26
CA ASP F 246 35.74 5.41 16.28
C ASP F 246 35.58 3.95 15.91
N VAL F 247 35.20 3.14 16.90
CA VAL F 247 35.11 1.71 16.70
C VAL F 247 33.95 1.40 15.76
N TYR F 248 34.03 0.27 15.07
CA TYR F 248 32.93 -0.21 14.24
C TYR F 248 32.92 -1.74 14.31
N LEU F 249 32.10 -2.29 15.18
CA LEU F 249 31.76 -3.69 15.02
C LEU F 249 31.11 -3.87 13.65
N LEU F 250 31.49 -4.92 12.94
CA LEU F 250 30.99 -5.15 11.59
C LEU F 250 30.28 -6.48 11.51
N PRO F 251 28.95 -6.50 11.38
CA PRO F 251 28.24 -7.78 11.43
C PRO F 251 28.64 -8.66 10.25
N PRO F 252 28.53 -9.97 10.39
CA PRO F 252 29.04 -10.88 9.36
C PRO F 252 28.34 -10.68 8.03
N ALA F 253 28.83 -11.39 7.03
CA ALA F 253 28.24 -11.39 5.71
C ALA F 253 27.27 -12.54 5.56
N ARG F 254 26.22 -12.31 4.79
CA ARG F 254 25.19 -13.33 4.62
C ARG F 254 25.76 -14.62 4.05
N GLU F 255 26.84 -14.53 3.28
CA GLU F 255 27.46 -15.72 2.73
C GLU F 255 27.80 -16.70 3.84
N GLN F 256 28.42 -16.21 4.90
CA GLN F 256 28.67 -17.03 6.09
C GLN F 256 27.39 -17.62 6.64
N LEU F 257 26.30 -16.86 6.59
CA LEU F 257 25.08 -17.30 7.22
C LEU F 257 24.29 -18.25 6.36
N ASN F 258 24.94 -18.84 5.38
CA ASN F 258 24.35 -19.86 4.52
C ASN F 258 25.11 -21.18 4.59
N LEU F 259 26.44 -21.11 4.60
CA LEU F 259 27.24 -22.32 4.78
C LEU F 259 26.95 -22.99 6.11
N ARG F 260 26.45 -22.23 7.08
CA ARG F 260 25.94 -22.80 8.34
C ARG F 260 27.04 -23.62 9.02
N GLU F 261 28.21 -23.02 9.16
CA GLU F 261 29.34 -23.72 9.76
C GLU F 261 30.04 -22.89 10.84
N SER F 262 30.15 -21.58 10.66
CA SER F 262 30.81 -20.74 11.64
C SER F 262 30.51 -19.29 11.33
N ALA F 263 30.35 -18.49 12.39
CA ALA F 263 30.06 -17.08 12.25
C ALA F 263 31.33 -16.26 12.47
N THR F 264 31.47 -15.19 11.69
CA THR F 264 32.66 -14.34 11.71
C THR F 264 32.27 -12.92 12.07
N ILE F 265 33.11 -12.26 12.85
CA ILE F 265 32.81 -10.93 13.38
C ILE F 265 34.12 -10.18 13.58
N THR F 266 34.12 -8.90 13.26
CA THR F 266 35.34 -8.10 13.28
C THR F 266 35.09 -6.76 13.94
N CYS F 267 36.10 -6.26 14.63
CA CYS F 267 36.04 -4.96 15.30
C CYS F 267 37.08 -4.07 14.65
N LEU F 268 36.68 -2.86 14.28
CA LEU F 268 37.50 -1.99 13.46
C LEU F 268 37.78 -0.68 14.17
N VAL F 269 39.02 -0.19 14.07
CA VAL F 269 39.46 1.00 14.77
C VAL F 269 40.09 1.95 13.78
N THR F 270 39.93 3.26 14.00
CA THR F 270 40.40 4.26 13.04
C THR F 270 41.20 5.36 13.70
N GLY F 271 42.32 5.71 13.06
CA GLY F 271 42.92 7.03 13.18
C GLY F 271 43.35 7.52 14.54
N PHE F 272 43.24 6.70 15.57
CA PHE F 272 43.73 7.11 16.87
C PHE F 272 45.22 7.35 16.80
N SER F 273 45.68 8.40 17.48
CA SER F 273 47.10 8.68 17.55
C SER F 273 47.45 8.94 19.01
N PRO F 274 48.51 8.31 19.52
CA PRO F 274 49.42 7.41 18.83
C PRO F 274 48.88 5.99 18.72
N ALA F 275 49.79 5.05 18.55
CA ALA F 275 49.50 3.62 18.59
C ALA F 275 49.40 3.14 20.04
N ASP F 276 49.53 1.84 20.24
CA ASP F 276 49.51 1.24 21.58
C ASP F 276 48.14 1.40 22.23
N VAL F 277 47.16 0.76 21.63
CA VAL F 277 45.86 0.57 22.24
C VAL F 277 45.70 -0.91 22.59
N PHE F 278 44.64 -1.21 23.31
CA PHE F 278 44.27 -2.59 23.57
C PHE F 278 42.77 -2.72 23.43
N VAL F 279 42.31 -3.85 22.91
CA VAL F 279 40.90 -4.05 22.68
C VAL F 279 40.47 -5.38 23.29
N GLN F 280 39.27 -5.41 23.85
CA GLN F 280 38.72 -6.60 24.47
C GLN F 280 37.32 -6.83 23.94
N TRP F 281 36.95 -8.10 23.81
CA TRP F 281 35.62 -8.49 23.37
C TRP F 281 34.83 -8.93 24.59
N MET F 282 33.66 -8.35 24.76
CA MET F 282 32.96 -8.35 26.03
C MET F 282 31.57 -8.91 25.75
N GLN F 283 31.05 -9.76 26.63
CA GLN F 283 29.72 -10.29 26.33
C GLN F 283 28.92 -10.45 27.62
N ARG F 284 27.77 -9.78 27.67
CA ARG F 284 26.81 -9.75 28.78
C ARG F 284 27.48 -9.67 30.15
N GLY F 285 28.59 -8.95 30.24
CA GLY F 285 29.21 -8.74 31.53
C GLY F 285 30.37 -9.64 31.87
N GLN F 286 30.80 -10.49 30.94
CA GLN F 286 32.02 -11.23 31.17
C GLN F 286 32.88 -11.27 29.92
N PRO F 287 34.19 -11.06 30.05
CA PRO F 287 35.08 -11.30 28.92
C PRO F 287 35.14 -12.78 28.58
N LEU F 288 35.42 -13.06 27.31
CA LEU F 288 35.54 -14.42 26.84
C LEU F 288 37.02 -14.83 26.86
N SER F 289 37.32 -15.99 26.30
CA SER F 289 38.71 -16.38 26.15
C SER F 289 39.42 -15.38 25.23
N PRO F 290 40.54 -14.81 25.65
CA PRO F 290 41.30 -13.94 24.74
C PRO F 290 41.78 -14.68 23.51
N GLU F 291 41.84 -16.00 23.55
CA GLU F 291 42.13 -16.79 22.37
C GLU F 291 40.88 -17.14 21.58
N LYS F 292 39.69 -16.99 22.17
CA LYS F 292 38.48 -17.07 21.37
C LYS F 292 38.39 -15.94 20.35
N TYR F 293 39.23 -14.92 20.49
CA TYR F 293 39.34 -13.85 19.52
C TYR F 293 40.82 -13.58 19.28
N VAL F 294 41.08 -12.66 18.35
CA VAL F 294 42.43 -12.24 18.01
C VAL F 294 42.42 -10.76 17.76
N THR F 295 43.52 -10.11 18.08
CA THR F 295 43.74 -8.70 17.77
C THR F 295 45.05 -8.56 17.02
N SER F 296 45.06 -7.64 16.05
CA SER F 296 46.25 -7.35 15.29
C SER F 296 47.18 -6.43 16.07
N ALA F 297 48.13 -5.87 15.40
CA ALA F 297 48.92 -4.77 15.91
C ALA F 297 48.51 -3.49 15.21
N PRO F 298 48.81 -2.34 15.80
CA PRO F 298 48.59 -1.08 15.08
C PRO F 298 49.46 -1.00 13.84
N MET F 299 48.89 -0.50 12.76
CA MET F 299 49.61 -0.16 11.56
C MET F 299 49.19 1.23 11.08
N PRO F 300 50.10 1.94 10.41
CA PRO F 300 49.80 3.33 10.05
C PRO F 300 48.75 3.42 8.97
N GLU F 301 48.04 4.51 9.00
CA GLU F 301 47.03 4.74 7.99
C GLU F 301 47.71 5.17 6.69
N PRO F 302 47.19 4.72 5.53
CA PRO F 302 47.90 5.02 4.28
C PRO F 302 48.12 6.49 3.97
N GLN F 303 47.16 7.37 4.24
CA GLN F 303 47.23 8.72 3.68
C GLN F 303 47.47 9.81 4.71
N ALA F 304 47.02 9.65 5.95
CA ALA F 304 47.23 10.70 6.95
C ALA F 304 48.32 10.28 7.91
N PRO F 305 49.51 10.90 7.86
CA PRO F 305 50.63 10.41 8.67
C PRO F 305 50.34 10.30 10.15
N GLY F 306 49.66 11.28 10.73
CA GLY F 306 49.42 11.26 12.16
C GLY F 306 48.27 10.34 12.53
N ARG F 307 48.30 9.12 12.01
CA ARG F 307 47.20 8.18 12.17
C ARG F 307 47.73 6.76 12.23
N TYR F 308 47.05 5.93 13.01
CA TYR F 308 47.39 4.51 13.12
C TYR F 308 46.09 3.77 13.40
N PHE F 309 46.05 2.49 13.01
CA PHE F 309 44.86 1.70 13.28
C PHE F 309 45.26 0.25 13.48
N ALA F 310 44.36 -0.50 14.09
CA ALA F 310 44.62 -1.90 14.42
C ALA F 310 43.41 -2.71 14.02
N HIS F 311 43.40 -3.97 14.41
CA HIS F 311 42.36 -4.89 13.98
C HIS F 311 42.19 -5.95 15.04
N SER F 312 40.98 -6.48 15.14
CA SER F 312 40.77 -7.64 15.98
C SER F 312 39.65 -8.48 15.40
N ILE F 313 39.74 -9.78 15.65
CA ILE F 313 38.83 -10.75 15.07
C ILE F 313 38.36 -11.68 16.18
N LEU F 314 37.09 -12.08 16.13
CA LEU F 314 36.50 -13.08 17.00
C LEU F 314 35.94 -14.20 16.14
N THR F 315 35.45 -15.25 16.79
CA THR F 315 34.75 -16.31 16.08
C THR F 315 33.72 -16.99 16.98
N VAL F 316 32.54 -17.22 16.44
CA VAL F 316 31.50 -18.02 17.07
C VAL F 316 30.76 -18.78 15.99
N SER F 317 29.75 -19.56 16.38
CA SER F 317 28.84 -20.14 15.41
C SER F 317 27.63 -19.23 15.21
N GLU F 318 26.86 -19.57 14.18
CA GLU F 318 25.70 -18.79 13.77
C GLU F 318 24.50 -18.96 14.68
N GLU F 319 24.50 -19.95 15.58
CA GLU F 319 23.36 -20.11 16.48
C GLU F 319 23.42 -19.09 17.61
N GLU F 320 24.53 -19.06 18.33
CA GLU F 320 24.75 -18.02 19.31
C GLU F 320 24.85 -16.63 18.68
N TRP F 321 24.72 -16.56 17.36
CA TRP F 321 24.61 -15.27 16.67
C TRP F 321 23.20 -14.96 16.24
N ASN F 322 22.40 -15.98 15.92
CA ASN F 322 20.99 -15.74 15.67
C ASN F 322 20.27 -15.41 16.97
N THR F 323 20.64 -16.07 18.07
CA THR F 323 20.30 -15.55 19.38
C THR F 323 21.08 -14.28 19.66
N GLY F 324 22.39 -14.31 19.41
CA GLY F 324 23.18 -13.12 19.19
C GLY F 324 24.12 -12.68 20.30
N GLU F 325 23.63 -12.64 21.54
CA GLU F 325 24.45 -12.33 22.71
C GLU F 325 25.10 -10.95 22.62
N THR F 326 24.89 -10.24 21.52
CA THR F 326 25.16 -8.80 21.37
C THR F 326 26.65 -8.46 21.35
N TYR F 327 27.51 -9.39 21.76
CA TYR F 327 28.93 -9.39 21.40
C TYR F 327 29.62 -8.05 21.50
N THR F 328 29.80 -7.51 22.71
CA THR F 328 30.43 -6.21 22.86
C THR F 328 31.94 -6.27 22.61
N CYS F 329 32.47 -5.24 21.95
CA CYS F 329 33.89 -5.06 21.72
C CYS F 329 34.32 -3.75 22.36
N VAL F 330 35.37 -3.79 23.20
CA VAL F 330 35.79 -2.60 23.90
C VAL F 330 37.23 -2.26 23.51
N VAL F 331 37.59 -0.99 23.69
CA VAL F 331 38.82 -0.43 23.17
C VAL F 331 39.48 0.42 24.24
N ALA F 332 40.70 0.05 24.62
CA ALA F 332 41.49 0.80 25.60
C ALA F 332 42.38 1.77 24.86
N HIS F 333 42.08 3.06 24.98
CA HIS F 333 42.82 4.12 24.31
C HIS F 333 43.40 5.06 25.36
N GLU F 334 44.59 5.58 25.09
CA GLU F 334 45.26 6.43 26.07
C GLU F 334 44.87 7.88 25.93
N ALA F 335 44.29 8.28 24.82
CA ALA F 335 43.97 9.67 24.55
C ALA F 335 42.47 9.85 24.38
N LEU F 336 41.68 9.18 25.22
CA LEU F 336 40.24 9.13 25.20
C LEU F 336 39.68 9.75 26.49
N PRO F 337 38.53 10.46 26.41
CA PRO F 337 37.99 11.12 27.61
C PRO F 337 37.88 10.20 28.80
N ASN F 338 37.14 9.12 28.65
CA ASN F 338 37.06 8.11 29.69
C ASN F 338 38.26 7.17 29.67
N ARG F 339 39.14 7.34 28.69
CA ARG F 339 40.23 6.42 28.34
C ARG F 339 39.68 5.11 27.77
N VAL F 340 38.37 4.94 27.72
CA VAL F 340 37.74 3.72 27.21
C VAL F 340 36.48 4.10 26.45
N THR F 341 36.29 3.47 25.28
CA THR F 341 35.05 3.56 24.53
C THR F 341 34.73 2.17 23.98
N GLU F 342 33.46 1.92 23.73
CA GLU F 342 33.03 0.60 23.31
C GLU F 342 31.77 0.68 22.45
N ARG F 343 31.51 -0.42 21.74
CA ARG F 343 30.28 -0.62 21.01
C ARG F 343 29.91 -2.09 21.05
N THR F 344 28.73 -2.39 20.53
CA THR F 344 28.18 -3.74 20.49
C THR F 344 27.02 -3.75 19.50
N VAL F 345 26.84 -4.88 18.81
CA VAL F 345 25.74 -5.06 17.89
C VAL F 345 25.27 -6.50 17.95
N ASP F 346 24.09 -6.75 17.40
CA ASP F 346 23.49 -8.08 17.39
C ASP F 346 23.21 -8.50 15.95
N LYS F 347 22.57 -9.66 15.82
CA LYS F 347 22.11 -10.10 14.50
C LYS F 347 21.05 -9.16 13.94
N SER F 348 20.18 -8.66 14.80
CA SER F 348 19.11 -7.76 14.36
C SER F 348 19.54 -6.31 14.41
N THR F 349 20.68 -6.00 13.81
CA THR F 349 21.25 -4.68 13.97
C THR F 349 20.91 -3.75 12.81
N GLY F 350 21.08 -4.22 11.58
CA GLY F 350 20.78 -3.37 10.45
C GLY F 350 19.33 -3.28 10.06
N LYS F 351 18.46 -4.02 10.75
CA LYS F 351 17.05 -4.06 10.38
C LYS F 351 16.45 -2.66 10.49
N PRO F 352 15.37 -2.38 9.75
CA PRO F 352 14.76 -1.05 9.80
C PRO F 352 13.96 -0.80 11.07
N THR F 353 13.80 -1.80 11.93
CA THR F 353 13.30 -1.71 13.31
C THR F 353 11.95 -1.02 13.41
N LEU F 354 11.31 -0.74 12.29
CA LEU F 354 10.00 -0.12 12.27
C LEU F 354 8.95 -1.02 11.65
N TYR F 355 9.28 -1.64 10.51
CA TYR F 355 8.40 -2.55 9.80
C TYR F 355 9.11 -3.87 9.60
N ASN F 356 8.39 -4.97 9.77
CA ASN F 356 8.97 -6.28 9.61
C ASN F 356 8.33 -6.91 8.38
N VAL F 357 8.88 -6.58 7.21
CA VAL F 357 8.33 -7.10 5.96
C VAL F 357 8.71 -8.56 5.84
N SER F 358 7.77 -9.44 6.08
CA SER F 358 8.04 -10.85 5.93
C SER F 358 7.71 -11.26 4.51
N LEU F 359 8.01 -12.51 4.17
CA LEU F 359 7.66 -13.10 2.90
C LEU F 359 7.88 -14.61 2.95
N VAL F 360 6.86 -15.40 2.65
CA VAL F 360 6.98 -16.85 2.68
C VAL F 360 6.29 -17.45 1.47
N MET F 361 6.65 -18.70 1.17
CA MET F 361 6.03 -19.45 0.09
C MET F 361 4.79 -20.20 0.54
N ILE G 138 79.67 -15.55 9.76
CA ILE G 138 79.98 -15.55 8.35
C ILE G 138 78.80 -16.10 7.56
N ARG G 139 77.63 -15.51 7.78
CA ARG G 139 76.38 -16.01 7.22
C ARG G 139 75.88 -15.06 6.14
N VAL G 140 75.30 -15.62 5.08
CA VAL G 140 74.74 -14.85 3.98
C VAL G 140 73.31 -15.30 3.76
N PHE G 141 72.40 -14.34 3.65
CA PHE G 141 70.99 -14.61 3.43
C PHE G 141 70.57 -14.05 2.07
N ALA G 142 69.35 -14.43 1.66
CA ALA G 142 68.86 -14.15 0.32
C ALA G 142 67.46 -13.55 0.40
N ILE G 143 67.16 -12.69 -0.58
CA ILE G 143 65.82 -12.16 -0.76
C ILE G 143 65.18 -12.92 -1.92
N PRO G 144 64.26 -13.84 -1.66
CA PRO G 144 63.70 -14.67 -2.72
C PRO G 144 62.44 -14.07 -3.28
N PRO G 145 62.03 -14.48 -4.48
CA PRO G 145 60.71 -14.09 -4.98
C PRO G 145 59.61 -14.76 -4.16
N SER G 146 58.46 -14.10 -4.10
CA SER G 146 57.28 -14.64 -3.47
C SER G 146 56.30 -15.13 -4.53
N PHE G 147 55.31 -15.91 -4.10
CA PHE G 147 54.19 -16.15 -5.00
C PHE G 147 53.53 -14.84 -5.36
N ALA G 148 53.36 -13.95 -4.40
CA ALA G 148 52.92 -12.60 -4.72
C ALA G 148 53.82 -12.01 -5.79
N SER G 149 55.13 -12.05 -5.56
CA SER G 149 56.07 -11.38 -6.45
C SER G 149 55.92 -11.89 -7.87
N ILE G 150 56.03 -13.20 -8.05
CA ILE G 150 55.85 -13.78 -9.39
C ILE G 150 54.46 -13.46 -9.91
N PHE G 151 53.46 -13.45 -9.03
CA PHE G 151 52.11 -13.19 -9.49
C PHE G 151 51.96 -11.74 -9.97
N LEU G 152 52.40 -10.76 -9.16
CA LEU G 152 52.44 -9.39 -9.66
C LEU G 152 53.33 -9.28 -10.88
N THR G 153 54.50 -9.91 -10.82
CA THR G 153 55.57 -9.61 -11.76
C THR G 153 55.78 -10.68 -12.82
N LYS G 154 55.96 -11.95 -12.42
CA LYS G 154 56.54 -12.97 -13.30
C LYS G 154 57.92 -12.55 -13.81
N SER G 155 58.54 -11.59 -13.13
CA SER G 155 59.84 -11.06 -13.48
C SER G 155 60.79 -11.27 -12.31
N THR G 156 60.82 -12.49 -11.78
CA THR G 156 61.56 -12.83 -10.57
C THR G 156 63.03 -12.44 -10.63
N LYS G 157 63.67 -12.43 -9.46
CA LYS G 157 65.10 -12.12 -9.38
C LYS G 157 65.68 -12.90 -8.21
N LEU G 158 66.54 -13.87 -8.52
CA LEU G 158 67.21 -14.67 -7.48
C LEU G 158 68.30 -13.83 -6.86
N THR G 159 68.04 -13.31 -5.67
CA THR G 159 68.92 -12.37 -4.99
C THR G 159 69.35 -12.94 -3.65
N CYS G 160 70.66 -12.93 -3.39
CA CYS G 160 71.19 -13.30 -2.09
C CYS G 160 72.06 -12.17 -1.57
N LEU G 161 71.62 -11.54 -0.49
CA LEU G 161 72.27 -10.35 0.04
C LEU G 161 73.44 -10.79 0.91
N VAL G 162 74.65 -10.69 0.36
CA VAL G 162 75.83 -10.87 1.18
C VAL G 162 75.94 -9.69 2.14
N THR G 163 76.42 -9.97 3.35
CA THR G 163 76.58 -8.98 4.41
C THR G 163 77.46 -9.60 5.50
N ASP G 164 77.56 -8.91 6.64
CA ASP G 164 78.19 -9.42 7.85
C ASP G 164 79.70 -9.58 7.71
N LEU G 165 80.22 -9.31 6.52
CA LEU G 165 81.66 -9.26 6.30
C LEU G 165 82.06 -7.83 6.04
N THR G 166 83.23 -7.43 6.55
CA THR G 166 83.70 -6.06 6.33
C THR G 166 83.79 -5.78 4.84
N THR G 167 83.44 -4.56 4.45
CA THR G 167 83.35 -4.22 3.04
C THR G 167 84.73 -4.24 2.37
N TYR G 168 84.77 -4.81 1.18
CA TYR G 168 85.99 -4.92 0.36
C TYR G 168 85.58 -4.61 -1.07
N ASP G 169 86.41 -4.99 -2.04
CA ASP G 169 86.07 -4.80 -3.44
C ASP G 169 86.65 -5.95 -4.26
N SER G 170 86.36 -5.92 -5.56
CA SER G 170 86.84 -6.91 -6.53
C SER G 170 86.44 -8.32 -6.12
N VAL G 171 85.23 -8.45 -5.59
CA VAL G 171 84.66 -9.73 -5.18
C VAL G 171 83.50 -10.05 -6.11
N THR G 172 83.52 -11.23 -6.70
CA THR G 172 82.58 -11.62 -7.74
C THR G 172 81.49 -12.52 -7.17
N ILE G 173 80.26 -12.31 -7.61
CA ILE G 173 79.12 -13.11 -7.20
C ILE G 173 78.56 -13.81 -8.44
N SER G 174 77.74 -14.82 -8.22
CA SER G 174 77.14 -15.58 -9.31
C SER G 174 75.92 -16.32 -8.77
N TRP G 175 75.23 -17.04 -9.66
CA TRP G 175 74.09 -17.86 -9.29
C TRP G 175 74.24 -19.24 -9.89
N THR G 176 73.75 -20.24 -9.16
CA THR G 176 73.99 -21.64 -9.53
C THR G 176 72.81 -22.45 -9.00
N ARG G 177 72.76 -23.71 -9.40
CA ARG G 177 71.60 -24.55 -9.14
C ARG G 177 72.00 -25.82 -8.39
N GLN G 178 70.98 -26.53 -7.92
CA GLN G 178 71.20 -27.82 -7.28
C GLN G 178 71.83 -28.82 -8.25
N ASN G 179 71.70 -28.57 -9.54
CA ASN G 179 72.42 -29.33 -10.56
C ASN G 179 73.65 -28.61 -11.08
N GLY G 180 73.84 -27.35 -10.69
CA GLY G 180 75.13 -26.68 -10.86
C GLY G 180 75.42 -26.07 -12.21
N GLU G 181 74.40 -25.78 -13.02
CA GLU G 181 74.64 -25.29 -14.37
C GLU G 181 74.75 -23.78 -14.39
N ALA G 182 74.76 -23.20 -15.58
CA ALA G 182 74.99 -21.78 -15.78
C ALA G 182 73.69 -20.98 -15.73
N VAL G 183 73.75 -19.81 -15.13
CA VAL G 183 72.65 -18.86 -15.12
C VAL G 183 73.06 -17.68 -16.00
N LYS G 184 72.13 -16.73 -16.13
CA LYS G 184 72.54 -15.40 -16.58
C LYS G 184 73.39 -14.81 -15.48
N THR G 185 74.63 -14.45 -15.80
CA THR G 185 75.53 -13.88 -14.80
C THR G 185 74.85 -12.67 -14.16
N HIS G 186 74.61 -12.74 -12.86
CA HIS G 186 73.86 -11.72 -12.15
C HIS G 186 74.41 -10.33 -12.45
N THR G 187 73.52 -9.34 -12.43
CA THR G 187 73.88 -7.96 -12.68
C THR G 187 73.81 -7.16 -11.39
N ASN G 188 74.13 -5.87 -11.49
CA ASN G 188 73.95 -4.89 -10.41
C ASN G 188 74.66 -5.33 -9.13
N ILE G 189 76.00 -5.32 -9.21
CA ILE G 189 76.82 -5.53 -8.03
C ILE G 189 76.83 -4.26 -7.20
N SER G 190 76.72 -4.43 -5.87
CA SER G 190 76.41 -3.34 -4.93
C SER G 190 77.66 -2.84 -4.20
N GLU G 191 77.43 -2.04 -3.16
CA GLU G 191 78.39 -1.14 -2.54
C GLU G 191 78.69 -1.57 -1.09
N SER G 192 79.39 -0.68 -0.37
CA SER G 192 79.69 -0.90 1.04
C SER G 192 78.50 -0.53 1.92
N HIS G 193 78.30 -1.30 3.00
CA HIS G 193 77.35 -0.86 4.00
C HIS G 193 77.96 0.24 4.88
N PRO G 194 77.20 1.27 5.22
CA PRO G 194 77.54 2.06 6.41
C PRO G 194 77.49 1.24 7.69
N ASN G 195 76.84 0.08 7.70
CA ASN G 195 76.71 -0.74 8.90
C ASN G 195 77.85 -1.74 9.05
N ALA G 196 79.03 -1.42 8.51
CA ALA G 196 80.26 -2.19 8.72
C ALA G 196 80.17 -3.58 8.11
N THR G 197 79.37 -3.74 7.05
CA THR G 197 79.29 -5.01 6.34
C THR G 197 79.43 -4.77 4.83
N PHE G 198 79.39 -5.87 4.08
CA PHE G 198 79.66 -5.87 2.64
C PHE G 198 78.42 -6.35 1.90
N SER G 199 77.86 -5.49 1.04
CA SER G 199 76.63 -5.81 0.31
C SER G 199 77.00 -6.40 -1.04
N ALA G 200 76.57 -7.64 -1.29
CA ALA G 200 76.63 -8.24 -2.61
C ALA G 200 75.35 -9.03 -2.83
N VAL G 201 74.80 -8.93 -4.04
CA VAL G 201 73.48 -9.49 -4.31
C VAL G 201 73.39 -9.76 -5.80
N GLY G 202 72.62 -10.78 -6.16
CA GLY G 202 72.52 -11.26 -7.53
C GLY G 202 71.23 -10.81 -8.19
N GLU G 203 71.37 -10.22 -9.37
CA GLU G 203 70.24 -9.75 -10.17
C GLU G 203 70.06 -10.67 -11.36
N ALA G 204 69.01 -11.48 -11.34
CA ALA G 204 68.79 -12.49 -12.36
C ALA G 204 67.30 -12.59 -12.67
N SER G 205 66.95 -13.61 -13.46
CA SER G 205 65.55 -13.86 -13.82
C SER G 205 65.46 -15.32 -14.28
N ILE G 206 64.66 -16.12 -13.57
CA ILE G 206 64.59 -17.56 -13.81
C ILE G 206 63.13 -17.98 -13.80
N CYS G 207 62.64 -18.47 -14.93
CA CYS G 207 61.28 -19.02 -14.99
C CYS G 207 61.08 -20.06 -13.91
N GLU G 208 60.08 -19.84 -13.06
CA GLU G 208 60.03 -20.41 -11.72
C GLU G 208 59.28 -21.74 -11.65
N ASP G 209 59.15 -22.46 -12.77
CA ASP G 209 58.70 -23.84 -12.67
C ASP G 209 59.73 -24.69 -11.95
N ASP G 210 61.00 -24.31 -12.06
CA ASP G 210 62.08 -24.98 -11.36
C ASP G 210 62.16 -24.61 -9.89
N TRP G 211 61.66 -23.42 -9.53
CA TRP G 211 61.44 -23.08 -8.11
C TRP G 211 60.29 -23.85 -7.50
N ASN G 212 59.50 -24.56 -8.31
CA ASN G 212 58.27 -25.19 -7.82
C ASN G 212 58.55 -26.55 -7.22
N SER G 213 59.34 -27.39 -7.89
CA SER G 213 59.41 -28.81 -7.57
C SER G 213 60.56 -29.18 -6.64
N GLY G 214 61.31 -28.21 -6.12
CA GLY G 214 62.26 -28.48 -5.06
C GLY G 214 63.74 -28.32 -5.38
N GLU G 215 64.10 -27.78 -6.54
CA GLU G 215 65.50 -27.46 -6.80
C GLU G 215 65.99 -26.43 -5.78
N ARG G 216 67.13 -26.69 -5.16
CA ARG G 216 67.70 -25.76 -4.19
C ARG G 216 68.69 -24.87 -4.92
N PHE G 217 68.25 -23.67 -5.28
CA PHE G 217 69.08 -22.75 -6.03
C PHE G 217 70.19 -22.21 -5.14
N THR G 218 71.41 -22.17 -5.67
CA THR G 218 72.59 -21.87 -4.86
C THR G 218 73.35 -20.68 -5.44
N CYS G 219 73.77 -19.77 -4.58
CA CYS G 219 74.74 -18.75 -4.93
C CYS G 219 75.94 -18.93 -4.02
N THR G 220 77.13 -18.85 -4.61
CA THR G 220 78.36 -19.28 -3.95
C THR G 220 79.24 -18.08 -3.64
N VAL G 221 80.02 -18.20 -2.56
CA VAL G 221 80.89 -17.14 -2.10
C VAL G 221 82.25 -17.25 -2.78
N THR G 222 82.62 -16.21 -3.52
CA THR G 222 83.94 -16.08 -4.15
C THR G 222 84.50 -14.76 -3.65
N HIS G 223 85.28 -14.83 -2.57
CA HIS G 223 85.63 -13.66 -1.76
C HIS G 223 87.15 -13.61 -1.56
N THR G 224 87.57 -12.69 -0.69
CA THR G 224 88.94 -12.64 -0.22
C THR G 224 89.09 -13.09 1.23
N ASP G 225 87.98 -13.23 1.96
CA ASP G 225 88.04 -13.65 3.35
C ASP G 225 88.27 -15.15 3.49
N LEU G 226 87.68 -15.95 2.59
CA LEU G 226 87.65 -17.39 2.83
C LEU G 226 88.24 -18.15 1.65
N PRO G 227 89.16 -19.09 1.89
CA PRO G 227 89.54 -20.07 0.88
C PRO G 227 88.81 -21.41 0.96
N SER G 228 87.83 -21.54 1.86
CA SER G 228 87.04 -22.75 2.00
C SER G 228 85.59 -22.44 1.64
N PRO G 229 85.17 -22.69 0.41
CA PRO G 229 83.83 -22.27 -0.03
C PRO G 229 82.75 -23.25 0.40
N LEU G 230 81.60 -22.69 0.76
CA LEU G 230 80.41 -23.45 1.09
C LEU G 230 79.26 -22.97 0.22
N LYS G 231 78.52 -23.91 -0.37
CA LYS G 231 77.36 -23.56 -1.18
C LYS G 231 76.24 -23.08 -0.25
N GLN G 232 75.69 -21.90 -0.56
CA GLN G 232 74.53 -21.37 0.16
C GLN G 232 73.32 -21.42 -0.77
N THR G 233 72.26 -22.08 -0.32
CA THR G 233 71.11 -22.34 -1.17
C THR G 233 69.83 -22.01 -0.42
N ILE G 234 68.71 -22.14 -1.12
CA ILE G 234 67.38 -21.90 -0.57
C ILE G 234 66.47 -23.05 -0.96
N SER G 235 65.79 -23.63 0.02
CA SER G 235 64.88 -24.75 -0.19
C SER G 235 63.46 -24.35 0.19
N ARG G 236 62.51 -24.69 -0.67
CA ARG G 236 61.12 -24.32 -0.51
C ARG G 236 60.27 -25.56 -0.72
N PRO G 237 59.32 -25.86 0.18
CA PRO G 237 58.54 -27.11 0.24
C PRO G 237 57.92 -27.53 -1.09
N ALA G 241 49.17 -28.80 2.71
CA ALA G 241 48.18 -28.08 3.51
C ALA G 241 47.65 -26.89 2.74
N LEU G 242 47.28 -27.14 1.48
CA LEU G 242 46.76 -26.11 0.60
C LEU G 242 45.27 -25.97 0.87
N HIS G 243 44.84 -24.75 1.20
CA HIS G 243 43.47 -24.54 1.65
C HIS G 243 42.82 -23.39 0.92
N ARG G 244 41.49 -23.46 0.84
CA ARG G 244 40.69 -22.57 0.00
C ARG G 244 40.22 -21.37 0.81
N PRO G 245 40.65 -20.16 0.51
CA PRO G 245 40.09 -18.99 1.18
C PRO G 245 38.64 -18.79 0.81
N ASP G 246 37.92 -18.13 1.72
CA ASP G 246 36.57 -17.63 1.46
C ASP G 246 36.64 -16.13 1.62
N VAL G 247 37.01 -15.44 0.54
CA VAL G 247 37.03 -13.99 0.56
C VAL G 247 35.65 -13.51 0.94
N TYR G 248 35.57 -12.32 1.54
CA TYR G 248 34.28 -11.83 2.02
C TYR G 248 34.37 -10.31 2.05
N LEU G 249 33.85 -9.63 1.04
CA LEU G 249 33.72 -8.20 1.22
C LEU G 249 32.66 -7.94 2.29
N LEU G 250 32.98 -7.07 3.22
CA LEU G 250 31.99 -6.65 4.20
C LEU G 250 31.66 -5.19 3.95
N PRO G 251 30.45 -4.87 3.51
CA PRO G 251 30.13 -3.48 3.24
C PRO G 251 30.19 -2.68 4.53
N PRO G 252 30.48 -1.39 4.44
CA PRO G 252 30.74 -0.60 5.64
C PRO G 252 29.54 -0.48 6.55
N ALA G 253 29.74 0.17 7.71
CA ALA G 253 28.74 0.22 8.75
C ALA G 253 28.06 1.59 8.76
N ARG G 254 26.73 1.58 8.91
CA ARG G 254 25.89 2.77 8.94
C ARG G 254 26.51 3.85 9.82
N GLU G 255 27.13 3.43 10.91
CA GLU G 255 27.80 4.36 11.80
C GLU G 255 28.89 5.13 11.08
N GLN G 256 29.43 4.59 9.98
CA GLN G 256 30.31 5.36 9.12
C GLN G 256 29.60 5.83 7.86
N LEU G 257 28.39 5.31 7.61
CA LEU G 257 27.53 5.82 6.56
C LEU G 257 26.66 6.97 7.04
N ASN G 258 27.10 7.65 8.08
CA ASN G 258 26.40 8.77 8.66
C ASN G 258 27.18 10.07 8.61
N LEU G 259 28.52 10.01 8.66
CA LEU G 259 29.33 11.19 8.43
C LEU G 259 29.21 11.68 6.99
N ARG G 260 28.69 10.87 6.08
CA ARG G 260 28.38 11.25 4.71
C ARG G 260 29.62 11.68 3.95
N GLU G 261 30.82 11.41 4.48
CA GLU G 261 32.05 11.92 3.90
C GLU G 261 33.06 10.83 3.53
N SER G 262 33.31 9.88 4.42
CA SER G 262 34.29 8.83 4.15
C SER G 262 33.71 7.47 4.49
N ALA G 263 33.98 6.50 3.63
CA ALA G 263 33.51 5.14 3.82
C ALA G 263 34.66 4.17 3.58
N THR G 264 34.56 3.00 4.20
CA THR G 264 35.67 2.05 4.20
C THR G 264 35.14 0.64 3.92
N ILE G 265 35.86 -0.09 3.07
CA ILE G 265 35.46 -1.43 2.68
C ILE G 265 36.58 -2.37 3.10
N THR G 266 36.25 -3.62 3.38
CA THR G 266 37.20 -4.60 3.91
C THR G 266 37.15 -5.92 3.16
N CYS G 267 38.08 -6.10 2.22
CA CYS G 267 38.14 -7.36 1.49
C CYS G 267 38.75 -8.41 2.41
N LEU G 268 38.01 -8.76 3.45
CA LEU G 268 38.46 -9.77 4.38
C LEU G 268 38.83 -11.05 3.65
N VAL G 269 39.96 -11.64 4.04
CA VAL G 269 40.45 -12.88 3.46
C VAL G 269 40.61 -13.88 4.59
N THR G 270 40.02 -15.05 4.44
CA THR G 270 39.95 -15.99 5.55
C THR G 270 40.31 -17.39 5.08
N GLY G 271 40.36 -18.29 6.06
CA GLY G 271 40.22 -19.71 5.82
C GLY G 271 41.18 -20.33 4.85
N PHE G 272 42.39 -19.83 4.73
CA PHE G 272 43.31 -20.39 3.75
C PHE G 272 44.61 -20.84 4.39
N SER G 273 45.35 -21.64 3.63
CA SER G 273 46.71 -22.05 3.96
C SER G 273 47.32 -22.59 2.68
N PRO G 274 48.62 -22.43 2.45
CA PRO G 274 49.54 -21.69 3.32
C PRO G 274 49.53 -20.19 3.07
N ALA G 275 50.58 -19.52 3.53
CA ALA G 275 50.67 -18.06 3.49
C ALA G 275 51.07 -17.56 2.12
N ASP G 276 51.50 -16.29 2.07
CA ASP G 276 51.96 -15.64 0.84
C ASP G 276 50.82 -15.57 -0.19
N VAL G 277 49.81 -14.80 0.17
CA VAL G 277 48.80 -14.36 -0.77
C VAL G 277 49.14 -12.93 -1.17
N PHE G 278 48.77 -12.57 -2.40
CA PHE G 278 48.76 -11.18 -2.80
C PHE G 278 47.32 -10.76 -3.04
N VAL G 279 46.97 -9.54 -2.65
CA VAL G 279 45.62 -9.04 -2.85
C VAL G 279 45.69 -7.61 -3.36
N GLN G 280 44.61 -7.20 -4.03
CA GLN G 280 44.45 -5.85 -4.53
C GLN G 280 42.99 -5.72 -4.97
N TRP G 281 42.60 -4.50 -5.32
CA TRP G 281 41.21 -4.20 -5.60
C TRP G 281 41.06 -3.68 -7.02
N MET G 282 39.98 -4.10 -7.68
CA MET G 282 39.66 -3.61 -9.01
C MET G 282 38.24 -3.06 -9.02
N GLN G 283 38.07 -1.93 -9.69
CA GLN G 283 36.75 -1.39 -10.02
C GLN G 283 36.57 -1.43 -11.52
N ARG G 284 35.37 -1.81 -11.95
CA ARG G 284 34.99 -1.92 -13.36
C ARG G 284 36.13 -2.58 -14.12
N GLY G 285 36.74 -3.60 -13.52
CA GLY G 285 37.83 -4.33 -14.12
C GLY G 285 39.23 -3.87 -13.78
N GLN G 286 39.56 -2.60 -13.99
CA GLN G 286 40.95 -2.19 -13.89
C GLN G 286 41.39 -2.13 -12.43
N PRO G 287 42.67 -2.31 -12.16
CA PRO G 287 43.18 -2.10 -10.81
C PRO G 287 43.12 -0.64 -10.41
N LEU G 288 42.96 -0.41 -9.11
CA LEU G 288 42.90 0.93 -8.57
C LEU G 288 44.26 1.34 -7.99
N SER G 289 44.27 2.48 -7.30
CA SER G 289 45.52 3.09 -6.87
C SER G 289 46.26 2.17 -5.90
N PRO G 290 47.53 1.89 -6.17
CA PRO G 290 48.30 1.05 -5.22
C PRO G 290 48.55 1.71 -3.88
N GLU G 291 48.69 3.03 -3.85
CA GLU G 291 49.13 3.69 -2.63
C GLU G 291 47.95 4.02 -1.74
N LYS G 292 46.85 3.32 -1.93
CA LYS G 292 45.72 3.40 -1.00
C LYS G 292 45.40 2.06 -0.35
N TYR G 293 45.37 0.97 -1.10
CA TYR G 293 45.07 -0.32 -0.50
C TYR G 293 46.14 -0.66 0.52
N VAL G 294 45.70 -1.10 1.69
CA VAL G 294 46.61 -1.47 2.76
C VAL G 294 46.25 -2.88 3.18
N THR G 295 47.23 -3.77 3.17
CA THR G 295 46.98 -5.17 3.45
C THR G 295 47.80 -5.59 4.65
N SER G 296 47.11 -5.94 5.74
CA SER G 296 47.79 -6.54 6.87
C SER G 296 48.49 -7.81 6.44
N ALA G 297 49.69 -8.01 6.96
CA ALA G 297 50.44 -9.22 6.65
C ALA G 297 49.69 -10.44 7.17
N PRO G 298 49.89 -11.60 6.56
CA PRO G 298 49.14 -12.79 6.97
C PRO G 298 49.35 -13.13 8.43
N MET G 299 48.26 -13.46 9.10
CA MET G 299 48.23 -13.81 10.51
C MET G 299 47.83 -15.27 10.69
N PRO G 300 48.23 -15.90 11.80
CA PRO G 300 47.77 -17.26 12.09
C PRO G 300 46.34 -17.24 12.62
N GLU G 301 45.52 -18.14 12.09
CA GLU G 301 44.14 -18.21 12.55
C GLU G 301 44.08 -18.67 14.00
N PRO G 302 43.21 -18.09 14.82
CA PRO G 302 43.13 -18.48 16.23
C PRO G 302 42.68 -19.92 16.47
N GLN G 303 41.50 -20.29 15.97
CA GLN G 303 40.91 -21.59 16.27
C GLN G 303 41.27 -22.67 15.26
N ALA G 304 41.63 -22.29 14.03
CA ALA G 304 42.16 -23.24 13.08
C ALA G 304 43.67 -23.21 13.15
N PRO G 305 44.32 -24.34 13.39
CA PRO G 305 45.77 -24.32 13.59
C PRO G 305 46.56 -23.92 12.35
N GLY G 306 46.33 -24.62 11.25
CA GLY G 306 47.11 -24.42 10.05
C GLY G 306 46.63 -23.30 9.15
N ARG G 307 45.51 -22.67 9.47
CA ARG G 307 44.89 -21.68 8.61
C ARG G 307 45.41 -20.29 8.94
N TYR G 308 45.33 -19.40 7.96
CA TYR G 308 45.71 -18.00 8.13
C TYR G 308 44.57 -17.10 7.69
N PHE G 309 44.78 -15.80 7.83
CA PHE G 309 43.90 -14.79 7.28
C PHE G 309 44.72 -13.54 7.01
N ALA G 310 44.05 -12.51 6.52
CA ALA G 310 44.69 -11.26 6.18
C ALA G 310 43.62 -10.20 6.09
N HIS G 311 43.95 -9.05 5.55
CA HIS G 311 43.00 -7.96 5.44
C HIS G 311 43.38 -7.08 4.29
N SER G 312 42.43 -6.28 3.85
CA SER G 312 42.79 -5.02 3.24
C SER G 312 41.60 -4.10 3.36
N ILE G 313 41.87 -2.80 3.37
CA ILE G 313 40.87 -1.78 3.60
C ILE G 313 41.15 -0.61 2.68
N LEU G 314 40.08 -0.07 2.10
CA LEU G 314 40.20 1.13 1.29
C LEU G 314 39.14 2.14 1.66
N THR G 315 39.46 3.40 1.43
CA THR G 315 38.57 4.51 1.75
C THR G 315 37.97 5.05 0.47
N VAL G 316 36.65 5.04 0.40
CA VAL G 316 35.90 5.69 -0.67
C VAL G 316 35.09 6.79 -0.04
N SER G 317 34.98 7.92 -0.74
CA SER G 317 34.07 8.95 -0.29
C SER G 317 32.68 8.36 -0.19
N GLU G 318 31.98 8.67 0.90
CA GLU G 318 30.68 8.08 1.19
C GLU G 318 29.81 8.08 -0.05
N GLU G 319 29.91 9.15 -0.85
CA GLU G 319 29.16 9.22 -2.08
C GLU G 319 29.72 8.30 -3.15
N GLU G 320 31.04 8.08 -3.17
CA GLU G 320 31.60 7.14 -4.14
C GLU G 320 30.90 5.80 -4.04
N TRP G 321 30.83 5.24 -2.83
CA TRP G 321 30.19 3.95 -2.66
C TRP G 321 28.69 4.06 -2.92
N ASN G 322 28.13 5.27 -2.84
CA ASN G 322 26.75 5.55 -3.18
C ASN G 322 26.52 5.70 -4.67
N THR G 323 27.46 5.30 -5.51
CA THR G 323 27.40 5.53 -6.94
C THR G 323 27.73 4.25 -7.71
N GLY G 324 27.08 3.15 -7.32
CA GLY G 324 27.38 1.87 -7.94
C GLY G 324 28.76 1.39 -7.54
N GLU G 325 29.69 1.38 -8.49
CA GLU G 325 31.10 1.16 -8.19
C GLU G 325 31.34 -0.18 -7.49
N THR G 326 31.19 -1.24 -8.27
CA THR G 326 31.29 -2.63 -7.82
C THR G 326 32.36 -2.88 -6.74
N TYR G 327 33.58 -2.39 -6.94
CA TYR G 327 34.65 -2.56 -5.97
C TYR G 327 34.99 -4.04 -5.76
N THR G 328 35.54 -4.62 -6.82
CA THR G 328 35.97 -6.02 -6.79
C THR G 328 37.37 -6.14 -6.20
N CYS G 329 37.61 -7.20 -5.44
CA CYS G 329 38.90 -7.43 -4.82
C CYS G 329 39.44 -8.81 -5.22
N VAL G 330 40.77 -8.91 -5.32
CA VAL G 330 41.44 -10.12 -5.79
C VAL G 330 42.11 -10.84 -4.64
N VAL G 331 41.92 -12.14 -4.58
CA VAL G 331 42.76 -13.03 -3.80
C VAL G 331 43.65 -13.79 -4.77
N ALA G 332 44.93 -13.88 -4.45
CA ALA G 332 45.91 -14.60 -5.27
C ALA G 332 46.60 -15.60 -4.36
N HIS G 333 46.09 -16.83 -4.32
CA HIS G 333 46.57 -17.86 -3.41
C HIS G 333 46.71 -19.15 -4.20
N GLU G 334 47.87 -19.79 -4.07
CA GLU G 334 48.18 -20.95 -4.89
C GLU G 334 47.51 -22.23 -4.40
N ALA G 335 46.48 -22.12 -3.58
CA ALA G 335 45.64 -23.26 -3.25
C ALA G 335 44.30 -23.21 -3.96
N LEU G 336 44.27 -22.65 -5.16
CA LEU G 336 43.02 -22.38 -5.84
C LEU G 336 43.16 -22.76 -7.30
N PRO G 337 42.15 -23.38 -7.91
CA PRO G 337 42.34 -23.97 -9.24
C PRO G 337 42.73 -22.92 -10.26
N ASN G 338 41.91 -21.90 -10.39
CA ASN G 338 42.22 -20.81 -11.30
C ASN G 338 43.24 -19.85 -10.71
N ARG G 339 43.83 -20.21 -9.57
CA ARG G 339 44.86 -19.44 -8.88
C ARG G 339 44.32 -18.10 -8.39
N VAL G 340 43.05 -17.81 -8.67
CA VAL G 340 42.48 -16.49 -8.44
C VAL G 340 40.98 -16.64 -8.16
N THR G 341 40.48 -15.90 -7.18
CA THR G 341 39.06 -15.62 -7.07
C THR G 341 38.85 -14.13 -6.92
N GLU G 342 37.78 -13.64 -7.50
CA GLU G 342 37.32 -12.27 -7.29
C GLU G 342 36.02 -12.31 -6.52
N ARG G 343 35.74 -11.22 -5.83
CA ARG G 343 34.42 -11.01 -5.27
C ARG G 343 34.18 -9.52 -5.20
N THR G 344 32.92 -9.14 -5.21
CA THR G 344 32.55 -7.74 -5.14
C THR G 344 31.16 -7.62 -4.57
N VAL G 345 30.90 -6.45 -3.98
CA VAL G 345 29.61 -6.12 -3.40
C VAL G 345 29.40 -4.62 -3.54
N ASP G 346 28.14 -4.20 -3.57
CA ASP G 346 27.82 -2.77 -3.57
C ASP G 346 26.70 -2.51 -2.57
N LYS G 347 26.17 -1.29 -2.56
CA LYS G 347 25.05 -1.00 -1.68
C LYS G 347 23.94 -2.01 -1.90
N SER G 348 23.63 -2.29 -3.16
CA SER G 348 22.58 -3.23 -3.48
C SER G 348 23.03 -4.65 -3.21
N THR G 349 23.33 -4.96 -1.97
CA THR G 349 23.61 -6.33 -1.61
C THR G 349 22.76 -6.82 -0.45
N GLY G 350 22.57 -6.00 0.57
CA GLY G 350 21.70 -6.39 1.67
C GLY G 350 20.23 -6.28 1.33
N LYS G 351 19.88 -5.47 0.35
CA LYS G 351 18.49 -5.28 -0.01
C LYS G 351 17.89 -6.61 -0.48
N PRO G 352 16.61 -6.86 -0.21
CA PRO G 352 16.01 -8.14 -0.60
C PRO G 352 15.71 -8.24 -2.08
N THR G 353 15.48 -7.12 -2.75
CA THR G 353 15.46 -7.02 -4.22
C THR G 353 14.32 -7.82 -4.84
N LEU G 354 13.58 -8.57 -4.03
CA LEU G 354 12.33 -9.12 -4.50
C LEU G 354 11.19 -8.15 -4.26
N TYR G 355 11.22 -7.45 -3.12
CA TYR G 355 10.27 -6.41 -2.79
C TYR G 355 10.98 -5.16 -2.32
N ASN G 356 10.36 -4.02 -2.54
CA ASN G 356 11.03 -2.73 -2.35
C ASN G 356 10.16 -1.87 -1.45
N VAL G 357 10.30 -2.04 -0.14
CA VAL G 357 9.42 -1.36 0.80
C VAL G 357 9.84 0.11 0.91
N SER G 358 8.88 0.94 1.33
CA SER G 358 9.16 2.36 1.37
C SER G 358 8.33 3.03 2.45
N LEU G 359 8.76 4.21 2.85
CA LEU G 359 8.03 5.09 3.76
C LEU G 359 7.95 6.46 3.14
N VAL G 360 6.76 7.07 3.15
CA VAL G 360 6.56 8.38 2.58
C VAL G 360 5.73 9.21 3.55
N MET G 361 6.00 10.50 3.59
CA MET G 361 5.31 11.38 4.52
C MET G 361 4.58 12.49 3.77
N ILE H 138 56.25 -37.78 -45.79
CA ILE H 138 56.80 -36.47 -45.48
C ILE H 138 55.75 -35.66 -44.74
N ARG H 139 54.86 -36.37 -44.06
CA ARG H 139 53.72 -35.77 -43.37
C ARG H 139 54.08 -35.64 -41.89
N VAL H 140 54.40 -34.43 -41.45
CA VAL H 140 54.80 -34.19 -40.07
C VAL H 140 53.95 -33.07 -39.50
N PHE H 141 53.30 -33.33 -38.38
CA PHE H 141 52.57 -32.32 -37.63
C PHE H 141 53.40 -31.86 -36.45
N ALA H 142 53.11 -30.66 -35.97
CA ALA H 142 53.77 -30.10 -34.80
C ALA H 142 52.77 -29.24 -34.06
N ILE H 143 52.51 -29.56 -32.79
CA ILE H 143 51.43 -28.96 -32.02
C ILE H 143 52.00 -27.78 -31.25
N PRO H 144 51.64 -26.54 -31.58
CA PRO H 144 52.06 -25.41 -30.77
C PRO H 144 51.29 -25.36 -29.46
N PRO H 145 51.98 -25.13 -28.34
CA PRO H 145 51.26 -24.95 -27.08
C PRO H 145 50.29 -23.77 -27.16
N SER H 146 49.12 -23.96 -26.55
CA SER H 146 48.02 -23.01 -26.58
C SER H 146 47.65 -22.59 -25.16
N PHE H 147 46.88 -21.51 -25.06
CA PHE H 147 46.45 -21.03 -23.76
C PHE H 147 45.67 -22.13 -23.02
N ALA H 148 44.76 -22.80 -23.71
CA ALA H 148 44.16 -23.99 -23.12
C ALA H 148 45.22 -25.05 -22.86
N SER H 149 46.12 -25.24 -23.82
CA SER H 149 47.15 -26.27 -23.67
C SER H 149 48.04 -25.98 -22.48
N ILE H 150 48.49 -24.73 -22.34
CA ILE H 150 49.31 -24.40 -21.18
C ILE H 150 48.50 -24.57 -19.91
N PHE H 151 47.24 -24.14 -19.91
CA PHE H 151 46.43 -24.23 -18.70
C PHE H 151 46.14 -25.68 -18.33
N LEU H 152 46.32 -26.62 -19.26
CA LEU H 152 46.09 -28.03 -18.93
C LEU H 152 46.87 -28.43 -17.68
N THR H 153 48.15 -28.05 -17.60
CA THR H 153 48.90 -28.27 -16.37
C THR H 153 49.83 -27.10 -16.01
N LYS H 154 49.74 -25.96 -16.68
CA LYS H 154 50.69 -24.85 -16.51
C LYS H 154 52.12 -25.33 -16.72
N SER H 155 52.30 -26.26 -17.63
CA SER H 155 53.55 -26.96 -17.89
C SER H 155 53.82 -27.03 -19.39
N THR H 156 53.80 -25.85 -20.04
CA THR H 156 53.84 -25.74 -21.49
C THR H 156 54.71 -26.79 -22.14
N LYS H 157 54.13 -27.48 -23.12
CA LYS H 157 54.70 -28.67 -23.72
C LYS H 157 54.63 -28.57 -25.24
N LEU H 158 55.37 -29.45 -25.90
CA LEU H 158 55.35 -29.59 -27.34
C LEU H 158 54.93 -31.00 -27.72
N THR H 159 54.52 -31.16 -28.98
CA THR H 159 54.28 -32.49 -29.53
C THR H 159 54.31 -32.36 -31.05
N CYS H 160 55.32 -32.98 -31.66
CA CYS H 160 55.51 -32.96 -33.11
C CYS H 160 55.12 -34.33 -33.65
N LEU H 161 54.05 -34.39 -34.43
CA LEU H 161 53.44 -35.64 -34.84
C LEU H 161 53.89 -36.03 -36.25
N VAL H 162 54.18 -37.32 -36.44
CA VAL H 162 54.72 -37.84 -37.70
C VAL H 162 53.90 -39.06 -38.09
N THR H 163 52.84 -38.85 -38.88
CA THR H 163 52.09 -39.94 -39.49
C THR H 163 52.28 -39.95 -40.99
N ASP H 164 51.76 -40.99 -41.62
CA ASP H 164 51.80 -41.24 -43.06
C ASP H 164 53.19 -41.55 -43.60
N LEU H 165 54.21 -41.57 -42.74
CA LEU H 165 55.56 -41.94 -43.16
C LEU H 165 55.70 -43.46 -43.25
N THR H 166 56.92 -43.91 -43.52
CA THR H 166 57.18 -45.32 -43.67
C THR H 166 56.96 -46.05 -42.35
N THR H 167 56.45 -47.28 -42.45
CA THR H 167 56.15 -48.09 -41.28
C THR H 167 57.44 -48.59 -40.65
N TYR H 168 58.03 -47.78 -39.75
CA TYR H 168 59.31 -48.08 -39.12
C TYR H 168 59.21 -47.93 -37.61
N ASP H 169 60.11 -48.63 -36.93
CA ASP H 169 60.44 -48.34 -35.55
C ASP H 169 61.70 -47.48 -35.48
N SER H 170 61.95 -46.95 -34.29
CA SER H 170 63.18 -46.22 -33.99
C SER H 170 63.38 -45.01 -34.90
N VAL H 171 62.29 -44.42 -35.39
CA VAL H 171 62.38 -43.13 -36.06
C VAL H 171 62.58 -42.06 -35.00
N THR H 172 63.66 -41.28 -35.12
CA THR H 172 64.07 -40.36 -34.08
C THR H 172 63.51 -38.97 -34.35
N ILE H 173 62.96 -38.34 -33.31
CA ILE H 173 62.37 -37.02 -33.39
C ILE H 173 63.14 -36.10 -32.45
N SER H 174 63.32 -34.84 -32.86
CA SER H 174 63.99 -33.86 -32.03
C SER H 174 63.29 -32.53 -32.15
N TRP H 175 63.41 -31.72 -31.11
CA TRP H 175 62.96 -30.34 -31.11
C TRP H 175 64.19 -29.43 -31.10
N THR H 176 64.00 -28.20 -31.56
CA THR H 176 65.07 -27.21 -31.58
C THR H 176 64.49 -25.83 -31.36
N ARG H 177 65.24 -24.99 -30.66
CA ARG H 177 64.94 -23.57 -30.67
C ARG H 177 65.33 -22.95 -32.01
N GLN H 178 64.88 -21.71 -32.22
CA GLN H 178 65.26 -21.00 -33.44
C GLN H 178 66.77 -20.86 -33.55
N ASN H 179 67.44 -20.63 -32.42
CA ASN H 179 68.90 -20.64 -32.39
C ASN H 179 69.48 -22.02 -32.66
N GLY H 180 68.66 -23.07 -32.61
CA GLY H 180 69.14 -24.42 -32.84
C GLY H 180 69.70 -25.12 -31.63
N GLU H 181 69.53 -24.57 -30.44
CA GLU H 181 70.01 -25.23 -29.23
C GLU H 181 69.24 -26.53 -29.01
N ALA H 182 69.97 -27.56 -28.55
CA ALA H 182 69.36 -28.85 -28.26
C ALA H 182 68.35 -28.70 -27.12
N VAL H 183 67.34 -29.55 -27.13
CA VAL H 183 66.18 -29.40 -26.23
C VAL H 183 66.08 -30.56 -25.26
N LYS H 184 65.03 -30.53 -24.44
CA LYS H 184 64.86 -31.48 -23.35
C LYS H 184 64.62 -32.89 -23.86
N THR H 185 64.60 -33.82 -22.91
CA THR H 185 64.54 -35.26 -23.20
C THR H 185 63.13 -35.66 -23.60
N HIS H 186 62.69 -35.11 -24.73
CA HIS H 186 61.51 -35.62 -25.41
C HIS H 186 61.69 -37.10 -25.73
N THR H 187 60.69 -37.90 -25.39
CA THR H 187 60.83 -39.35 -25.46
C THR H 187 59.44 -39.97 -25.67
N ASN H 188 59.36 -41.27 -25.46
CA ASN H 188 58.10 -42.02 -25.47
C ASN H 188 57.31 -41.77 -26.76
N ILE H 189 57.90 -42.23 -27.86
CA ILE H 189 57.26 -42.09 -29.16
C ILE H 189 55.88 -42.73 -29.12
N SER H 190 54.92 -42.08 -29.79
CA SER H 190 53.59 -42.66 -29.92
C SER H 190 53.69 -43.98 -30.66
N GLU H 191 52.88 -44.95 -30.24
CA GLU H 191 53.05 -46.33 -30.69
C GLU H 191 52.53 -46.49 -32.12
N SER H 192 52.79 -47.67 -32.69
CA SER H 192 52.37 -47.96 -34.05
C SER H 192 50.85 -47.96 -34.16
N HIS H 193 50.36 -47.50 -35.29
CA HIS H 193 48.93 -47.58 -35.55
C HIS H 193 48.57 -49.00 -35.93
N PRO H 194 47.60 -49.63 -35.26
CA PRO H 194 47.22 -51.01 -35.61
C PRO H 194 46.60 -51.13 -37.00
N ASN H 195 46.48 -50.04 -37.75
CA ASN H 195 46.01 -50.07 -39.13
C ASN H 195 47.16 -49.87 -40.12
N ALA H 196 48.34 -50.36 -39.75
CA ALA H 196 49.55 -50.28 -40.59
C ALA H 196 49.94 -48.82 -40.88
N THR H 197 50.28 -48.11 -39.82
CA THR H 197 50.84 -46.77 -39.92
C THR H 197 51.64 -46.51 -38.65
N PHE H 198 52.51 -45.52 -38.70
CA PHE H 198 53.29 -45.11 -37.55
C PHE H 198 53.11 -43.62 -37.26
N SER H 199 53.13 -43.29 -35.97
CA SER H 199 53.11 -41.92 -35.50
C SER H 199 54.32 -41.68 -34.62
N ALA H 200 55.01 -40.56 -34.83
CA ALA H 200 56.17 -40.19 -34.03
C ALA H 200 55.89 -38.87 -33.33
N VAL H 201 56.21 -38.80 -32.04
CA VAL H 201 55.87 -37.66 -31.20
C VAL H 201 57.13 -37.17 -30.51
N GLY H 202 57.34 -35.85 -30.52
CA GLY H 202 58.42 -35.23 -29.78
C GLY H 202 57.93 -34.15 -28.84
N GLU H 203 58.13 -34.32 -27.53
CA GLU H 203 57.53 -33.47 -26.52
C GLU H 203 58.61 -32.58 -25.88
N ALA H 204 58.70 -31.34 -26.38
CA ALA H 204 59.59 -30.34 -25.77
C ALA H 204 58.81 -29.49 -24.77
N SER H 205 59.54 -28.89 -23.85
CA SER H 205 58.96 -27.99 -22.87
C SER H 205 59.85 -26.77 -22.71
N ILE H 206 59.21 -25.64 -22.39
CA ILE H 206 59.89 -24.37 -22.18
C ILE H 206 59.29 -23.71 -20.95
N CYS H 207 59.68 -22.48 -20.68
CA CYS H 207 58.84 -21.59 -19.92
C CYS H 207 58.17 -20.63 -20.89
N GLU H 208 56.98 -20.17 -20.52
CA GLU H 208 56.14 -19.46 -21.49
C GLU H 208 56.74 -18.12 -21.89
N ASP H 209 57.75 -17.64 -21.16
CA ASP H 209 58.50 -16.46 -21.60
C ASP H 209 59.20 -16.72 -22.93
N ASP H 210 59.34 -17.98 -23.32
CA ASP H 210 59.80 -18.27 -24.67
C ASP H 210 58.63 -18.29 -25.65
N TRP H 211 57.53 -18.92 -25.25
CA TRP H 211 56.38 -19.05 -26.12
C TRP H 211 55.75 -17.71 -26.48
N ASN H 212 55.90 -16.70 -25.63
CA ASN H 212 55.44 -15.37 -25.98
C ASN H 212 56.49 -14.56 -26.71
N SER H 213 57.76 -14.78 -26.40
CA SER H 213 58.82 -13.90 -26.87
C SER H 213 58.89 -13.87 -28.39
N GLY H 214 58.82 -15.03 -29.03
CA GLY H 214 58.91 -15.07 -30.46
C GLY H 214 60.05 -15.91 -30.99
N GLU H 215 60.47 -16.92 -30.22
CA GLU H 215 61.44 -17.89 -30.72
C GLU H 215 60.73 -18.87 -31.65
N ARG H 216 61.36 -19.15 -32.79
CA ARG H 216 60.75 -20.00 -33.82
C ARG H 216 61.34 -21.40 -33.70
N PHE H 217 60.72 -22.19 -32.83
CA PHE H 217 61.15 -23.57 -32.60
C PHE H 217 60.90 -24.42 -33.85
N THR H 218 61.63 -25.52 -33.95
CA THR H 218 61.56 -26.37 -35.12
C THR H 218 61.73 -27.84 -34.72
N CYS H 219 60.91 -28.69 -35.31
CA CYS H 219 60.97 -30.13 -35.10
C CYS H 219 61.83 -30.78 -36.18
N THR H 220 62.69 -31.72 -35.78
CA THR H 220 63.61 -32.38 -36.71
C THR H 220 63.55 -33.88 -36.53
N VAL H 221 63.42 -34.60 -37.64
CA VAL H 221 63.20 -36.04 -37.65
C VAL H 221 64.28 -36.69 -38.50
N THR H 222 64.97 -37.68 -37.93
CA THR H 222 66.04 -38.40 -38.63
C THR H 222 65.80 -39.90 -38.51
N HIS H 223 65.85 -40.62 -39.63
CA HIS H 223 65.75 -42.07 -39.60
C HIS H 223 66.31 -42.62 -40.92
N THR H 224 66.12 -43.93 -41.14
CA THR H 224 66.79 -44.67 -42.19
C THR H 224 66.47 -44.16 -43.60
N ASP H 225 65.24 -44.35 -44.05
CA ASP H 225 64.91 -43.98 -45.43
C ASP H 225 64.57 -42.51 -45.59
N LEU H 226 64.28 -41.82 -44.49
CA LEU H 226 64.07 -40.38 -44.55
C LEU H 226 65.38 -39.75 -45.02
N PRO H 227 65.44 -39.27 -46.27
CA PRO H 227 66.74 -38.88 -46.84
C PRO H 227 67.43 -37.78 -46.08
N SER H 228 66.67 -36.84 -45.52
CA SER H 228 67.24 -35.73 -44.77
C SER H 228 66.35 -35.44 -43.57
N PRO H 229 66.90 -34.82 -42.53
CA PRO H 229 66.07 -34.31 -41.45
C PRO H 229 65.12 -33.24 -41.97
N LEU H 230 63.92 -33.20 -41.40
CA LEU H 230 62.95 -32.19 -41.78
C LEU H 230 63.02 -31.00 -40.83
N LYS H 231 62.74 -29.82 -41.36
CA LYS H 231 62.74 -28.58 -40.60
C LYS H 231 61.33 -28.00 -40.67
N GLN H 232 60.48 -28.47 -39.77
CA GLN H 232 59.10 -27.98 -39.63
C GLN H 232 59.11 -27.01 -38.46
N THR H 233 59.33 -25.73 -38.77
CA THR H 233 59.42 -24.72 -37.73
C THR H 233 58.04 -24.40 -37.16
N ILE H 234 58.03 -23.82 -35.96
CA ILE H 234 56.81 -23.55 -35.23
C ILE H 234 56.97 -22.23 -34.49
N SER H 235 55.90 -21.45 -34.42
CA SER H 235 56.01 -20.06 -33.98
C SER H 235 54.65 -19.56 -33.51
N ARG H 236 54.60 -18.27 -33.17
CA ARG H 236 53.39 -17.58 -32.74
C ARG H 236 53.14 -16.34 -33.59
N PRO H 237 51.89 -15.96 -33.76
CA PRO H 237 51.55 -14.76 -34.56
C PRO H 237 51.61 -13.49 -33.73
N LYS H 238 52.82 -13.04 -33.43
CA LYS H 238 52.99 -11.80 -32.69
C LYS H 238 52.53 -10.61 -33.53
N GLY H 239 52.55 -9.43 -32.91
CA GLY H 239 51.97 -8.27 -33.57
C GLY H 239 50.47 -8.40 -33.77
N VAL H 240 49.77 -8.88 -32.75
CA VAL H 240 48.33 -9.12 -32.81
C VAL H 240 47.68 -8.46 -31.61
N ALA H 241 46.40 -8.14 -31.75
CA ALA H 241 45.68 -7.36 -30.76
C ALA H 241 45.29 -8.23 -29.57
N LEU H 242 44.50 -7.66 -28.66
CA LEU H 242 44.09 -8.35 -27.45
C LEU H 242 42.76 -7.77 -27.00
N HIS H 243 41.70 -8.57 -27.02
CA HIS H 243 40.37 -8.11 -26.69
C HIS H 243 39.78 -8.95 -25.58
N ARG H 244 39.22 -8.29 -24.56
CA ARG H 244 38.65 -8.99 -23.42
C ARG H 244 37.34 -9.66 -23.80
N PRO H 245 37.14 -10.92 -23.45
CA PRO H 245 35.83 -11.53 -23.61
C PRO H 245 34.85 -10.88 -22.67
N ASP H 246 33.57 -10.92 -23.05
CA ASP H 246 32.50 -10.35 -22.23
C ASP H 246 31.54 -11.48 -21.91
N VAL H 247 31.87 -12.25 -20.87
CA VAL H 247 31.08 -13.43 -20.56
C VAL H 247 29.70 -13.02 -20.11
N TYR H 248 28.68 -13.66 -20.69
CA TYR H 248 27.31 -13.50 -20.25
C TYR H 248 26.77 -14.89 -19.98
N LEU H 249 26.18 -15.09 -18.82
CA LEU H 249 25.58 -16.36 -18.50
C LEU H 249 24.07 -16.25 -18.69
N LEU H 250 23.44 -17.31 -19.20
CA LEU H 250 22.05 -17.25 -19.61
C LEU H 250 21.23 -18.31 -18.89
N PRO H 251 20.21 -17.93 -18.13
CA PRO H 251 19.43 -18.92 -17.41
C PRO H 251 18.42 -19.58 -18.33
N PRO H 252 17.95 -20.78 -17.99
CA PRO H 252 17.06 -21.50 -18.89
C PRO H 252 15.64 -20.94 -18.89
N ALA H 253 15.03 -20.96 -20.08
CA ALA H 253 13.68 -20.45 -20.23
C ALA H 253 12.67 -21.33 -19.51
N ARG H 254 11.60 -20.70 -19.03
CA ARG H 254 10.65 -21.41 -18.17
C ARG H 254 10.02 -22.59 -18.90
N GLU H 255 9.68 -22.41 -20.17
CA GLU H 255 9.02 -23.47 -20.91
C GLU H 255 9.86 -24.73 -20.90
N GLN H 256 11.18 -24.58 -20.84
CA GLN H 256 12.01 -25.75 -20.62
C GLN H 256 11.76 -26.34 -19.25
N LEU H 257 11.80 -25.50 -18.22
CA LEU H 257 11.60 -25.95 -16.86
C LEU H 257 10.25 -26.59 -16.68
N ASN H 258 9.28 -26.20 -17.50
CA ASN H 258 7.96 -26.83 -17.51
C ASN H 258 8.02 -28.28 -17.94
N LEU H 259 9.19 -28.77 -18.34
CA LEU H 259 9.37 -30.18 -18.62
C LEU H 259 9.69 -30.99 -17.37
N ARG H 260 10.03 -30.33 -16.27
CA ARG H 260 10.22 -30.90 -14.94
C ARG H 260 11.44 -31.80 -14.82
N GLU H 261 12.14 -32.08 -15.92
CA GLU H 261 13.27 -33.00 -15.87
C GLU H 261 14.60 -32.27 -15.67
N SER H 262 14.96 -31.43 -16.63
CA SER H 262 16.26 -30.78 -16.62
C SER H 262 16.21 -29.61 -17.58
N ALA H 263 17.29 -28.83 -17.60
CA ALA H 263 17.33 -27.61 -18.37
C ALA H 263 18.74 -27.40 -18.89
N THR H 264 19.01 -26.20 -19.38
CA THR H 264 20.33 -25.84 -19.84
C THR H 264 20.83 -24.62 -19.08
N ILE H 265 22.15 -24.45 -19.10
CA ILE H 265 22.79 -23.19 -18.75
C ILE H 265 23.86 -22.97 -19.80
N THR H 266 23.90 -21.77 -20.38
CA THR H 266 24.65 -21.54 -21.61
C THR H 266 25.62 -20.40 -21.40
N CYS H 267 26.87 -20.71 -21.06
CA CYS H 267 27.83 -19.64 -20.83
C CYS H 267 28.28 -19.13 -22.19
N LEU H 268 28.19 -17.83 -22.39
CA LEU H 268 28.25 -17.25 -23.73
C LEU H 268 29.40 -16.26 -23.77
N VAL H 269 30.59 -16.74 -24.12
CA VAL H 269 31.72 -15.86 -24.33
C VAL H 269 31.50 -15.07 -25.60
N THR H 270 32.26 -13.99 -25.77
CA THR H 270 32.07 -13.20 -26.96
C THR H 270 33.25 -12.28 -27.20
N GLY H 271 33.46 -11.96 -28.49
CA GLY H 271 34.25 -10.83 -28.92
C GLY H 271 35.59 -10.66 -28.24
N PHE H 272 36.52 -11.57 -28.48
CA PHE H 272 37.81 -11.50 -27.86
C PHE H 272 38.92 -11.72 -28.88
N SER H 273 40.07 -11.10 -28.60
CA SER H 273 41.27 -11.23 -29.39
C SER H 273 42.41 -11.51 -28.42
N PRO H 274 43.31 -12.46 -28.74
CA PRO H 274 43.11 -13.36 -29.87
C PRO H 274 42.19 -14.52 -29.53
N ALA H 275 42.32 -15.58 -30.30
CA ALA H 275 41.50 -16.78 -30.19
C ALA H 275 41.93 -17.67 -29.04
N ASP H 276 41.56 -18.94 -29.12
CA ASP H 276 41.99 -20.02 -28.24
C ASP H 276 41.85 -19.65 -26.75
N VAL H 277 40.67 -19.17 -26.40
CA VAL H 277 40.24 -19.14 -25.00
C VAL H 277 39.96 -20.56 -24.54
N PHE H 278 39.74 -20.72 -23.25
CA PHE H 278 39.29 -22.00 -22.72
C PHE H 278 38.30 -21.73 -21.60
N VAL H 279 37.23 -22.53 -21.54
CA VAL H 279 36.21 -22.33 -20.52
C VAL H 279 35.92 -23.64 -19.82
N GLN H 280 35.43 -23.52 -18.60
CA GLN H 280 35.06 -24.65 -17.74
C GLN H 280 34.18 -24.07 -16.66
N TRP H 281 33.62 -24.95 -15.85
CA TRP H 281 32.61 -24.51 -14.89
C TRP H 281 32.94 -25.02 -13.51
N MET H 282 33.06 -24.08 -12.57
CA MET H 282 33.30 -24.37 -11.17
C MET H 282 31.97 -24.39 -10.46
N GLN H 283 31.86 -25.17 -9.39
CA GLN H 283 30.62 -25.27 -8.63
C GLN H 283 30.98 -25.18 -7.14
N ARG H 284 30.75 -24.00 -6.56
CA ARG H 284 31.17 -23.71 -5.19
C ARG H 284 32.63 -24.05 -4.99
N GLY H 285 33.45 -23.71 -5.99
CA GLY H 285 34.85 -24.09 -5.94
C GLY H 285 35.15 -25.49 -6.39
N GLN H 286 34.20 -26.17 -7.04
CA GLN H 286 34.44 -27.49 -7.59
C GLN H 286 34.19 -27.47 -9.09
N PRO H 287 35.16 -27.84 -9.92
CA PRO H 287 34.90 -27.96 -11.35
C PRO H 287 34.08 -29.20 -11.68
N LEU H 288 33.26 -29.08 -12.71
CA LEU H 288 32.35 -30.15 -13.10
C LEU H 288 33.07 -31.21 -13.92
N SER H 289 32.38 -32.33 -14.15
CA SER H 289 32.96 -33.37 -14.98
C SER H 289 33.04 -32.89 -16.43
N PRO H 290 34.13 -33.20 -17.13
CA PRO H 290 34.23 -32.79 -18.54
C PRO H 290 33.16 -33.39 -19.42
N GLU H 291 32.55 -34.49 -19.01
CA GLU H 291 31.46 -35.08 -19.79
C GLU H 291 30.15 -34.32 -19.64
N LYS H 292 29.99 -33.53 -18.59
CA LYS H 292 28.72 -32.83 -18.38
C LYS H 292 28.66 -31.53 -19.19
N TYR H 293 29.53 -30.59 -18.90
CA TYR H 293 29.59 -29.38 -19.71
C TYR H 293 30.24 -29.68 -21.04
N VAL H 294 29.73 -29.07 -22.09
CA VAL H 294 30.29 -29.22 -23.43
C VAL H 294 30.53 -27.84 -24.00
N THR H 295 31.69 -27.63 -24.56
CA THR H 295 32.09 -26.32 -25.03
C THR H 295 32.16 -26.31 -26.54
N SER H 296 32.29 -25.12 -27.08
CA SER H 296 32.39 -24.94 -28.52
C SER H 296 33.83 -25.03 -28.97
N ALA H 297 34.05 -24.61 -30.19
CA ALA H 297 35.29 -24.08 -30.70
C ALA H 297 35.08 -22.60 -31.01
N PRO H 298 36.10 -21.80 -30.97
CA PRO H 298 35.90 -20.36 -31.13
C PRO H 298 35.54 -19.95 -32.55
N MET H 299 34.35 -20.33 -33.01
CA MET H 299 33.93 -19.89 -34.35
C MET H 299 33.86 -18.37 -34.39
N PRO H 300 34.22 -17.76 -35.52
CA PRO H 300 34.42 -16.31 -35.57
C PRO H 300 33.10 -15.57 -35.54
N GLU H 301 33.20 -14.27 -35.33
CA GLU H 301 32.06 -13.38 -35.19
C GLU H 301 31.69 -12.76 -36.54
N PRO H 302 30.41 -12.69 -36.83
CA PRO H 302 29.97 -12.15 -38.12
C PRO H 302 30.24 -10.66 -38.28
N GLN H 303 29.82 -9.87 -37.30
CA GLN H 303 29.77 -8.42 -37.47
C GLN H 303 31.10 -7.73 -37.19
N ALA H 304 32.14 -8.46 -36.83
CA ALA H 304 33.47 -7.90 -36.67
C ALA H 304 34.49 -8.85 -37.26
N PRO H 305 35.61 -8.32 -37.74
CA PRO H 305 36.70 -9.20 -38.21
C PRO H 305 37.55 -9.80 -37.09
N GLY H 306 37.91 -8.97 -36.11
CA GLY H 306 38.99 -9.28 -35.20
C GLY H 306 38.63 -9.91 -33.87
N ARG H 307 37.45 -10.48 -33.73
CA ARG H 307 37.02 -11.09 -32.48
C ARG H 307 36.81 -12.59 -32.67
N TYR H 308 36.33 -13.25 -31.62
CA TYR H 308 35.87 -14.62 -31.68
C TYR H 308 34.87 -14.81 -30.54
N PHE H 309 34.14 -15.92 -30.61
CA PHE H 309 33.22 -16.31 -29.55
C PHE H 309 33.03 -17.81 -29.60
N ALA H 310 32.55 -18.37 -28.50
CA ALA H 310 32.36 -19.81 -28.38
C ALA H 310 31.21 -20.06 -27.44
N HIS H 311 31.01 -21.32 -27.09
CA HIS H 311 29.75 -21.77 -26.55
C HIS H 311 30.04 -22.76 -25.44
N SER H 312 29.15 -22.84 -24.46
CA SER H 312 29.15 -24.00 -23.58
C SER H 312 27.78 -24.13 -22.94
N ILE H 313 27.43 -25.35 -22.58
CA ILE H 313 26.09 -25.67 -22.07
C ILE H 313 26.19 -26.58 -20.87
N LEU H 314 25.05 -27.03 -20.36
CA LEU H 314 24.99 -28.05 -19.31
C LEU H 314 23.55 -28.51 -19.15
N THR H 315 23.42 -29.76 -18.71
CA THR H 315 22.13 -30.29 -18.26
C THR H 315 22.22 -30.66 -16.79
N VAL H 316 21.16 -30.35 -16.05
CA VAL H 316 21.04 -30.75 -14.65
C VAL H 316 19.56 -30.75 -14.30
N SER H 317 19.19 -31.65 -13.39
CA SER H 317 17.81 -31.75 -12.98
C SER H 317 17.34 -30.44 -12.37
N GLU H 318 16.15 -30.00 -12.77
CA GLU H 318 15.59 -28.78 -12.21
C GLU H 318 15.36 -28.93 -10.72
N GLU H 319 15.01 -30.14 -10.27
CA GLU H 319 14.84 -30.39 -8.84
C GLU H 319 16.08 -29.98 -8.08
N GLU H 320 17.25 -30.43 -8.55
CA GLU H 320 18.50 -29.89 -8.07
C GLU H 320 18.57 -28.39 -8.34
N TRP H 321 18.27 -27.98 -9.58
CA TRP H 321 18.35 -26.56 -9.91
C TRP H 321 17.37 -25.72 -9.11
N ASN H 322 16.37 -26.33 -8.49
CA ASN H 322 15.52 -25.60 -7.58
C ASN H 322 16.26 -25.12 -6.34
N THR H 323 17.48 -25.59 -6.11
CA THR H 323 18.14 -25.47 -4.83
C THR H 323 19.41 -24.64 -4.89
N GLY H 324 19.44 -23.62 -5.74
CA GLY H 324 20.56 -22.67 -5.74
C GLY H 324 21.74 -23.17 -6.56
N GLU H 325 22.83 -23.56 -5.88
CA GLU H 325 24.07 -24.04 -6.49
C GLU H 325 24.50 -23.12 -7.65
N THR H 326 24.91 -21.93 -7.24
CA THR H 326 24.96 -20.77 -8.11
C THR H 326 25.71 -21.00 -9.42
N TYR H 327 26.47 -22.09 -9.57
CA TYR H 327 26.99 -22.51 -10.88
C TYR H 327 27.87 -21.43 -11.53
N THR H 328 29.06 -21.26 -10.96
CA THR H 328 30.02 -20.34 -11.54
C THR H 328 30.49 -20.83 -12.92
N CYS H 329 30.69 -19.88 -13.83
CA CYS H 329 31.29 -20.14 -15.14
C CYS H 329 32.63 -19.43 -15.21
N VAL H 330 33.69 -20.18 -15.52
CA VAL H 330 35.04 -19.63 -15.53
C VAL H 330 35.65 -19.79 -16.90
N VAL H 331 36.32 -18.75 -17.35
CA VAL H 331 36.84 -18.63 -18.71
C VAL H 331 38.32 -18.27 -18.63
N ALA H 332 39.13 -18.95 -19.45
CA ALA H 332 40.57 -18.74 -19.49
C ALA H 332 40.93 -18.04 -20.79
N HIS H 333 41.59 -16.89 -20.69
CA HIS H 333 41.94 -16.11 -21.87
C HIS H 333 43.10 -15.18 -21.54
N GLU H 334 43.87 -14.83 -22.56
CA GLU H 334 45.02 -13.96 -22.42
C GLU H 334 44.67 -12.49 -22.39
N ALA H 335 43.39 -12.14 -22.34
CA ALA H 335 43.01 -10.73 -22.29
C ALA H 335 42.67 -10.26 -20.89
N LEU H 336 42.74 -11.11 -19.91
CA LEU H 336 42.27 -10.43 -18.71
C LEU H 336 43.45 -9.88 -17.91
N PRO H 337 43.23 -8.77 -17.22
CA PRO H 337 44.28 -8.22 -16.36
C PRO H 337 44.81 -9.24 -15.39
N ASN H 338 43.92 -10.08 -14.86
CA ASN H 338 44.34 -11.19 -14.01
C ASN H 338 44.17 -12.51 -14.76
N ARG H 339 44.07 -12.44 -16.08
CA ARG H 339 44.14 -13.57 -17.01
C ARG H 339 42.97 -14.54 -16.86
N VAL H 340 42.06 -14.33 -15.91
CA VAL H 340 40.91 -15.20 -15.72
C VAL H 340 39.73 -14.34 -15.31
N THR H 341 38.53 -14.80 -15.68
CA THR H 341 37.28 -14.20 -15.22
C THR H 341 36.32 -15.31 -14.82
N GLU H 342 35.49 -15.01 -13.84
CA GLU H 342 34.44 -15.92 -13.41
C GLU H 342 33.09 -15.25 -13.61
N ARG H 343 32.04 -16.04 -13.42
CA ARG H 343 30.68 -15.57 -13.64
C ARG H 343 29.73 -16.63 -13.15
N THR H 344 28.54 -16.21 -12.71
CA THR H 344 27.62 -17.16 -12.12
C THR H 344 26.23 -16.54 -11.98
N VAL H 345 25.22 -17.41 -12.01
CA VAL H 345 23.82 -17.01 -11.85
C VAL H 345 23.08 -18.14 -11.15
N ASP H 346 22.11 -17.78 -10.31
CA ASP H 346 21.25 -18.76 -9.67
C ASP H 346 19.90 -18.78 -10.35
N LYS H 347 18.92 -19.46 -9.75
CA LYS H 347 17.55 -19.35 -10.19
C LYS H 347 17.13 -17.90 -10.28
N SER H 348 17.13 -17.24 -9.13
CA SER H 348 16.55 -15.91 -9.00
C SER H 348 17.58 -14.82 -9.30
N THR H 349 18.21 -14.91 -10.45
CA THR H 349 19.26 -13.94 -10.73
C THR H 349 18.72 -12.68 -11.40
N GLY H 350 18.11 -12.85 -12.56
CA GLY H 350 17.55 -11.71 -13.25
C GLY H 350 16.12 -11.40 -12.88
N LYS H 351 15.57 -12.11 -11.89
CA LYS H 351 14.18 -11.93 -11.54
C LYS H 351 13.94 -10.48 -11.11
N PRO H 352 12.84 -9.88 -11.51
CA PRO H 352 12.56 -8.51 -11.08
C PRO H 352 11.77 -8.49 -9.79
N THR H 353 11.47 -7.29 -9.30
CA THR H 353 10.72 -7.15 -8.07
C THR H 353 9.24 -7.39 -8.34
N LEU H 354 8.65 -8.33 -7.62
CA LEU H 354 7.21 -8.52 -7.72
C LEU H 354 6.47 -7.43 -6.96
N TYR H 355 6.67 -7.38 -5.65
CA TYR H 355 5.97 -6.46 -4.77
C TYR H 355 6.71 -5.16 -4.67
N ASN H 356 5.99 -4.06 -4.76
CA ASN H 356 6.59 -2.74 -4.59
C ASN H 356 5.92 -2.13 -3.38
N VAL H 357 5.84 -2.91 -2.30
CA VAL H 357 5.13 -2.50 -1.10
C VAL H 357 5.52 -1.09 -0.70
N SER H 358 4.55 -0.34 -0.22
CA SER H 358 4.80 1.03 0.18
C SER H 358 3.91 1.35 1.36
N LEU H 359 4.49 1.94 2.39
CA LEU H 359 3.80 2.24 3.63
C LEU H 359 3.89 3.74 3.85
N VAL H 360 2.75 4.40 3.94
CA VAL H 360 2.69 5.85 3.93
C VAL H 360 1.84 6.33 5.10
N MET H 361 2.37 7.32 5.82
CA MET H 361 1.72 7.90 7.00
C MET H 361 2.18 9.34 7.17
N ILE I 138 42.79 -39.40 -58.31
CA ILE I 138 42.17 -40.42 -59.15
C ILE I 138 40.92 -40.97 -58.46
N ARG I 139 40.08 -40.07 -57.97
CA ARG I 139 38.88 -40.43 -57.25
C ARG I 139 37.74 -39.56 -57.75
N VAL I 140 36.52 -39.89 -57.31
CA VAL I 140 35.34 -39.09 -57.58
C VAL I 140 34.51 -39.03 -56.31
N PHE I 141 34.35 -37.84 -55.75
CA PHE I 141 33.45 -37.67 -54.62
C PHE I 141 32.01 -37.85 -55.07
N ALA I 142 31.14 -38.20 -54.12
CA ALA I 142 29.71 -38.41 -54.41
C ALA I 142 28.89 -37.53 -53.48
N ILE I 143 27.93 -36.79 -54.04
CA ILE I 143 27.12 -35.86 -53.27
C ILE I 143 25.66 -36.31 -53.27
N PRO I 144 25.17 -36.88 -52.18
CA PRO I 144 23.75 -37.19 -52.09
C PRO I 144 22.94 -35.93 -51.80
N PRO I 145 21.63 -35.95 -52.06
CA PRO I 145 20.78 -34.85 -51.60
C PRO I 145 20.75 -34.81 -50.09
N SER I 146 20.59 -33.60 -49.55
CA SER I 146 20.50 -33.41 -48.11
C SER I 146 19.52 -32.28 -47.83
N PHE I 147 19.03 -32.24 -46.59
CA PHE I 147 17.88 -31.40 -46.30
C PHE I 147 18.20 -29.92 -46.46
N ALA I 148 19.47 -29.54 -46.37
CA ALA I 148 19.83 -28.17 -46.73
C ALA I 148 19.44 -27.89 -48.16
N SER I 149 19.93 -28.72 -49.08
CA SER I 149 19.52 -28.58 -50.48
C SER I 149 18.02 -28.83 -50.64
N ILE I 150 17.49 -29.82 -49.94
CA ILE I 150 16.08 -30.19 -50.13
C ILE I 150 15.18 -29.00 -49.80
N PHE I 151 15.21 -28.57 -48.54
CA PHE I 151 14.32 -27.51 -48.11
C PHE I 151 14.71 -26.17 -48.74
N LEU I 152 15.98 -25.82 -48.72
CA LEU I 152 16.38 -24.49 -49.16
C LEU I 152 16.24 -24.28 -50.65
N THR I 153 15.86 -25.31 -51.41
CA THR I 153 15.75 -25.16 -52.84
C THR I 153 14.43 -25.68 -53.40
N LYS I 154 13.82 -26.65 -52.71
CA LYS I 154 12.75 -27.46 -53.30
C LYS I 154 13.22 -28.12 -54.59
N SER I 155 14.50 -28.44 -54.66
CA SER I 155 15.18 -28.87 -55.88
C SER I 155 16.10 -30.05 -55.58
N THR I 156 15.55 -31.10 -54.96
CA THR I 156 16.35 -32.25 -54.53
C THR I 156 17.38 -32.64 -55.58
N LYS I 157 18.59 -32.90 -55.11
CA LYS I 157 19.77 -32.78 -55.95
C LYS I 157 20.67 -34.00 -55.82
N LEU I 158 21.13 -34.51 -56.96
CA LEU I 158 22.11 -35.59 -57.00
C LEU I 158 23.35 -35.10 -57.75
N THR I 159 24.52 -35.34 -57.18
CA THR I 159 25.73 -34.69 -57.67
C THR I 159 26.94 -35.59 -57.45
N CYS I 160 27.87 -35.52 -58.41
CA CYS I 160 29.23 -36.06 -58.23
C CYS I 160 30.10 -35.38 -59.28
N LEU I 161 31.19 -34.75 -58.84
CA LEU I 161 32.07 -34.02 -59.73
C LEU I 161 33.37 -34.78 -59.92
N VAL I 162 34.20 -34.28 -60.84
CA VAL I 162 35.48 -34.88 -61.17
C VAL I 162 36.59 -34.00 -60.60
N THR I 163 37.49 -34.62 -59.84
CA THR I 163 38.61 -33.91 -59.24
C THR I 163 39.87 -34.76 -59.42
N ASP I 164 40.96 -34.30 -58.83
CA ASP I 164 42.22 -35.05 -58.71
C ASP I 164 42.79 -35.47 -60.06
N LEU I 165 42.28 -34.93 -61.17
CA LEU I 165 42.71 -35.31 -62.50
C LEU I 165 42.92 -34.06 -63.33
N THR I 166 43.96 -34.07 -64.15
CA THR I 166 44.45 -32.85 -64.79
C THR I 166 43.45 -32.40 -65.86
N THR I 167 43.83 -31.39 -66.65
CA THR I 167 42.92 -30.82 -67.63
C THR I 167 42.54 -31.87 -68.66
N TYR I 168 41.30 -32.36 -68.58
CA TYR I 168 40.86 -33.50 -69.37
C TYR I 168 39.60 -33.14 -70.15
N ASP I 169 39.40 -33.87 -71.24
CA ASP I 169 38.13 -33.91 -71.95
C ASP I 169 37.95 -35.33 -72.46
N SER I 170 36.91 -35.54 -73.26
CA SER I 170 36.49 -36.87 -73.71
C SER I 170 36.16 -37.78 -72.53
N VAL I 171 35.90 -37.18 -71.37
CA VAL I 171 35.44 -37.87 -70.17
C VAL I 171 33.93 -37.72 -70.10
N THR I 172 33.25 -38.77 -69.67
CA THR I 172 31.79 -38.77 -69.60
C THR I 172 31.32 -38.90 -68.16
N ILE I 173 30.27 -38.15 -67.81
CA ILE I 173 29.67 -38.16 -66.49
C ILE I 173 28.16 -38.27 -66.66
N SER I 174 27.54 -39.19 -65.94
CA SER I 174 26.11 -39.42 -66.05
C SER I 174 25.63 -40.15 -64.80
N TRP I 175 24.31 -40.17 -64.61
CA TRP I 175 23.70 -40.68 -63.40
C TRP I 175 22.84 -41.91 -63.71
N THR I 176 22.73 -42.79 -62.71
CA THR I 176 21.94 -44.00 -62.82
C THR I 176 21.27 -44.29 -61.49
N ARG I 177 20.23 -45.10 -61.52
CA ARG I 177 19.43 -45.40 -60.35
C ARG I 177 19.93 -46.68 -59.68
N GLN I 178 19.13 -47.18 -58.73
CA GLN I 178 19.29 -48.56 -58.28
C GLN I 178 19.20 -49.51 -59.46
N ASN I 179 18.23 -49.30 -60.33
CA ASN I 179 18.09 -50.09 -61.55
C ASN I 179 18.69 -49.40 -62.77
N GLY I 180 19.31 -48.23 -62.60
CA GLY I 180 20.17 -47.67 -63.62
C GLY I 180 19.55 -47.27 -64.93
N GLU I 181 18.79 -46.19 -64.96
CA GLU I 181 18.11 -45.74 -66.18
C GLU I 181 18.42 -44.27 -66.48
N ALA I 182 17.70 -43.71 -67.45
CA ALA I 182 18.07 -42.44 -68.05
C ALA I 182 17.79 -41.26 -67.12
N VAL I 183 18.76 -40.34 -67.05
CA VAL I 183 18.64 -39.13 -66.23
C VAL I 183 18.82 -37.91 -67.13
N LYS I 184 18.77 -36.72 -66.53
CA LYS I 184 19.19 -35.51 -67.21
C LYS I 184 20.70 -35.37 -67.09
N THR I 185 21.33 -34.96 -68.18
CA THR I 185 22.79 -34.94 -68.26
C THR I 185 23.32 -33.76 -67.43
N HIS I 186 24.64 -33.70 -67.30
CA HIS I 186 25.28 -32.65 -66.53
C HIS I 186 25.13 -31.29 -67.22
N THR I 187 25.43 -30.24 -66.48
CA THR I 187 25.56 -28.88 -67.00
C THR I 187 26.73 -28.23 -66.26
N ASN I 188 26.84 -26.91 -66.35
CA ASN I 188 27.81 -26.12 -65.60
C ASN I 188 29.24 -26.57 -65.90
N ILE I 189 29.62 -26.40 -67.17
CA ILE I 189 31.00 -26.62 -67.56
C ILE I 189 31.89 -25.57 -66.89
N SER I 190 33.09 -25.98 -66.51
CA SER I 190 34.02 -25.10 -65.83
C SER I 190 35.43 -25.27 -66.41
N GLU I 191 36.34 -24.45 -65.89
CA GLU I 191 37.72 -24.39 -66.35
C GLU I 191 38.52 -25.53 -65.70
N SER I 192 39.84 -25.43 -65.80
CA SER I 192 40.72 -26.26 -64.98
C SER I 192 41.01 -25.58 -63.66
N HIS I 193 41.17 -26.37 -62.60
CA HIS I 193 41.61 -25.82 -61.33
C HIS I 193 42.99 -25.19 -61.51
N PRO I 194 43.29 -24.16 -60.71
CA PRO I 194 44.62 -23.51 -60.81
C PRO I 194 45.77 -24.36 -60.32
N ASN I 195 45.55 -25.60 -59.88
CA ASN I 195 46.63 -26.48 -59.44
C ASN I 195 46.78 -27.71 -60.34
N ALA I 196 46.74 -27.48 -61.65
CA ALA I 196 47.06 -28.49 -62.66
C ALA I 196 46.04 -29.62 -62.72
N THR I 197 44.79 -29.35 -62.33
CA THR I 197 43.70 -30.30 -62.48
C THR I 197 42.48 -29.57 -63.01
N PHE I 198 41.50 -30.35 -63.47
CA PHE I 198 40.35 -29.84 -64.21
C PHE I 198 39.13 -29.77 -63.31
N SER I 199 38.19 -28.87 -63.66
CA SER I 199 36.92 -28.74 -62.94
C SER I 199 35.76 -28.97 -63.89
N ALA I 200 34.86 -29.86 -63.50
CA ALA I 200 33.61 -30.11 -64.20
C ALA I 200 32.71 -30.88 -63.25
N VAL I 201 31.41 -30.61 -63.35
CA VAL I 201 30.43 -31.11 -62.39
C VAL I 201 29.30 -31.79 -63.14
N GLY I 202 28.83 -32.91 -62.60
CA GLY I 202 27.66 -33.60 -63.14
C GLY I 202 26.47 -33.37 -62.23
N GLU I 203 25.42 -32.78 -62.79
CA GLU I 203 24.28 -32.41 -61.97
C GLU I 203 22.98 -32.62 -62.74
N ALA I 204 21.90 -32.75 -61.98
CA ALA I 204 20.54 -32.94 -62.46
C ALA I 204 19.62 -32.91 -61.24
N SER I 205 18.31 -32.96 -61.50
CA SER I 205 17.32 -32.97 -60.44
C SER I 205 16.36 -34.15 -60.65
N ILE I 206 15.89 -34.71 -59.54
CA ILE I 206 15.05 -35.90 -59.56
C ILE I 206 13.82 -35.68 -58.70
N CYS I 207 13.02 -36.73 -58.52
CA CYS I 207 11.90 -36.67 -57.59
C CYS I 207 12.39 -36.92 -56.16
N GLU I 208 11.70 -36.29 -55.21
CA GLU I 208 12.14 -36.35 -53.83
C GLU I 208 11.97 -37.74 -53.23
N ASP I 209 10.83 -38.39 -53.50
CA ASP I 209 10.61 -39.73 -52.98
C ASP I 209 11.59 -40.74 -53.56
N ASP I 210 12.25 -40.41 -54.67
CA ASP I 210 13.30 -41.29 -55.19
C ASP I 210 14.37 -41.51 -54.13
N TRP I 211 14.81 -40.44 -53.48
CA TRP I 211 15.68 -40.59 -52.32
C TRP I 211 14.90 -41.05 -51.10
N ASN I 212 13.69 -40.52 -50.92
CA ASN I 212 12.91 -40.82 -49.74
C ASN I 212 12.39 -42.25 -49.72
N SER I 213 12.49 -42.99 -50.82
CA SER I 213 12.13 -44.39 -50.82
C SER I 213 13.32 -45.30 -50.53
N GLY I 214 14.49 -44.74 -50.27
CA GLY I 214 15.65 -45.54 -49.89
C GLY I 214 16.17 -46.43 -50.99
N GLU I 215 16.76 -45.83 -52.02
CA GLU I 215 17.35 -46.60 -53.12
C GLU I 215 18.79 -46.21 -53.34
N ARG I 216 19.55 -47.16 -53.88
CA ARG I 216 20.88 -46.88 -54.40
C ARG I 216 20.78 -45.97 -55.61
N PHE I 217 21.72 -45.04 -55.72
CA PHE I 217 21.80 -44.17 -56.90
C PHE I 217 23.26 -43.96 -57.24
N THR I 218 23.66 -44.43 -58.42
CA THR I 218 25.05 -44.42 -58.85
C THR I 218 25.21 -43.49 -60.05
N CYS I 219 26.25 -42.68 -60.04
CA CYS I 219 26.65 -41.94 -61.23
C CYS I 219 27.77 -42.70 -61.91
N THR I 220 27.61 -42.93 -63.22
CA THR I 220 28.48 -43.81 -63.97
C THR I 220 29.44 -43.00 -64.83
N VAL I 221 30.74 -43.35 -64.76
CA VAL I 221 31.78 -42.62 -65.47
C VAL I 221 32.83 -43.61 -65.95
N THR I 222 33.39 -43.34 -67.13
CA THR I 222 34.47 -44.14 -67.71
C THR I 222 35.62 -43.19 -68.04
N HIS I 223 36.63 -43.18 -67.18
CA HIS I 223 37.70 -42.19 -67.29
C HIS I 223 38.57 -42.45 -68.51
N THR I 224 39.14 -41.37 -69.05
CA THR I 224 40.10 -41.52 -70.13
C THR I 224 41.36 -42.24 -69.66
N ASP I 225 41.83 -41.93 -68.46
CA ASP I 225 42.94 -42.67 -67.88
C ASP I 225 42.50 -43.99 -67.28
N LEU I 226 41.21 -44.19 -67.05
CA LEU I 226 40.67 -45.43 -66.48
C LEU I 226 39.49 -45.88 -67.32
N PRO I 227 39.74 -46.66 -68.37
CA PRO I 227 38.62 -47.19 -69.17
C PRO I 227 37.69 -48.09 -68.38
N SER I 228 38.13 -48.62 -67.23
CA SER I 228 37.26 -49.43 -66.41
C SER I 228 36.16 -48.58 -65.79
N PRO I 229 35.01 -49.18 -65.47
CA PRO I 229 33.92 -48.42 -64.88
C PRO I 229 34.31 -47.82 -63.54
N LEU I 230 33.83 -46.60 -63.29
CA LEU I 230 33.99 -45.93 -62.01
C LEU I 230 32.61 -45.55 -61.51
N LYS I 231 32.28 -45.96 -60.28
CA LYS I 231 30.92 -45.84 -59.76
C LYS I 231 30.93 -45.17 -58.40
N GLN I 232 30.06 -44.18 -58.23
CA GLN I 232 29.87 -43.50 -56.95
C GLN I 232 28.38 -43.53 -56.62
N THR I 233 28.07 -43.92 -55.39
CA THR I 233 26.71 -44.26 -54.97
C THR I 233 26.20 -43.28 -53.92
N ILE I 234 24.91 -42.96 -53.98
CA ILE I 234 24.26 -42.16 -52.95
C ILE I 234 22.98 -42.88 -52.51
N SER I 235 22.74 -42.91 -51.21
CA SER I 235 21.61 -43.63 -50.63
C SER I 235 21.44 -43.20 -49.17
N ARG I 236 20.25 -43.48 -48.63
CA ARG I 236 19.91 -43.17 -47.24
C ARG I 236 19.73 -44.45 -46.45
N PRO I 237 19.93 -44.41 -45.12
CA PRO I 237 19.72 -45.59 -44.29
C PRO I 237 18.24 -45.93 -44.14
N VAL I 240 15.88 -45.41 -39.67
CA VAL I 240 16.57 -45.25 -38.39
C VAL I 240 15.59 -44.70 -37.36
N ALA I 241 16.02 -44.66 -36.10
CA ALA I 241 15.23 -44.01 -35.08
C ALA I 241 15.25 -42.50 -35.28
N LEU I 242 14.26 -41.83 -34.72
CA LEU I 242 14.14 -40.40 -34.91
C LEU I 242 13.80 -39.73 -33.59
N HIS I 243 14.18 -38.47 -33.47
CA HIS I 243 13.80 -37.67 -32.32
C HIS I 243 13.53 -36.23 -32.75
N ARG I 244 12.44 -35.70 -32.21
CA ARG I 244 11.94 -34.38 -32.57
C ARG I 244 12.72 -33.29 -31.84
N PRO I 245 13.19 -32.27 -32.56
CA PRO I 245 13.78 -31.12 -31.88
C PRO I 245 12.72 -30.41 -31.05
N ASP I 246 13.17 -29.79 -29.96
CA ASP I 246 12.33 -28.89 -29.18
C ASP I 246 13.05 -27.56 -29.14
N VAL I 247 12.84 -26.75 -30.18
CA VAL I 247 13.50 -25.46 -30.24
C VAL I 247 13.08 -24.61 -29.06
N TYR I 248 14.05 -23.90 -28.50
CA TYR I 248 13.88 -23.08 -27.32
C TYR I 248 14.19 -21.65 -27.73
N LEU I 249 14.23 -20.76 -26.77
CA LEU I 249 14.70 -19.43 -27.11
C LEU I 249 14.91 -18.63 -25.83
N LEU I 250 16.07 -18.01 -25.68
CA LEU I 250 16.33 -17.22 -24.48
C LEU I 250 16.60 -15.77 -24.86
N PRO I 251 15.92 -14.82 -24.24
CA PRO I 251 16.14 -13.43 -24.55
C PRO I 251 17.50 -12.99 -24.05
N PRO I 252 18.01 -11.86 -24.53
CA PRO I 252 19.38 -11.46 -24.18
C PRO I 252 19.54 -11.20 -22.68
N ALA I 253 20.77 -11.39 -22.22
CA ALA I 253 21.09 -11.20 -20.81
C ALA I 253 20.98 -9.73 -20.42
N ARG I 254 20.35 -9.47 -19.28
CA ARG I 254 20.20 -8.10 -18.82
C ARG I 254 21.54 -7.41 -18.72
N GLU I 255 22.59 -8.18 -18.46
CA GLU I 255 23.94 -7.62 -18.41
C GLU I 255 24.29 -6.97 -19.74
N GLN I 256 23.97 -7.64 -20.86
CA GLN I 256 24.16 -7.00 -22.15
C GLN I 256 23.35 -5.72 -22.24
N LEU I 257 22.14 -5.74 -21.68
CA LEU I 257 21.28 -4.57 -21.78
C LEU I 257 21.64 -3.59 -20.67
N ASN I 258 22.93 -3.32 -20.53
CA ASN I 258 23.41 -2.26 -19.64
C ASN I 258 24.48 -1.40 -20.27
N LEU I 259 25.19 -1.90 -21.27
CA LEU I 259 26.01 -1.06 -22.14
C LEU I 259 25.23 -0.52 -23.32
N ARG I 260 24.06 -1.13 -23.62
CA ARG I 260 23.08 -0.62 -24.57
C ARG I 260 23.60 -0.51 -26.00
N GLU I 261 24.45 -1.43 -26.44
CA GLU I 261 24.79 -1.49 -27.86
C GLU I 261 24.06 -2.63 -28.56
N SER I 262 24.28 -3.87 -28.11
CA SER I 262 23.84 -5.05 -28.83
C SER I 262 23.20 -6.04 -27.88
N ALA I 263 22.25 -6.80 -28.40
CA ALA I 263 21.57 -7.85 -27.67
C ALA I 263 21.62 -9.13 -28.51
N THR I 264 21.87 -10.25 -27.85
CA THR I 264 22.08 -11.49 -28.54
C THR I 264 21.00 -12.49 -28.14
N ILE I 265 20.59 -13.31 -29.09
CA ILE I 265 19.48 -14.24 -28.88
C ILE I 265 19.92 -15.62 -29.31
N THR I 266 19.55 -16.62 -28.53
CA THR I 266 20.12 -17.96 -28.65
C THR I 266 19.05 -18.98 -29.04
N CYS I 267 18.89 -19.19 -30.35
CA CYS I 267 17.87 -20.13 -30.77
C CYS I 267 18.33 -21.55 -30.50
N LEU I 268 18.43 -21.91 -29.23
CA LEU I 268 18.90 -23.24 -28.87
C LEU I 268 18.04 -24.31 -29.50
N VAL I 269 18.68 -25.28 -30.13
CA VAL I 269 18.02 -26.41 -30.76
C VAL I 269 18.64 -27.67 -30.20
N THR I 270 17.82 -28.64 -29.82
CA THR I 270 18.41 -29.81 -29.19
C THR I 270 17.40 -30.96 -29.20
N GLY I 271 17.80 -32.07 -28.59
CA GLY I 271 16.93 -33.18 -28.30
C GLY I 271 16.33 -33.83 -29.52
N PHE I 272 17.13 -34.07 -30.55
CA PHE I 272 16.56 -34.53 -31.79
C PHE I 272 17.50 -35.50 -32.49
N SER I 273 16.91 -36.24 -33.43
CA SER I 273 17.61 -37.13 -34.34
C SER I 273 16.66 -37.42 -35.49
N PRO I 274 17.16 -37.61 -36.72
CA PRO I 274 18.58 -37.48 -37.10
C PRO I 274 19.10 -36.04 -37.18
N ALA I 275 20.27 -35.90 -37.79
CA ALA I 275 20.99 -34.64 -37.84
C ALA I 275 20.64 -33.88 -39.11
N ASP I 276 21.48 -32.90 -39.44
CA ASP I 276 21.29 -31.98 -40.56
C ASP I 276 20.00 -31.18 -40.36
N VAL I 277 20.02 -30.37 -39.32
CA VAL I 277 18.98 -29.38 -39.09
C VAL I 277 19.39 -28.07 -39.73
N PHE I 278 18.56 -27.56 -40.62
CA PHE I 278 18.70 -26.18 -41.04
C PHE I 278 17.82 -25.33 -40.12
N VAL I 279 18.26 -24.11 -39.86
CA VAL I 279 17.51 -23.21 -39.00
C VAL I 279 17.53 -21.81 -39.61
N GLN I 280 16.41 -21.13 -39.53
CA GLN I 280 16.28 -19.80 -40.09
C GLN I 280 15.49 -18.92 -39.14
N TRP I 281 15.64 -17.62 -39.28
CA TRP I 281 15.03 -16.66 -38.36
C TRP I 281 14.03 -15.81 -39.12
N MET I 282 12.75 -15.96 -38.77
CA MET I 282 11.68 -15.13 -39.32
C MET I 282 11.64 -13.79 -38.61
N GLN I 283 11.04 -12.81 -39.29
CA GLN I 283 10.75 -11.52 -38.64
C GLN I 283 9.49 -10.97 -39.32
N ARG I 284 8.34 -11.27 -38.72
CA ARG I 284 7.04 -10.92 -39.28
C ARG I 284 6.87 -11.50 -40.68
N GLY I 285 7.13 -12.80 -40.80
CA GLY I 285 7.06 -13.46 -42.08
C GLY I 285 8.24 -13.21 -42.99
N GLN I 286 9.17 -12.35 -42.59
CA GLN I 286 10.33 -12.03 -43.41
C GLN I 286 11.52 -12.80 -42.90
N PRO I 287 12.04 -13.76 -43.66
CA PRO I 287 13.29 -14.43 -43.25
C PRO I 287 14.46 -13.47 -43.33
N LEU I 288 15.24 -13.43 -42.25
CA LEU I 288 16.48 -12.68 -42.27
C LEU I 288 17.47 -13.33 -43.23
N SER I 289 18.54 -12.63 -43.53
CA SER I 289 19.53 -13.37 -44.28
C SER I 289 20.30 -14.28 -43.33
N PRO I 290 20.78 -15.42 -43.83
CA PRO I 290 21.69 -16.22 -43.01
C PRO I 290 22.94 -15.48 -42.63
N GLU I 291 23.28 -14.43 -43.39
CA GLU I 291 24.42 -13.60 -43.02
C GLU I 291 24.12 -12.76 -41.80
N LYS I 292 22.85 -12.44 -41.55
CA LYS I 292 22.49 -11.66 -40.37
C LYS I 292 22.85 -12.41 -39.09
N TYR I 293 22.63 -13.72 -39.08
CA TYR I 293 22.90 -14.53 -37.90
C TYR I 293 23.99 -15.55 -38.19
N VAL I 294 24.25 -16.39 -37.20
CA VAL I 294 25.26 -17.43 -37.28
C VAL I 294 24.68 -18.65 -36.59
N THR I 295 25.13 -19.83 -37.00
CA THR I 295 24.68 -21.05 -36.35
C THR I 295 25.80 -22.07 -36.36
N SER I 296 25.58 -23.13 -35.60
CA SER I 296 26.56 -24.18 -35.45
C SER I 296 26.40 -25.23 -36.53
N ALA I 297 27.06 -26.36 -36.33
CA ALA I 297 26.75 -27.63 -36.93
C ALA I 297 26.13 -28.50 -35.86
N PRO I 298 25.48 -29.61 -36.22
CA PRO I 298 24.84 -30.43 -35.18
C PRO I 298 25.88 -31.09 -34.29
N MET I 299 26.02 -30.55 -33.10
CA MET I 299 26.97 -31.07 -32.14
C MET I 299 26.43 -32.35 -31.52
N PRO I 300 27.23 -33.41 -31.44
CA PRO I 300 26.73 -34.64 -30.83
C PRO I 300 26.41 -34.41 -29.36
N GLU I 301 25.22 -34.82 -28.96
CA GLU I 301 24.77 -34.55 -27.61
C GLU I 301 25.47 -35.48 -26.63
N PRO I 302 26.12 -34.96 -25.60
CA PRO I 302 26.73 -35.81 -24.57
C PRO I 302 25.76 -36.75 -23.87
N GLN I 303 24.72 -36.20 -23.24
CA GLN I 303 23.89 -37.00 -22.35
C GLN I 303 22.86 -37.81 -23.12
N ALA I 304 21.97 -37.16 -23.85
CA ALA I 304 21.03 -37.87 -24.68
C ALA I 304 21.79 -38.57 -25.80
N PRO I 305 21.93 -39.90 -25.75
CA PRO I 305 23.00 -40.56 -26.51
C PRO I 305 22.95 -40.38 -28.02
N GLY I 306 21.89 -40.86 -28.67
CA GLY I 306 21.84 -40.90 -30.11
C GLY I 306 21.22 -39.66 -30.70
N ARG I 307 21.57 -38.51 -30.12
CA ARG I 307 20.87 -37.26 -30.35
C ARG I 307 21.88 -36.17 -30.67
N TYR I 308 21.41 -35.13 -31.32
CA TYR I 308 22.27 -34.04 -31.75
C TYR I 308 21.67 -32.73 -31.26
N PHE I 309 22.47 -31.68 -31.33
CA PHE I 309 22.00 -30.37 -30.99
C PHE I 309 22.88 -29.34 -31.67
N ALA I 310 22.35 -28.13 -31.79
CA ALA I 310 23.06 -27.05 -32.44
C ALA I 310 22.63 -25.76 -31.76
N HIS I 311 22.96 -24.64 -32.37
CA HIS I 311 22.67 -23.34 -31.78
C HIS I 311 22.52 -22.35 -32.91
N SER I 312 22.08 -21.16 -32.57
CA SER I 312 22.31 -20.01 -33.43
C SER I 312 22.16 -18.75 -32.60
N ILE I 313 22.79 -17.70 -33.07
CA ILE I 313 22.79 -16.42 -32.38
C ILE I 313 22.47 -15.34 -33.38
N LEU I 314 22.15 -14.15 -32.87
CA LEU I 314 22.02 -13.00 -33.74
C LEU I 314 22.13 -11.75 -32.90
N THR I 315 22.95 -10.79 -33.34
CA THR I 315 23.27 -9.61 -32.55
C THR I 315 22.29 -8.47 -32.85
N VAL I 316 21.08 -8.59 -32.30
CA VAL I 316 20.13 -7.49 -32.34
C VAL I 316 20.63 -6.35 -31.47
N SER I 317 20.61 -5.14 -31.99
CA SER I 317 21.05 -4.03 -31.17
C SER I 317 19.97 -3.65 -30.16
N GLU I 318 20.34 -2.74 -29.27
CA GLU I 318 19.58 -2.47 -28.07
C GLU I 318 18.15 -2.01 -28.39
N GLU I 319 18.02 -0.86 -29.04
CA GLU I 319 16.70 -0.40 -29.45
C GLU I 319 16.05 -1.39 -30.40
N GLU I 320 16.85 -2.00 -31.28
CA GLU I 320 16.33 -2.93 -32.27
C GLU I 320 15.73 -4.18 -31.66
N TRP I 321 15.94 -4.42 -30.37
CA TRP I 321 15.12 -5.38 -29.64
C TRP I 321 14.10 -4.69 -28.76
N ASN I 322 14.30 -3.41 -28.46
CA ASN I 322 13.47 -2.70 -27.51
C ASN I 322 12.16 -2.17 -28.08
N THR I 323 11.68 -2.66 -29.22
CA THR I 323 10.53 -2.00 -29.84
C THR I 323 9.46 -2.97 -30.31
N GLY I 324 9.46 -4.22 -29.83
CA GLY I 324 8.54 -5.22 -30.35
C GLY I 324 9.26 -6.27 -31.18
N GLU I 325 9.02 -6.32 -32.49
CA GLU I 325 9.80 -7.13 -33.42
C GLU I 325 10.12 -8.54 -32.91
N THR I 326 9.11 -9.40 -32.88
CA THR I 326 9.20 -10.67 -32.15
C THR I 326 10.31 -11.62 -32.62
N TYR I 327 10.86 -11.46 -33.82
CA TYR I 327 11.96 -12.30 -34.28
C TYR I 327 11.65 -13.79 -34.14
N THR I 328 10.74 -14.29 -34.95
CA THR I 328 10.45 -15.71 -34.89
C THR I 328 11.63 -16.52 -35.39
N CYS I 329 11.93 -17.62 -34.70
CA CYS I 329 12.99 -18.53 -35.09
C CYS I 329 12.36 -19.82 -35.59
N VAL I 330 12.67 -20.20 -36.82
CA VAL I 330 12.04 -21.35 -37.47
C VAL I 330 13.10 -22.42 -37.71
N VAL I 331 12.70 -23.67 -37.50
CA VAL I 331 13.58 -24.82 -37.55
C VAL I 331 13.09 -25.76 -38.62
N ALA I 332 14.01 -26.22 -39.46
CA ALA I 332 13.70 -27.19 -40.52
C ALA I 332 14.37 -28.50 -40.17
N HIS I 333 13.57 -29.55 -40.02
CA HIS I 333 14.13 -30.87 -39.74
C HIS I 333 13.17 -31.90 -40.33
N GLU I 334 13.37 -33.18 -40.01
CA GLU I 334 12.49 -34.24 -40.49
C GLU I 334 11.86 -35.04 -39.37
N ALA I 335 11.94 -34.60 -38.12
CA ALA I 335 11.43 -35.38 -37.01
C ALA I 335 10.14 -34.77 -36.46
N LEU I 336 9.38 -34.12 -37.30
CA LEU I 336 8.18 -33.40 -36.91
C LEU I 336 7.03 -33.80 -37.81
N PRO I 337 5.78 -33.67 -37.34
CA PRO I 337 4.64 -34.05 -38.17
C PRO I 337 4.61 -33.30 -39.48
N ASN I 338 4.57 -31.97 -39.42
CA ASN I 338 4.74 -31.14 -40.60
C ASN I 338 6.19 -30.76 -40.83
N ARG I 339 7.11 -31.44 -40.14
CA ARG I 339 8.54 -31.37 -40.44
C ARG I 339 9.15 -30.04 -40.03
N VAL I 340 8.33 -29.08 -39.61
CA VAL I 340 8.82 -27.74 -39.32
C VAL I 340 8.23 -27.27 -38.00
N THR I 341 8.91 -26.31 -37.38
CA THR I 341 8.42 -25.63 -36.19
C THR I 341 9.02 -24.24 -36.17
N GLU I 342 8.45 -23.36 -35.37
CA GLU I 342 9.03 -22.05 -35.18
C GLU I 342 8.59 -21.50 -33.83
N ARG I 343 9.46 -20.67 -33.25
CA ARG I 343 9.20 -20.05 -31.97
C ARG I 343 9.73 -18.62 -32.00
N THR I 344 9.33 -17.83 -31.02
CA THR I 344 9.63 -16.41 -31.03
C THR I 344 9.55 -15.87 -29.61
N VAL I 345 10.02 -14.64 -29.44
CA VAL I 345 10.10 -13.98 -28.14
C VAL I 345 10.00 -12.48 -28.33
N ASP I 346 9.91 -11.74 -27.23
CA ASP I 346 9.96 -10.29 -27.23
C ASP I 346 10.54 -9.83 -25.90
N LYS I 347 10.41 -8.54 -25.61
CA LYS I 347 10.57 -8.09 -24.23
C LYS I 347 9.71 -8.91 -23.30
N SER I 348 8.40 -8.83 -23.51
CA SER I 348 7.41 -9.28 -22.54
C SER I 348 7.10 -10.76 -22.67
N THR I 349 8.13 -11.59 -22.73
CA THR I 349 7.87 -13.01 -22.59
C THR I 349 7.56 -13.38 -21.15
N GLY I 350 8.10 -12.64 -20.20
CA GLY I 350 7.81 -12.84 -18.80
C GLY I 350 7.10 -11.65 -18.17
N LYS I 351 7.84 -10.86 -17.41
CA LYS I 351 7.35 -9.66 -16.76
C LYS I 351 6.15 -9.96 -15.88
N PRO I 352 6.16 -11.05 -15.13
CA PRO I 352 4.90 -11.63 -14.65
C PRO I 352 4.32 -10.86 -13.48
N THR I 353 3.29 -10.07 -13.74
CA THR I 353 2.44 -9.48 -12.70
C THR I 353 3.27 -8.76 -11.63
N LEU I 354 3.92 -7.69 -12.05
CA LEU I 354 4.50 -6.77 -11.08
C LEU I 354 3.38 -5.87 -10.58
N TYR I 355 3.35 -5.63 -9.27
CA TYR I 355 2.17 -4.98 -8.72
C TYR I 355 2.45 -4.34 -7.36
N ASN I 356 2.27 -3.03 -7.29
CA ASN I 356 2.67 -2.24 -6.13
C ASN I 356 1.52 -2.12 -5.13
N VAL I 357 1.49 -3.03 -4.17
CA VAL I 357 0.63 -2.86 -3.01
C VAL I 357 0.96 -1.55 -2.31
N SER I 358 -0.01 -1.02 -1.58
CA SER I 358 0.18 0.19 -0.79
C SER I 358 -0.70 0.15 0.44
N LEU I 359 -0.13 0.48 1.59
CA LEU I 359 -0.87 0.53 2.84
C LEU I 359 -0.74 1.94 3.41
N VAL I 360 -1.85 2.46 3.92
CA VAL I 360 -1.89 3.84 4.36
C VAL I 360 -2.69 3.97 5.64
N MET I 361 -2.15 4.74 6.58
CA MET I 361 -2.90 5.31 7.69
C MET I 361 -2.39 6.68 8.10
N SER I 362 -3.18 7.37 8.92
CA SER I 362 -2.74 8.53 9.69
C SER I 362 -2.21 9.63 8.78
N ASP I 363 -2.53 9.56 7.49
CA ASP I 363 -2.07 10.56 6.53
C ASP I 363 -3.29 11.04 5.76
N THR I 364 -3.96 12.05 6.32
CA THR I 364 -5.05 12.71 5.63
C THR I 364 -4.52 13.44 4.40
N ALA I 365 -4.91 13.00 3.21
CA ALA I 365 -4.41 13.59 1.99
C ALA I 365 -5.38 14.59 1.37
N GLY I 366 -6.55 14.80 1.97
CA GLY I 366 -7.52 15.67 1.35
C GLY I 366 -8.10 15.14 0.06
N THR I 367 -8.05 13.83 -0.15
CA THR I 367 -8.64 13.20 -1.32
C THR I 367 -9.55 12.06 -0.88
N CYS I 368 -10.63 11.88 -1.64
CA CYS I 368 -11.58 10.84 -1.30
C CYS I 368 -11.00 9.47 -1.62
N TYR I 369 -11.76 8.42 -1.29
CA TYR I 369 -11.33 7.06 -1.55
C TYR I 369 -12.45 6.20 -2.13
N GLU J 4 -16.29 10.12 -16.33
CA GLU J 4 -15.84 9.49 -17.57
C GLU J 4 -15.81 7.98 -17.43
N ARG J 5 -15.71 7.53 -16.18
CA ARG J 5 -15.67 6.11 -15.91
C ARG J 5 -17.03 5.48 -16.19
N ILE J 6 -17.05 4.14 -16.20
CA ILE J 6 -18.24 3.39 -16.57
C ILE J 6 -18.52 2.38 -15.47
N VAL J 7 -19.55 2.64 -14.68
CA VAL J 7 -19.79 1.84 -13.48
C VAL J 7 -20.28 0.46 -13.90
N LEU J 8 -19.38 -0.50 -13.94
CA LEU J 8 -19.78 -1.86 -14.27
C LEU J 8 -20.76 -2.40 -13.25
N VAL J 9 -20.52 -2.14 -11.97
CA VAL J 9 -21.38 -2.60 -10.89
C VAL J 9 -21.37 -1.54 -9.81
N ASP J 10 -22.50 -1.40 -9.12
CA ASP J 10 -22.57 -0.54 -7.95
C ASP J 10 -23.54 -1.20 -6.98
N ASN J 11 -23.01 -2.03 -6.11
CA ASN J 11 -23.83 -2.85 -5.24
C ASN J 11 -23.90 -2.14 -3.90
N LYS J 12 -25.01 -1.46 -3.66
CA LYS J 12 -25.19 -0.70 -2.43
C LYS J 12 -25.55 -1.54 -1.25
N CYS J 13 -25.54 -2.86 -1.33
CA CYS J 13 -25.62 -3.61 -0.10
C CYS J 13 -24.40 -4.47 0.10
N LYS J 14 -23.37 -4.27 -0.71
CA LYS J 14 -22.02 -4.72 -0.39
C LYS J 14 -21.02 -3.58 -0.39
N CYS J 15 -21.44 -2.36 -0.73
CA CYS J 15 -20.56 -1.21 -0.87
C CYS J 15 -19.40 -1.55 -1.80
N ALA J 16 -19.69 -2.26 -2.88
CA ALA J 16 -18.71 -2.49 -3.93
C ALA J 16 -19.03 -1.55 -5.06
N ARG J 17 -18.01 -1.16 -5.81
CA ARG J 17 -18.28 -0.34 -6.98
C ARG J 17 -17.15 -0.54 -7.99
N ILE J 18 -17.38 -1.43 -8.94
CA ILE J 18 -16.41 -1.71 -10.01
C ILE J 18 -16.67 -0.69 -11.11
N THR J 19 -15.81 0.27 -11.25
CA THR J 19 -15.93 1.10 -12.43
C THR J 19 -14.92 0.63 -13.47
N SER J 20 -14.76 1.41 -14.54
CA SER J 20 -13.78 1.14 -15.57
C SER J 20 -13.57 2.42 -16.36
N ARG J 21 -12.39 2.54 -16.95
CA ARG J 21 -12.10 3.75 -17.70
C ARG J 21 -10.93 3.47 -18.62
N ILE J 22 -11.12 3.64 -19.92
CA ILE J 22 -10.02 3.50 -20.85
C ILE J 22 -9.12 4.72 -20.72
N ILE J 23 -7.86 4.50 -20.41
CA ILE J 23 -6.93 5.61 -20.23
C ILE J 23 -6.40 5.96 -21.61
N ARG J 24 -7.19 6.76 -22.34
CA ARG J 24 -6.81 7.13 -23.69
C ARG J 24 -5.45 7.78 -23.61
N SER J 25 -4.43 7.07 -24.08
CA SER J 25 -3.06 7.40 -23.74
C SER J 25 -2.64 8.70 -24.40
N SER J 26 -1.40 9.10 -24.14
CA SER J 26 -0.72 10.06 -24.99
C SER J 26 -0.98 9.70 -26.44
N GLU J 27 -1.16 10.71 -27.29
CA GLU J 27 -1.79 10.45 -28.58
C GLU J 27 -0.85 9.67 -29.49
N ASP J 28 -0.49 8.48 -29.03
CA ASP J 28 0.20 7.44 -29.77
C ASP J 28 -0.85 6.60 -30.48
N PRO J 29 -0.48 5.57 -31.23
CA PRO J 29 -1.49 4.65 -31.75
C PRO J 29 -2.16 3.86 -30.64
N ASN J 30 -2.98 2.88 -31.01
CA ASN J 30 -3.86 2.24 -30.03
C ASN J 30 -3.10 1.31 -29.11
N GLU J 31 -2.07 1.82 -28.44
CA GLU J 31 -1.46 1.12 -27.31
C GLU J 31 -2.03 1.63 -26.00
N ASP J 32 -3.35 1.54 -25.90
CA ASP J 32 -4.04 1.90 -24.67
C ASP J 32 -4.29 0.66 -23.83
N ILE J 33 -4.42 0.87 -22.53
CA ILE J 33 -4.85 -0.19 -21.63
C ILE J 33 -6.08 0.26 -20.87
N VAL J 34 -7.13 -0.52 -20.96
CA VAL J 34 -8.31 -0.29 -20.15
C VAL J 34 -8.00 -0.61 -18.71
N GLU J 35 -8.81 -0.08 -17.81
CA GLU J 35 -8.49 0.04 -16.40
C GLU J 35 -9.74 -0.19 -15.56
N ARG J 36 -9.68 -1.16 -14.66
CA ARG J 36 -10.82 -1.50 -13.80
C ARG J 36 -10.54 -1.10 -12.36
N ASN J 37 -10.97 0.12 -12.01
CA ASN J 37 -10.95 0.54 -10.62
C ASN J 37 -11.91 -0.31 -9.82
N ILE J 38 -11.58 -0.55 -8.57
CA ILE J 38 -12.47 -1.25 -7.66
C ILE J 38 -12.46 -0.48 -6.35
N ARG J 39 -13.46 -0.72 -5.52
CA ARG J 39 -13.58 0.00 -4.26
C ARG J 39 -14.53 -0.77 -3.37
N ILE J 40 -14.14 -0.96 -2.12
CA ILE J 40 -15.02 -1.60 -1.15
C ILE J 40 -14.86 -0.89 0.18
N ILE J 41 -15.95 -0.74 0.90
CA ILE J 41 -15.93 -0.17 2.23
C ILE J 41 -16.54 -1.22 3.15
N VAL J 42 -15.69 -2.07 3.71
CA VAL J 42 -16.17 -3.14 4.57
C VAL J 42 -16.38 -2.60 5.97
N PRO J 43 -17.46 -2.94 6.62
CA PRO J 43 -17.84 -2.27 7.85
C PRO J 43 -17.11 -2.66 9.13
N LEU J 44 -16.81 -3.95 9.29
CA LEU J 44 -16.31 -4.49 10.55
C LEU J 44 -17.07 -3.97 11.76
N ASN J 45 -18.37 -3.71 11.60
CA ASN J 45 -19.22 -3.36 12.71
C ASN J 45 -20.52 -4.14 12.77
N ASN J 46 -20.93 -4.79 11.69
CA ASN J 46 -22.29 -5.26 11.60
C ASN J 46 -22.38 -6.73 11.94
N ARG J 47 -23.59 -7.27 11.86
CA ARG J 47 -23.86 -8.67 12.15
C ARG J 47 -23.55 -9.52 10.92
N GLU J 48 -23.75 -10.82 11.03
CA GLU J 48 -23.83 -11.56 9.78
C GLU J 48 -25.27 -11.64 9.30
N ASN J 49 -26.22 -11.76 10.23
CA ASN J 49 -27.62 -11.54 9.90
C ASN J 49 -27.83 -10.04 10.05
N ILE J 50 -27.65 -9.33 8.95
CA ILE J 50 -27.64 -7.87 8.89
C ILE J 50 -28.85 -7.31 9.62
N SER J 51 -29.93 -8.09 9.69
CA SER J 51 -31.20 -7.66 10.24
C SER J 51 -31.60 -8.50 11.44
N ASP J 52 -30.65 -8.77 12.32
CA ASP J 52 -30.90 -9.38 13.61
C ASP J 52 -29.71 -9.10 14.52
N PRO J 53 -29.72 -8.01 15.25
CA PRO J 53 -28.55 -7.61 16.03
C PRO J 53 -28.39 -8.44 17.31
N THR J 54 -28.52 -9.76 17.16
CA THR J 54 -28.30 -10.71 18.24
C THR J 54 -27.34 -11.81 17.81
N SER J 55 -26.58 -11.57 16.76
CA SER J 55 -25.66 -12.53 16.17
C SER J 55 -24.23 -12.03 16.32
N PRO J 56 -23.23 -12.87 16.04
CA PRO J 56 -21.86 -12.38 16.07
C PRO J 56 -21.59 -11.29 15.05
N LEU J 57 -20.38 -10.76 15.03
CA LEU J 57 -20.22 -9.53 14.28
C LEU J 57 -20.01 -9.83 12.81
N ARG J 58 -18.77 -10.12 12.42
CA ARG J 58 -18.36 -10.60 11.10
C ARG J 58 -16.86 -10.80 11.14
N THR J 59 -16.35 -11.80 10.43
CA THR J 59 -14.93 -11.83 10.15
C THR J 59 -14.66 -11.84 8.66
N ARG J 60 -15.22 -12.81 7.93
CA ARG J 60 -14.97 -12.93 6.51
C ARG J 60 -15.84 -11.98 5.72
N PHE J 61 -15.28 -11.46 4.64
CA PHE J 61 -16.00 -10.63 3.69
C PHE J 61 -15.64 -11.17 2.31
N VAL J 62 -16.54 -11.97 1.75
CA VAL J 62 -16.27 -12.70 0.52
C VAL J 62 -16.93 -11.97 -0.64
N TYR J 63 -16.17 -11.73 -1.69
CA TYR J 63 -16.67 -10.98 -2.84
C TYR J 63 -16.47 -11.88 -4.06
N HIS J 64 -17.45 -12.74 -4.34
CA HIS J 64 -17.47 -13.40 -5.64
C HIS J 64 -17.99 -12.35 -6.61
N LEU J 65 -17.08 -11.61 -7.23
CA LEU J 65 -17.52 -10.52 -8.10
C LEU J 65 -18.36 -11.05 -9.25
N SER J 66 -18.09 -12.29 -9.68
CA SER J 66 -18.95 -12.93 -10.65
C SER J 66 -20.40 -12.88 -10.21
N ASP J 67 -20.66 -13.24 -8.96
CA ASP J 67 -22.04 -13.28 -8.47
C ASP J 67 -22.69 -11.91 -8.55
N LEU J 68 -21.98 -10.86 -8.18
CA LEU J 68 -22.58 -9.54 -8.12
C LEU J 68 -22.21 -8.69 -9.32
N CYS J 69 -21.62 -9.29 -10.35
CA CYS J 69 -21.58 -8.63 -11.65
C CYS J 69 -22.91 -8.76 -12.38
N LYS J 70 -23.88 -9.44 -11.80
CA LYS J 70 -25.22 -9.53 -12.36
C LYS J 70 -25.85 -8.15 -12.39
N GLU J 99 -29.41 -13.98 -1.30
CA GLU J 99 -29.27 -12.56 -1.02
C GLU J 99 -28.85 -12.32 0.42
N THR J 100 -27.57 -12.51 0.71
CA THR J 100 -27.00 -12.27 2.04
C THR J 100 -25.85 -11.27 1.90
N CYS J 101 -26.23 -10.00 1.94
CA CYS J 101 -25.32 -8.87 1.78
C CYS J 101 -25.45 -7.94 2.97
N TYR J 102 -24.33 -7.33 3.33
CA TYR J 102 -24.04 -6.88 4.69
C TYR J 102 -23.56 -5.45 4.78
N THR J 103 -24.35 -4.52 4.24
CA THR J 103 -24.39 -3.15 4.73
C THR J 103 -25.84 -2.71 4.77
N TYR J 104 -26.22 -1.95 5.79
CA TYR J 104 -27.53 -1.33 5.75
C TYR J 104 -27.56 -0.39 4.57
N ASP J 105 -28.28 -0.74 3.50
CA ASP J 105 -28.43 0.22 2.42
C ASP J 105 -29.11 1.46 2.97
N ARG J 106 -28.62 2.62 2.54
CA ARG J 106 -29.14 3.86 3.10
C ARG J 106 -30.64 3.96 2.91
N ASN J 107 -31.12 3.73 1.69
CA ASN J 107 -32.46 4.17 1.38
C ASN J 107 -33.55 3.21 1.82
N LYS J 108 -33.34 1.91 1.75
CA LYS J 108 -34.39 1.00 2.17
C LYS J 108 -34.04 0.49 3.56
N CYS J 109 -34.96 0.62 4.49
CA CYS J 109 -34.66 0.50 5.91
C CYS J 109 -35.26 -0.77 6.48
N TYR J 110 -34.81 -1.08 7.70
CA TYR J 110 -34.96 -2.39 8.30
C TYR J 110 -35.64 -2.28 9.65
N THR J 111 -35.85 -3.42 10.29
CA THR J 111 -36.63 -3.52 11.52
C THR J 111 -36.62 -4.96 12.03
N ALA J 112 -36.79 -5.16 13.33
CA ALA J 112 -37.00 -6.48 13.89
C ALA J 112 -37.98 -6.37 15.05
N VAL J 113 -39.17 -6.96 14.89
CA VAL J 113 -40.19 -6.89 15.93
C VAL J 113 -39.58 -7.28 17.27
N VAL J 114 -39.88 -6.49 18.29
CA VAL J 114 -39.16 -6.60 19.56
C VAL J 114 -40.11 -6.51 20.74
N PRO J 115 -40.01 -7.42 21.70
CA PRO J 115 -40.95 -7.41 22.82
C PRO J 115 -40.75 -6.21 23.71
N LEU J 116 -41.87 -5.66 24.19
CA LEU J 116 -41.89 -4.67 25.25
C LEU J 116 -42.81 -5.16 26.35
N VAL J 117 -42.50 -4.78 27.59
CA VAL J 117 -43.25 -5.23 28.75
C VAL J 117 -43.77 -4.03 29.51
N TYR J 118 -45.07 -4.02 29.76
CA TYR J 118 -45.68 -2.97 30.56
C TYR J 118 -46.79 -3.54 31.43
N GLY J 119 -47.07 -4.83 31.27
CA GLY J 119 -48.12 -5.48 32.02
C GLY J 119 -47.77 -5.59 33.48
N THR J 122 -46.99 -8.86 28.75
CA THR J 122 -45.99 -8.65 27.70
C THR J 122 -46.62 -8.26 26.39
N LYS J 123 -45.85 -7.56 25.57
CA LYS J 123 -46.29 -7.12 24.25
C LYS J 123 -45.19 -7.41 23.25
N MET J 124 -45.57 -7.93 22.08
CA MET J 124 -44.63 -8.26 21.02
C MET J 124 -44.81 -7.23 19.91
N VAL J 125 -43.88 -6.29 19.81
CA VAL J 125 -44.12 -5.05 19.10
C VAL J 125 -42.96 -4.74 18.17
N GLU J 126 -43.24 -3.93 17.15
CA GLU J 126 -42.31 -3.48 16.13
C GLU J 126 -41.12 -2.71 16.66
N THR J 127 -40.19 -2.35 15.78
CA THR J 127 -39.11 -1.41 16.08
C THR J 127 -38.79 -0.61 14.82
N ALA J 128 -37.68 0.11 14.85
CA ALA J 128 -37.16 0.73 13.63
C ALA J 128 -35.64 0.72 13.77
N LEU J 129 -35.02 -0.33 13.25
CA LEU J 129 -33.62 -0.59 13.55
C LEU J 129 -32.68 0.45 12.95
N THR J 130 -33.13 1.20 11.96
CA THR J 130 -32.40 2.40 11.59
C THR J 130 -33.37 3.57 11.50
N PRO J 131 -33.00 4.73 11.96
CA PRO J 131 -33.85 5.90 11.79
C PRO J 131 -33.62 6.57 10.46
N ASP J 132 -34.27 7.71 10.26
CA ASP J 132 -34.07 8.64 9.15
C ASP J 132 -34.21 7.96 7.80
N ALA J 133 -34.67 6.71 7.79
CA ALA J 133 -35.07 6.06 6.57
C ALA J 133 -36.34 5.25 6.73
N CYS J 134 -36.77 4.94 7.94
CA CYS J 134 -38.03 4.26 8.20
C CYS J 134 -39.16 5.23 8.46
N TYR J 135 -39.02 6.46 8.01
CA TYR J 135 -40.03 7.47 8.28
C TYR J 135 -41.19 7.33 7.31
N PRO J 136 -42.35 6.84 7.76
CA PRO J 136 -43.51 6.86 6.88
C PRO J 136 -43.97 8.29 6.74
N ASP J 137 -43.73 8.85 5.56
CA ASP J 137 -43.88 10.28 5.36
C ASP J 137 -44.70 10.59 4.11
N ILE K 138 -23.74 -40.44 -67.05
CA ILE K 138 -22.62 -41.30 -66.68
C ILE K 138 -21.41 -40.45 -66.34
N ARG K 139 -21.61 -39.47 -65.46
CA ARG K 139 -20.52 -38.60 -65.04
C ARG K 139 -19.49 -39.37 -64.22
N VAL K 140 -18.22 -39.05 -64.42
CA VAL K 140 -17.12 -39.70 -63.73
C VAL K 140 -16.40 -38.64 -62.91
N PHE K 141 -16.29 -38.88 -61.60
CA PHE K 141 -15.57 -37.97 -60.74
C PHE K 141 -14.07 -38.06 -61.02
N ALA K 142 -13.36 -36.95 -60.80
CA ALA K 142 -11.91 -36.94 -60.96
C ALA K 142 -11.34 -35.81 -60.11
N ILE K 143 -10.80 -36.17 -58.94
CA ILE K 143 -10.18 -35.18 -58.05
C ILE K 143 -8.73 -34.94 -58.45
N PRO K 144 -8.37 -33.71 -58.80
CA PRO K 144 -6.96 -33.37 -58.94
C PRO K 144 -6.28 -33.38 -57.58
N PRO K 145 -4.96 -33.50 -57.53
CA PRO K 145 -4.27 -33.40 -56.24
C PRO K 145 -4.54 -32.04 -55.61
N SER K 146 -4.60 -32.02 -54.29
CA SER K 146 -4.94 -30.78 -53.58
C SER K 146 -4.21 -30.74 -52.24
N PHE K 147 -3.87 -29.53 -51.82
CA PHE K 147 -2.91 -29.36 -50.72
C PHE K 147 -3.42 -29.95 -49.43
N ALA K 148 -4.70 -29.76 -49.11
CA ALA K 148 -5.23 -30.31 -47.87
C ALA K 148 -5.04 -31.81 -47.81
N SER K 149 -4.93 -32.46 -48.96
CA SER K 149 -4.60 -33.87 -49.04
C SER K 149 -3.08 -34.08 -49.08
N ILE K 150 -2.41 -33.49 -50.06
CA ILE K 150 -0.99 -33.73 -50.27
C ILE K 150 -0.14 -33.29 -49.09
N PHE K 151 -0.72 -32.63 -48.11
CA PHE K 151 -0.04 -32.40 -46.84
C PHE K 151 -0.50 -33.35 -45.76
N LEU K 152 -1.82 -33.56 -45.64
CA LEU K 152 -2.32 -34.63 -44.80
C LEU K 152 -1.71 -35.95 -45.20
N THR K 153 -1.81 -36.28 -46.49
CA THR K 153 -1.21 -37.51 -47.00
C THR K 153 0.31 -37.39 -47.09
N LYS K 154 0.80 -36.26 -47.59
CA LYS K 154 2.18 -36.15 -48.07
C LYS K 154 2.45 -37.16 -49.17
N SER K 155 1.40 -37.58 -49.85
CA SER K 155 1.44 -38.67 -50.83
C SER K 155 0.65 -38.29 -52.07
N THR K 156 0.95 -37.12 -52.63
CA THR K 156 0.24 -36.58 -53.79
C THR K 156 -0.09 -37.66 -54.81
N LYS K 157 -1.35 -37.68 -55.24
CA LYS K 157 -1.86 -38.81 -55.99
C LYS K 157 -2.96 -38.35 -56.94
N LEU K 158 -3.20 -39.18 -57.95
CA LEU K 158 -4.28 -38.98 -58.91
C LEU K 158 -5.35 -40.02 -58.63
N THR K 159 -6.60 -39.57 -58.58
CA THR K 159 -7.69 -40.42 -58.09
C THR K 159 -8.96 -40.08 -58.89
N CYS K 160 -9.28 -40.93 -59.87
CA CYS K 160 -10.47 -40.77 -60.68
C CYS K 160 -11.51 -41.80 -60.23
N LEU K 161 -12.62 -41.29 -59.68
CA LEU K 161 -13.71 -42.13 -59.21
C LEU K 161 -14.67 -42.37 -60.37
N VAL K 162 -14.72 -43.61 -60.84
CA VAL K 162 -15.62 -43.99 -61.92
C VAL K 162 -16.93 -44.48 -61.29
N THR K 163 -17.97 -43.66 -61.38
CA THR K 163 -19.30 -44.01 -60.91
C THR K 163 -20.31 -43.64 -61.98
N ASP K 164 -21.53 -44.13 -61.78
CA ASP K 164 -22.67 -43.85 -62.66
C ASP K 164 -22.45 -44.40 -64.06
N LEU K 165 -21.31 -45.06 -64.29
CA LEU K 165 -21.15 -45.86 -65.49
C LEU K 165 -21.92 -47.16 -65.34
N THR K 166 -22.19 -47.80 -66.48
CA THR K 166 -22.94 -49.05 -66.48
C THR K 166 -22.25 -50.08 -65.58
N THR K 167 -23.04 -50.70 -64.70
CA THR K 167 -22.47 -51.56 -63.65
C THR K 167 -21.98 -52.87 -64.24
N TYR K 168 -20.73 -52.90 -64.67
CA TYR K 168 -20.09 -54.08 -65.23
C TYR K 168 -18.76 -54.33 -64.51
N ASP K 169 -18.18 -55.49 -64.80
CA ASP K 169 -16.82 -55.81 -64.44
C ASP K 169 -16.04 -56.09 -65.73
N SER K 170 -14.77 -56.50 -65.56
CA SER K 170 -13.82 -56.52 -66.66
C SER K 170 -13.71 -55.14 -67.31
N VAL K 171 -13.67 -54.11 -66.47
CA VAL K 171 -13.58 -52.74 -66.97
C VAL K 171 -12.16 -52.45 -67.47
N THR K 172 -12.04 -51.35 -68.20
CA THR K 172 -10.76 -50.88 -68.75
C THR K 172 -10.52 -49.49 -68.21
N ILE K 173 -9.57 -49.35 -67.29
CA ILE K 173 -9.34 -48.12 -66.55
C ILE K 173 -7.84 -47.83 -66.57
N SER K 174 -7.47 -46.56 -66.79
CA SER K 174 -6.08 -46.18 -66.88
C SER K 174 -5.87 -44.75 -66.41
N TRP K 175 -4.66 -44.48 -65.92
CA TRP K 175 -4.21 -43.16 -65.52
C TRP K 175 -3.02 -42.78 -66.39
N THR K 176 -3.02 -41.57 -66.96
CA THR K 176 -2.03 -41.19 -67.97
C THR K 176 -1.62 -39.73 -67.83
N ARG K 177 -0.48 -39.40 -68.44
CA ARG K 177 -0.15 -38.00 -68.71
C ARG K 177 -0.78 -37.54 -70.04
N GLN K 178 -0.51 -36.28 -70.38
CA GLN K 178 -0.97 -35.73 -71.66
C GLN K 178 -0.37 -36.48 -72.83
N ASN K 179 0.96 -36.62 -72.84
CA ASN K 179 1.59 -37.50 -73.81
C ASN K 179 1.44 -38.97 -73.43
N GLY K 180 0.94 -39.25 -72.23
CA GLY K 180 0.48 -40.57 -71.86
C GLY K 180 1.46 -41.70 -72.09
N GLU K 181 2.55 -41.70 -71.33
CA GLU K 181 3.54 -42.76 -71.39
C GLU K 181 3.02 -43.94 -70.60
N ALA K 182 3.88 -44.88 -70.24
CA ALA K 182 3.42 -46.00 -69.42
C ALA K 182 3.14 -45.49 -68.02
N VAL K 183 2.14 -44.61 -67.91
CA VAL K 183 1.81 -44.00 -66.64
C VAL K 183 1.24 -45.05 -65.70
N LYS K 184 1.62 -44.96 -64.43
CA LYS K 184 1.16 -45.94 -63.46
C LYS K 184 -0.36 -45.90 -63.39
N THR K 185 -0.99 -46.94 -63.93
CA THR K 185 -2.42 -47.10 -63.76
C THR K 185 -2.73 -47.26 -62.29
N HIS K 186 -3.98 -47.02 -61.92
CA HIS K 186 -4.38 -46.98 -60.52
C HIS K 186 -4.72 -48.36 -60.01
N THR K 187 -4.04 -48.78 -58.95
CA THR K 187 -4.36 -50.00 -58.22
C THR K 187 -5.43 -49.70 -57.18
N ASN K 188 -5.82 -50.73 -56.43
CA ASN K 188 -6.81 -50.61 -55.35
C ASN K 188 -8.12 -50.02 -55.88
N ILE K 189 -8.76 -50.80 -56.74
CA ILE K 189 -10.03 -50.38 -57.33
C ILE K 189 -11.15 -50.52 -56.31
N SER K 190 -12.21 -49.74 -56.49
CA SER K 190 -13.37 -49.79 -55.62
C SER K 190 -14.39 -50.79 -56.15
N GLU K 191 -15.13 -51.40 -55.22
CA GLU K 191 -16.10 -52.43 -55.54
C GLU K 191 -17.43 -51.81 -55.96
N SER K 192 -18.31 -52.66 -56.48
CA SER K 192 -19.58 -52.21 -57.04
C SER K 192 -20.44 -51.51 -56.00
N HIS K 193 -21.12 -50.46 -56.43
CA HIS K 193 -22.05 -49.73 -55.57
C HIS K 193 -23.28 -50.59 -55.33
N PRO K 194 -23.65 -50.88 -54.08
CA PRO K 194 -24.77 -51.80 -53.81
C PRO K 194 -26.15 -51.21 -54.08
N ASN K 195 -26.26 -49.93 -54.41
CA ASN K 195 -27.55 -49.24 -54.50
C ASN K 195 -28.04 -49.11 -55.93
N ALA K 196 -27.83 -50.14 -56.76
CA ALA K 196 -28.22 -50.14 -58.16
C ALA K 196 -27.50 -49.06 -58.96
N THR K 197 -26.30 -48.70 -58.49
CA THR K 197 -25.38 -47.81 -59.17
C THR K 197 -24.03 -48.52 -59.20
N PHE K 198 -23.06 -47.97 -59.92
CA PHE K 198 -21.74 -48.57 -59.99
C PHE K 198 -20.72 -47.65 -59.35
N SER K 199 -19.76 -48.24 -58.65
CA SER K 199 -18.73 -47.47 -57.94
C SER K 199 -17.36 -48.06 -58.25
N ALA K 200 -16.41 -47.18 -58.58
CA ALA K 200 -15.04 -47.59 -58.87
C ALA K 200 -14.13 -46.38 -58.78
N VAL K 201 -12.97 -46.57 -58.14
CA VAL K 201 -12.00 -45.51 -57.96
C VAL K 201 -10.62 -46.14 -57.81
N GLY K 202 -9.60 -45.38 -58.19
CA GLY K 202 -8.23 -45.84 -58.02
C GLY K 202 -7.23 -44.71 -57.94
N GLU K 203 -6.28 -44.84 -57.04
CA GLU K 203 -5.26 -43.81 -56.79
C GLU K 203 -4.05 -44.05 -57.67
N ALA K 204 -3.47 -42.96 -58.18
CA ALA K 204 -2.25 -43.01 -58.98
C ALA K 204 -1.29 -41.96 -58.43
N SER K 205 -0.15 -42.41 -57.94
CA SER K 205 0.83 -41.52 -57.31
C SER K 205 1.64 -40.78 -58.36
N ILE K 206 1.98 -39.53 -58.05
CA ILE K 206 2.83 -38.71 -58.88
C ILE K 206 3.89 -38.06 -57.99
N CYS K 207 4.74 -37.25 -58.62
CA CYS K 207 5.57 -36.29 -57.92
C CYS K 207 4.86 -34.95 -57.96
N GLU K 208 4.93 -34.21 -56.85
CA GLU K 208 4.15 -32.99 -56.76
C GLU K 208 4.59 -31.97 -57.80
N ASP K 209 5.90 -31.90 -58.08
CA ASP K 209 6.40 -30.97 -59.07
C ASP K 209 5.80 -31.22 -60.46
N ASP K 210 5.32 -32.44 -60.71
CA ASP K 210 4.60 -32.69 -61.95
C ASP K 210 3.35 -31.82 -62.02
N TRP K 211 2.47 -31.97 -61.03
CA TRP K 211 1.30 -31.09 -60.94
C TRP K 211 1.71 -29.63 -60.86
N ASN K 212 2.92 -29.37 -60.37
CA ASN K 212 3.42 -28.01 -60.31
C ASN K 212 3.67 -27.46 -61.71
N SER K 213 4.13 -28.31 -62.63
CA SER K 213 4.39 -27.87 -64.00
C SER K 213 3.12 -27.32 -64.64
N GLY K 214 1.95 -27.83 -64.24
CA GLY K 214 0.69 -27.35 -64.76
C GLY K 214 0.16 -28.11 -65.95
N GLU K 215 0.95 -28.97 -66.56
CA GLU K 215 0.47 -29.79 -67.66
C GLU K 215 -0.45 -30.88 -67.12
N ARG K 216 -1.54 -31.13 -67.85
CA ARG K 216 -2.62 -31.94 -67.33
C ARG K 216 -2.22 -33.41 -67.21
N PHE K 217 -2.97 -34.13 -66.39
CA PHE K 217 -2.79 -35.57 -66.24
C PHE K 217 -4.14 -36.22 -66.43
N THR K 218 -4.15 -37.40 -67.07
CA THR K 218 -5.36 -37.94 -67.65
C THR K 218 -5.67 -39.33 -67.10
N CYS K 219 -6.90 -39.52 -66.63
CA CYS K 219 -7.41 -40.85 -66.28
C CYS K 219 -8.18 -41.35 -67.49
N THR K 220 -7.51 -42.10 -68.35
CA THR K 220 -8.10 -42.62 -69.57
C THR K 220 -8.87 -43.90 -69.24
N VAL K 221 -10.20 -43.82 -69.26
CA VAL K 221 -11.06 -44.94 -68.91
C VAL K 221 -12.07 -45.16 -70.03
N THR K 222 -12.12 -46.38 -70.54
CA THR K 222 -13.17 -46.82 -71.44
C THR K 222 -14.07 -47.78 -70.69
N HIS K 223 -15.04 -48.35 -71.40
CA HIS K 223 -15.85 -49.42 -70.85
C HIS K 223 -16.01 -50.49 -71.91
N THR K 224 -16.54 -51.65 -71.49
CA THR K 224 -16.95 -52.64 -72.46
C THR K 224 -17.98 -52.09 -73.42
N ASP K 225 -18.71 -51.06 -73.01
CA ASP K 225 -19.73 -50.41 -73.84
C ASP K 225 -19.17 -49.25 -74.64
N LEU K 226 -18.26 -48.48 -74.05
CA LEU K 226 -17.81 -47.22 -74.64
C LEU K 226 -16.43 -47.37 -75.25
N PRO K 227 -16.27 -47.25 -76.57
CA PRO K 227 -14.92 -47.29 -77.14
C PRO K 227 -14.12 -46.03 -76.88
N SER K 228 -14.77 -44.86 -76.92
CA SER K 228 -14.08 -43.60 -76.69
C SER K 228 -13.70 -43.48 -75.21
N PRO K 229 -12.42 -43.32 -74.88
CA PRO K 229 -12.04 -43.24 -73.47
C PRO K 229 -12.59 -41.99 -72.80
N LEU K 230 -12.83 -42.10 -71.50
CA LEU K 230 -13.28 -40.97 -70.70
C LEU K 230 -12.06 -40.10 -70.39
N LYS K 231 -11.66 -39.33 -71.40
CA LYS K 231 -10.44 -38.53 -71.33
C LYS K 231 -10.58 -37.48 -70.23
N GLN K 232 -9.56 -37.37 -69.38
CA GLN K 232 -9.63 -36.57 -68.16
C GLN K 232 -8.51 -35.53 -68.17
N THR K 233 -8.77 -34.39 -68.82
CA THR K 233 -7.80 -33.31 -68.95
C THR K 233 -8.18 -32.19 -68.00
N ILE K 234 -7.53 -32.16 -66.83
CA ILE K 234 -7.77 -31.14 -65.81
C ILE K 234 -6.42 -30.65 -65.28
N SER K 235 -6.29 -29.34 -65.11
CA SER K 235 -5.11 -28.78 -64.47
C SER K 235 -5.51 -27.56 -63.67
N ARG K 236 -4.90 -27.41 -62.49
CA ARG K 236 -5.10 -26.22 -61.69
C ARG K 236 -4.50 -25.02 -62.41
N PRO K 237 -5.21 -23.90 -62.48
CA PRO K 237 -4.65 -22.72 -63.15
C PRO K 237 -3.63 -22.02 -62.28
N LYS K 238 -2.54 -21.59 -62.91
CA LYS K 238 -1.52 -20.85 -62.19
C LYS K 238 -2.06 -19.50 -61.73
N GLY K 239 -1.71 -19.12 -60.50
CA GLY K 239 -2.11 -17.84 -59.95
C GLY K 239 -3.51 -17.80 -59.38
N LEU K 242 -3.89 -15.76 -55.30
CA LEU K 242 -2.71 -16.18 -54.54
C LEU K 242 -2.36 -15.15 -53.48
N HIS K 243 -2.74 -15.41 -52.23
CA HIS K 243 -2.46 -14.51 -51.12
C HIS K 243 -2.07 -15.30 -49.89
N ARG K 244 -1.12 -14.76 -49.13
CA ARG K 244 -0.63 -15.42 -47.93
C ARG K 244 -1.55 -15.14 -46.75
N PRO K 245 -2.01 -16.15 -46.04
CA PRO K 245 -2.85 -15.90 -44.87
C PRO K 245 -2.09 -15.26 -43.74
N ASP K 246 -2.76 -15.07 -42.61
CA ASP K 246 -2.08 -14.75 -41.37
C ASP K 246 -3.01 -15.13 -40.21
N VAL K 247 -2.69 -16.24 -39.55
CA VAL K 247 -3.59 -16.83 -38.57
C VAL K 247 -3.65 -15.96 -37.32
N TYR K 248 -4.79 -15.98 -36.65
CA TYR K 248 -4.94 -15.40 -35.33
C TYR K 248 -5.62 -16.42 -34.45
N LEU K 249 -4.99 -16.77 -33.34
CA LEU K 249 -5.62 -17.68 -32.38
C LEU K 249 -6.28 -16.87 -31.27
N LEU K 250 -7.51 -17.22 -30.94
CA LEU K 250 -8.37 -16.44 -30.08
C LEU K 250 -8.67 -17.21 -28.79
N PRO K 251 -8.56 -16.57 -27.63
CA PRO K 251 -8.78 -17.27 -26.38
C PRO K 251 -10.22 -17.12 -25.93
N PRO K 252 -10.75 -18.13 -25.24
CA PRO K 252 -12.14 -18.04 -24.79
C PRO K 252 -12.31 -16.90 -23.81
N ALA K 253 -13.36 -16.11 -24.01
CA ALA K 253 -13.71 -15.06 -23.06
C ALA K 253 -14.12 -15.68 -21.72
N ARG K 254 -14.04 -14.87 -20.67
CA ARG K 254 -14.19 -15.37 -19.31
C ARG K 254 -15.51 -16.10 -19.11
N GLU K 255 -16.53 -15.70 -19.85
CA GLU K 255 -17.88 -16.23 -19.65
C GLU K 255 -17.89 -17.75 -19.68
N GLN K 256 -17.25 -18.33 -20.69
CA GLN K 256 -17.29 -19.78 -20.83
C GLN K 256 -16.68 -20.44 -19.61
N LEU K 257 -15.65 -19.81 -19.06
CA LEU K 257 -14.89 -20.43 -17.99
C LEU K 257 -15.72 -20.50 -16.72
N ASN K 258 -16.44 -19.42 -16.41
CA ASN K 258 -17.27 -19.42 -15.21
C ASN K 258 -18.28 -20.54 -15.22
N LEU K 259 -18.70 -20.98 -16.40
CA LEU K 259 -19.67 -22.06 -16.49
C LEU K 259 -19.13 -23.35 -15.88
N ARG K 260 -17.82 -23.47 -15.74
CA ARG K 260 -17.10 -24.52 -15.02
C ARG K 260 -16.93 -25.82 -15.79
N GLU K 261 -17.36 -25.92 -17.06
CA GLU K 261 -17.30 -27.21 -17.73
C GLU K 261 -16.25 -27.25 -18.82
N SER K 262 -16.34 -26.38 -19.82
CA SER K 262 -15.52 -26.55 -21.02
C SER K 262 -15.10 -25.19 -21.54
N ALA K 263 -13.96 -25.19 -22.22
CA ALA K 263 -13.41 -23.99 -22.82
C ALA K 263 -13.22 -24.21 -24.31
N THR K 264 -13.52 -23.18 -25.10
CA THR K 264 -13.46 -23.27 -26.54
C THR K 264 -12.47 -22.24 -27.08
N ILE K 265 -11.55 -22.71 -27.91
CA ILE K 265 -10.54 -21.85 -28.49
C ILE K 265 -10.72 -21.88 -29.99
N THR K 266 -10.40 -20.76 -30.64
CA THR K 266 -10.56 -20.61 -32.08
C THR K 266 -9.34 -19.91 -32.64
N CYS K 267 -8.77 -20.43 -33.73
CA CYS K 267 -7.84 -19.62 -34.52
C CYS K 267 -8.45 -19.33 -35.88
N LEU K 268 -8.85 -18.08 -36.05
CA LEU K 268 -9.33 -17.56 -37.32
C LEU K 268 -8.22 -17.54 -38.36
N VAL K 269 -8.54 -18.00 -39.56
CA VAL K 269 -7.64 -17.96 -40.70
C VAL K 269 -8.26 -17.04 -41.73
N THR K 270 -7.46 -16.15 -42.32
CA THR K 270 -8.01 -15.12 -43.18
C THR K 270 -7.09 -14.87 -44.37
N GLY K 271 -7.56 -14.00 -45.27
CA GLY K 271 -6.74 -13.30 -46.22
C GLY K 271 -6.06 -14.13 -47.28
N PHE K 272 -6.18 -15.45 -47.19
CA PHE K 272 -5.42 -16.31 -48.07
C PHE K 272 -6.18 -16.57 -49.36
N SER K 273 -5.43 -16.64 -50.45
CA SER K 273 -5.89 -17.19 -51.71
C SER K 273 -4.74 -17.96 -52.33
N PRO K 274 -5.03 -19.01 -53.11
CA PRO K 274 -6.36 -19.57 -53.28
C PRO K 274 -6.82 -20.39 -52.08
N ALA K 275 -7.78 -21.27 -52.32
CA ALA K 275 -8.40 -22.10 -51.29
C ALA K 275 -7.48 -23.25 -50.90
N ASP K 276 -8.04 -24.30 -50.29
CA ASP K 276 -7.26 -25.48 -49.95
C ASP K 276 -6.25 -25.22 -48.85
N VAL K 277 -6.73 -24.94 -47.64
CA VAL K 277 -5.88 -24.80 -46.46
C VAL K 277 -6.28 -25.86 -45.44
N PHE K 278 -5.30 -26.60 -44.95
CA PHE K 278 -5.54 -27.49 -43.81
C PHE K 278 -5.34 -26.71 -42.53
N VAL K 279 -5.98 -27.17 -41.46
CA VAL K 279 -5.80 -26.59 -40.14
C VAL K 279 -5.82 -27.71 -39.11
N GLN K 280 -4.75 -27.82 -38.33
CA GLN K 280 -4.63 -28.82 -37.28
C GLN K 280 -4.14 -28.12 -36.01
N TRP K 281 -4.59 -28.60 -34.86
CA TRP K 281 -4.15 -27.97 -33.62
C TRP K 281 -3.33 -28.98 -32.84
N MET K 282 -2.24 -28.50 -32.25
CA MET K 282 -1.09 -29.32 -31.95
C MET K 282 -0.73 -29.04 -30.50
N GLN K 283 -0.43 -30.07 -29.71
CA GLN K 283 -0.22 -29.80 -28.29
C GLN K 283 0.73 -30.83 -27.69
N ARG K 284 1.58 -30.39 -26.75
CA ARG K 284 2.74 -31.18 -26.33
C ARG K 284 3.46 -31.82 -27.50
N GLY K 285 3.57 -31.09 -28.61
CA GLY K 285 4.27 -31.65 -29.75
C GLY K 285 3.68 -32.95 -30.25
N GLN K 286 2.45 -33.27 -29.87
CA GLN K 286 1.83 -34.41 -30.50
C GLN K 286 0.51 -33.97 -31.09
N PRO K 287 0.10 -34.54 -32.22
CA PRO K 287 -1.13 -34.06 -32.87
C PRO K 287 -2.37 -34.59 -32.15
N LEU K 288 -3.26 -33.66 -31.80
CA LEU K 288 -4.57 -34.04 -31.33
C LEU K 288 -5.32 -34.77 -32.43
N SER K 289 -6.45 -35.31 -32.08
CA SER K 289 -7.13 -36.02 -33.13
C SER K 289 -8.37 -35.26 -33.57
N PRO K 290 -8.80 -35.43 -34.83
CA PRO K 290 -9.84 -34.54 -35.36
C PRO K 290 -11.13 -34.52 -34.58
N GLU K 291 -11.53 -35.65 -33.98
CA GLU K 291 -12.77 -35.67 -33.23
C GLU K 291 -12.73 -34.76 -32.01
N LYS K 292 -11.55 -34.32 -31.57
CA LYS K 292 -11.49 -33.39 -30.47
C LYS K 292 -11.78 -31.96 -30.90
N TYR K 293 -11.68 -31.63 -32.18
CA TYR K 293 -11.91 -30.25 -32.57
C TYR K 293 -12.58 -30.23 -33.94
N VAL K 294 -13.67 -29.48 -34.04
CA VAL K 294 -14.34 -29.29 -35.32
C VAL K 294 -13.61 -28.23 -36.13
N THR K 295 -13.76 -28.30 -37.44
CA THR K 295 -13.12 -27.35 -38.33
C THR K 295 -14.11 -26.92 -39.38
N SER K 296 -13.92 -25.71 -39.89
CA SER K 296 -14.80 -25.14 -40.89
C SER K 296 -14.52 -25.78 -42.24
N ALA K 297 -15.09 -25.17 -43.28
CA ALA K 297 -14.72 -25.42 -44.65
C ALA K 297 -14.34 -24.08 -45.28
N PRO K 298 -13.46 -24.09 -46.28
CA PRO K 298 -13.01 -22.82 -46.86
C PRO K 298 -14.20 -21.99 -47.34
N MET K 299 -14.32 -20.80 -46.79
CA MET K 299 -15.42 -19.92 -47.11
C MET K 299 -14.94 -18.70 -47.88
N PRO K 300 -15.81 -18.11 -48.69
CA PRO K 300 -15.45 -16.84 -49.33
C PRO K 300 -15.66 -15.68 -48.36
N GLU K 301 -14.70 -14.78 -48.35
CA GLU K 301 -14.79 -13.60 -47.51
C GLU K 301 -15.84 -12.64 -48.07
N PRO K 302 -16.34 -11.72 -47.26
CA PRO K 302 -17.29 -10.72 -47.77
C PRO K 302 -16.69 -9.57 -48.58
N GLN K 303 -15.61 -8.95 -48.12
CA GLN K 303 -15.20 -7.66 -48.67
C GLN K 303 -14.16 -7.74 -49.78
N ALA K 304 -12.95 -8.25 -49.49
CA ALA K 304 -11.85 -8.18 -50.43
C ALA K 304 -11.92 -9.36 -51.39
N PRO K 305 -12.19 -9.14 -52.68
CA PRO K 305 -12.67 -10.22 -53.55
C PRO K 305 -11.82 -11.48 -53.57
N GLY K 306 -10.54 -11.36 -53.92
CA GLY K 306 -9.73 -12.55 -54.09
C GLY K 306 -9.19 -13.12 -52.80
N ARG K 307 -10.04 -13.27 -51.78
CA ARG K 307 -9.61 -13.78 -50.48
C ARG K 307 -10.64 -14.77 -49.94
N TYR K 308 -10.17 -15.71 -49.12
CA TYR K 308 -11.01 -16.65 -48.39
C TYR K 308 -10.74 -16.52 -46.89
N PHE K 309 -11.35 -17.41 -46.12
CA PHE K 309 -11.16 -17.47 -44.68
C PHE K 309 -11.79 -18.76 -44.19
N ALA K 310 -11.45 -19.15 -42.97
CA ALA K 310 -11.99 -20.37 -42.42
C ALA K 310 -11.94 -20.29 -40.89
N HIS K 311 -12.24 -21.41 -40.25
CA HIS K 311 -12.28 -21.48 -38.80
C HIS K 311 -11.95 -22.89 -38.37
N SER K 312 -11.59 -23.02 -37.11
CA SER K 312 -11.68 -24.29 -36.42
C SER K 312 -12.02 -24.02 -34.97
N ILE K 313 -12.52 -25.05 -34.31
CA ILE K 313 -13.06 -24.94 -32.97
C ILE K 313 -12.51 -26.07 -32.14
N LEU K 314 -12.03 -25.77 -30.94
CA LEU K 314 -11.59 -26.78 -30.01
C LEU K 314 -12.48 -26.77 -28.77
N THR K 315 -12.66 -27.95 -28.19
CA THR K 315 -13.42 -28.12 -26.95
C THR K 315 -12.50 -28.74 -25.91
N VAL K 316 -12.17 -27.98 -24.88
CA VAL K 316 -11.31 -28.45 -23.81
C VAL K 316 -11.97 -28.16 -22.47
N SER K 317 -11.69 -29.01 -21.50
CA SER K 317 -12.21 -28.80 -20.16
C SER K 317 -11.59 -27.55 -19.54
N GLU K 318 -12.35 -26.93 -18.63
CA GLU K 318 -11.95 -25.65 -18.06
C GLU K 318 -10.58 -25.72 -17.39
N GLU K 319 -10.47 -26.58 -16.38
CA GLU K 319 -9.24 -26.67 -15.61
C GLU K 319 -8.05 -26.93 -16.51
N GLU K 320 -8.23 -27.72 -17.57
CA GLU K 320 -7.13 -28.00 -18.47
C GLU K 320 -6.60 -26.73 -19.11
N TRP K 321 -7.44 -25.72 -19.24
CA TRP K 321 -6.95 -24.41 -19.68
C TRP K 321 -6.52 -23.54 -18.51
N ASN K 322 -6.74 -23.99 -17.28
CA ASN K 322 -6.11 -23.40 -16.10
C ASN K 322 -4.94 -24.25 -15.62
N THR K 323 -4.24 -24.93 -16.53
CA THR K 323 -3.33 -25.99 -16.16
C THR K 323 -1.96 -25.91 -16.78
N GLY K 324 -1.77 -25.18 -17.88
CA GLY K 324 -0.64 -25.52 -18.72
C GLY K 324 -0.86 -25.41 -20.22
N GLU K 325 -0.90 -26.55 -20.90
CA GLU K 325 -0.54 -26.69 -22.31
C GLU K 325 -1.01 -25.53 -23.18
N THR K 326 -0.19 -25.22 -24.21
CA THR K 326 -0.34 -23.99 -24.98
C THR K 326 -1.49 -24.03 -25.99
N TYR K 327 -1.78 -25.19 -26.59
CA TYR K 327 -2.80 -25.32 -27.64
C TYR K 327 -2.48 -24.41 -28.84
N THR K 328 -1.41 -24.76 -29.51
CA THR K 328 -1.01 -24.06 -30.73
C THR K 328 -1.66 -24.66 -31.97
N CYS K 329 -1.73 -23.88 -33.05
CA CYS K 329 -2.46 -24.32 -34.24
C CYS K 329 -1.58 -24.28 -35.47
N VAL K 330 -1.68 -25.33 -36.29
CA VAL K 330 -0.92 -25.42 -37.53
C VAL K 330 -1.89 -25.35 -38.70
N VAL K 331 -1.42 -24.74 -39.78
CA VAL K 331 -2.17 -24.56 -41.00
C VAL K 331 -1.37 -25.10 -42.17
N ALA K 332 -1.91 -24.95 -43.36
CA ALA K 332 -1.23 -25.43 -44.57
C ALA K 332 -1.72 -24.60 -45.75
N HIS K 333 -0.83 -23.82 -46.35
CA HIS K 333 -1.23 -22.99 -47.48
C HIS K 333 -0.07 -22.87 -48.45
N GLU K 334 -0.40 -22.81 -49.74
CA GLU K 334 0.59 -22.84 -50.81
C GLU K 334 1.18 -21.49 -51.11
N ALA K 335 1.13 -20.55 -50.16
CA ALA K 335 1.82 -19.29 -50.33
C ALA K 335 2.60 -18.89 -49.09
N LEU K 336 2.71 -19.77 -48.10
CA LEU K 336 3.64 -19.37 -47.05
C LEU K 336 5.06 -19.67 -47.48
N PRO K 337 6.00 -18.77 -47.18
CA PRO K 337 7.39 -19.01 -47.60
C PRO K 337 7.92 -20.35 -47.11
N ASN K 338 7.54 -20.73 -45.91
CA ASN K 338 7.82 -22.05 -45.38
C ASN K 338 6.65 -22.99 -45.65
N ARG K 339 5.57 -22.48 -46.22
CA ARG K 339 4.38 -23.26 -46.56
C ARG K 339 3.73 -23.84 -45.32
N VAL K 340 4.16 -23.41 -44.13
CA VAL K 340 3.53 -23.77 -42.87
C VAL K 340 3.78 -22.63 -41.89
N THR K 341 2.75 -22.25 -41.13
CA THR K 341 2.85 -21.22 -40.11
C THR K 341 2.12 -21.72 -38.87
N GLU K 342 2.37 -21.06 -37.74
CA GLU K 342 1.82 -21.55 -36.49
C GLU K 342 1.71 -20.41 -35.49
N ARG K 343 0.66 -20.45 -34.66
CA ARG K 343 0.50 -19.58 -33.52
C ARG K 343 0.08 -20.39 -32.31
N THR K 344 0.03 -19.73 -31.16
CA THR K 344 -0.28 -20.39 -29.91
C THR K 344 -0.85 -19.38 -28.92
N VAL K 345 -1.38 -19.90 -27.83
CA VAL K 345 -1.93 -19.11 -26.74
C VAL K 345 -1.66 -19.82 -25.42
N ASP K 346 -2.14 -19.21 -24.34
CA ASP K 346 -2.33 -19.78 -23.01
C ASP K 346 -2.92 -18.71 -22.12
N LYS K 347 -3.45 -19.14 -20.97
CA LYS K 347 -4.04 -18.25 -19.97
C LYS K 347 -3.19 -17.00 -19.79
N SER K 348 -1.87 -17.17 -19.88
CA SER K 348 -0.91 -16.09 -19.74
C SER K 348 -0.63 -15.37 -21.04
N THR K 349 -1.26 -15.76 -22.15
CA THR K 349 -0.90 -15.16 -23.43
C THR K 349 -1.21 -13.68 -23.48
N GLY K 350 -1.88 -13.15 -22.47
CA GLY K 350 -2.27 -11.77 -22.50
C GLY K 350 -1.13 -10.89 -22.05
N LYS K 351 -1.38 -10.07 -21.04
CA LYS K 351 -0.42 -9.08 -20.58
C LYS K 351 -0.32 -9.14 -19.06
N PRO K 352 0.80 -8.64 -18.51
CA PRO K 352 1.07 -8.85 -17.08
C PRO K 352 -0.02 -8.41 -16.10
N THR K 353 -0.87 -7.45 -16.45
CA THR K 353 -1.94 -7.00 -15.56
C THR K 353 -1.37 -6.50 -14.23
N LEU K 354 -0.68 -5.37 -14.31
CA LEU K 354 -0.30 -4.61 -13.13
C LEU K 354 -1.42 -4.44 -12.12
N TYR K 355 -1.28 -5.00 -10.92
CA TYR K 355 -2.20 -4.64 -9.86
C TYR K 355 -1.76 -3.32 -9.23
N ASN K 356 -2.68 -2.70 -8.50
CA ASN K 356 -2.35 -1.46 -7.79
C ASN K 356 -3.11 -1.42 -6.48
N VAL K 357 -3.13 -2.53 -5.74
CA VAL K 357 -3.85 -2.59 -4.48
C VAL K 357 -3.48 -1.39 -3.62
N SER K 358 -4.47 -0.82 -2.95
CA SER K 358 -4.26 0.38 -2.15
C SER K 358 -5.03 0.30 -0.84
N LEU K 359 -4.94 -0.84 -0.17
CA LEU K 359 -5.59 -1.04 1.12
C LEU K 359 -5.40 0.15 2.04
N VAL K 360 -6.50 0.79 2.44
CA VAL K 360 -6.48 1.85 3.43
C VAL K 360 -7.29 1.42 4.64
N MET K 361 -6.75 1.71 5.80
CA MET K 361 -7.25 1.17 7.05
C MET K 361 -7.21 2.23 8.15
N SER K 362 -6.90 3.47 7.80
CA SER K 362 -7.04 4.57 8.73
C SER K 362 -8.52 4.85 8.96
N ASP K 363 -8.79 5.86 9.79
CA ASP K 363 -10.15 6.30 10.03
C ASP K 363 -10.29 7.80 9.84
N THR K 364 -9.40 8.41 9.07
CA THR K 364 -9.37 9.87 8.92
C THR K 364 -9.79 10.30 7.52
N ALA K 365 -9.12 9.81 6.48
CA ALA K 365 -9.54 10.14 5.13
C ALA K 365 -10.86 9.45 4.80
N GLY K 366 -11.78 10.21 4.23
CA GLY K 366 -13.09 9.70 3.91
C GLY K 366 -13.21 9.34 2.45
N THR K 367 -14.35 8.73 2.11
CA THR K 367 -14.59 8.30 0.75
C THR K 367 -15.32 9.41 0.00
N CYS K 368 -15.83 9.10 -1.18
CA CYS K 368 -16.61 10.07 -1.94
C CYS K 368 -17.70 9.34 -2.71
N TYR K 369 -18.92 9.86 -2.59
CA TYR K 369 -20.13 9.28 -3.17
C TYR K 369 -19.94 8.92 -4.62
N ILE L 138 -37.95 -33.37 -62.83
CA ILE L 138 -38.92 -33.47 -61.74
C ILE L 138 -38.26 -33.10 -60.42
N ARG L 139 -38.57 -31.90 -59.92
CA ARG L 139 -38.10 -31.47 -58.61
C ARG L 139 -39.21 -30.66 -57.96
N VAL L 140 -39.87 -31.25 -56.96
CA VAL L 140 -40.94 -30.58 -56.24
C VAL L 140 -40.70 -30.73 -54.74
N PHE L 141 -40.05 -29.73 -54.15
CA PHE L 141 -39.75 -29.73 -52.73
C PHE L 141 -40.64 -28.73 -52.00
N ALA L 142 -40.99 -29.06 -50.76
CA ALA L 142 -41.84 -28.23 -49.93
C ALA L 142 -41.01 -27.56 -48.84
N ILE L 143 -41.16 -26.26 -48.70
CA ILE L 143 -40.33 -25.45 -47.81
C ILE L 143 -41.09 -25.28 -46.50
N PRO L 144 -40.62 -25.87 -45.39
CA PRO L 144 -41.17 -25.56 -44.08
C PRO L 144 -40.80 -24.15 -43.67
N PRO L 145 -41.54 -23.54 -42.76
CA PRO L 145 -41.20 -22.17 -42.35
C PRO L 145 -39.90 -22.14 -41.58
N SER L 146 -39.31 -20.95 -41.54
CA SER L 146 -38.00 -20.74 -40.91
C SER L 146 -38.11 -19.61 -39.90
N PHE L 147 -37.41 -19.75 -38.78
CA PHE L 147 -37.49 -18.76 -37.73
C PHE L 147 -36.89 -17.43 -38.13
N ALA L 148 -36.15 -17.39 -39.24
CA ALA L 148 -35.75 -16.11 -39.82
C ALA L 148 -36.96 -15.28 -40.17
N SER L 149 -37.78 -15.77 -41.11
CA SER L 149 -38.99 -15.03 -41.49
C SER L 149 -39.97 -14.94 -40.32
N ILE L 150 -40.02 -15.97 -39.49
CA ILE L 150 -40.91 -15.95 -38.33
C ILE L 150 -40.54 -14.80 -37.40
N PHE L 151 -39.25 -14.63 -37.14
CA PHE L 151 -38.81 -13.47 -36.37
C PHE L 151 -39.07 -12.19 -37.14
N LEU L 152 -38.98 -12.24 -38.46
CA LEU L 152 -39.16 -11.05 -39.28
C LEU L 152 -40.55 -10.47 -39.08
N THR L 153 -41.59 -11.25 -39.43
CA THR L 153 -42.94 -10.68 -39.40
C THR L 153 -43.95 -11.57 -38.69
N LYS L 154 -43.51 -12.56 -37.92
CA LYS L 154 -44.41 -13.50 -37.26
C LYS L 154 -45.42 -14.05 -38.25
N SER L 155 -44.91 -14.54 -39.37
CA SER L 155 -45.70 -14.86 -40.55
C SER L 155 -45.32 -16.22 -41.12
N THR L 156 -45.32 -17.25 -40.25
CA THR L 156 -45.01 -18.61 -40.67
C THR L 156 -45.65 -18.93 -42.01
N LYS L 157 -44.83 -19.40 -42.95
CA LYS L 157 -45.25 -19.59 -44.32
C LYS L 157 -44.70 -20.91 -44.83
N LEU L 158 -45.45 -21.56 -45.72
CA LEU L 158 -45.07 -22.86 -46.27
C LEU L 158 -45.31 -22.87 -47.77
N THR L 159 -44.33 -23.34 -48.53
CA THR L 159 -44.40 -23.38 -49.99
C THR L 159 -43.95 -24.74 -50.49
N CYS L 160 -44.67 -25.27 -51.48
CA CYS L 160 -44.29 -26.50 -52.17
C CYS L 160 -44.19 -26.19 -53.67
N LEU L 161 -43.03 -25.69 -54.09
CA LEU L 161 -42.86 -25.30 -55.49
C LEU L 161 -42.72 -26.52 -56.38
N VAL L 162 -43.22 -26.37 -57.61
CA VAL L 162 -43.13 -27.41 -58.64
C VAL L 162 -42.21 -26.91 -59.73
N THR L 163 -41.24 -27.74 -60.13
CA THR L 163 -40.25 -27.33 -61.11
C THR L 163 -39.93 -28.49 -62.04
N ASP L 164 -39.55 -28.14 -63.27
CA ASP L 164 -39.09 -29.08 -64.30
C ASP L 164 -40.17 -30.15 -64.58
N LEU L 165 -41.44 -29.77 -64.51
CA LEU L 165 -42.50 -30.62 -65.01
C LEU L 165 -42.81 -30.24 -66.45
N THR L 166 -43.94 -30.71 -66.97
CA THR L 166 -44.32 -30.42 -68.35
C THR L 166 -44.60 -28.94 -68.53
N THR L 167 -44.26 -28.43 -69.71
CA THR L 167 -44.40 -27.01 -70.03
C THR L 167 -45.80 -26.71 -70.54
N TYR L 168 -46.73 -26.57 -69.59
CA TYR L 168 -48.10 -26.20 -69.91
C TYR L 168 -48.60 -25.15 -68.94
N ASP L 169 -49.55 -24.35 -69.40
CA ASP L 169 -50.30 -23.45 -68.52
C ASP L 169 -51.39 -24.24 -67.80
N SER L 170 -52.34 -23.53 -67.19
CA SER L 170 -53.40 -24.13 -66.40
C SER L 170 -52.81 -24.96 -65.27
N VAL L 171 -52.08 -24.27 -64.39
CA VAL L 171 -51.48 -24.86 -63.21
C VAL L 171 -52.22 -24.34 -62.00
N THR L 172 -52.67 -25.25 -61.13
CA THR L 172 -53.49 -24.90 -59.98
C THR L 172 -52.74 -25.21 -58.70
N ILE L 173 -52.87 -24.34 -57.71
CA ILE L 173 -52.20 -24.49 -56.42
C ILE L 173 -53.28 -24.57 -55.34
N SER L 174 -53.19 -25.60 -54.49
CA SER L 174 -54.18 -25.77 -53.43
C SER L 174 -53.51 -26.48 -52.26
N TRP L 175 -53.46 -25.80 -51.12
CA TRP L 175 -52.90 -26.34 -49.89
C TRP L 175 -54.03 -26.73 -48.94
N THR L 176 -53.74 -27.64 -48.02
CA THR L 176 -54.74 -28.12 -47.07
C THR L 176 -54.14 -28.28 -45.69
N ARG L 177 -54.96 -28.02 -44.67
CA ARG L 177 -54.63 -28.43 -43.30
C ARG L 177 -54.89 -29.92 -43.15
N GLN L 178 -54.83 -30.41 -41.92
CA GLN L 178 -55.07 -31.83 -41.67
C GLN L 178 -56.54 -32.20 -41.63
N ASN L 179 -57.44 -31.23 -41.70
CA ASN L 179 -58.82 -31.52 -42.04
C ASN L 179 -59.04 -31.59 -43.54
N GLY L 180 -58.11 -31.04 -44.32
CA GLY L 180 -58.23 -30.97 -45.77
C GLY L 180 -58.75 -29.66 -46.31
N GLU L 181 -59.01 -28.68 -45.45
CA GLU L 181 -59.68 -27.46 -45.89
C GLU L 181 -58.73 -26.55 -46.66
N ALA L 182 -59.31 -25.61 -47.39
CA ALA L 182 -58.57 -24.76 -48.30
C ALA L 182 -57.68 -23.79 -47.53
N VAL L 183 -56.94 -22.97 -48.28
CA VAL L 183 -55.96 -22.06 -47.71
C VAL L 183 -56.16 -20.66 -48.25
N LYS L 184 -55.25 -19.76 -47.89
CA LYS L 184 -55.40 -18.33 -48.13
C LYS L 184 -54.79 -17.96 -49.49
N THR L 185 -54.55 -16.67 -49.69
CA THR L 185 -54.28 -16.10 -51.00
C THR L 185 -52.91 -16.48 -51.57
N HIS L 186 -52.76 -17.75 -51.94
CA HIS L 186 -51.60 -18.16 -52.71
C HIS L 186 -51.76 -17.67 -54.15
N THR L 187 -50.90 -16.74 -54.57
CA THR L 187 -51.12 -15.95 -55.77
C THR L 187 -49.75 -15.66 -56.41
N ASN L 188 -49.71 -14.62 -57.26
CA ASN L 188 -48.47 -14.15 -57.90
C ASN L 188 -47.86 -15.23 -58.80
N ILE L 189 -48.58 -15.52 -59.88
CA ILE L 189 -48.15 -16.47 -60.90
C ILE L 189 -46.73 -16.18 -61.34
N SER L 190 -45.99 -17.23 -61.71
CA SER L 190 -44.62 -17.13 -62.20
C SER L 190 -44.53 -17.67 -63.61
N GLU L 191 -43.60 -17.12 -64.39
CA GLU L 191 -43.51 -17.45 -65.81
C GLU L 191 -42.77 -18.78 -65.98
N SER L 192 -42.48 -19.12 -67.24
CA SER L 192 -41.66 -20.28 -67.55
C SER L 192 -40.25 -20.09 -67.01
N HIS L 193 -39.65 -21.19 -66.57
CA HIS L 193 -38.28 -21.15 -66.08
C HIS L 193 -37.32 -20.87 -67.23
N PRO L 194 -36.09 -20.46 -66.92
CA PRO L 194 -35.09 -20.33 -68.00
C PRO L 194 -34.88 -21.60 -68.78
N ASN L 195 -35.10 -22.77 -68.17
CA ASN L 195 -35.10 -24.03 -68.89
C ASN L 195 -36.48 -24.36 -69.47
N ALA L 196 -37.31 -23.34 -69.68
CA ALA L 196 -38.57 -23.46 -70.43
C ALA L 196 -39.56 -24.40 -69.76
N THR L 197 -39.74 -24.22 -68.45
CA THR L 197 -40.81 -24.90 -67.73
C THR L 197 -41.54 -23.89 -66.87
N PHE L 198 -42.86 -23.86 -66.97
CA PHE L 198 -43.63 -22.87 -66.22
C PHE L 198 -43.49 -23.12 -64.72
N SER L 199 -43.25 -22.04 -63.99
CA SER L 199 -42.97 -22.09 -62.57
C SER L 199 -44.18 -21.66 -61.76
N ALA L 200 -44.47 -22.42 -60.70
CA ALA L 200 -45.56 -22.09 -59.81
C ALA L 200 -45.17 -22.53 -58.41
N VAL L 201 -45.69 -21.81 -57.41
CA VAL L 201 -45.40 -22.09 -56.01
C VAL L 201 -46.52 -21.53 -55.16
N GLY L 202 -46.87 -22.27 -54.13
CA GLY L 202 -47.88 -21.78 -53.20
C GLY L 202 -47.36 -20.64 -52.35
N GLU L 203 -48.31 -19.86 -51.83
CA GLU L 203 -48.02 -18.77 -50.91
C GLU L 203 -49.02 -18.91 -49.76
N ALA L 204 -48.64 -19.70 -48.75
CA ALA L 204 -49.56 -20.14 -47.70
C ALA L 204 -49.13 -19.56 -46.37
N SER L 205 -49.90 -18.61 -45.86
CA SER L 205 -49.69 -18.04 -44.54
C SER L 205 -50.62 -18.72 -43.54
N ILE L 206 -50.07 -19.08 -42.39
CA ILE L 206 -50.85 -19.73 -41.34
C ILE L 206 -50.50 -19.10 -40.01
N CYS L 207 -51.02 -19.69 -38.94
CA CYS L 207 -50.76 -19.16 -37.61
C CYS L 207 -49.60 -19.89 -36.96
N GLU L 208 -48.78 -19.14 -36.24
CA GLU L 208 -47.66 -19.73 -35.53
C GLU L 208 -48.12 -20.83 -34.59
N ASP L 209 -49.24 -20.60 -33.91
CA ASP L 209 -49.81 -21.64 -33.04
C ASP L 209 -50.27 -22.84 -33.86
N ASP L 210 -50.73 -22.60 -35.09
CA ASP L 210 -51.24 -23.67 -35.93
C ASP L 210 -50.15 -24.50 -36.57
N TRP L 211 -48.94 -24.41 -36.04
CA TRP L 211 -47.80 -25.13 -36.56
C TRP L 211 -47.22 -26.14 -35.57
N ASN L 212 -47.65 -26.12 -34.31
CA ASN L 212 -46.92 -26.76 -33.23
C ASN L 212 -47.50 -28.10 -32.81
N SER L 213 -48.24 -28.78 -33.68
CA SER L 213 -48.77 -30.09 -33.32
C SER L 213 -48.70 -31.09 -34.47
N GLY L 214 -47.80 -30.87 -35.43
CA GLY L 214 -47.62 -31.82 -36.50
C GLY L 214 -48.76 -31.86 -37.51
N GLU L 215 -48.93 -30.77 -38.25
CA GLU L 215 -49.98 -30.66 -39.25
C GLU L 215 -49.36 -30.92 -40.61
N ARG L 216 -49.61 -32.09 -41.18
CA ARG L 216 -49.05 -32.42 -42.49
C ARG L 216 -49.72 -31.54 -43.52
N PHE L 217 -49.05 -30.44 -43.88
CA PHE L 217 -49.62 -29.45 -44.78
C PHE L 217 -49.61 -30.01 -46.19
N THR L 218 -50.70 -30.65 -46.57
CA THR L 218 -50.79 -31.41 -47.80
C THR L 218 -51.30 -30.47 -48.89
N CYS L 219 -50.44 -30.19 -49.87
CA CYS L 219 -50.79 -29.31 -50.99
C CYS L 219 -50.90 -30.15 -52.26
N THR L 220 -51.98 -29.93 -53.01
CA THR L 220 -52.23 -30.63 -54.26
C THR L 220 -52.12 -29.65 -55.42
N VAL L 221 -51.58 -30.14 -56.53
CA VAL L 221 -51.51 -29.38 -57.78
C VAL L 221 -51.95 -30.29 -58.91
N THR L 222 -53.05 -29.92 -59.58
CA THR L 222 -53.49 -30.65 -60.77
C THR L 222 -53.02 -29.90 -62.00
N HIS L 223 -52.73 -30.65 -63.05
CA HIS L 223 -52.13 -30.09 -64.26
C HIS L 223 -52.63 -30.89 -65.46
N THR L 224 -52.33 -30.37 -66.65
CA THR L 224 -52.73 -31.07 -67.86
C THR L 224 -52.08 -32.44 -67.94
N ASP L 225 -50.80 -32.55 -67.60
CA ASP L 225 -50.09 -33.82 -67.70
C ASP L 225 -50.51 -34.80 -66.62
N LEU L 226 -51.20 -34.34 -65.57
CA LEU L 226 -51.48 -35.14 -64.39
C LEU L 226 -52.98 -35.32 -64.20
N PRO L 227 -53.58 -36.29 -64.89
CA PRO L 227 -54.86 -36.82 -64.39
C PRO L 227 -54.71 -37.40 -63.00
N SER L 228 -53.49 -37.81 -62.64
CA SER L 228 -53.11 -38.11 -61.27
C SER L 228 -52.26 -36.97 -60.75
N PRO L 229 -52.87 -35.93 -60.18
CA PRO L 229 -52.08 -34.80 -59.68
C PRO L 229 -51.11 -35.23 -58.60
N LEU L 230 -49.96 -34.56 -58.56
CA LEU L 230 -48.90 -34.88 -57.62
C LEU L 230 -49.08 -34.06 -56.35
N LYS L 231 -49.09 -34.74 -55.22
CA LYS L 231 -49.31 -34.13 -53.91
C LYS L 231 -47.98 -33.82 -53.24
N GLN L 232 -47.99 -32.83 -52.35
CA GLN L 232 -46.80 -32.49 -51.59
C GLN L 232 -47.22 -32.13 -50.17
N THR L 233 -46.39 -32.50 -49.21
CA THR L 233 -46.70 -32.29 -47.81
C THR L 233 -45.46 -31.80 -47.08
N ILE L 234 -45.69 -31.09 -45.97
CA ILE L 234 -44.64 -30.57 -45.12
C ILE L 234 -45.29 -30.19 -43.79
N SER L 235 -44.61 -30.49 -42.68
CA SER L 235 -45.25 -30.37 -41.38
C SER L 235 -44.20 -30.00 -40.33
N ARG L 236 -44.65 -29.92 -39.09
CA ARG L 236 -43.76 -29.81 -37.95
C ARG L 236 -43.18 -31.18 -37.62
N PRO L 237 -41.86 -31.34 -37.64
CA PRO L 237 -41.20 -32.62 -37.37
C PRO L 237 -41.46 -33.15 -35.96
N LEU L 242 -35.40 -29.89 -25.82
CA LEU L 242 -34.58 -28.97 -26.59
C LEU L 242 -33.51 -28.30 -25.72
N HIS L 243 -32.58 -27.62 -26.36
CA HIS L 243 -31.37 -27.14 -25.69
C HIS L 243 -31.18 -25.65 -25.90
N ARG L 244 -30.76 -24.97 -24.84
CA ARG L 244 -30.56 -23.53 -24.86
C ARG L 244 -29.24 -23.18 -25.55
N PRO L 245 -29.24 -22.14 -26.36
CA PRO L 245 -27.97 -21.66 -26.94
C PRO L 245 -27.15 -20.92 -25.90
N ASP L 246 -25.92 -20.62 -26.29
CA ASP L 246 -24.98 -19.88 -25.45
C ASP L 246 -24.17 -18.97 -26.35
N VAL L 247 -24.29 -17.68 -26.16
CA VAL L 247 -23.75 -16.69 -27.09
C VAL L 247 -22.62 -15.96 -26.40
N TYR L 248 -21.49 -15.82 -27.11
CA TYR L 248 -20.37 -15.01 -26.66
C TYR L 248 -19.95 -14.08 -27.77
N LEU L 249 -19.08 -13.14 -27.44
CA LEU L 249 -18.67 -12.18 -28.46
C LEU L 249 -17.19 -11.86 -28.18
N LEU L 250 -16.32 -12.59 -28.86
CA LEU L 250 -14.89 -12.40 -28.62
C LEU L 250 -14.40 -11.16 -29.34
N PRO L 251 -13.51 -10.39 -28.72
CA PRO L 251 -12.98 -9.22 -29.37
C PRO L 251 -11.90 -9.61 -30.35
N PRO L 252 -11.39 -8.69 -31.14
CA PRO L 252 -10.31 -9.03 -32.06
C PRO L 252 -9.04 -9.44 -31.33
N ALA L 253 -8.01 -9.83 -32.08
CA ALA L 253 -6.73 -10.17 -31.49
C ALA L 253 -5.85 -8.94 -31.39
N ARG L 254 -4.94 -8.96 -30.43
CA ARG L 254 -4.04 -7.83 -30.26
C ARG L 254 -3.17 -7.65 -31.49
N GLU L 255 -2.71 -8.75 -32.08
CA GLU L 255 -1.86 -8.67 -33.26
C GLU L 255 -2.66 -8.30 -34.49
N GLN L 256 -3.94 -8.69 -34.55
CA GLN L 256 -4.86 -8.07 -35.49
C GLN L 256 -4.77 -6.55 -35.39
N LEU L 257 -4.79 -6.05 -34.17
CA LEU L 257 -4.70 -4.61 -33.97
C LEU L 257 -3.27 -4.13 -34.00
N ASN L 258 -2.50 -4.56 -34.99
CA ASN L 258 -1.25 -3.93 -35.34
C ASN L 258 -1.04 -3.81 -36.85
N LEU L 259 -1.72 -4.64 -37.64
CA LEU L 259 -1.77 -4.42 -39.07
C LEU L 259 -2.42 -3.08 -39.37
N ARG L 260 -3.38 -2.68 -38.53
CA ARG L 260 -4.02 -1.37 -38.52
C ARG L 260 -5.02 -1.17 -39.63
N GLU L 261 -5.59 -2.24 -40.22
CA GLU L 261 -6.79 -2.08 -41.02
C GLU L 261 -7.95 -2.94 -40.52
N SER L 262 -7.76 -4.24 -40.34
CA SER L 262 -8.87 -5.18 -40.20
C SER L 262 -9.20 -5.32 -38.73
N ALA L 263 -10.38 -4.85 -38.35
CA ALA L 263 -10.90 -5.08 -37.00
C ALA L 263 -11.93 -6.20 -37.09
N THR L 264 -11.46 -7.44 -36.94
CA THR L 264 -12.38 -8.55 -36.91
C THR L 264 -13.15 -8.56 -35.59
N ILE L 265 -14.38 -9.06 -35.63
CA ILE L 265 -15.16 -9.29 -34.43
C ILE L 265 -15.88 -10.61 -34.60
N THR L 266 -16.00 -11.36 -33.51
CA THR L 266 -16.60 -12.68 -33.56
C THR L 266 -17.77 -12.74 -32.61
N CYS L 267 -18.96 -13.03 -33.13
CA CYS L 267 -20.07 -13.48 -32.31
C CYS L 267 -20.22 -14.97 -32.56
N LEU L 268 -21.07 -15.62 -31.78
CA LEU L 268 -20.99 -17.07 -31.72
C LEU L 268 -22.24 -17.61 -31.04
N VAL L 269 -22.37 -18.94 -31.05
CA VAL L 269 -23.46 -19.61 -30.38
C VAL L 269 -23.02 -21.04 -30.13
N THR L 270 -23.47 -21.61 -29.01
CA THR L 270 -22.89 -22.85 -28.53
C THR L 270 -23.96 -23.82 -28.06
N GLY L 271 -23.74 -25.11 -28.36
CA GLY L 271 -24.44 -26.22 -27.74
C GLY L 271 -25.93 -26.06 -27.58
N PHE L 272 -26.65 -25.99 -28.69
CA PHE L 272 -28.08 -25.78 -28.63
C PHE L 272 -28.79 -26.72 -29.57
N SER L 273 -30.05 -27.00 -29.24
CA SER L 273 -30.98 -27.70 -30.10
C SER L 273 -32.30 -26.93 -30.08
N PRO L 274 -32.98 -26.85 -31.23
CA PRO L 274 -32.50 -27.36 -32.51
C PRO L 274 -31.85 -26.28 -33.36
N ALA L 275 -31.62 -26.63 -34.63
CA ALA L 275 -31.07 -25.72 -35.62
C ALA L 275 -32.16 -24.77 -36.08
N ASP L 276 -31.96 -24.11 -37.23
CA ASP L 276 -32.88 -23.16 -37.84
C ASP L 276 -32.71 -21.79 -37.17
N VAL L 277 -31.80 -21.68 -36.20
CA VAL L 277 -31.62 -20.43 -35.50
C VAL L 277 -31.15 -19.33 -36.45
N PHE L 278 -31.58 -18.10 -36.19
CA PHE L 278 -31.20 -16.93 -36.96
C PHE L 278 -30.35 -16.01 -36.10
N VAL L 279 -29.35 -15.39 -36.72
CA VAL L 279 -28.50 -14.44 -36.02
C VAL L 279 -28.27 -13.22 -36.89
N GLN L 280 -27.90 -12.13 -36.24
CA GLN L 280 -27.68 -10.86 -36.91
C GLN L 280 -26.96 -9.97 -35.92
N TRP L 281 -26.38 -8.88 -36.41
CA TRP L 281 -25.66 -7.98 -35.53
C TRP L 281 -26.34 -6.62 -35.52
N MET L 282 -26.43 -6.02 -34.34
CA MET L 282 -27.12 -4.76 -34.14
C MET L 282 -26.11 -3.72 -33.68
N GLN L 283 -26.17 -2.52 -34.26
CA GLN L 283 -25.26 -1.45 -33.90
C GLN L 283 -26.09 -0.21 -33.58
N ARG L 284 -26.31 0.05 -32.29
CA ARG L 284 -27.09 1.19 -31.84
C ARG L 284 -28.51 1.13 -32.41
N GLY L 285 -29.20 0.05 -32.05
CA GLY L 285 -30.56 -0.15 -32.52
C GLY L 285 -30.69 -0.20 -34.02
N GLN L 286 -29.58 -0.40 -34.73
CA GLN L 286 -29.55 -0.32 -36.19
C GLN L 286 -28.90 -1.58 -36.73
N PRO L 287 -29.65 -2.43 -37.42
CA PRO L 287 -29.06 -3.65 -37.99
C PRO L 287 -27.98 -3.31 -38.98
N LEU L 288 -26.93 -4.11 -38.99
CA LEU L 288 -25.76 -3.81 -39.80
C LEU L 288 -26.05 -4.13 -41.26
N SER L 289 -25.05 -4.01 -42.11
CA SER L 289 -25.20 -4.50 -43.46
C SER L 289 -25.16 -6.02 -43.46
N PRO L 290 -26.17 -6.69 -44.03
CA PRO L 290 -26.17 -8.16 -44.00
C PRO L 290 -24.94 -8.75 -44.67
N GLU L 291 -24.39 -8.09 -45.68
CA GLU L 291 -23.16 -8.57 -46.28
C GLU L 291 -21.95 -8.23 -45.42
N LYS L 292 -22.07 -7.22 -44.55
CA LYS L 292 -20.92 -6.80 -43.76
C LYS L 292 -20.43 -7.93 -42.88
N TYR L 293 -21.34 -8.61 -42.22
CA TYR L 293 -21.01 -9.84 -41.54
C TYR L 293 -21.15 -11.02 -42.50
N VAL L 294 -20.74 -12.19 -42.03
CA VAL L 294 -20.91 -13.42 -42.77
C VAL L 294 -21.36 -14.49 -41.79
N THR L 295 -22.40 -15.21 -42.13
CA THR L 295 -23.01 -16.14 -41.20
C THR L 295 -22.61 -17.57 -41.53
N SER L 296 -22.45 -18.36 -40.48
CA SER L 296 -22.18 -19.79 -40.62
C SER L 296 -23.49 -20.54 -40.84
N ALA L 297 -23.44 -21.85 -40.71
CA ALA L 297 -24.60 -22.72 -40.65
C ALA L 297 -24.41 -23.64 -39.47
N PRO L 298 -25.50 -24.14 -38.88
CA PRO L 298 -25.37 -24.89 -37.61
C PRO L 298 -24.79 -26.29 -37.75
N MET L 299 -23.48 -26.37 -37.89
CA MET L 299 -22.83 -27.67 -37.86
C MET L 299 -22.90 -28.27 -36.46
N PRO L 300 -22.93 -29.58 -36.34
CA PRO L 300 -23.21 -30.21 -35.05
C PRO L 300 -22.01 -30.18 -34.12
N GLU L 301 -22.30 -30.44 -32.85
CA GLU L 301 -21.27 -30.37 -31.80
C GLU L 301 -20.30 -31.54 -31.91
N PRO L 302 -19.06 -31.35 -31.47
CA PRO L 302 -18.10 -32.45 -31.44
C PRO L 302 -18.42 -33.51 -30.40
N GLN L 303 -18.55 -33.09 -29.14
CA GLN L 303 -18.66 -34.00 -28.02
C GLN L 303 -20.07 -34.09 -27.43
N ALA L 304 -20.89 -33.08 -27.65
CA ALA L 304 -22.26 -33.12 -27.18
C ALA L 304 -23.01 -34.22 -27.91
N PRO L 305 -24.08 -34.73 -27.31
CA PRO L 305 -24.86 -35.79 -27.98
C PRO L 305 -25.37 -35.38 -29.35
N GLY L 306 -26.17 -34.32 -29.42
CA GLY L 306 -26.71 -33.89 -30.69
C GLY L 306 -26.84 -32.40 -30.87
N ARG L 307 -26.29 -31.61 -29.95
CA ARG L 307 -26.51 -30.18 -29.98
C ARG L 307 -25.87 -29.55 -31.21
N TYR L 308 -26.15 -28.27 -31.39
CA TYR L 308 -25.73 -27.56 -32.58
C TYR L 308 -24.99 -26.29 -32.19
N PHE L 309 -24.27 -25.75 -33.15
CA PHE L 309 -23.62 -24.46 -32.99
C PHE L 309 -23.28 -23.90 -34.36
N ALA L 310 -23.27 -22.58 -34.46
CA ALA L 310 -22.85 -21.91 -35.67
C ALA L 310 -22.03 -20.68 -35.31
N HIS L 311 -21.76 -19.84 -36.30
CA HIS L 311 -20.85 -18.74 -36.07
C HIS L 311 -21.30 -17.58 -36.93
N SER L 312 -20.61 -16.46 -36.74
CA SER L 312 -20.68 -15.35 -37.66
C SER L 312 -19.56 -14.40 -37.31
N ILE L 313 -19.01 -13.77 -38.33
CA ILE L 313 -17.84 -12.94 -38.19
C ILE L 313 -18.13 -11.62 -38.87
N LEU L 314 -17.50 -10.56 -38.40
CA LEU L 314 -17.70 -9.27 -39.01
C LEU L 314 -16.46 -8.42 -38.85
N THR L 315 -16.20 -7.60 -39.86
CA THR L 315 -15.05 -6.73 -39.89
C THR L 315 -15.49 -5.28 -39.94
N VAL L 316 -14.64 -4.42 -39.43
CA VAL L 316 -14.82 -2.98 -39.49
C VAL L 316 -13.43 -2.35 -39.52
N SER L 317 -13.39 -1.05 -39.75
CA SER L 317 -12.13 -0.33 -39.63
C SER L 317 -11.64 -0.42 -38.20
N GLU L 318 -10.37 -0.77 -38.03
CA GLU L 318 -9.80 -0.75 -36.70
C GLU L 318 -9.74 0.65 -36.13
N GLU L 319 -9.70 1.67 -36.98
CA GLU L 319 -9.89 3.03 -36.50
C GLU L 319 -11.23 3.16 -35.81
N GLU L 320 -12.25 2.48 -36.32
CA GLU L 320 -13.53 2.44 -35.61
C GLU L 320 -13.37 1.78 -34.26
N TRP L 321 -12.43 0.86 -34.11
CA TRP L 321 -12.25 0.23 -32.81
C TRP L 321 -11.51 1.22 -31.92
N ASN L 322 -12.01 2.46 -31.92
CA ASN L 322 -11.75 3.46 -30.91
C ASN L 322 -13.01 4.16 -30.42
N THR L 323 -14.05 4.25 -31.25
CA THR L 323 -15.37 4.58 -30.75
C THR L 323 -16.07 3.35 -30.18
N GLY L 324 -15.92 2.20 -30.82
CA GLY L 324 -16.36 0.94 -30.27
C GLY L 324 -17.84 0.65 -30.40
N GLU L 325 -18.65 1.30 -29.58
CA GLU L 325 -20.11 1.17 -29.59
C GLU L 325 -20.60 -0.29 -29.53
N THR L 326 -19.70 -1.19 -29.14
CA THR L 326 -19.97 -2.54 -28.63
C THR L 326 -20.70 -3.46 -29.59
N TYR L 327 -21.08 -2.97 -30.76
CA TYR L 327 -21.52 -3.81 -31.87
C TYR L 327 -22.38 -5.00 -31.45
N THR L 328 -23.53 -4.74 -30.86
CA THR L 328 -24.36 -5.79 -30.27
C THR L 328 -24.77 -6.87 -31.28
N CYS L 329 -24.41 -8.13 -31.03
CA CYS L 329 -24.85 -9.20 -31.93
C CYS L 329 -26.15 -9.78 -31.39
N VAL L 330 -27.20 -9.70 -32.18
CA VAL L 330 -28.53 -10.14 -31.76
C VAL L 330 -28.73 -11.56 -32.26
N VAL L 331 -28.64 -12.52 -31.35
CA VAL L 331 -28.99 -13.89 -31.68
C VAL L 331 -30.50 -13.91 -31.79
N ALA L 332 -31.05 -14.93 -32.44
CA ALA L 332 -32.50 -15.09 -32.51
C ALA L 332 -32.77 -16.59 -32.59
N HIS L 333 -33.06 -17.19 -31.45
CA HIS L 333 -33.34 -18.60 -31.35
C HIS L 333 -34.75 -18.80 -30.79
N GLU L 334 -35.39 -19.89 -31.22
CA GLU L 334 -36.75 -20.14 -30.77
C GLU L 334 -36.79 -20.46 -29.27
N ALA L 335 -35.81 -21.20 -28.77
CA ALA L 335 -35.87 -21.68 -27.39
C ALA L 335 -35.31 -20.69 -26.39
N LEU L 336 -35.80 -19.45 -26.45
CA LEU L 336 -35.44 -18.41 -25.50
C LEU L 336 -36.70 -17.81 -24.90
N PRO L 337 -36.64 -17.38 -23.64
CA PRO L 337 -37.87 -16.89 -22.98
C PRO L 337 -38.56 -15.79 -23.76
N ASN L 338 -37.81 -14.87 -24.34
CA ASN L 338 -38.37 -13.91 -25.28
C ASN L 338 -37.79 -14.08 -26.68
N ARG L 339 -37.16 -15.22 -26.95
CA ARG L 339 -36.70 -15.60 -28.27
C ARG L 339 -35.55 -14.71 -28.76
N VAL L 340 -34.91 -13.96 -27.87
CA VAL L 340 -33.71 -13.20 -28.19
C VAL L 340 -32.82 -13.18 -26.95
N THR L 341 -31.54 -13.49 -27.13
CA THR L 341 -30.57 -13.52 -26.03
C THR L 341 -29.36 -12.66 -26.38
N GLU L 342 -29.63 -11.41 -26.76
CA GLU L 342 -28.60 -10.44 -27.10
C GLU L 342 -27.46 -10.43 -26.10
N ARG L 343 -26.23 -10.29 -26.62
CA ARG L 343 -25.02 -9.98 -25.85
C ARG L 343 -24.11 -9.10 -26.68
N THR L 344 -23.24 -8.35 -26.00
CA THR L 344 -22.40 -7.39 -26.71
C THR L 344 -21.11 -7.14 -25.95
N VAL L 345 -20.11 -6.63 -26.68
CA VAL L 345 -18.74 -6.50 -26.19
C VAL L 345 -18.07 -5.34 -26.92
N ASP L 346 -17.24 -4.58 -26.19
CA ASP L 346 -16.54 -3.41 -26.72
C ASP L 346 -15.11 -3.40 -26.21
N LYS L 347 -14.37 -2.35 -26.56
CA LYS L 347 -13.00 -2.19 -26.07
C LYS L 347 -12.97 -2.12 -24.55
N SER L 348 -13.84 -1.29 -23.98
CA SER L 348 -13.86 -1.11 -22.53
C SER L 348 -14.22 -2.42 -21.83
N THR L 349 -15.03 -3.25 -22.48
CA THR L 349 -15.25 -4.60 -22.02
C THR L 349 -14.00 -5.43 -22.25
N GLY L 350 -14.07 -6.70 -21.94
CA GLY L 350 -12.93 -7.56 -22.16
C GLY L 350 -12.07 -7.64 -20.93
N LYS L 351 -10.76 -7.43 -21.08
CA LYS L 351 -9.82 -7.64 -19.98
C LYS L 351 -8.88 -6.44 -19.85
N PRO L 352 -8.78 -5.83 -18.68
CA PRO L 352 -7.77 -4.80 -18.45
C PRO L 352 -6.48 -5.38 -17.91
N THR L 353 -5.39 -4.66 -18.16
CA THR L 353 -4.12 -5.02 -17.57
C THR L 353 -3.60 -3.89 -16.71
N LEU L 354 -4.51 -3.17 -16.06
CA LEU L 354 -4.15 -2.20 -15.04
C LEU L 354 -5.31 -2.16 -14.05
N TYR L 355 -5.22 -2.97 -13.01
CA TYR L 355 -6.16 -2.80 -11.93
C TYR L 355 -5.74 -1.65 -11.05
N ASN L 356 -6.65 -1.20 -10.19
CA ASN L 356 -6.24 -0.66 -8.90
C ASN L 356 -7.37 -0.87 -7.90
N VAL L 357 -7.32 -2.01 -7.21
CA VAL L 357 -8.23 -2.27 -6.12
C VAL L 357 -7.98 -1.25 -5.02
N SER L 358 -9.02 -0.85 -4.30
CA SER L 358 -8.87 0.23 -3.35
C SER L 358 -9.68 0.03 -2.08
N LEU L 359 -9.60 -1.15 -1.46
CA LEU L 359 -10.33 -1.39 -0.22
C LEU L 359 -10.14 -0.27 0.78
N VAL L 360 -11.22 0.12 1.47
CA VAL L 360 -11.07 0.97 2.64
C VAL L 360 -11.66 0.22 3.81
N MET L 361 -11.60 0.82 5.00
CA MET L 361 -11.78 0.06 6.22
C MET L 361 -12.12 1.06 7.32
N SER L 362 -13.22 0.84 8.03
CA SER L 362 -13.65 1.85 8.99
C SER L 362 -14.83 1.35 9.79
N ASP L 363 -14.97 1.92 10.99
CA ASP L 363 -16.21 1.76 11.74
C ASP L 363 -17.33 2.59 11.15
N THR L 364 -16.99 3.67 10.47
CA THR L 364 -17.99 4.57 9.94
C THR L 364 -18.66 3.92 8.74
N ALA L 365 -19.28 2.76 8.94
CA ALA L 365 -19.76 1.99 7.81
C ALA L 365 -21.00 1.22 8.25
N GLY L 366 -21.35 0.18 7.53
CA GLY L 366 -22.68 -0.37 7.65
C GLY L 366 -23.70 0.51 6.99
N THR L 367 -23.28 1.32 6.05
CA THR L 367 -24.20 2.31 5.51
C THR L 367 -24.34 2.28 3.99
N CYS L 368 -23.24 2.16 3.26
CA CYS L 368 -23.30 2.19 1.80
C CYS L 368 -24.01 3.45 1.30
N TYR L 369 -23.39 4.59 1.52
CA TYR L 369 -23.91 5.79 0.89
C TYR L 369 -24.05 5.62 -0.62
#